data_9MES
#
_entry.id   9MES
#
_entity_poly.entity_id   1
_entity_poly.type   'polypeptide(L)'
_entity_poly.pdbx_seq_one_letter_code
;MRNRVSTVQQLTKRFSLGMLQGRGPLKLFMALVAFLRFLTIPPTAGILKRWGTIKKSKAINVLRGFRKEIGRMLNILNRR
RR
;
_entity_poly.pdbx_strand_id   A,B
#
# COMPACT_ATOMS: atom_id res chain seq x y z
CA MET A 1 11.94 5.46 26.58
C MET A 1 10.93 6.21 25.71
N ARG A 2 11.29 7.43 25.29
CA ARG A 2 10.40 8.22 24.45
C ARG A 2 10.51 7.78 22.99
N ASN A 3 9.64 6.86 22.60
CA ASN A 3 9.56 6.45 21.22
C ASN A 3 8.74 7.46 20.45
N ARG A 4 9.28 7.93 19.34
CA ARG A 4 8.61 8.91 18.51
C ARG A 4 7.31 8.33 17.98
N VAL A 5 7.41 7.13 17.43
CA VAL A 5 6.27 6.42 16.89
C VAL A 5 6.73 5.06 16.38
N SER A 6 5.99 4.01 16.75
CA SER A 6 6.37 2.64 16.44
C SER A 6 6.43 2.40 14.93
N THR A 7 5.72 3.22 14.18
CA THR A 7 5.70 3.11 12.74
C THR A 7 7.08 3.39 12.14
N VAL A 8 7.73 4.47 12.59
CA VAL A 8 9.04 4.83 12.07
C VAL A 8 10.11 3.90 12.63
N GLN A 9 9.89 3.45 13.86
CA GLN A 9 10.81 2.54 14.51
C GLN A 9 10.78 1.19 13.80
N GLN A 10 9.61 0.82 13.31
CA GLN A 10 9.45 -0.37 12.47
C GLN A 10 10.35 -0.26 11.25
N LEU A 11 10.28 0.89 10.59
CA LEU A 11 11.07 1.14 9.39
C LEU A 11 12.55 1.24 9.74
N THR A 12 12.84 1.71 10.95
CA THR A 12 14.21 1.79 11.43
C THR A 12 14.79 0.40 11.66
N LYS A 13 14.01 -0.45 12.34
CA LYS A 13 14.45 -1.79 12.67
C LYS A 13 14.39 -2.71 11.46
N ARG A 14 13.58 -2.35 10.47
CA ARG A 14 13.46 -3.12 9.24
C ARG A 14 14.83 -3.39 8.62
N PHE A 15 15.11 -4.67 8.40
CA PHE A 15 16.37 -5.13 7.80
C PHE A 15 17.51 -5.03 8.80
N SER A 16 17.82 -3.82 9.23
CA SER A 16 18.89 -3.57 10.17
C SER A 16 18.88 -2.09 10.57
N LEU A 17 19.19 -1.25 9.60
CA LEU A 17 19.12 0.20 9.79
C LEU A 17 18.39 0.81 8.61
N GLY A 18 17.09 0.96 8.75
CA GLY A 18 16.28 1.51 7.69
C GLY A 18 16.60 2.97 7.41
N MET A 19 16.31 3.42 6.21
CA MET A 19 16.51 4.81 5.83
C MET A 19 15.25 5.62 6.13
N LEU A 20 15.25 6.33 7.24
CA LEU A 20 14.07 7.08 7.67
C LEU A 20 13.98 8.41 6.95
N GLN A 21 13.69 8.33 5.66
CA GLN A 21 13.50 9.51 4.85
C GLN A 21 12.03 9.91 4.84
N GLY A 22 11.77 11.19 4.64
CA GLY A 22 10.41 11.67 4.62
C GLY A 22 9.75 11.48 3.26
N ARG A 23 10.38 10.63 2.44
CA ARG A 23 9.90 10.30 1.10
C ARG A 23 9.94 11.51 0.18
N GLY A 24 9.55 11.31 -1.07
CA GLY A 24 9.58 12.37 -2.05
C GLY A 24 8.46 12.22 -3.06
N PRO A 25 8.46 11.14 -3.86
CA PRO A 25 7.36 10.84 -4.76
C PRO A 25 6.10 10.51 -3.97
N LEU A 26 5.01 11.19 -4.30
CA LEU A 26 3.76 11.01 -3.58
C LEU A 26 3.16 9.64 -3.87
N LYS A 27 3.53 9.04 -4.98
CA LYS A 27 3.12 7.69 -5.27
C LYS A 27 3.70 6.75 -4.21
N LEU A 28 5.00 6.83 -4.01
CA LEU A 28 5.69 6.02 -3.00
C LEU A 28 5.17 6.35 -1.61
N PHE A 29 5.10 7.64 -1.31
CA PHE A 29 4.64 8.10 -0.02
C PHE A 29 3.23 7.60 0.26
N MET A 30 2.31 7.88 -0.65
CA MET A 30 0.91 7.52 -0.46
C MET A 30 0.74 6.01 -0.47
N ALA A 31 1.54 5.31 -1.26
CA ALA A 31 1.50 3.85 -1.27
C ALA A 31 1.88 3.30 0.10
N LEU A 32 2.95 3.87 0.67
CA LEU A 32 3.42 3.47 1.99
C LEU A 32 2.37 3.81 3.04
N VAL A 33 1.86 5.05 2.98
CA VAL A 33 0.84 5.50 3.92
C VAL A 33 -0.42 4.65 3.81
N ALA A 34 -0.80 4.33 2.58
CA ALA A 34 -1.95 3.49 2.32
C ALA A 34 -1.74 2.10 2.90
N PHE A 35 -0.57 1.53 2.61
CA PHE A 35 -0.20 0.22 3.13
C PHE A 35 -0.34 0.19 4.65
N LEU A 36 0.12 1.25 5.30
CA LEU A 36 0.02 1.36 6.75
C LEU A 36 -1.44 1.47 7.19
N ARG A 37 -2.10 2.55 6.75
CA ARG A 37 -3.42 2.91 7.26
C ARG A 37 -4.47 1.87 6.91
N PHE A 38 -4.36 1.24 5.74
CA PHE A 38 -5.37 0.31 5.30
C PHE A 38 -5.21 -1.03 5.99
N LEU A 39 -4.01 -1.34 6.42
CA LEU A 39 -3.74 -2.57 7.12
C LEU A 39 -4.27 -2.48 8.55
N THR A 40 -3.68 -1.60 9.34
CA THR A 40 -4.10 -1.39 10.72
C THR A 40 -3.09 -0.52 11.47
N ILE A 41 -1.82 -0.67 11.12
CA ILE A 41 -0.76 0.08 11.77
C ILE A 41 -0.91 1.59 11.48
N PRO A 42 -1.01 2.40 12.54
CA PRO A 42 -1.12 3.86 12.40
C PRO A 42 0.04 4.44 11.63
N PRO A 43 -0.25 5.30 10.64
CA PRO A 43 0.79 5.99 9.87
C PRO A 43 1.76 6.77 10.76
N THR A 44 2.96 6.96 10.26
CA THR A 44 4.01 7.65 10.99
C THR A 44 3.57 9.03 11.47
N ALA A 45 4.01 9.43 12.65
CA ALA A 45 3.56 10.68 13.28
C ALA A 45 3.60 11.86 12.33
N GLY A 46 4.74 12.02 11.65
CA GLY A 46 4.90 13.12 10.70
C GLY A 46 3.84 13.14 9.61
N ILE A 47 3.24 11.98 9.35
CA ILE A 47 2.18 11.88 8.36
C ILE A 47 0.90 12.52 8.90
N LEU A 48 0.52 12.16 10.12
CA LEU A 48 -0.68 12.73 10.72
C LEU A 48 -0.43 14.18 11.12
N LYS A 49 0.84 14.52 11.33
CA LYS A 49 1.22 15.85 11.75
C LYS A 49 1.30 16.81 10.57
N ARG A 50 2.10 16.46 9.57
CA ARG A 50 2.33 17.36 8.43
C ARG A 50 2.13 16.65 7.10
N TRP A 51 1.67 15.40 7.14
CA TRP A 51 1.44 14.61 5.94
C TRP A 51 2.70 14.48 5.09
N GLY A 52 3.85 14.51 5.76
CA GLY A 52 5.13 14.39 5.07
C GLY A 52 5.34 15.49 4.05
N THR A 53 5.04 15.19 2.79
CA THR A 53 5.25 16.13 1.71
C THR A 53 4.01 16.18 0.81
N ILE A 54 2.83 16.09 1.42
CA ILE A 54 1.59 16.14 0.68
C ILE A 54 1.17 17.57 0.36
N LYS A 55 1.25 17.92 -0.92
CA LYS A 55 0.67 19.15 -1.41
C LYS A 55 -0.75 18.86 -1.87
N LYS A 56 -1.68 19.75 -1.54
CA LYS A 56 -3.11 19.48 -1.72
C LYS A 56 -3.54 19.63 -3.18
N SER A 57 -2.82 19.00 -4.08
CA SER A 57 -3.14 19.01 -5.49
C SER A 57 -2.60 17.75 -6.16
N LYS A 58 -1.28 17.65 -6.28
CA LYS A 58 -0.66 16.48 -6.90
C LYS A 58 -0.92 15.23 -6.07
N ALA A 59 -0.91 15.38 -4.76
CA ALA A 59 -1.22 14.27 -3.87
C ALA A 59 -2.67 13.84 -4.03
N ILE A 60 -3.53 14.82 -4.27
CA ILE A 60 -4.94 14.57 -4.52
C ILE A 60 -5.10 13.75 -5.80
N ASN A 61 -4.39 14.18 -6.84
CA ASN A 61 -4.39 13.45 -8.11
C ASN A 61 -3.80 12.06 -7.93
N VAL A 62 -2.78 11.96 -7.08
CA VAL A 62 -2.21 10.67 -6.72
C VAL A 62 -3.27 9.76 -6.10
N LEU A 63 -4.02 10.31 -5.14
CA LEU A 63 -5.13 9.57 -4.51
C LEU A 63 -6.17 9.17 -5.54
N ARG A 64 -6.50 10.11 -6.42
CA ARG A 64 -7.45 9.83 -7.51
C ARG A 64 -6.96 8.67 -8.37
N GLY A 65 -5.70 8.75 -8.77
CA GLY A 65 -5.12 7.69 -9.58
C GLY A 65 -5.06 6.38 -8.83
N PHE A 66 -4.79 6.45 -7.53
CA PHE A 66 -4.76 5.27 -6.69
C PHE A 66 -6.12 4.58 -6.68
N ARG A 67 -7.17 5.32 -6.36
CA ARG A 67 -8.50 4.75 -6.31
C ARG A 67 -8.97 4.37 -7.72
N LYS A 68 -8.40 5.03 -8.72
CA LYS A 68 -8.64 4.66 -10.10
C LYS A 68 -8.06 3.28 -10.39
N GLU A 69 -6.81 3.07 -10.01
CA GLU A 69 -6.16 1.77 -10.17
C GLU A 69 -6.92 0.70 -9.40
N ILE A 70 -7.36 1.07 -8.21
CA ILE A 70 -8.20 0.20 -7.40
C ILE A 70 -9.49 -0.15 -8.13
N GLY A 71 -10.13 0.87 -8.70
CA GLY A 71 -11.35 0.66 -9.46
C GLY A 71 -11.11 -0.23 -10.67
N ARG A 72 -9.95 -0.06 -11.30
CA ARG A 72 -9.57 -0.90 -12.44
C ARG A 72 -9.41 -2.36 -12.02
N MET A 73 -8.65 -2.57 -10.94
CA MET A 73 -8.45 -3.91 -10.41
C MET A 73 -9.77 -4.51 -9.96
N LEU A 74 -10.61 -3.68 -9.36
CA LEU A 74 -11.94 -4.09 -8.94
C LEU A 74 -12.74 -4.51 -10.17
N ASN A 75 -12.62 -3.73 -11.24
CA ASN A 75 -13.26 -4.06 -12.50
C ASN A 75 -12.73 -5.39 -13.03
N ILE A 76 -11.43 -5.58 -12.90
CA ILE A 76 -10.81 -6.83 -13.34
C ILE A 76 -11.38 -8.01 -12.54
N LEU A 77 -11.37 -7.89 -11.23
CA LEU A 77 -11.82 -8.96 -10.36
C LEU A 77 -13.30 -9.25 -10.53
N ASN A 78 -14.12 -8.21 -10.46
CA ASN A 78 -15.56 -8.37 -10.46
C ASN A 78 -16.11 -8.49 -11.87
N ARG A 79 -15.65 -7.62 -12.76
CA ARG A 79 -16.21 -7.53 -14.10
C ARG A 79 -15.37 -8.29 -15.11
N ARG A 80 -14.16 -8.71 -14.68
CA ARG A 80 -13.23 -9.44 -15.54
C ARG A 80 -12.69 -8.57 -16.65
N ARG A 81 -12.60 -7.26 -16.36
CA ARG A 81 -12.05 -6.28 -17.29
C ARG A 81 -12.84 -6.27 -18.60
N ARG A 82 -14.03 -5.71 -18.55
CA ARG A 82 -14.85 -5.55 -19.74
C ARG A 82 -14.80 -4.10 -20.18
N MET B 1 19.23 -20.17 -13.28
CA MET B 1 18.93 -18.74 -12.98
C MET B 1 17.46 -18.44 -13.21
N ARG B 2 16.60 -19.42 -13.02
CA ARG B 2 15.17 -19.21 -13.18
C ARG B 2 14.56 -18.56 -11.96
N ASN B 3 14.50 -17.24 -11.97
CA ASN B 3 13.83 -16.50 -10.92
C ASN B 3 12.34 -16.53 -11.17
N ARG B 4 11.57 -16.89 -10.14
CA ARG B 4 10.13 -16.97 -10.26
C ARG B 4 9.57 -15.59 -10.55
N VAL B 5 10.01 -14.63 -9.76
CA VAL B 5 9.59 -13.24 -9.90
C VAL B 5 10.33 -12.39 -8.87
N SER B 6 10.88 -11.28 -9.32
CA SER B 6 11.72 -10.42 -8.48
C SER B 6 10.95 -9.87 -7.29
N THR B 7 9.63 -9.82 -7.43
CA THR B 7 8.76 -9.34 -6.36
C THR B 7 8.83 -10.23 -5.13
N VAL B 8 8.73 -11.54 -5.34
CA VAL B 8 8.76 -12.48 -4.22
C VAL B 8 10.18 -12.63 -3.70
N GLN B 9 11.14 -12.51 -4.60
CA GLN B 9 12.55 -12.59 -4.22
C GLN B 9 12.92 -11.40 -3.35
N GLN B 10 12.31 -10.26 -3.65
CA GLN B 10 12.45 -9.08 -2.82
C GLN B 10 12.00 -9.37 -1.39
N LEU B 11 10.83 -9.99 -1.28
CA LEU B 11 10.26 -10.34 0.02
C LEU B 11 11.09 -11.43 0.68
N THR B 12 11.69 -12.28 -0.13
CA THR B 12 12.57 -13.33 0.37
C THR B 12 13.84 -12.73 0.96
N LYS B 13 14.47 -11.82 0.21
CA LYS B 13 15.71 -11.21 0.62
C LYS B 13 15.50 -10.17 1.71
N ARG B 14 14.27 -9.66 1.80
CA ARG B 14 13.91 -8.68 2.82
C ARG B 14 14.29 -9.16 4.22
N PHE B 15 15.08 -8.34 4.91
CA PHE B 15 15.56 -8.63 6.27
C PHE B 15 16.65 -9.70 6.25
N SER B 16 16.29 -10.89 5.80
CA SER B 16 17.23 -12.01 5.74
C SER B 16 16.55 -13.18 5.04
N LEU B 17 15.55 -13.74 5.69
CA LEU B 17 14.73 -14.80 5.12
C LEU B 17 13.27 -14.46 5.34
N GLY B 18 12.68 -13.80 4.36
CA GLY B 18 11.29 -13.42 4.46
C GLY B 18 10.35 -14.60 4.46
N MET B 19 9.16 -14.40 5.01
CA MET B 19 8.14 -15.45 5.02
C MET B 19 7.28 -15.32 3.78
N LEU B 20 7.54 -16.16 2.79
CA LEU B 20 6.82 -16.09 1.52
C LEU B 20 5.47 -16.78 1.61
N GLN B 21 4.57 -16.19 2.37
CA GLN B 21 3.23 -16.72 2.52
C GLN B 21 2.32 -16.10 1.48
N GLY B 22 1.28 -16.82 1.09
CA GLY B 22 0.34 -16.31 0.11
C GLY B 22 -0.70 -15.39 0.72
N ARG B 23 -0.41 -14.94 1.95
CA ARG B 23 -1.28 -14.02 2.69
C ARG B 23 -2.60 -14.70 3.05
N GLY B 24 -3.44 -13.96 3.75
CA GLY B 24 -4.73 -14.47 4.19
C GLY B 24 -5.79 -13.39 4.24
N PRO B 25 -5.62 -12.38 5.12
CA PRO B 25 -6.50 -11.23 5.14
C PRO B 25 -6.36 -10.41 3.86
N LEU B 26 -7.49 -10.13 3.23
CA LEU B 26 -7.48 -9.42 1.95
C LEU B 26 -7.08 -7.98 2.14
N LYS B 27 -7.24 -7.46 3.35
CA LYS B 27 -6.75 -6.13 3.67
C LYS B 27 -5.23 -6.09 3.53
N LEU B 28 -4.57 -7.02 4.20
CA LEU B 28 -3.12 -7.14 4.14
C LEU B 28 -2.67 -7.44 2.71
N PHE B 29 -3.32 -8.42 2.10
CA PHE B 29 -2.99 -8.83 0.74
C PHE B 29 -3.13 -7.64 -0.21
N MET B 30 -4.30 -7.03 -0.21
CA MET B 30 -4.58 -5.95 -1.14
C MET B 30 -3.72 -4.73 -0.84
N ALA B 31 -3.43 -4.50 0.43
CA ALA B 31 -2.54 -3.40 0.82
C ALA B 31 -1.15 -3.63 0.23
N LEU B 32 -0.65 -4.86 0.35
CA LEU B 32 0.64 -5.23 -0.19
C LEU B 32 0.62 -5.11 -1.72
N VAL B 33 -0.41 -5.68 -2.34
CA VAL B 33 -0.55 -5.63 -3.79
C VAL B 33 -0.65 -4.18 -4.27
N ALA B 34 -1.41 -3.38 -3.54
CA ALA B 34 -1.57 -1.97 -3.86
C ALA B 34 -0.24 -1.24 -3.76
N PHE B 35 0.46 -1.48 -2.64
CA PHE B 35 1.78 -0.90 -2.42
C PHE B 35 2.70 -1.21 -3.60
N LEU B 36 2.67 -2.46 -4.06
CA LEU B 36 3.47 -2.87 -5.20
C LEU B 36 3.02 -2.15 -6.48
N ARG B 37 1.77 -2.41 -6.87
CA ARG B 37 1.28 -1.98 -8.18
C ARG B 37 1.23 -0.47 -8.32
N PHE B 38 0.93 0.23 -7.23
CA PHE B 38 0.78 1.68 -7.31
C PHE B 38 2.13 2.37 -7.33
N LEU B 39 3.13 1.71 -6.77
CA LEU B 39 4.48 2.26 -6.77
C LEU B 39 5.09 2.14 -8.16
N THR B 40 5.32 0.91 -8.60
CA THR B 40 5.89 0.64 -9.92
C THR B 40 6.26 -0.84 -10.06
N ILE B 41 6.71 -1.42 -8.96
CA ILE B 41 7.14 -2.81 -8.95
C ILE B 41 5.95 -3.74 -9.26
N PRO B 42 6.06 -4.56 -10.31
CA PRO B 42 5.01 -5.51 -10.69
C PRO B 42 4.68 -6.47 -9.55
N PRO B 43 3.37 -6.65 -9.25
CA PRO B 43 2.92 -7.58 -8.23
C PRO B 43 3.45 -8.99 -8.47
N THR B 44 3.55 -9.76 -7.39
CA THR B 44 4.06 -11.12 -7.44
C THR B 44 3.30 -11.98 -8.45
N ALA B 45 4.01 -12.87 -9.13
CA ALA B 45 3.43 -13.67 -10.20
C ALA B 45 2.09 -14.29 -9.82
N GLY B 46 2.06 -14.94 -8.66
CA GLY B 46 0.85 -15.59 -8.18
C GLY B 46 -0.33 -14.65 -8.07
N ILE B 47 -0.05 -13.36 -7.95
CA ILE B 47 -1.09 -12.34 -7.89
C ILE B 47 -1.72 -12.15 -9.27
N LEU B 48 -0.89 -11.99 -10.28
CA LEU B 48 -1.40 -11.82 -11.64
C LEU B 48 -1.93 -13.15 -12.18
N LYS B 49 -1.45 -14.24 -11.60
CA LYS B 49 -1.83 -15.58 -12.03
C LYS B 49 -3.16 -16.00 -11.39
N ARG B 50 -3.22 -15.97 -10.06
CA ARG B 50 -4.41 -16.45 -9.35
C ARG B 50 -4.91 -15.45 -8.32
N TRP B 51 -4.30 -14.26 -8.31
CA TRP B 51 -4.68 -13.21 -7.38
C TRP B 51 -4.57 -13.67 -5.93
N GLY B 52 -3.64 -14.59 -5.67
CA GLY B 52 -3.43 -15.11 -4.33
C GLY B 52 -4.68 -15.78 -3.76
N THR B 53 -5.44 -15.02 -2.97
CA THR B 53 -6.63 -15.54 -2.33
C THR B 53 -7.79 -14.55 -2.48
N ILE B 54 -7.86 -13.93 -3.64
CA ILE B 54 -8.92 -12.97 -3.91
C ILE B 54 -10.21 -13.67 -4.35
N LYS B 55 -11.21 -13.63 -3.48
CA LYS B 55 -12.56 -14.03 -3.83
C LYS B 55 -13.31 -12.81 -4.33
N LYS B 56 -14.06 -12.97 -5.41
CA LYS B 56 -14.65 -11.82 -6.11
C LYS B 56 -15.88 -11.27 -5.38
N SER B 57 -15.72 -11.01 -4.10
CA SER B 57 -16.78 -10.43 -3.29
C SER B 57 -16.18 -9.66 -2.12
N LYS B 58 -15.59 -10.39 -1.16
CA LYS B 58 -14.99 -9.75 0.00
C LYS B 58 -13.80 -8.89 -0.41
N ALA B 59 -13.05 -9.37 -1.39
CA ALA B 59 -11.92 -8.60 -1.92
C ALA B 59 -12.41 -7.35 -2.62
N ILE B 60 -13.57 -7.45 -3.26
CA ILE B 60 -14.21 -6.32 -3.90
C ILE B 60 -14.58 -5.28 -2.86
N ASN B 61 -15.19 -5.74 -1.78
CA ASN B 61 -15.55 -4.86 -0.67
C ASN B 61 -14.30 -4.27 -0.03
N VAL B 62 -13.25 -5.06 0.03
CA VAL B 62 -11.95 -4.57 0.50
C VAL B 62 -11.46 -3.42 -0.39
N LEU B 63 -11.53 -3.61 -1.70
CA LEU B 63 -11.15 -2.56 -2.65
C LEU B 63 -12.03 -1.33 -2.47
N ARG B 64 -13.33 -1.56 -2.30
CA ARG B 64 -14.28 -0.48 -2.06
C ARG B 64 -13.88 0.30 -0.80
N GLY B 65 -13.63 -0.42 0.27
CA GLY B 65 -13.22 0.19 1.51
C GLY B 65 -11.90 0.92 1.39
N PHE B 66 -11.00 0.34 0.59
CA PHE B 66 -9.70 0.94 0.34
C PHE B 66 -9.87 2.30 -0.34
N ARG B 67 -10.60 2.33 -1.45
CA ARG B 67 -10.82 3.57 -2.18
C ARG B 67 -11.69 4.53 -1.36
N LYS B 68 -12.49 3.97 -0.47
CA LYS B 68 -13.25 4.76 0.49
C LYS B 68 -12.31 5.49 1.43
N GLU B 69 -11.37 4.76 2.03
CA GLU B 69 -10.37 5.34 2.91
C GLU B 69 -9.55 6.39 2.17
N ILE B 70 -9.21 6.07 0.93
CA ILE B 70 -8.53 7.01 0.06
C ILE B 70 -9.36 8.27 -0.14
N GLY B 71 -10.64 8.08 -0.42
CA GLY B 71 -11.55 9.20 -0.59
C GLY B 71 -11.67 10.03 0.68
N ARG B 72 -11.64 9.36 1.82
CA ARG B 72 -11.69 10.04 3.10
C ARG B 72 -10.44 10.88 3.31
N MET B 73 -9.28 10.28 3.07
CA MET B 73 -8.01 10.99 3.20
C MET B 73 -7.93 12.14 2.19
N LEU B 74 -8.45 11.88 0.99
CA LEU B 74 -8.52 12.90 -0.03
C LEU B 74 -9.39 14.05 0.45
N ASN B 75 -10.51 13.70 1.08
CA ASN B 75 -11.40 14.68 1.67
C ASN B 75 -10.68 15.46 2.76
N ILE B 76 -9.89 14.76 3.55
CA ILE B 76 -9.10 15.40 4.60
C ILE B 76 -8.12 16.40 4.00
N LEU B 77 -7.35 15.94 3.03
CA LEU B 77 -6.32 16.77 2.41
C LEU B 77 -6.92 17.96 1.67
N ASN B 78 -7.89 17.69 0.81
CA ASN B 78 -8.44 18.70 -0.07
C ASN B 78 -9.52 19.52 0.62
N ARG B 79 -10.41 18.85 1.33
CA ARG B 79 -11.58 19.50 1.90
C ARG B 79 -11.37 19.81 3.38
N ARG B 80 -10.31 19.25 3.96
CA ARG B 80 -9.97 19.43 5.37
C ARG B 80 -10.99 18.75 6.28
N ARG B 81 -11.57 17.66 5.75
CA ARG B 81 -12.54 16.86 6.51
C ARG B 81 -13.74 17.70 6.94
N ARG B 82 -14.59 18.02 5.99
CA ARG B 82 -15.81 18.74 6.29
C ARG B 82 -17.00 17.79 6.24
CA MET A 1 14.35 4.46 24.74
C MET A 1 13.88 3.55 23.60
N ARG A 2 12.95 2.67 23.90
CA ARG A 2 12.36 1.80 22.88
C ARG A 2 10.93 2.23 22.59
N ASN A 3 10.35 1.64 21.55
CA ASN A 3 8.99 1.96 21.10
C ASN A 3 8.93 3.36 20.50
N ARG A 4 8.30 3.47 19.35
CA ARG A 4 8.25 4.73 18.64
C ARG A 4 6.82 5.28 18.60
N VAL A 5 6.07 4.89 17.59
CA VAL A 5 4.70 5.37 17.44
C VAL A 5 3.90 4.49 16.47
N SER A 6 4.28 4.49 15.21
CA SER A 6 3.55 3.76 14.18
C SER A 6 4.45 3.55 12.96
N THR A 7 4.19 2.47 12.21
CA THR A 7 4.96 2.12 11.02
C THR A 7 6.40 1.71 11.37
N VAL A 8 7.22 2.68 11.76
CA VAL A 8 8.62 2.45 12.08
C VAL A 8 8.77 1.37 13.16
N GLN A 9 7.82 1.33 14.08
CA GLN A 9 7.85 0.38 15.17
C GLN A 9 7.65 -1.04 14.64
N GLN A 10 6.77 -1.18 13.66
CA GLN A 10 6.54 -2.47 13.01
C GLN A 10 7.80 -2.88 12.26
N LEU A 11 8.39 -1.92 11.56
CA LEU A 11 9.62 -2.16 10.83
C LEU A 11 10.73 -2.60 11.79
N THR A 12 10.72 -2.00 12.97
CA THR A 12 11.63 -2.38 14.03
C THR A 12 11.36 -3.81 14.48
N LYS A 13 10.08 -4.15 14.63
CA LYS A 13 9.68 -5.50 14.98
C LYS A 13 10.10 -6.50 13.91
N ARG A 14 10.09 -6.05 12.66
CA ARG A 14 10.52 -6.88 11.53
C ARG A 14 12.04 -6.94 11.44
N PHE A 15 12.72 -6.28 12.37
CA PHE A 15 14.18 -6.23 12.43
C PHE A 15 14.76 -5.55 11.19
N SER A 16 13.96 -4.71 10.58
CA SER A 16 14.38 -3.94 9.42
C SER A 16 14.49 -2.47 9.79
N LEU A 17 15.71 -1.98 9.92
CA LEU A 17 15.94 -0.60 10.36
C LEU A 17 15.44 0.39 9.31
N GLY A 18 14.38 1.10 9.65
CA GLY A 18 13.81 2.08 8.76
C GLY A 18 12.65 2.79 9.40
N MET A 19 12.42 4.04 9.02
CA MET A 19 11.32 4.81 9.58
C MET A 19 10.26 5.09 8.53
N LEU A 20 10.71 5.23 7.28
CA LEU A 20 9.81 5.41 6.14
C LEU A 20 8.74 6.48 6.42
N GLN A 21 9.21 7.67 6.76
CA GLN A 21 8.32 8.78 7.06
C GLN A 21 8.35 9.81 5.92
N GLY A 22 9.55 10.19 5.53
CA GLY A 22 9.71 11.15 4.47
C GLY A 22 10.34 10.53 3.24
N ARG A 23 9.94 11.01 2.07
CA ARG A 23 10.47 10.50 0.81
C ARG A 23 10.28 11.54 -0.29
N GLY A 24 10.69 11.19 -1.50
CA GLY A 24 10.53 12.10 -2.62
C GLY A 24 9.15 12.03 -3.24
N PRO A 25 8.85 10.98 -4.01
CA PRO A 25 7.58 10.85 -4.73
C PRO A 25 6.39 10.69 -3.80
N LEU A 26 5.31 11.40 -4.13
CA LEU A 26 4.09 11.33 -3.35
C LEU A 26 3.39 10.01 -3.59
N LYS A 27 3.68 9.39 -4.73
CA LYS A 27 3.18 8.06 -5.03
C LYS A 27 3.69 7.06 -4.01
N LEU A 28 5.00 7.09 -3.78
CA LEU A 28 5.63 6.20 -2.80
C LEU A 28 5.08 6.51 -1.42
N PHE A 29 4.95 7.80 -1.15
CA PHE A 29 4.39 8.27 0.11
C PHE A 29 3.01 7.67 0.33
N MET A 30 2.08 7.92 -0.59
CA MET A 30 0.71 7.46 -0.46
C MET A 30 0.62 5.95 -0.53
N ALA A 31 1.50 5.32 -1.28
CA ALA A 31 1.54 3.87 -1.32
C ALA A 31 1.83 3.31 0.07
N LEU A 32 2.83 3.88 0.72
CA LEU A 32 3.20 3.47 2.06
C LEU A 32 2.09 3.82 3.06
N VAL A 33 1.58 5.04 2.94
CA VAL A 33 0.50 5.51 3.81
C VAL A 33 -0.72 4.60 3.69
N ALA A 34 -1.07 4.26 2.46
CA ALA A 34 -2.18 3.36 2.20
C ALA A 34 -1.90 1.97 2.76
N PHE A 35 -0.71 1.46 2.48
CA PHE A 35 -0.29 0.15 2.97
C PHE A 35 -0.47 0.04 4.49
N LEU A 36 -0.06 1.08 5.19
CA LEU A 36 -0.21 1.13 6.65
C LEU A 36 -1.67 1.33 7.05
N ARG A 37 -2.27 2.44 6.59
CA ARG A 37 -3.61 2.83 6.99
C ARG A 37 -4.64 1.75 6.72
N PHE A 38 -4.56 1.13 5.56
CA PHE A 38 -5.57 0.18 5.13
C PHE A 38 -5.46 -1.13 5.90
N LEU A 39 -4.25 -1.46 6.33
CA LEU A 39 -4.01 -2.72 7.00
C LEU A 39 -4.57 -2.68 8.44
N THR A 40 -4.01 -1.82 9.27
CA THR A 40 -4.45 -1.71 10.66
C THR A 40 -3.58 -0.73 11.45
N ILE A 41 -2.29 -0.75 11.20
CA ILE A 41 -1.35 0.08 11.94
C ILE A 41 -1.14 1.41 11.23
N PRO A 42 -1.33 2.53 11.96
CA PRO A 42 -1.19 3.88 11.42
C PRO A 42 0.19 4.17 10.85
N PRO A 43 0.27 5.11 9.90
CA PRO A 43 1.54 5.63 9.38
C PRO A 43 2.33 6.38 10.46
N THR A 44 3.60 6.63 10.17
CA THR A 44 4.51 7.28 11.11
C THR A 44 4.01 8.67 11.53
N ALA A 45 4.47 9.14 12.69
CA ALA A 45 3.98 10.39 13.27
C ALA A 45 4.01 11.55 12.28
N GLY A 46 5.17 11.80 11.69
CA GLY A 46 5.33 12.92 10.78
C GLY A 46 4.39 12.85 9.60
N ILE A 47 3.99 11.64 9.23
CA ILE A 47 3.05 11.44 8.15
C ILE A 47 1.67 11.96 8.56
N LEU A 48 1.20 11.54 9.72
CA LEU A 48 -0.12 11.95 10.19
C LEU A 48 -0.09 13.38 10.71
N LYS A 49 1.10 13.86 11.03
CA LYS A 49 1.27 15.22 11.54
C LYS A 49 1.32 16.22 10.40
N ARG A 50 2.26 16.05 9.46
CA ARG A 50 2.45 17.01 8.40
C ARG A 50 2.37 16.39 7.02
N TRP A 51 2.14 15.08 6.98
CA TRP A 51 2.08 14.34 5.73
C TRP A 51 3.39 14.50 4.94
N GLY A 52 4.48 14.68 5.67
CA GLY A 52 5.77 14.85 5.06
C GLY A 52 5.90 16.15 4.29
N THR A 53 5.57 16.09 3.01
CA THR A 53 5.69 17.24 2.12
C THR A 53 4.49 17.26 1.17
N ILE A 54 3.33 17.01 1.74
CA ILE A 54 2.10 16.88 0.97
C ILE A 54 1.69 18.21 0.32
N LYS A 55 0.96 18.12 -0.78
CA LYS A 55 0.43 19.28 -1.46
C LYS A 55 -1.01 19.03 -1.88
N LYS A 56 -1.88 19.99 -1.59
CA LYS A 56 -3.33 19.81 -1.81
C LYS A 56 -3.71 19.94 -3.28
N SER A 57 -3.03 19.21 -4.15
CA SER A 57 -3.34 19.22 -5.57
C SER A 57 -2.84 17.94 -6.23
N LYS A 58 -1.52 17.83 -6.40
CA LYS A 58 -0.93 16.65 -7.03
C LYS A 58 -1.16 15.42 -6.18
N ALA A 59 -1.18 15.59 -4.87
CA ALA A 59 -1.48 14.50 -3.96
C ALA A 59 -2.92 14.06 -4.11
N ILE A 60 -3.79 15.02 -4.35
CA ILE A 60 -5.18 14.73 -4.64
C ILE A 60 -5.26 13.90 -5.91
N ASN A 61 -4.49 14.29 -6.91
CA ASN A 61 -4.40 13.54 -8.16
C ASN A 61 -3.83 12.15 -7.90
N VAL A 62 -2.86 12.07 -7.00
CA VAL A 62 -2.27 10.80 -6.58
C VAL A 62 -3.36 9.88 -6.04
N LEU A 63 -4.12 10.38 -5.06
CA LEU A 63 -5.18 9.60 -4.45
C LEU A 63 -6.27 9.25 -5.47
N ARG A 64 -6.59 10.20 -6.35
CA ARG A 64 -7.54 9.97 -7.42
C ARG A 64 -7.08 8.83 -8.32
N GLY A 65 -5.83 8.90 -8.76
CA GLY A 65 -5.27 7.86 -9.59
C GLY A 65 -5.19 6.54 -8.85
N PHE A 66 -4.89 6.62 -7.57
CA PHE A 66 -4.82 5.44 -6.72
C PHE A 66 -6.16 4.73 -6.71
N ARG A 67 -7.22 5.43 -6.33
CA ARG A 67 -8.55 4.83 -6.27
C ARG A 67 -9.01 4.45 -7.66
N LYS A 68 -8.54 5.17 -8.66
CA LYS A 68 -8.83 4.84 -10.06
C LYS A 68 -8.27 3.47 -10.41
N GLU A 69 -6.99 3.25 -10.11
CA GLU A 69 -6.36 1.97 -10.40
C GLU A 69 -6.96 0.87 -9.55
N ILE A 70 -7.31 1.19 -8.31
CA ILE A 70 -8.04 0.26 -7.46
C ILE A 70 -9.37 -0.12 -8.11
N GLY A 71 -10.06 0.87 -8.65
CA GLY A 71 -11.28 0.61 -9.38
C GLY A 71 -11.06 -0.29 -10.56
N ARG A 72 -9.95 -0.06 -11.27
CA ARG A 72 -9.56 -0.90 -12.39
C ARG A 72 -9.33 -2.34 -11.94
N MET A 73 -8.60 -2.50 -10.84
CA MET A 73 -8.32 -3.83 -10.29
C MET A 73 -9.63 -4.49 -9.85
N LEU A 74 -10.53 -3.68 -9.31
CA LEU A 74 -11.85 -4.14 -8.93
C LEU A 74 -12.58 -4.65 -10.17
N ASN A 75 -12.47 -3.90 -11.26
CA ASN A 75 -13.05 -4.32 -12.53
C ASN A 75 -12.39 -5.60 -13.03
N ILE A 76 -11.10 -5.73 -12.76
CA ILE A 76 -10.39 -6.95 -13.11
C ILE A 76 -10.93 -8.14 -12.32
N LEU A 77 -11.13 -7.95 -11.03
CA LEU A 77 -11.67 -9.03 -10.20
C LEU A 77 -13.12 -9.33 -10.56
N ASN A 78 -13.89 -8.27 -10.78
CA ASN A 78 -15.31 -8.40 -11.06
C ASN A 78 -15.56 -8.99 -12.44
N ARG A 79 -15.00 -8.35 -13.46
CA ARG A 79 -15.31 -8.70 -14.84
C ARG A 79 -14.21 -9.54 -15.49
N ARG A 80 -13.03 -9.56 -14.85
CA ARG A 80 -11.88 -10.28 -15.36
C ARG A 80 -11.41 -9.68 -16.69
N ARG A 81 -11.57 -8.37 -16.81
CA ARG A 81 -11.15 -7.66 -18.00
C ARG A 81 -9.85 -6.92 -17.72
N ARG A 82 -8.80 -7.32 -18.42
CA ARG A 82 -7.49 -6.71 -18.26
C ARG A 82 -7.19 -5.78 -19.43
N MET B 1 18.74 -19.12 -11.19
CA MET B 1 19.42 -19.08 -9.88
C MET B 1 19.05 -17.81 -9.13
N ARG B 2 19.37 -16.65 -9.72
CA ARG B 2 19.00 -15.37 -9.12
C ARG B 2 17.91 -14.72 -9.94
N ASN B 3 17.35 -13.64 -9.39
CA ASN B 3 16.25 -12.91 -10.02
C ASN B 3 14.97 -13.73 -10.01
N ARG B 4 13.88 -13.09 -9.61
CA ARG B 4 12.62 -13.78 -9.47
C ARG B 4 11.61 -13.28 -10.50
N VAL B 5 10.87 -12.24 -10.14
CA VAL B 5 9.85 -11.71 -11.03
C VAL B 5 9.43 -10.30 -10.62
N SER B 6 8.79 -10.18 -9.46
CA SER B 6 8.26 -8.92 -9.00
C SER B 6 8.04 -8.97 -7.49
N THR B 7 8.11 -7.82 -6.82
CA THR B 7 7.93 -7.71 -5.38
C THR B 7 9.06 -8.39 -4.60
N VAL B 8 9.07 -9.72 -4.62
CA VAL B 8 10.05 -10.51 -3.89
C VAL B 8 11.47 -10.11 -4.28
N GLN B 9 11.65 -9.75 -5.54
CA GLN B 9 12.95 -9.38 -6.06
C GLN B 9 13.42 -8.07 -5.42
N GLN B 10 12.48 -7.14 -5.24
CA GLN B 10 12.78 -5.88 -4.57
C GLN B 10 13.13 -6.15 -3.12
N LEU B 11 12.36 -7.03 -2.49
CA LEU B 11 12.59 -7.41 -1.11
C LEU B 11 13.97 -8.04 -0.98
N THR B 12 14.35 -8.81 -2.00
CA THR B 12 15.68 -9.40 -2.07
C THR B 12 16.74 -8.30 -2.19
N LYS B 13 16.47 -7.30 -3.03
CA LYS B 13 17.36 -6.15 -3.18
C LYS B 13 17.49 -5.38 -1.87
N ARG B 14 16.41 -5.37 -1.08
CA ARG B 14 16.40 -4.71 0.21
C ARG B 14 17.09 -5.57 1.28
N PHE B 15 17.57 -6.75 0.85
CA PHE B 15 18.23 -7.71 1.73
C PHE B 15 17.28 -8.22 2.81
N SER B 16 16.00 -8.17 2.52
CA SER B 16 14.98 -8.68 3.42
C SER B 16 14.34 -9.92 2.82
N LEU B 17 14.66 -11.08 3.38
CA LEU B 17 14.18 -12.35 2.85
C LEU B 17 12.68 -12.47 3.02
N GLY B 18 11.97 -12.42 1.91
CA GLY B 18 10.52 -12.54 1.93
C GLY B 18 9.96 -12.51 0.53
N MET B 19 8.84 -13.18 0.32
CA MET B 19 8.21 -13.23 -0.99
C MET B 19 6.89 -12.47 -0.98
N LEU B 20 6.20 -12.51 0.16
CA LEU B 20 4.96 -11.76 0.35
C LEU B 20 3.99 -11.96 -0.81
N GLN B 21 3.66 -13.22 -1.08
CA GLN B 21 2.76 -13.55 -2.17
C GLN B 21 1.42 -14.01 -1.60
N GLY B 22 1.47 -14.93 -0.66
CA GLY B 22 0.26 -15.44 -0.04
C GLY B 22 0.15 -15.02 1.41
N ARG B 23 -1.07 -14.80 1.88
CA ARG B 23 -1.31 -14.42 3.26
C ARG B 23 -2.75 -14.75 3.65
N GLY B 24 -3.11 -14.40 4.87
CA GLY B 24 -4.45 -14.67 5.34
C GLY B 24 -5.45 -13.58 4.92
N PRO B 25 -5.40 -12.41 5.57
CA PRO B 25 -6.35 -11.33 5.32
C PRO B 25 -6.20 -10.73 3.93
N LEU B 26 -7.33 -10.48 3.28
CA LEU B 26 -7.35 -9.90 1.95
C LEU B 26 -7.00 -8.42 2.03
N LYS B 27 -7.20 -7.84 3.21
CA LYS B 27 -6.79 -6.47 3.46
C LYS B 27 -5.28 -6.34 3.33
N LEU B 28 -4.56 -7.23 3.99
CA LEU B 28 -3.10 -7.25 3.92
C LEU B 28 -2.67 -7.51 2.49
N PHE B 29 -3.35 -8.46 1.86
CA PHE B 29 -3.10 -8.80 0.47
C PHE B 29 -3.21 -7.56 -0.40
N MET B 30 -4.38 -6.92 -0.39
CA MET B 30 -4.63 -5.77 -1.25
C MET B 30 -3.77 -4.58 -0.87
N ALA B 31 -3.45 -4.46 0.41
CA ALA B 31 -2.55 -3.41 0.87
C ALA B 31 -1.19 -3.57 0.20
N LEU B 32 -0.67 -4.79 0.22
CA LEU B 32 0.61 -5.10 -0.41
C LEU B 32 0.50 -4.94 -1.93
N VAL B 33 -0.56 -5.49 -2.51
CA VAL B 33 -0.80 -5.40 -3.94
C VAL B 33 -0.85 -3.94 -4.39
N ALA B 34 -1.57 -3.14 -3.63
CA ALA B 34 -1.68 -1.71 -3.92
C ALA B 34 -0.34 -1.02 -3.78
N PHE B 35 0.36 -1.32 -2.66
CA PHE B 35 1.67 -0.74 -2.40
C PHE B 35 2.62 -0.98 -3.58
N LEU B 36 2.60 -2.19 -4.12
CA LEU B 36 3.43 -2.54 -5.27
C LEU B 36 2.90 -1.90 -6.54
N ARG B 37 1.65 -2.21 -6.88
CA ARG B 37 1.04 -1.78 -8.14
C ARG B 37 1.07 -0.26 -8.31
N PHE B 38 0.76 0.47 -7.25
CA PHE B 38 0.63 1.91 -7.34
C PHE B 38 1.99 2.57 -7.48
N LEU B 39 3.02 1.96 -6.92
CA LEU B 39 4.34 2.54 -6.93
C LEU B 39 4.98 2.46 -8.32
N THR B 40 5.22 1.24 -8.80
CA THR B 40 5.84 1.06 -10.11
C THR B 40 6.11 -0.43 -10.39
N ILE B 41 6.56 -1.14 -9.37
CA ILE B 41 6.94 -2.53 -9.52
C ILE B 41 5.74 -3.45 -9.24
N PRO B 42 5.42 -4.35 -10.18
CA PRO B 42 4.29 -5.27 -10.06
C PRO B 42 4.37 -6.20 -8.85
N PRO B 43 3.22 -6.65 -8.36
CA PRO B 43 3.14 -7.69 -7.32
C PRO B 43 3.71 -9.04 -7.80
N THR B 44 3.94 -9.92 -6.84
CA THR B 44 4.54 -11.22 -7.12
C THR B 44 3.71 -12.05 -8.11
N ALA B 45 4.36 -13.00 -8.77
CA ALA B 45 3.74 -13.77 -9.85
C ALA B 45 2.39 -14.37 -9.43
N GLY B 46 2.39 -15.10 -8.32
CA GLY B 46 1.17 -15.77 -7.87
C GLY B 46 0.04 -14.81 -7.60
N ILE B 47 0.39 -13.57 -7.25
CA ILE B 47 -0.60 -12.53 -7.03
C ILE B 47 -1.28 -12.17 -8.34
N LEU B 48 -0.49 -11.90 -9.36
CA LEU B 48 -1.06 -11.51 -10.65
C LEU B 48 -1.60 -12.72 -11.40
N LYS B 49 -1.16 -13.90 -11.00
CA LYS B 49 -1.62 -15.13 -11.61
C LYS B 49 -2.96 -15.59 -11.03
N ARG B 50 -3.00 -15.78 -9.71
CA ARG B 50 -4.20 -16.32 -9.09
C ARG B 50 -4.72 -15.42 -7.99
N TRP B 51 -4.03 -14.31 -7.75
CA TRP B 51 -4.39 -13.38 -6.67
C TRP B 51 -4.39 -14.08 -5.32
N GLY B 52 -3.55 -15.10 -5.21
CA GLY B 52 -3.46 -15.87 -3.98
C GLY B 52 -4.71 -16.68 -3.69
N THR B 53 -5.63 -16.07 -2.96
CA THR B 53 -6.86 -16.73 -2.55
C THR B 53 -8.02 -15.75 -2.64
N ILE B 54 -8.04 -14.99 -3.72
CA ILE B 54 -8.99 -13.92 -3.92
C ILE B 54 -10.42 -14.46 -4.08
N LYS B 55 -11.40 -13.63 -3.72
CA LYS B 55 -12.81 -13.97 -3.87
C LYS B 55 -13.55 -12.77 -4.43
N LYS B 56 -14.38 -13.00 -5.45
CA LYS B 56 -15.04 -11.91 -6.17
C LYS B 56 -16.25 -11.37 -5.38
N SER B 57 -16.02 -11.02 -4.13
CA SER B 57 -17.07 -10.43 -3.30
C SER B 57 -16.46 -9.63 -2.16
N LYS B 58 -15.90 -10.32 -1.17
CA LYS B 58 -15.30 -9.64 -0.02
C LYS B 58 -14.09 -8.82 -0.47
N ALA B 59 -13.37 -9.31 -1.47
CA ALA B 59 -12.24 -8.58 -2.02
C ALA B 59 -12.71 -7.32 -2.71
N ILE B 60 -13.87 -7.41 -3.35
CA ILE B 60 -14.51 -6.26 -3.96
C ILE B 60 -14.82 -5.24 -2.86
N ASN B 61 -15.36 -5.74 -1.76
CA ASN B 61 -15.64 -4.89 -0.60
C ASN B 61 -14.34 -4.30 -0.05
N VAL B 62 -13.29 -5.11 -0.06
CA VAL B 62 -11.96 -4.66 0.35
C VAL B 62 -11.52 -3.46 -0.48
N LEU B 63 -11.56 -3.62 -1.80
CA LEU B 63 -11.17 -2.56 -2.71
C LEU B 63 -12.10 -1.34 -2.58
N ARG B 64 -13.39 -1.60 -2.41
CA ARG B 64 -14.35 -0.52 -2.19
C ARG B 64 -13.99 0.27 -0.94
N GLY B 65 -13.76 -0.44 0.16
CA GLY B 65 -13.38 0.21 1.40
C GLY B 65 -12.05 0.92 1.28
N PHE B 66 -11.15 0.31 0.52
CA PHE B 66 -9.84 0.89 0.27
C PHE B 66 -9.99 2.26 -0.40
N ARG B 67 -10.67 2.29 -1.55
CA ARG B 67 -10.86 3.54 -2.27
C ARG B 67 -11.72 4.51 -1.47
N LYS B 68 -12.60 3.95 -0.64
CA LYS B 68 -13.40 4.76 0.27
C LYS B 68 -12.51 5.51 1.25
N GLU B 69 -11.60 4.80 1.91
CA GLU B 69 -10.70 5.41 2.86
C GLU B 69 -9.74 6.37 2.16
N ILE B 70 -9.32 6.00 0.96
CA ILE B 70 -8.52 6.90 0.13
C ILE B 70 -9.29 8.18 -0.14
N GLY B 71 -10.57 8.04 -0.47
CA GLY B 71 -11.43 9.19 -0.66
C GLY B 71 -11.51 10.04 0.59
N ARG B 72 -11.61 9.38 1.74
CA ARG B 72 -11.61 10.07 3.03
C ARG B 72 -10.32 10.85 3.24
N MET B 73 -9.19 10.20 2.95
CA MET B 73 -7.89 10.85 3.09
C MET B 73 -7.79 12.02 2.11
N LEU B 74 -8.35 11.84 0.93
CA LEU B 74 -8.43 12.89 -0.07
C LEU B 74 -9.22 14.07 0.50
N ASN B 75 -10.33 13.75 1.15
CA ASN B 75 -11.14 14.77 1.81
C ASN B 75 -10.36 15.44 2.94
N ILE B 76 -9.52 14.66 3.60
CA ILE B 76 -8.65 15.20 4.64
C ILE B 76 -7.66 16.19 4.03
N LEU B 77 -7.04 15.83 2.93
CA LEU B 77 -6.08 16.72 2.27
C LEU B 77 -6.79 17.93 1.70
N ASN B 78 -7.93 17.70 1.06
CA ASN B 78 -8.67 18.76 0.40
C ASN B 78 -9.30 19.73 1.39
N ARG B 79 -10.09 19.20 2.32
CA ARG B 79 -10.88 20.04 3.20
C ARG B 79 -10.26 20.15 4.59
N ARG B 80 -9.33 19.25 4.90
CA ARG B 80 -8.67 19.20 6.21
C ARG B 80 -9.68 18.83 7.29
N ARG B 81 -10.65 18.02 6.93
CA ARG B 81 -11.66 17.56 7.86
C ARG B 81 -11.36 16.14 8.29
N ARG B 82 -11.07 15.98 9.57
CA ARG B 82 -10.75 14.67 10.13
C ARG B 82 -11.96 14.13 10.92
CA MET A 1 15.43 -0.07 25.17
C MET A 1 15.23 0.95 24.07
N ARG A 2 14.70 0.51 22.94
CA ARG A 2 14.47 1.39 21.81
C ARG A 2 12.99 1.45 21.46
N ASN A 3 12.43 2.65 21.45
CA ASN A 3 11.03 2.84 21.12
C ASN A 3 10.87 3.99 20.14
N ARG A 4 9.72 4.04 19.49
CA ARG A 4 9.44 5.06 18.50
C ARG A 4 8.01 5.55 18.64
N VAL A 5 7.62 6.53 17.83
CA VAL A 5 6.26 7.04 17.88
C VAL A 5 5.27 6.02 17.30
N SER A 6 5.41 5.72 16.01
CA SER A 6 4.51 4.79 15.34
C SER A 6 4.92 4.58 13.89
N THR A 7 5.22 3.33 13.53
CA THR A 7 5.52 2.95 12.15
C THR A 7 6.63 3.81 11.55
N VAL A 8 7.86 3.52 11.92
CA VAL A 8 9.00 4.28 11.43
C VAL A 8 10.29 3.46 11.49
N GLN A 9 10.45 2.69 12.55
CA GLN A 9 11.65 1.89 12.76
C GLN A 9 11.82 0.87 11.63
N GLN A 10 10.77 0.09 11.39
CA GLN A 10 10.77 -0.88 10.32
C GLN A 10 11.06 -0.21 8.99
N LEU A 11 10.47 0.97 8.79
CA LEU A 11 10.58 1.67 7.52
C LEU A 11 11.96 2.30 7.36
N THR A 12 12.58 2.68 8.47
CA THR A 12 13.88 3.31 8.42
C THR A 12 14.99 2.25 8.26
N LYS A 13 14.70 1.01 8.64
CA LYS A 13 15.66 -0.07 8.42
C LYS A 13 15.36 -0.84 7.14
N ARG A 14 14.12 -0.78 6.67
CA ARG A 14 13.74 -1.43 5.42
C ARG A 14 14.33 -0.69 4.22
N PHE A 15 15.09 -1.42 3.40
CA PHE A 15 15.69 -0.87 2.19
C PHE A 15 16.67 0.25 2.53
N SER A 16 17.86 -0.15 2.99
CA SER A 16 18.92 0.79 3.38
C SER A 16 18.53 1.54 4.66
N LEU A 17 19.45 2.34 5.18
CA LEU A 17 19.21 3.09 6.40
C LEU A 17 19.15 4.59 6.11
N GLY A 18 17.94 5.11 6.01
CA GLY A 18 17.77 6.52 5.75
C GLY A 18 16.56 7.10 6.45
N MET A 19 16.35 8.41 6.30
CA MET A 19 15.19 9.07 6.87
C MET A 19 13.95 8.74 6.06
N LEU A 20 14.17 8.27 4.84
CA LEU A 20 13.10 7.83 3.97
C LEU A 20 12.42 6.60 4.56
N GLN A 21 11.24 6.78 5.10
CA GLN A 21 10.50 5.69 5.73
C GLN A 21 9.92 4.75 4.69
N GLY A 22 10.77 3.90 4.13
CA GLY A 22 10.33 2.87 3.21
C GLY A 22 9.70 3.43 1.95
N ARG A 23 10.19 4.57 1.48
CA ARG A 23 9.65 5.18 0.28
C ARG A 23 10.65 6.15 -0.33
N GLY A 24 10.35 6.61 -1.53
CA GLY A 24 11.17 7.59 -2.21
C GLY A 24 10.32 8.59 -2.96
N PRO A 25 9.74 8.18 -4.11
CA PRO A 25 8.83 9.03 -4.90
C PRO A 25 7.52 9.31 -4.16
N LEU A 26 6.79 10.30 -4.64
CA LEU A 26 5.53 10.71 -4.02
C LEU A 26 4.55 9.55 -4.02
N LYS A 27 4.43 8.89 -5.17
CA LYS A 27 3.54 7.74 -5.32
C LYS A 27 3.85 6.67 -4.30
N LEU A 28 5.14 6.40 -4.09
CA LEU A 28 5.57 5.38 -3.16
C LEU A 28 5.20 5.80 -1.74
N PHE A 29 5.41 7.08 -1.45
CA PHE A 29 5.05 7.63 -0.14
C PHE A 29 3.58 7.41 0.13
N MET A 30 2.74 7.87 -0.78
CA MET A 30 1.29 7.75 -0.60
C MET A 30 0.86 6.29 -0.63
N ALA A 31 1.55 5.47 -1.42
CA ALA A 31 1.28 4.04 -1.44
C ALA A 31 1.53 3.44 -0.06
N LEU A 32 2.63 3.84 0.55
CA LEU A 32 2.99 3.38 1.89
C LEU A 32 1.98 3.91 2.92
N VAL A 33 1.65 5.20 2.81
CA VAL A 33 0.68 5.82 3.70
C VAL A 33 -0.67 5.10 3.60
N ALA A 34 -1.14 4.92 2.38
CA ALA A 34 -2.40 4.23 2.14
C ALA A 34 -2.32 2.78 2.63
N PHE A 35 -1.16 2.16 2.42
CA PHE A 35 -0.89 0.82 2.89
C PHE A 35 -1.13 0.71 4.40
N LEU A 36 -0.47 1.57 5.17
CA LEU A 36 -0.60 1.53 6.63
C LEU A 36 -1.97 2.04 7.08
N ARG A 37 -2.52 2.99 6.34
CA ARG A 37 -3.83 3.57 6.65
C ARG A 37 -4.91 2.51 6.53
N PHE A 38 -4.97 1.85 5.37
CA PHE A 38 -6.02 0.90 5.09
C PHE A 38 -5.93 -0.31 6.01
N LEU A 39 -4.71 -0.68 6.37
CA LEU A 39 -4.49 -1.83 7.23
C LEU A 39 -5.09 -1.58 8.61
N THR A 40 -4.42 -0.76 9.42
CA THR A 40 -4.89 -0.44 10.77
C THR A 40 -3.77 0.19 11.60
N ILE A 41 -2.52 -0.13 11.25
CA ILE A 41 -1.36 0.33 11.98
C ILE A 41 -1.24 1.86 11.89
N PRO A 42 -1.08 2.53 13.05
CA PRO A 42 -1.04 3.99 13.14
C PRO A 42 0.08 4.63 12.31
N PRO A 43 -0.26 5.65 11.51
CA PRO A 43 0.71 6.42 10.73
C PRO A 43 1.75 7.12 11.61
N THR A 44 2.84 7.52 11.01
CA THR A 44 3.93 8.16 11.72
C THR A 44 3.56 9.60 12.08
N ALA A 45 4.29 10.17 13.03
CA ALA A 45 4.05 11.52 13.49
C ALA A 45 4.02 12.52 12.33
N GLY A 46 5.10 12.54 11.55
CA GLY A 46 5.21 13.47 10.44
C GLY A 46 4.08 13.33 9.45
N ILE A 47 3.57 12.12 9.29
CA ILE A 47 2.44 11.86 8.41
C ILE A 47 1.18 12.49 9.00
N LEU A 48 0.91 12.19 10.27
CA LEU A 48 -0.28 12.71 10.95
C LEU A 48 -0.23 14.22 11.08
N LYS A 49 0.98 14.76 11.20
CA LYS A 49 1.15 16.20 11.35
C LYS A 49 1.13 16.92 10.01
N ARG A 50 2.08 16.60 9.14
CA ARG A 50 2.25 17.35 7.90
C ARG A 50 2.17 16.45 6.68
N TRP A 51 1.74 15.21 6.89
CA TRP A 51 1.66 14.22 5.83
C TRP A 51 3.00 14.06 5.12
N GLY A 52 4.05 14.01 5.92
CA GLY A 52 5.38 13.80 5.38
C GLY A 52 5.92 15.02 4.66
N THR A 53 5.74 15.05 3.34
CA THR A 53 6.29 16.11 2.53
C THR A 53 5.42 16.38 1.31
N ILE A 54 4.17 15.97 1.39
CA ILE A 54 3.26 16.09 0.26
C ILE A 54 2.42 17.35 0.34
N LYS A 55 2.24 18.00 -0.79
CA LYS A 55 1.33 19.12 -0.87
C LYS A 55 -0.06 18.60 -1.24
N LYS A 56 -1.07 19.15 -0.59
CA LYS A 56 -2.43 18.62 -0.70
C LYS A 56 -3.11 19.05 -1.99
N SER A 57 -2.46 18.72 -3.11
CA SER A 57 -3.02 18.95 -4.44
C SER A 57 -2.60 17.80 -5.36
N LYS A 58 -1.30 17.66 -5.59
CA LYS A 58 -0.82 16.52 -6.36
C LYS A 58 -1.06 15.24 -5.59
N ALA A 59 -1.07 15.35 -4.26
CA ALA A 59 -1.43 14.23 -3.41
C ALA A 59 -2.86 13.79 -3.69
N ILE A 60 -3.72 14.78 -3.94
CA ILE A 60 -5.10 14.52 -4.33
C ILE A 60 -5.12 13.76 -5.63
N ASN A 61 -4.34 14.25 -6.59
CA ASN A 61 -4.21 13.58 -7.88
C ASN A 61 -3.72 12.15 -7.71
N VAL A 62 -2.72 11.98 -6.83
CA VAL A 62 -2.18 10.67 -6.51
C VAL A 62 -3.27 9.75 -5.95
N LEU A 63 -4.02 10.27 -4.98
CA LEU A 63 -5.11 9.51 -4.38
C LEU A 63 -6.17 9.15 -5.42
N ARG A 64 -6.47 10.10 -6.30
CA ARG A 64 -7.41 9.86 -7.39
C ARG A 64 -6.92 8.73 -8.28
N GLY A 65 -5.66 8.81 -8.70
CA GLY A 65 -5.10 7.77 -9.53
C GLY A 65 -5.03 6.43 -8.81
N PHE A 66 -4.78 6.50 -7.51
CA PHE A 66 -4.72 5.29 -6.68
C PHE A 66 -6.08 4.61 -6.68
N ARG A 67 -7.12 5.34 -6.29
CA ARG A 67 -8.47 4.78 -6.24
C ARG A 67 -8.94 4.42 -7.64
N LYS A 68 -8.39 5.11 -8.64
CA LYS A 68 -8.67 4.80 -10.03
C LYS A 68 -8.17 3.41 -10.38
N GLU A 69 -6.91 3.13 -10.06
CA GLU A 69 -6.34 1.81 -10.35
C GLU A 69 -6.94 0.74 -9.43
N ILE A 70 -7.34 1.14 -8.23
CA ILE A 70 -8.09 0.25 -7.37
C ILE A 70 -9.42 -0.10 -8.02
N GLY A 71 -10.09 0.91 -8.57
CA GLY A 71 -11.30 0.68 -9.33
C GLY A 71 -11.04 -0.18 -10.54
N ARG A 72 -9.89 0.03 -11.17
CA ARG A 72 -9.44 -0.78 -12.29
C ARG A 72 -9.35 -2.25 -11.88
N MET A 73 -8.62 -2.51 -10.80
CA MET A 73 -8.47 -3.87 -10.30
C MET A 73 -9.81 -4.43 -9.83
N LEU A 74 -10.63 -3.57 -9.27
CA LEU A 74 -11.97 -3.95 -8.85
C LEU A 74 -12.77 -4.40 -10.05
N ASN A 75 -12.69 -3.66 -11.14
CA ASN A 75 -13.33 -4.03 -12.39
C ASN A 75 -12.77 -5.34 -12.91
N ILE A 76 -11.46 -5.50 -12.77
CA ILE A 76 -10.79 -6.74 -13.15
C ILE A 76 -11.37 -7.92 -12.38
N LEU A 77 -11.42 -7.80 -11.08
CA LEU A 77 -11.88 -8.88 -10.21
C LEU A 77 -13.38 -9.10 -10.35
N ASN A 78 -14.13 -8.02 -10.49
CA ASN A 78 -15.57 -8.09 -10.56
C ASN A 78 -16.05 -8.65 -11.89
N ARG A 79 -15.54 -8.07 -12.97
CA ARG A 79 -16.02 -8.44 -14.30
C ARG A 79 -15.23 -9.63 -14.85
N ARG A 80 -14.00 -9.77 -14.38
CA ARG A 80 -13.13 -10.90 -14.73
C ARG A 80 -12.82 -10.96 -16.22
N ARG A 81 -12.79 -9.80 -16.86
CA ARG A 81 -12.39 -9.70 -18.25
C ARG A 81 -11.11 -8.88 -18.36
N ARG A 82 -10.48 -8.65 -17.21
CA ARG A 82 -9.29 -7.83 -17.11
C ARG A 82 -9.57 -6.42 -17.66
N MET B 1 23.11 -15.45 -9.24
CA MET B 1 23.07 -16.51 -8.21
C MET B 1 21.63 -16.83 -7.82
N ARG B 2 20.95 -15.87 -7.22
CA ARG B 2 19.58 -16.07 -6.80
C ARG B 2 18.66 -15.09 -7.51
N ASN B 3 17.65 -15.60 -8.19
CA ASN B 3 16.69 -14.78 -8.91
C ASN B 3 15.28 -15.25 -8.62
N ARG B 4 14.30 -14.38 -8.90
CA ARG B 4 12.91 -14.68 -8.66
C ARG B 4 12.05 -14.18 -9.80
N VAL B 5 10.76 -14.43 -9.74
CA VAL B 5 9.86 -13.96 -10.78
C VAL B 5 9.68 -12.44 -10.71
N SER B 6 9.10 -11.95 -9.63
CA SER B 6 8.85 -10.52 -9.45
C SER B 6 8.24 -10.24 -8.08
N THR B 7 8.92 -9.41 -7.30
CA THR B 7 8.41 -8.95 -6.00
C THR B 7 7.99 -10.12 -5.10
N VAL B 8 8.96 -10.78 -4.50
CA VAL B 8 8.68 -11.91 -3.63
C VAL B 8 9.81 -12.13 -2.63
N GLN B 9 11.05 -11.96 -3.07
CA GLN B 9 12.22 -12.19 -2.22
C GLN B 9 12.20 -11.24 -1.04
N GLN B 10 12.06 -9.95 -1.31
CA GLN B 10 11.99 -8.95 -0.27
C GLN B 10 10.85 -9.26 0.69
N LEU B 11 9.73 -9.69 0.12
CA LEU B 11 8.52 -9.93 0.90
C LEU B 11 8.64 -11.21 1.73
N THR B 12 9.40 -12.18 1.22
CA THR B 12 9.56 -13.44 1.91
C THR B 12 10.61 -13.33 3.01
N LYS B 13 11.49 -12.33 2.92
CA LYS B 13 12.46 -12.09 3.98
C LYS B 13 12.00 -10.98 4.93
N ARG B 14 11.09 -10.14 4.46
CA ARG B 14 10.54 -9.08 5.30
C ARG B 14 9.57 -9.65 6.33
N PHE B 15 9.85 -9.38 7.61
CA PHE B 15 9.00 -9.82 8.71
C PHE B 15 8.96 -11.35 8.77
N SER B 16 10.02 -11.94 9.30
CA SER B 16 10.16 -13.38 9.44
C SER B 16 10.35 -14.04 8.06
N LEU B 17 10.58 -15.34 8.06
CA LEU B 17 10.79 -16.08 6.82
C LEU B 17 9.65 -17.04 6.56
N GLY B 18 8.71 -16.64 5.72
CA GLY B 18 7.58 -17.49 5.41
C GLY B 18 7.13 -17.34 3.97
N MET B 19 6.13 -18.13 3.59
CA MET B 19 5.56 -18.04 2.25
C MET B 19 4.69 -16.80 2.13
N LEU B 20 4.30 -16.26 3.28
CA LEU B 20 3.52 -15.03 3.34
C LEU B 20 4.37 -13.87 2.84
N GLN B 21 4.08 -13.42 1.63
CA GLN B 21 4.83 -12.32 1.02
C GLN B 21 4.49 -10.99 1.67
N GLY B 22 5.05 -10.76 2.85
CA GLY B 22 4.90 -9.48 3.52
C GLY B 22 3.46 -9.15 3.87
N ARG B 23 2.68 -10.16 4.20
CA ARG B 23 1.29 -9.94 4.55
C ARG B 23 0.73 -11.10 5.36
N GLY B 24 -0.46 -10.91 5.89
CA GLY B 24 -1.14 -11.96 6.62
C GLY B 24 -2.63 -11.95 6.35
N PRO B 25 -3.36 -10.97 6.92
CA PRO B 25 -4.79 -10.81 6.66
C PRO B 25 -5.09 -10.39 5.22
N LEU B 26 -6.34 -10.54 4.82
CA LEU B 26 -6.77 -10.21 3.46
C LEU B 26 -6.48 -8.75 3.16
N LYS B 27 -6.86 -7.87 4.09
CA LYS B 27 -6.64 -6.44 3.97
C LYS B 27 -5.17 -6.14 3.73
N LEU B 28 -4.30 -6.80 4.47
CA LEU B 28 -2.86 -6.58 4.35
C LEU B 28 -2.38 -7.04 2.99
N PHE B 29 -2.90 -8.19 2.54
CA PHE B 29 -2.57 -8.72 1.23
C PHE B 29 -2.93 -7.70 0.15
N MET B 30 -4.17 -7.26 0.15
CA MET B 30 -4.63 -6.32 -0.86
C MET B 30 -3.92 -4.98 -0.72
N ALA B 31 -3.62 -4.60 0.52
CA ALA B 31 -2.86 -3.38 0.77
C ALA B 31 -1.49 -3.47 0.09
N LEU B 32 -0.85 -4.63 0.24
CA LEU B 32 0.45 -4.88 -0.36
C LEU B 32 0.33 -4.92 -1.88
N VAL B 33 -0.70 -5.62 -2.38
CA VAL B 33 -0.94 -5.70 -3.81
C VAL B 33 -1.16 -4.32 -4.40
N ALA B 34 -2.04 -3.54 -3.77
CA ALA B 34 -2.33 -2.18 -4.21
C ALA B 34 -1.08 -1.32 -4.11
N PHE B 35 -0.31 -1.53 -3.04
CA PHE B 35 0.97 -0.85 -2.84
C PHE B 35 1.88 -1.04 -4.04
N LEU B 36 2.13 -2.30 -4.42
CA LEU B 36 3.03 -2.57 -5.53
C LEU B 36 2.38 -2.21 -6.87
N ARG B 37 1.07 -2.37 -6.95
CA ARG B 37 0.33 -2.04 -8.17
C ARG B 37 0.42 -0.56 -8.48
N PHE B 38 0.07 0.27 -7.50
CA PHE B 38 0.01 1.71 -7.70
C PHE B 38 1.39 2.28 -7.97
N LEU B 39 2.41 1.69 -7.34
CA LEU B 39 3.77 2.16 -7.50
C LEU B 39 4.24 1.98 -8.96
N THR B 40 4.54 0.73 -9.33
CA THR B 40 4.99 0.42 -10.70
C THR B 40 5.63 -0.97 -10.74
N ILE B 41 6.16 -1.41 -9.61
CA ILE B 41 6.85 -2.68 -9.52
C ILE B 41 5.90 -3.85 -9.81
N PRO B 42 6.30 -4.74 -10.73
CA PRO B 42 5.46 -5.87 -11.18
C PRO B 42 5.04 -6.81 -10.04
N PRO B 43 3.73 -7.13 -9.98
CA PRO B 43 3.18 -8.08 -9.01
C PRO B 43 3.77 -9.47 -9.19
N THR B 44 3.63 -10.30 -8.15
CA THR B 44 4.17 -11.64 -8.16
C THR B 44 3.34 -12.56 -9.04
N ALA B 45 3.92 -13.70 -9.43
CA ALA B 45 3.26 -14.66 -10.29
C ALA B 45 1.89 -15.05 -9.75
N GLY B 46 1.87 -15.52 -8.51
CA GLY B 46 0.63 -15.97 -7.90
C GLY B 46 -0.43 -14.88 -7.88
N ILE B 47 -0.01 -13.64 -7.74
CA ILE B 47 -0.92 -12.50 -7.76
C ILE B 47 -1.50 -12.33 -9.17
N LEU B 48 -0.62 -12.29 -10.16
CA LEU B 48 -1.04 -12.10 -11.54
C LEU B 48 -1.89 -13.28 -12.03
N LYS B 49 -1.61 -14.46 -11.50
CA LYS B 49 -2.32 -15.66 -11.89
C LYS B 49 -3.64 -15.80 -11.15
N ARG B 50 -3.57 -15.94 -9.84
CA ARG B 50 -4.76 -16.25 -9.05
C ARG B 50 -5.01 -15.21 -7.97
N TRP B 51 -4.29 -14.08 -8.04
CA TRP B 51 -4.40 -13.02 -7.05
C TRP B 51 -4.15 -13.54 -5.65
N GLY B 52 -3.14 -14.40 -5.53
CA GLY B 52 -2.75 -14.94 -4.25
C GLY B 52 -3.73 -15.96 -3.74
N THR B 53 -4.67 -15.52 -2.91
CA THR B 53 -5.61 -16.42 -2.27
C THR B 53 -6.95 -15.72 -2.02
N ILE B 54 -7.20 -14.66 -2.76
CA ILE B 54 -8.40 -13.88 -2.56
C ILE B 54 -9.51 -14.30 -3.51
N LYS B 55 -10.73 -14.34 -2.99
CA LYS B 55 -11.89 -14.56 -3.82
C LYS B 55 -12.43 -13.22 -4.29
N LYS B 56 -12.79 -13.15 -5.56
CA LYS B 56 -13.14 -11.89 -6.20
C LYS B 56 -14.55 -11.43 -5.82
N SER B 57 -14.77 -11.29 -4.52
CA SER B 57 -16.00 -10.74 -3.99
C SER B 57 -15.70 -9.91 -2.73
N LYS B 58 -15.18 -10.56 -1.70
CA LYS B 58 -14.74 -9.82 -0.51
C LYS B 58 -13.55 -8.94 -0.87
N ALA B 59 -12.77 -9.38 -1.86
CA ALA B 59 -11.69 -8.57 -2.39
C ALA B 59 -12.24 -7.28 -2.98
N ILE B 60 -13.40 -7.39 -3.62
CA ILE B 60 -14.10 -6.24 -4.16
C ILE B 60 -14.48 -5.31 -3.01
N ASN B 61 -15.05 -5.89 -1.96
CA ASN B 61 -15.40 -5.14 -0.75
C ASN B 61 -14.17 -4.45 -0.17
N VAL B 62 -13.07 -5.19 -0.13
CA VAL B 62 -11.79 -4.66 0.36
C VAL B 62 -11.35 -3.47 -0.49
N LEU B 63 -11.38 -3.63 -1.81
CA LEU B 63 -11.02 -2.56 -2.73
C LEU B 63 -11.93 -1.35 -2.56
N ARG B 64 -13.22 -1.61 -2.37
CA ARG B 64 -14.19 -0.56 -2.13
C ARG B 64 -13.83 0.21 -0.86
N GLY B 65 -13.58 -0.52 0.22
CA GLY B 65 -13.21 0.11 1.47
C GLY B 65 -11.90 0.85 1.37
N PHE B 66 -10.99 0.29 0.58
CA PHE B 66 -9.69 0.90 0.36
C PHE B 66 -9.85 2.25 -0.33
N ARG B 67 -10.53 2.26 -1.47
CA ARG B 67 -10.75 3.50 -2.21
C ARG B 67 -11.63 4.44 -1.39
N LYS B 68 -12.46 3.87 -0.53
CA LYS B 68 -13.28 4.65 0.38
C LYS B 68 -12.41 5.45 1.34
N GLU B 69 -11.47 4.78 2.00
CA GLU B 69 -10.58 5.46 2.93
C GLU B 69 -9.60 6.35 2.19
N ILE B 70 -9.26 6.00 0.96
CA ILE B 70 -8.49 6.88 0.11
C ILE B 70 -9.27 8.15 -0.17
N GLY B 71 -10.56 7.97 -0.48
CA GLY B 71 -11.44 9.11 -0.65
C GLY B 71 -11.56 9.90 0.63
N ARG B 72 -11.59 9.20 1.75
CA ARG B 72 -11.60 9.82 3.07
C ARG B 72 -10.37 10.72 3.24
N MET B 73 -9.20 10.17 3.01
CA MET B 73 -7.95 10.93 3.12
C MET B 73 -7.90 12.05 2.09
N LEU B 74 -8.45 11.78 0.92
CA LEU B 74 -8.54 12.79 -0.13
C LEU B 74 -9.39 13.95 0.35
N ASN B 75 -10.52 13.64 0.98
CA ASN B 75 -11.37 14.66 1.56
C ASN B 75 -10.63 15.40 2.67
N ILE B 76 -9.85 14.66 3.46
CA ILE B 76 -9.02 15.25 4.50
C ILE B 76 -8.06 16.27 3.91
N LEU B 77 -7.31 15.85 2.89
CA LEU B 77 -6.30 16.69 2.28
C LEU B 77 -6.91 17.83 1.49
N ASN B 78 -8.02 17.54 0.81
CA ASN B 78 -8.66 18.53 -0.04
C ASN B 78 -9.38 19.59 0.78
N ARG B 79 -10.22 19.15 1.71
CA ARG B 79 -11.03 20.08 2.46
C ARG B 79 -10.31 20.61 3.69
N ARG B 80 -9.35 19.81 4.18
CA ARG B 80 -8.48 20.19 5.30
C ARG B 80 -9.26 20.44 6.58
N ARG B 81 -10.38 19.76 6.74
CA ARG B 81 -11.16 19.81 7.97
C ARG B 81 -11.15 18.44 8.64
N ARG B 82 -10.29 17.57 8.14
CA ARG B 82 -10.21 16.18 8.59
C ARG B 82 -11.55 15.48 8.41
CA MET A 1 16.65 4.37 22.20
C MET A 1 16.46 4.73 20.74
N ARG A 2 15.29 4.41 20.20
CA ARG A 2 15.00 4.72 18.80
C ARG A 2 13.49 4.78 18.60
N ASN A 3 12.76 4.98 19.69
CA ASN A 3 11.30 5.05 19.63
C ASN A 3 10.88 6.46 19.22
N ARG A 4 10.09 6.53 18.16
CA ARG A 4 9.62 7.82 17.67
C ARG A 4 8.13 7.98 17.93
N VAL A 5 7.34 7.08 17.36
CA VAL A 5 5.89 7.16 17.51
C VAL A 5 5.22 5.90 16.95
N SER A 6 5.35 5.68 15.64
CA SER A 6 4.69 4.56 14.98
C SER A 6 5.05 4.59 13.50
N THR A 7 5.25 3.40 12.93
CA THR A 7 5.57 3.24 11.51
C THR A 7 6.68 4.17 11.06
N VAL A 8 7.87 3.98 11.61
CA VAL A 8 9.03 4.76 11.23
C VAL A 8 10.32 4.09 11.71
N GLN A 9 10.28 3.61 12.95
CA GLN A 9 11.41 2.93 13.54
C GLN A 9 11.73 1.67 12.74
N GLN A 10 10.71 0.87 12.46
CA GLN A 10 10.88 -0.35 11.68
C GLN A 10 11.33 0.01 10.26
N LEU A 11 10.89 1.15 9.78
CA LEU A 11 11.22 1.58 8.42
C LEU A 11 12.68 1.98 8.33
N THR A 12 13.17 2.68 9.35
CA THR A 12 14.55 3.10 9.36
C THR A 12 15.47 1.95 9.77
N LYS A 13 14.91 0.96 10.46
CA LYS A 13 15.65 -0.26 10.77
C LYS A 13 15.75 -1.17 9.55
N ARG A 14 14.69 -1.18 8.73
CA ARG A 14 14.69 -1.97 7.51
C ARG A 14 15.81 -1.55 6.57
N PHE A 15 16.58 -2.53 6.12
CA PHE A 15 17.63 -2.28 5.14
C PHE A 15 17.41 -3.16 3.92
N SER A 16 16.46 -2.75 3.08
CA SER A 16 16.13 -3.51 1.88
C SER A 16 16.75 -2.85 0.66
N LEU A 17 17.64 -1.89 0.91
CA LEU A 17 18.28 -1.12 -0.15
C LEU A 17 17.24 -0.36 -0.97
N GLY A 18 16.20 0.10 -0.28
CA GLY A 18 15.11 0.78 -0.95
C GLY A 18 14.94 2.20 -0.45
N MET A 19 13.86 2.83 -0.86
CA MET A 19 13.59 4.21 -0.44
C MET A 19 12.87 4.23 0.90
N LEU A 20 13.52 3.68 1.91
CA LEU A 20 12.93 3.52 3.23
C LEU A 20 13.44 4.57 4.19
N GLN A 21 14.06 5.61 3.65
CA GLN A 21 14.60 6.69 4.47
C GLN A 21 14.35 8.03 3.81
N GLY A 22 13.77 8.96 4.57
CA GLY A 22 13.57 10.31 4.08
C GLY A 22 12.33 10.47 3.23
N ARG A 23 12.23 9.65 2.18
CA ARG A 23 11.12 9.71 1.22
C ARG A 23 11.21 10.96 0.35
N GLY A 24 10.36 11.02 -0.67
CA GLY A 24 10.38 12.11 -1.61
C GLY A 24 9.21 12.05 -2.56
N PRO A 25 9.15 11.00 -3.40
CA PRO A 25 8.03 10.80 -4.32
C PRO A 25 6.73 10.61 -3.56
N LEU A 26 5.70 11.31 -4.00
CA LEU A 26 4.41 11.28 -3.35
C LEU A 26 3.78 9.91 -3.51
N LYS A 27 4.08 9.25 -4.62
CA LYS A 27 3.61 7.90 -4.86
C LYS A 27 4.15 6.97 -3.79
N LEU A 28 5.47 6.98 -3.62
CA LEU A 28 6.14 6.18 -2.58
C LEU A 28 5.53 6.46 -1.23
N PHE A 29 5.47 7.74 -0.88
CA PHE A 29 5.00 8.17 0.42
C PHE A 29 3.56 7.73 0.65
N MET A 30 2.66 8.11 -0.26
CA MET A 30 1.25 7.86 -0.05
C MET A 30 0.90 6.39 -0.23
N ALA A 31 1.69 5.67 -1.02
CA ALA A 31 1.51 4.24 -1.13
C ALA A 31 1.86 3.58 0.20
N LEU A 32 2.96 4.03 0.80
CA LEU A 32 3.38 3.55 2.11
C LEU A 32 2.31 3.90 3.14
N VAL A 33 1.82 5.14 3.07
CA VAL A 33 0.75 5.60 3.97
C VAL A 33 -0.49 4.73 3.82
N ALA A 34 -0.94 4.56 2.57
CA ALA A 34 -2.10 3.74 2.28
C ALA A 34 -1.90 2.33 2.81
N PHE A 35 -0.74 1.76 2.52
CA PHE A 35 -0.39 0.43 2.97
C PHE A 35 -0.46 0.32 4.49
N LEU A 36 0.22 1.22 5.18
CA LEU A 36 0.29 1.18 6.63
C LEU A 36 -1.09 1.36 7.25
N ARG A 37 -1.88 2.28 6.69
CA ARG A 37 -3.21 2.57 7.22
C ARG A 37 -4.12 1.37 7.04
N PHE A 38 -4.19 0.87 5.82
CA PHE A 38 -5.13 -0.18 5.49
C PHE A 38 -4.71 -1.51 6.11
N LEU A 39 -3.42 -1.63 6.42
CA LEU A 39 -2.91 -2.86 7.00
C LEU A 39 -3.36 -3.00 8.45
N THR A 40 -2.88 -2.11 9.33
CA THR A 40 -3.20 -2.20 10.75
C THR A 40 -2.40 -1.20 11.59
N ILE A 41 -1.22 -0.84 11.14
CA ILE A 41 -0.30 -0.06 11.94
C ILE A 41 -0.64 1.45 11.87
N PRO A 42 -0.68 2.12 13.04
CA PRO A 42 -0.97 3.57 13.13
C PRO A 42 0.02 4.42 12.34
N PRO A 43 -0.49 5.44 11.62
CA PRO A 43 0.34 6.37 10.84
C PRO A 43 1.35 7.13 11.69
N THR A 44 2.46 7.48 11.05
CA THR A 44 3.54 8.21 11.70
C THR A 44 3.09 9.61 12.11
N ALA A 45 3.77 10.18 13.10
CA ALA A 45 3.39 11.49 13.64
C ALA A 45 3.30 12.54 12.54
N GLY A 46 4.34 12.63 11.73
CA GLY A 46 4.39 13.62 10.67
C GLY A 46 3.27 13.47 9.68
N ILE A 47 2.80 12.24 9.48
CA ILE A 47 1.69 11.98 8.59
C ILE A 47 0.41 12.61 9.16
N LEU A 48 0.13 12.32 10.41
CA LEU A 48 -1.08 12.84 11.05
C LEU A 48 -0.95 14.34 11.32
N LYS A 49 0.29 14.80 11.46
CA LYS A 49 0.56 16.21 11.71
C LYS A 49 0.42 17.05 10.45
N ARG A 50 1.20 16.73 9.42
CA ARG A 50 1.25 17.55 8.23
C ARG A 50 1.27 16.68 6.96
N TRP A 51 0.98 15.39 7.13
CA TRP A 51 0.99 14.44 6.03
C TRP A 51 2.37 14.34 5.39
N GLY A 52 3.40 14.45 6.25
CA GLY A 52 4.77 14.31 5.79
C GLY A 52 5.21 15.43 4.86
N THR A 53 4.95 15.26 3.58
CA THR A 53 5.35 16.24 2.58
C THR A 53 4.24 16.38 1.54
N ILE A 54 3.03 16.00 1.92
CA ILE A 54 1.89 16.03 1.02
C ILE A 54 1.43 17.44 0.73
N LYS A 55 1.48 17.81 -0.55
CA LYS A 55 0.87 19.04 -1.02
C LYS A 55 -0.51 18.71 -1.54
N LYS A 56 -1.46 19.59 -1.28
CA LYS A 56 -2.88 19.29 -1.53
C LYS A 56 -3.24 19.44 -3.00
N SER A 57 -2.50 18.75 -3.86
CA SER A 57 -2.75 18.74 -5.28
C SER A 57 -2.19 17.46 -5.89
N LYS A 58 -0.87 17.28 -5.79
CA LYS A 58 -0.22 16.06 -6.28
C LYS A 58 -0.77 14.85 -5.54
N ALA A 59 -0.97 14.99 -4.24
CA ALA A 59 -1.52 13.91 -3.43
C ALA A 59 -2.93 13.60 -3.85
N ILE A 60 -3.67 14.63 -4.24
CA ILE A 60 -5.03 14.46 -4.73
C ILE A 60 -4.99 13.64 -6.01
N ASN A 61 -4.10 14.03 -6.91
CA ASN A 61 -3.91 13.31 -8.17
C ASN A 61 -3.50 11.87 -7.90
N VAL A 62 -2.59 11.71 -6.95
CA VAL A 62 -2.13 10.39 -6.52
C VAL A 62 -3.32 9.54 -6.04
N LEU A 63 -4.09 10.09 -5.12
CA LEU A 63 -5.23 9.39 -4.56
C LEU A 63 -6.27 9.09 -5.64
N ARG A 64 -6.49 10.04 -6.53
CA ARG A 64 -7.40 9.84 -7.64
C ARG A 64 -6.95 8.66 -8.50
N GLY A 65 -5.70 8.68 -8.92
CA GLY A 65 -5.17 7.61 -9.74
C GLY A 65 -5.15 6.28 -9.01
N PHE A 66 -4.85 6.34 -7.71
CA PHE A 66 -4.81 5.16 -6.88
C PHE A 66 -6.19 4.51 -6.82
N ARG A 67 -7.20 5.30 -6.44
CA ARG A 67 -8.56 4.77 -6.33
C ARG A 67 -9.10 4.42 -7.71
N LYS A 68 -8.59 5.10 -8.72
CA LYS A 68 -8.93 4.80 -10.10
C LYS A 68 -8.48 3.38 -10.45
N GLU A 69 -7.23 3.08 -10.16
CA GLU A 69 -6.69 1.76 -10.41
C GLU A 69 -7.36 0.72 -9.53
N ILE A 70 -7.68 1.11 -8.30
CA ILE A 70 -8.42 0.25 -7.40
C ILE A 70 -9.78 -0.11 -8.00
N GLY A 71 -10.48 0.90 -8.49
CA GLY A 71 -11.75 0.68 -9.16
C GLY A 71 -11.59 -0.16 -10.40
N ARG A 72 -10.52 0.10 -11.14
CA ARG A 72 -10.18 -0.66 -12.34
C ARG A 72 -10.03 -2.14 -11.99
N MET A 73 -9.23 -2.43 -10.97
CA MET A 73 -9.01 -3.80 -10.52
C MET A 73 -10.28 -4.40 -9.95
N LEU A 74 -11.07 -3.57 -9.27
CA LEU A 74 -12.36 -3.98 -8.75
C LEU A 74 -13.26 -4.41 -9.91
N ASN A 75 -13.24 -3.63 -10.98
CA ASN A 75 -13.99 -3.96 -12.18
C ASN A 75 -13.48 -5.25 -12.79
N ILE A 76 -12.16 -5.41 -12.82
CA ILE A 76 -11.55 -6.65 -13.28
C ILE A 76 -12.08 -7.83 -12.48
N LEU A 77 -11.98 -7.73 -11.16
CA LEU A 77 -12.37 -8.81 -10.28
C LEU A 77 -13.87 -9.11 -10.35
N ASN A 78 -14.68 -8.06 -10.31
CA ASN A 78 -16.13 -8.23 -10.23
C ASN A 78 -16.73 -8.59 -11.59
N ARG A 79 -16.25 -7.93 -12.64
CA ARG A 79 -16.83 -8.09 -13.97
C ARG A 79 -16.09 -9.16 -14.76
N ARG A 80 -14.78 -9.23 -14.60
CA ARG A 80 -13.94 -10.14 -15.37
C ARG A 80 -14.16 -9.96 -16.87
N ARG A 81 -13.53 -8.94 -17.44
CA ARG A 81 -13.67 -8.65 -18.86
C ARG A 81 -12.70 -9.46 -19.68
N ARG A 82 -11.87 -10.25 -19.01
CA ARG A 82 -10.91 -11.11 -19.68
C ARG A 82 -11.61 -12.30 -20.31
N MET B 1 18.57 -20.39 -7.82
CA MET B 1 18.92 -19.71 -6.55
C MET B 1 17.68 -19.45 -5.71
N ARG B 2 17.01 -18.33 -5.98
CA ARG B 2 15.80 -17.98 -5.25
C ARG B 2 14.94 -17.03 -6.08
N ASN B 3 15.18 -17.03 -7.39
CA ASN B 3 14.45 -16.16 -8.30
C ASN B 3 13.11 -16.80 -8.66
N ARG B 4 12.04 -16.08 -8.42
CA ARG B 4 10.71 -16.58 -8.72
C ARG B 4 10.10 -15.85 -9.90
N VAL B 5 9.93 -14.54 -9.75
CA VAL B 5 9.33 -13.73 -10.79
C VAL B 5 9.46 -12.24 -10.48
N SER B 6 8.83 -11.80 -9.41
CA SER B 6 8.81 -10.39 -9.03
C SER B 6 8.01 -10.22 -7.75
N THR B 7 8.48 -9.33 -6.88
CA THR B 7 7.83 -9.01 -5.61
C THR B 7 7.45 -10.27 -4.83
N VAL B 8 8.47 -11.02 -4.42
CA VAL B 8 8.26 -12.21 -3.62
C VAL B 8 9.56 -12.64 -2.97
N GLN B 9 10.63 -12.63 -3.76
CA GLN B 9 11.95 -12.98 -3.27
C GLN B 9 12.36 -12.04 -2.14
N GLN B 10 12.24 -10.75 -2.39
CA GLN B 10 12.56 -9.75 -1.37
C GLN B 10 11.66 -9.90 -0.16
N LEU B 11 10.42 -10.33 -0.41
CA LEU B 11 9.44 -10.47 0.66
C LEU B 11 9.79 -11.65 1.55
N THR B 12 10.22 -12.75 0.94
CA THR B 12 10.60 -13.93 1.70
C THR B 12 11.99 -13.76 2.30
N LYS B 13 12.79 -12.87 1.71
CA LYS B 13 14.09 -12.53 2.30
C LYS B 13 13.92 -11.60 3.49
N ARG B 14 12.93 -10.72 3.41
CA ARG B 14 12.64 -9.79 4.51
C ARG B 14 12.28 -10.54 5.78
N PHE B 15 12.95 -10.18 6.86
CA PHE B 15 12.65 -10.75 8.17
C PHE B 15 12.33 -9.62 9.15
N SER B 16 11.12 -9.09 9.03
CA SER B 16 10.68 -8.00 9.89
C SER B 16 9.77 -8.54 10.99
N LEU B 17 9.73 -9.87 11.11
CA LEU B 17 8.86 -10.55 12.07
C LEU B 17 7.40 -10.22 11.78
N GLY B 18 7.08 -10.09 10.51
CA GLY B 18 5.73 -9.74 10.11
C GLY B 18 5.09 -10.80 9.25
N MET B 19 3.94 -10.48 8.68
CA MET B 19 3.22 -11.43 7.84
C MET B 19 3.74 -11.35 6.40
N LEU B 20 5.02 -11.64 6.25
CA LEU B 20 5.69 -11.52 4.97
C LEU B 20 5.88 -12.88 4.31
N GLN B 21 5.16 -13.88 4.81
CA GLN B 21 5.26 -15.22 4.28
C GLN B 21 3.88 -15.86 4.22
N GLY B 22 3.53 -16.41 3.06
CA GLY B 22 2.28 -17.14 2.91
C GLY B 22 1.08 -16.23 2.69
N ARG B 23 0.88 -15.29 3.60
CA ARG B 23 -0.27 -14.37 3.57
C ARG B 23 -1.57 -15.10 3.92
N GLY B 24 -2.63 -14.34 4.09
CA GLY B 24 -3.90 -14.89 4.48
C GLY B 24 -5.01 -13.85 4.44
N PRO B 25 -4.92 -12.81 5.29
CA PRO B 25 -5.88 -11.71 5.28
C PRO B 25 -5.86 -10.98 3.96
N LEU B 26 -7.04 -10.72 3.43
CA LEU B 26 -7.19 -10.07 2.15
C LEU B 26 -6.73 -8.63 2.23
N LYS B 27 -6.88 -8.04 3.41
CA LYS B 27 -6.40 -6.69 3.65
C LYS B 27 -4.88 -6.64 3.47
N LEU B 28 -4.20 -7.51 4.19
CA LEU B 28 -2.74 -7.64 4.09
C LEU B 28 -2.32 -7.84 2.64
N PHE B 29 -2.92 -8.84 2.01
CA PHE B 29 -2.58 -9.21 0.66
C PHE B 29 -2.80 -8.04 -0.30
N MET B 30 -4.02 -7.51 -0.33
CA MET B 30 -4.38 -6.52 -1.32
C MET B 30 -3.73 -5.17 -1.01
N ALA B 31 -3.43 -4.91 0.25
CA ALA B 31 -2.68 -3.72 0.61
C ALA B 31 -1.27 -3.83 0.06
N LEU B 32 -0.67 -5.02 0.21
CA LEU B 32 0.65 -5.28 -0.33
C LEU B 32 0.60 -5.16 -1.85
N VAL B 33 -0.43 -5.74 -2.46
CA VAL B 33 -0.63 -5.65 -3.91
C VAL B 33 -0.75 -4.20 -4.35
N ALA B 34 -1.63 -3.47 -3.70
CA ALA B 34 -1.83 -2.05 -4.01
C ALA B 34 -0.53 -1.28 -3.89
N PHE B 35 0.16 -1.52 -2.77
CA PHE B 35 1.45 -0.89 -2.50
C PHE B 35 2.45 -1.18 -3.61
N LEU B 36 2.63 -2.46 -3.93
CA LEU B 36 3.63 -2.86 -4.92
C LEU B 36 3.28 -2.30 -6.29
N ARG B 37 2.00 -2.34 -6.65
CA ARG B 37 1.56 -1.86 -7.95
C ARG B 37 1.77 -0.37 -8.08
N PHE B 38 1.28 0.38 -7.11
CA PHE B 38 1.30 1.83 -7.17
C PHE B 38 2.72 2.36 -6.99
N LEU B 39 3.57 1.57 -6.36
CA LEU B 39 4.93 1.98 -6.12
C LEU B 39 5.74 1.96 -7.42
N THR B 40 5.97 0.77 -7.99
CA THR B 40 6.78 0.64 -9.20
C THR B 40 7.05 -0.82 -9.57
N ILE B 41 7.07 -1.70 -8.57
CA ILE B 41 7.50 -3.06 -8.77
C ILE B 41 6.37 -3.93 -9.35
N PRO B 42 6.68 -4.72 -10.41
CA PRO B 42 5.70 -5.62 -11.05
C PRO B 42 5.11 -6.66 -10.08
N PRO B 43 3.78 -6.88 -10.17
CA PRO B 43 3.07 -7.86 -9.33
C PRO B 43 3.60 -9.28 -9.50
N THR B 44 3.47 -10.05 -8.43
CA THR B 44 3.92 -11.44 -8.41
C THR B 44 3.11 -12.30 -9.38
N ALA B 45 3.68 -13.41 -9.82
CA ALA B 45 3.04 -14.27 -10.79
C ALA B 45 1.64 -14.68 -10.34
N GLY B 46 1.54 -15.18 -9.11
CA GLY B 46 0.27 -15.64 -8.59
C GLY B 46 -0.78 -14.56 -8.57
N ILE B 47 -0.35 -13.31 -8.38
CA ILE B 47 -1.26 -12.18 -8.39
C ILE B 47 -1.86 -12.01 -9.78
N LEU B 48 -1.02 -11.96 -10.78
CA LEU B 48 -1.47 -11.78 -12.15
C LEU B 48 -2.17 -13.03 -12.67
N LYS B 49 -1.82 -14.17 -12.11
CA LYS B 49 -2.42 -15.44 -12.50
C LYS B 49 -3.82 -15.60 -11.91
N ARG B 50 -3.91 -15.59 -10.59
CA ARG B 50 -5.17 -15.87 -9.91
C ARG B 50 -5.41 -14.90 -8.76
N TRP B 51 -4.63 -13.84 -8.71
CA TRP B 51 -4.73 -12.84 -7.65
C TRP B 51 -4.45 -13.45 -6.28
N GLY B 52 -3.52 -14.40 -6.26
CA GLY B 52 -3.11 -15.04 -5.03
C GLY B 52 -4.19 -15.87 -4.38
N THR B 53 -5.02 -15.23 -3.58
CA THR B 53 -6.10 -15.91 -2.88
C THR B 53 -7.35 -15.05 -2.88
N ILE B 54 -7.41 -14.11 -3.82
CA ILE B 54 -8.52 -13.17 -3.91
C ILE B 54 -9.80 -13.84 -4.38
N LYS B 55 -10.81 -13.81 -3.52
CA LYS B 55 -12.15 -14.18 -3.90
C LYS B 55 -12.90 -12.93 -4.32
N LYS B 56 -13.72 -13.05 -5.36
CA LYS B 56 -14.33 -11.89 -6.00
C LYS B 56 -15.54 -11.36 -5.21
N SER B 57 -15.30 -11.09 -3.94
CA SER B 57 -16.32 -10.53 -3.06
C SER B 57 -15.64 -9.78 -1.92
N LYS B 58 -14.88 -10.49 -1.10
CA LYS B 58 -14.13 -9.87 -0.02
C LYS B 58 -13.16 -8.84 -0.56
N ALA B 59 -12.50 -9.18 -1.67
CA ALA B 59 -11.56 -8.29 -2.30
C ALA B 59 -12.27 -7.05 -2.81
N ILE B 60 -13.49 -7.24 -3.30
CA ILE B 60 -14.32 -6.13 -3.75
C ILE B 60 -14.61 -5.20 -2.59
N ASN B 61 -15.03 -5.79 -1.47
CA ASN B 61 -15.29 -5.03 -0.25
C ASN B 61 -14.03 -4.31 0.21
N VAL B 62 -12.91 -5.02 0.15
CA VAL B 62 -11.61 -4.47 0.49
C VAL B 62 -11.31 -3.24 -0.37
N LEU B 63 -11.41 -3.41 -1.68
CA LEU B 63 -11.13 -2.33 -2.63
C LEU B 63 -12.09 -1.17 -2.43
N ARG B 64 -13.36 -1.48 -2.19
CA ARG B 64 -14.35 -0.46 -1.92
C ARG B 64 -13.96 0.35 -0.69
N GLY B 65 -13.68 -0.33 0.41
CA GLY B 65 -13.29 0.34 1.63
C GLY B 65 -11.99 1.10 1.48
N PHE B 66 -11.07 0.52 0.72
CA PHE B 66 -9.77 1.13 0.46
C PHE B 66 -9.96 2.45 -0.29
N ARG B 67 -10.66 2.39 -1.42
CA ARG B 67 -10.87 3.60 -2.21
C ARG B 67 -11.77 4.57 -1.47
N LYS B 68 -12.62 4.04 -0.60
CA LYS B 68 -13.47 4.85 0.25
C LYS B 68 -12.59 5.71 1.17
N GLU B 69 -11.65 5.06 1.85
CA GLU B 69 -10.74 5.77 2.74
C GLU B 69 -9.84 6.71 1.95
N ILE B 70 -9.44 6.28 0.76
CA ILE B 70 -8.65 7.12 -0.13
C ILE B 70 -9.44 8.39 -0.47
N GLY B 71 -10.70 8.22 -0.83
CA GLY B 71 -11.56 9.36 -1.10
C GLY B 71 -11.76 10.23 0.13
N ARG B 72 -11.89 9.57 1.27
CA ARG B 72 -12.04 10.25 2.56
C ARG B 72 -10.82 11.14 2.81
N MET B 73 -9.63 10.56 2.65
CA MET B 73 -8.39 11.31 2.86
C MET B 73 -8.23 12.39 1.80
N LEU B 74 -8.66 12.07 0.58
CA LEU B 74 -8.66 13.04 -0.51
C LEU B 74 -9.53 14.23 -0.13
N ASN B 75 -10.70 13.95 0.44
CA ASN B 75 -11.59 14.98 0.91
C ASN B 75 -10.94 15.78 2.03
N ILE B 76 -10.26 15.08 2.93
CA ILE B 76 -9.52 15.73 3.99
C ILE B 76 -8.50 16.71 3.40
N LEU B 77 -7.68 16.21 2.48
CA LEU B 77 -6.61 16.99 1.89
C LEU B 77 -7.16 18.17 1.08
N ASN B 78 -8.15 17.90 0.25
CA ASN B 78 -8.65 18.90 -0.69
C ASN B 78 -9.56 19.91 0.00
N ARG B 79 -10.43 19.42 0.88
CA ARG B 79 -11.43 20.27 1.51
C ARG B 79 -10.94 20.81 2.85
N ARG B 80 -10.20 19.99 3.58
CA ARG B 80 -9.74 20.35 4.93
C ARG B 80 -10.91 20.77 5.82
N ARG B 81 -11.62 19.79 6.34
CA ARG B 81 -12.77 20.06 7.19
C ARG B 81 -12.36 20.28 8.64
N ARG B 82 -11.05 20.16 8.89
CA ARG B 82 -10.51 20.37 10.22
C ARG B 82 -10.48 21.85 10.55
CA MET A 1 16.30 6.75 19.88
C MET A 1 15.44 5.77 20.65
N ARG A 2 15.78 4.48 20.56
CA ARG A 2 15.03 3.42 21.20
C ARG A 2 13.57 3.45 20.76
N ASN A 3 13.35 3.10 19.49
CA ASN A 3 12.02 3.09 18.88
C ASN A 3 11.51 4.51 18.65
N ARG A 4 11.39 4.86 17.38
CA ARG A 4 10.94 6.17 16.97
C ARG A 4 9.48 6.40 17.36
N VAL A 5 8.60 5.52 16.86
CA VAL A 5 7.18 5.63 17.12
C VAL A 5 6.42 4.41 16.59
N SER A 6 6.34 4.27 15.28
CA SER A 6 5.61 3.18 14.64
C SER A 6 5.98 3.11 13.16
N THR A 7 6.18 1.90 12.67
CA THR A 7 6.47 1.64 11.25
C THR A 7 7.88 2.09 10.85
N VAL A 8 8.17 3.36 11.05
CA VAL A 8 9.47 3.93 10.65
C VAL A 8 10.63 3.23 11.36
N GLN A 9 10.31 2.49 12.42
CA GLN A 9 11.32 1.78 13.18
C GLN A 9 11.92 0.65 12.35
N GLN A 10 11.08 -0.07 11.61
CA GLN A 10 11.57 -1.13 10.74
C GLN A 10 12.40 -0.53 9.62
N LEU A 11 12.02 0.67 9.21
CA LEU A 11 12.74 1.39 8.16
C LEU A 11 14.11 1.81 8.70
N THR A 12 14.14 2.12 9.98
CA THR A 12 15.38 2.49 10.66
C THR A 12 16.28 1.27 10.82
N LYS A 13 15.66 0.10 11.00
CA LYS A 13 16.40 -1.14 11.16
C LYS A 13 16.91 -1.67 9.83
N ARG A 14 16.38 -1.14 8.74
CA ARG A 14 16.84 -1.54 7.41
C ARG A 14 18.16 -0.86 7.09
N PHE A 15 18.96 -1.49 6.24
CA PHE A 15 20.31 -1.02 5.93
C PHE A 15 20.30 0.44 5.46
N SER A 16 19.73 0.68 4.30
CA SER A 16 19.67 2.03 3.75
C SER A 16 18.44 2.21 2.88
N LEU A 17 17.78 3.35 3.03
CA LEU A 17 16.56 3.64 2.27
C LEU A 17 16.63 5.03 1.66
N GLY A 18 17.85 5.51 1.42
CA GLY A 18 18.02 6.82 0.81
C GLY A 18 17.96 7.95 1.82
N MET A 19 17.77 7.60 3.10
CA MET A 19 17.67 8.59 4.17
C MET A 19 16.53 9.57 3.93
N LEU A 20 15.45 9.07 3.35
CA LEU A 20 14.31 9.91 3.00
C LEU A 20 13.13 9.58 3.90
N GLN A 21 12.80 10.49 4.82
CA GLN A 21 11.69 10.28 5.75
C GLN A 21 10.35 10.38 5.02
N GLY A 22 10.33 11.18 3.95
CA GLY A 22 9.12 11.33 3.16
C GLY A 22 9.17 10.51 1.90
N ARG A 23 10.10 9.55 1.87
CA ARG A 23 10.30 8.65 0.74
C ARG A 23 10.74 9.41 -0.51
N GLY A 24 10.93 8.70 -1.60
CA GLY A 24 11.31 9.34 -2.84
C GLY A 24 10.11 9.84 -3.60
N PRO A 25 9.46 8.97 -4.40
CA PRO A 25 8.26 9.32 -5.15
C PRO A 25 7.07 9.58 -4.23
N LEU A 26 6.30 10.60 -4.57
CA LEU A 26 5.13 10.98 -3.79
C LEU A 26 4.10 9.86 -3.84
N LYS A 27 4.04 9.18 -4.98
CA LYS A 27 3.19 8.01 -5.14
C LYS A 27 3.57 6.93 -4.14
N LEU A 28 4.88 6.77 -3.92
CA LEU A 28 5.38 5.73 -3.03
C LEU A 28 5.10 6.11 -1.59
N PHE A 29 5.25 7.39 -1.28
CA PHE A 29 4.93 7.90 0.02
C PHE A 29 3.46 7.66 0.35
N MET A 30 2.59 8.07 -0.56
CA MET A 30 1.16 7.92 -0.37
C MET A 30 0.79 6.46 -0.27
N ALA A 31 1.36 5.63 -1.14
CA ALA A 31 1.08 4.20 -1.13
C ALA A 31 1.51 3.58 0.19
N LEU A 32 2.61 4.05 0.74
CA LEU A 32 3.11 3.59 2.02
C LEU A 32 2.13 3.98 3.12
N VAL A 33 1.67 5.22 3.07
CA VAL A 33 0.69 5.71 4.03
C VAL A 33 -0.61 4.92 3.91
N ALA A 34 -1.04 4.72 2.67
CA ALA A 34 -2.26 3.98 2.38
C ALA A 34 -2.17 2.54 2.88
N PHE A 35 -1.05 1.90 2.58
CA PHE A 35 -0.80 0.52 3.00
C PHE A 35 -0.99 0.36 4.51
N LEU A 36 -0.41 1.28 5.27
CA LEU A 36 -0.49 1.24 6.72
C LEU A 36 -1.89 1.59 7.21
N ARG A 37 -2.40 2.70 6.71
CA ARG A 37 -3.67 3.26 7.18
C ARG A 37 -4.85 2.35 6.85
N PHE A 38 -4.77 1.65 5.73
CA PHE A 38 -5.85 0.77 5.32
C PHE A 38 -5.97 -0.43 6.26
N LEU A 39 -4.88 -0.78 6.90
CA LEU A 39 -4.88 -1.89 7.84
C LEU A 39 -5.26 -1.42 9.23
N THR A 40 -4.31 -0.79 9.92
CA THR A 40 -4.51 -0.36 11.30
C THR A 40 -3.20 0.11 11.90
N ILE A 41 -2.10 -0.45 11.39
CA ILE A 41 -0.76 -0.09 11.84
C ILE A 41 -0.51 1.40 11.65
N PRO A 42 -0.23 2.12 12.75
CA PRO A 42 0.04 3.56 12.71
C PRO A 42 1.30 3.89 11.93
N PRO A 43 1.19 4.78 10.94
CA PRO A 43 2.34 5.33 10.23
C PRO A 43 3.21 6.18 11.14
N THR A 44 4.27 6.75 10.58
CA THR A 44 5.17 7.60 11.34
C THR A 44 4.41 8.82 11.89
N ALA A 45 4.83 9.31 13.05
CA ALA A 45 4.12 10.39 13.74
C ALA A 45 3.85 11.56 12.82
N GLY A 46 4.89 12.00 12.12
CA GLY A 46 4.77 13.14 11.22
C GLY A 46 3.75 12.91 10.12
N ILE A 47 3.53 11.64 9.76
CA ILE A 47 2.57 11.30 8.73
C ILE A 47 1.14 11.50 9.23
N LEU A 48 0.92 11.21 10.50
CA LEU A 48 -0.40 11.37 11.08
C LEU A 48 -0.64 12.82 11.50
N LYS A 49 0.43 13.48 11.92
CA LYS A 49 0.34 14.87 12.38
C LYS A 49 0.28 15.84 11.20
N ARG A 50 1.29 15.77 10.34
CA ARG A 50 1.44 16.74 9.26
C ARG A 50 1.43 16.07 7.89
N TRP A 51 1.05 14.79 7.87
CA TRP A 51 0.98 14.02 6.63
C TRP A 51 2.36 13.86 6.00
N GLY A 52 3.39 13.93 6.82
CA GLY A 52 4.75 13.79 6.35
C GLY A 52 5.13 14.90 5.38
N THR A 53 4.96 14.64 4.09
CA THR A 53 5.34 15.60 3.07
C THR A 53 4.41 15.52 1.86
N ILE A 54 3.22 14.96 2.06
CA ILE A 54 2.27 14.86 0.97
C ILE A 54 1.49 16.16 0.81
N LYS A 55 2.05 17.05 -0.01
CA LYS A 55 1.41 18.32 -0.31
C LYS A 55 0.07 18.07 -0.99
N LYS A 56 -0.93 18.83 -0.54
CA LYS A 56 -2.32 18.62 -0.97
C LYS A 56 -2.49 18.78 -2.48
N SER A 57 -1.64 19.61 -3.07
CA SER A 57 -1.62 19.76 -4.51
C SER A 57 -0.95 18.52 -5.11
N LYS A 58 -1.51 18.02 -6.21
CA LYS A 58 -1.04 16.79 -6.86
C LYS A 58 -1.47 15.55 -6.07
N ALA A 59 -1.46 15.65 -4.75
CA ALA A 59 -1.89 14.55 -3.89
C ALA A 59 -3.31 14.13 -4.24
N ILE A 60 -4.15 15.13 -4.50
CA ILE A 60 -5.53 14.88 -4.92
C ILE A 60 -5.54 14.01 -6.16
N ASN A 61 -4.62 14.28 -7.08
CA ASN A 61 -4.53 13.53 -8.32
C ASN A 61 -3.96 12.15 -8.07
N VAL A 62 -3.05 12.06 -7.12
CA VAL A 62 -2.48 10.78 -6.71
C VAL A 62 -3.56 9.88 -6.11
N LEU A 63 -4.29 10.44 -5.14
CA LEU A 63 -5.38 9.73 -4.49
C LEU A 63 -6.45 9.34 -5.50
N ARG A 64 -6.82 10.30 -6.34
CA ARG A 64 -7.83 10.09 -7.37
C ARG A 64 -7.40 9.01 -8.36
N GLY A 65 -6.11 9.00 -8.68
CA GLY A 65 -5.59 8.01 -9.60
C GLY A 65 -5.48 6.63 -8.99
N PHE A 66 -5.18 6.58 -7.69
CA PHE A 66 -5.08 5.31 -6.97
C PHE A 66 -6.44 4.62 -6.96
N ARG A 67 -7.46 5.33 -6.50
CA ARG A 67 -8.81 4.76 -6.44
C ARG A 67 -9.31 4.41 -7.83
N LYS A 68 -8.82 5.14 -8.84
CA LYS A 68 -9.17 4.87 -10.22
C LYS A 68 -8.69 3.47 -10.63
N GLU A 69 -7.44 3.15 -10.28
CA GLU A 69 -6.88 1.84 -10.61
C GLU A 69 -7.47 0.75 -9.71
N ILE A 70 -7.85 1.14 -8.49
CA ILE A 70 -8.59 0.24 -7.62
C ILE A 70 -9.92 -0.12 -8.26
N GLY A 71 -10.56 0.88 -8.85
CA GLY A 71 -11.80 0.66 -9.58
C GLY A 71 -11.59 -0.28 -10.76
N ARG A 72 -10.42 -0.20 -11.38
CA ARG A 72 -10.05 -1.10 -12.46
C ARG A 72 -9.95 -2.53 -11.95
N MET A 73 -9.23 -2.72 -10.85
CA MET A 73 -9.07 -4.05 -10.26
C MET A 73 -10.42 -4.58 -9.79
N LEU A 74 -11.24 -3.70 -9.24
CA LEU A 74 -12.59 -4.05 -8.83
C LEU A 74 -13.38 -4.53 -10.03
N ASN A 75 -13.23 -3.82 -11.14
CA ASN A 75 -13.86 -4.22 -12.40
C ASN A 75 -13.37 -5.59 -12.83
N ILE A 76 -12.09 -5.84 -12.66
CA ILE A 76 -11.48 -7.10 -13.05
C ILE A 76 -12.00 -8.25 -12.20
N LEU A 77 -12.26 -7.98 -10.93
CA LEU A 77 -12.74 -9.02 -10.03
C LEU A 77 -14.26 -9.13 -10.08
N ASN A 78 -14.93 -8.07 -10.49
CA ASN A 78 -16.39 -8.06 -10.56
C ASN A 78 -16.86 -8.61 -11.90
N ARG A 79 -16.32 -8.07 -12.97
CA ARG A 79 -16.72 -8.45 -14.32
C ARG A 79 -15.80 -9.52 -14.87
N ARG A 80 -14.55 -9.47 -14.43
CA ARG A 80 -13.49 -10.32 -14.96
C ARG A 80 -13.33 -10.08 -16.45
N ARG A 81 -12.64 -9.00 -16.79
CA ARG A 81 -12.41 -8.64 -18.18
C ARG A 81 -11.25 -9.46 -18.77
N ARG A 82 -11.10 -10.67 -18.28
CA ARG A 82 -10.04 -11.56 -18.72
C ARG A 82 -10.63 -12.93 -19.02
N MET B 1 16.74 -21.64 -5.31
CA MET B 1 15.79 -20.60 -5.75
C MET B 1 16.51 -19.56 -6.58
N ARG B 2 17.41 -18.80 -5.94
CA ARG B 2 18.16 -17.74 -6.60
C ARG B 2 17.20 -16.72 -7.23
N ASN B 3 16.50 -15.98 -6.36
CA ASN B 3 15.51 -14.99 -6.78
C ASN B 3 14.25 -15.65 -7.31
N ARG B 4 13.17 -15.46 -6.58
CA ARG B 4 11.87 -16.03 -6.93
C ARG B 4 11.33 -15.39 -8.19
N VAL B 5 11.18 -14.07 -8.16
CA VAL B 5 10.62 -13.33 -9.29
C VAL B 5 10.70 -11.82 -9.07
N SER B 6 9.92 -11.30 -8.14
CA SER B 6 9.87 -9.87 -7.84
C SER B 6 9.14 -9.64 -6.52
N THR B 7 9.67 -8.74 -5.70
CA THR B 7 9.07 -8.34 -4.43
C THR B 7 9.15 -9.43 -3.36
N VAL B 8 8.63 -10.62 -3.66
CA VAL B 8 8.61 -11.72 -2.70
C VAL B 8 10.02 -12.12 -2.29
N GLN B 9 11.01 -11.68 -3.04
CA GLN B 9 12.39 -12.00 -2.76
C GLN B 9 12.85 -11.32 -1.47
N GLN B 10 12.44 -10.06 -1.28
CA GLN B 10 12.78 -9.34 -0.06
C GLN B 10 12.06 -9.99 1.12
N LEU B 11 10.87 -10.52 0.85
CA LEU B 11 10.09 -11.21 1.86
C LEU B 11 10.78 -12.52 2.24
N THR B 12 11.43 -13.13 1.26
CA THR B 12 12.17 -14.35 1.46
C THR B 12 13.45 -14.07 2.24
N LYS B 13 14.01 -12.88 2.04
CA LYS B 13 15.24 -12.48 2.73
C LYS B 13 14.95 -12.05 4.16
N ARG B 14 13.68 -11.77 4.46
CA ARG B 14 13.30 -11.41 5.82
C ARG B 14 13.27 -12.64 6.72
N PHE B 15 13.48 -12.44 8.01
CA PHE B 15 13.59 -13.54 8.96
C PHE B 15 12.39 -14.47 8.90
N SER B 16 11.23 -13.97 9.30
CA SER B 16 10.01 -14.78 9.30
C SER B 16 8.78 -13.90 9.09
N LEU B 17 7.87 -14.35 8.25
CA LEU B 17 6.67 -13.60 7.94
C LEU B 17 5.43 -14.50 8.05
N GLY B 18 5.53 -15.54 8.86
CA GLY B 18 4.41 -16.44 9.06
C GLY B 18 4.32 -17.50 7.98
N MET B 19 5.25 -17.48 7.04
CA MET B 19 5.28 -18.44 5.93
C MET B 19 3.98 -18.38 5.13
N LEU B 20 3.43 -17.18 4.99
CA LEU B 20 2.19 -17.00 4.27
C LEU B 20 2.42 -16.26 2.96
N GLN B 21 2.30 -16.97 1.85
CA GLN B 21 2.52 -16.38 0.52
C GLN B 21 1.39 -15.42 0.17
N GLY B 22 0.21 -15.70 0.70
CA GLY B 22 -0.95 -14.84 0.46
C GLY B 22 -1.21 -13.92 1.63
N ARG B 23 -0.20 -13.79 2.50
CA ARG B 23 -0.28 -12.94 3.69
C ARG B 23 -1.35 -13.43 4.67
N GLY B 24 -1.50 -12.72 5.78
CA GLY B 24 -2.53 -13.08 6.73
C GLY B 24 -3.87 -12.49 6.38
N PRO B 25 -4.13 -11.24 6.77
CA PRO B 25 -5.37 -10.53 6.44
C PRO B 25 -5.47 -10.25 4.95
N LEU B 26 -6.68 -10.41 4.42
CA LEU B 26 -6.95 -10.17 3.02
C LEU B 26 -6.75 -8.69 2.70
N LYS B 27 -7.07 -7.84 3.67
CA LYS B 27 -6.82 -6.42 3.57
C LYS B 27 -5.34 -6.14 3.38
N LEU B 28 -4.51 -6.90 4.08
CA LEU B 28 -3.07 -6.69 4.05
C LEU B 28 -2.52 -7.20 2.73
N PHE B 29 -3.06 -8.32 2.26
CA PHE B 29 -2.68 -8.86 0.97
C PHE B 29 -2.99 -7.85 -0.13
N MET B 30 -4.23 -7.36 -0.14
CA MET B 30 -4.66 -6.42 -1.15
C MET B 30 -3.84 -5.14 -1.07
N ALA B 31 -3.62 -4.64 0.14
CA ALA B 31 -2.85 -3.42 0.35
C ALA B 31 -1.42 -3.59 -0.17
N LEU B 32 -0.88 -4.79 0.03
CA LEU B 32 0.46 -5.11 -0.45
C LEU B 32 0.47 -5.09 -1.98
N VAL B 33 -0.54 -5.72 -2.58
CA VAL B 33 -0.70 -5.72 -4.03
C VAL B 33 -0.86 -4.29 -4.55
N ALA B 34 -1.71 -3.54 -3.88
CA ALA B 34 -1.99 -2.16 -4.25
C ALA B 34 -0.72 -1.30 -4.16
N PHE B 35 0.00 -1.45 -3.06
CA PHE B 35 1.23 -0.72 -2.83
C PHE B 35 2.20 -0.90 -3.99
N LEU B 36 2.37 -2.14 -4.42
CA LEU B 36 3.29 -2.46 -5.50
C LEU B 36 2.75 -1.98 -6.84
N ARG B 37 1.50 -2.33 -7.12
CA ARG B 37 0.88 -2.09 -8.42
C ARG B 37 0.71 -0.60 -8.69
N PHE B 38 0.47 0.18 -7.64
CA PHE B 38 0.27 1.62 -7.79
C PHE B 38 1.56 2.31 -8.23
N LEU B 39 2.69 1.70 -7.89
CA LEU B 39 3.98 2.25 -8.26
C LEU B 39 4.40 1.77 -9.64
N THR B 40 4.86 0.52 -9.70
CA THR B 40 5.39 -0.06 -10.94
C THR B 40 6.07 -1.39 -10.65
N ILE B 41 6.59 -1.52 -9.43
CA ILE B 41 7.26 -2.74 -9.00
C ILE B 41 6.32 -3.94 -9.11
N PRO B 42 6.69 -4.94 -9.92
CA PRO B 42 5.88 -6.15 -10.11
C PRO B 42 5.75 -6.96 -8.83
N PRO B 43 4.51 -7.26 -8.42
CA PRO B 43 4.23 -8.18 -7.33
C PRO B 43 4.68 -9.61 -7.66
N THR B 44 4.45 -10.53 -6.74
CA THR B 44 4.79 -11.92 -6.94
C THR B 44 4.05 -12.49 -8.15
N ALA B 45 4.68 -13.43 -8.86
CA ALA B 45 4.12 -13.97 -10.09
C ALA B 45 2.67 -14.41 -9.91
N GLY B 46 2.42 -15.18 -8.87
CA GLY B 46 1.09 -15.69 -8.60
C GLY B 46 0.06 -14.58 -8.40
N ILE B 47 0.53 -13.42 -7.94
CA ILE B 47 -0.34 -12.27 -7.72
C ILE B 47 -0.80 -11.68 -9.05
N LEU B 48 0.09 -11.67 -10.03
CA LEU B 48 -0.24 -11.14 -11.33
C LEU B 48 -0.98 -12.17 -12.17
N LYS B 49 -0.65 -13.43 -11.97
CA LYS B 49 -1.27 -14.52 -12.73
C LYS B 49 -2.64 -14.87 -12.18
N ARG B 50 -2.69 -15.20 -10.89
CA ARG B 50 -3.92 -15.70 -10.29
C ARG B 50 -4.37 -14.83 -9.14
N TRP B 51 -3.76 -13.65 -9.02
CA TRP B 51 -4.09 -12.70 -7.96
C TRP B 51 -3.79 -13.27 -6.59
N GLY B 52 -2.84 -14.19 -6.54
CA GLY B 52 -2.43 -14.80 -5.28
C GLY B 52 -3.57 -15.59 -4.64
N THR B 53 -4.31 -14.94 -3.76
CA THR B 53 -5.38 -15.59 -3.04
C THR B 53 -6.53 -14.62 -2.74
N ILE B 54 -6.58 -13.52 -3.49
CA ILE B 54 -7.64 -12.55 -3.28
C ILE B 54 -8.91 -12.97 -4.01
N LYS B 55 -9.75 -13.74 -3.32
CA LYS B 55 -11.02 -14.19 -3.85
C LYS B 55 -11.89 -13.00 -4.16
N LYS B 56 -12.54 -13.03 -5.32
CA LYS B 56 -13.30 -11.90 -5.85
C LYS B 56 -14.43 -11.50 -4.90
N SER B 57 -14.95 -12.47 -4.17
CA SER B 57 -15.95 -12.19 -3.15
C SER B 57 -15.27 -11.55 -1.96
N LYS B 58 -15.89 -10.52 -1.39
CA LYS B 58 -15.33 -9.72 -0.29
C LYS B 58 -14.24 -8.78 -0.79
N ALA B 59 -13.46 -9.23 -1.76
CA ALA B 59 -12.42 -8.38 -2.37
C ALA B 59 -13.03 -7.10 -2.90
N ILE B 60 -14.19 -7.23 -3.53
CA ILE B 60 -14.92 -6.08 -4.03
C ILE B 60 -15.18 -5.08 -2.91
N ASN B 61 -15.51 -5.60 -1.74
CA ASN B 61 -15.80 -4.76 -0.59
C ASN B 61 -14.52 -4.16 -0.03
N VAL B 62 -13.44 -4.94 -0.11
CA VAL B 62 -12.12 -4.47 0.32
C VAL B 62 -11.67 -3.31 -0.57
N LEU B 63 -11.74 -3.53 -1.89
CA LEU B 63 -11.36 -2.52 -2.86
C LEU B 63 -12.24 -1.28 -2.70
N ARG B 64 -13.54 -1.52 -2.59
CA ARG B 64 -14.53 -0.45 -2.44
C ARG B 64 -14.28 0.35 -1.16
N GLY B 65 -13.89 -0.35 -0.10
CA GLY B 65 -13.63 0.28 1.16
C GLY B 65 -12.33 1.07 1.15
N PHE B 66 -11.35 0.55 0.42
CA PHE B 66 -10.05 1.21 0.32
C PHE B 66 -10.21 2.56 -0.37
N ARG B 67 -10.83 2.55 -1.54
CA ARG B 67 -11.04 3.78 -2.29
C ARG B 67 -11.94 4.75 -1.51
N LYS B 68 -12.81 4.19 -0.67
CA LYS B 68 -13.67 4.98 0.17
C LYS B 68 -12.84 5.83 1.14
N GLU B 69 -11.86 5.19 1.77
CA GLU B 69 -11.00 5.88 2.72
C GLU B 69 -10.02 6.80 2.00
N ILE B 70 -9.65 6.42 0.78
CA ILE B 70 -8.86 7.29 -0.08
C ILE B 70 -9.65 8.56 -0.38
N GLY B 71 -10.95 8.39 -0.63
CA GLY B 71 -11.82 9.53 -0.82
C GLY B 71 -11.88 10.41 0.41
N ARG B 72 -11.81 9.79 1.58
CA ARG B 72 -11.77 10.53 2.84
C ARG B 72 -10.51 11.38 2.92
N MET B 73 -9.36 10.76 2.64
CA MET B 73 -8.08 11.46 2.67
C MET B 73 -8.05 12.56 1.62
N LEU B 74 -8.64 12.27 0.47
CA LEU B 74 -8.76 13.26 -0.61
C LEU B 74 -9.58 14.44 -0.11
N ASN B 75 -10.67 14.13 0.59
CA ASN B 75 -11.50 15.16 1.20
C ASN B 75 -10.69 15.98 2.20
N ILE B 76 -9.85 15.31 2.96
CA ILE B 76 -9.04 15.97 3.97
C ILE B 76 -8.01 16.89 3.33
N LEU B 77 -7.49 16.52 2.19
CA LEU B 77 -6.48 17.32 1.52
C LEU B 77 -7.13 18.36 0.60
N ASN B 78 -8.36 18.11 0.19
CA ASN B 78 -9.07 19.04 -0.69
C ASN B 78 -9.79 20.10 0.11
N ARG B 79 -10.57 19.67 1.09
CA ARG B 79 -11.37 20.57 1.91
C ARG B 79 -10.63 20.93 3.19
N ARG B 80 -9.81 19.99 3.66
CA ARG B 80 -9.14 20.11 4.95
C ARG B 80 -10.18 20.24 6.05
N ARG B 81 -10.75 19.12 6.44
CA ARG B 81 -11.75 19.09 7.50
C ARG B 81 -11.09 19.13 8.88
N ARG B 82 -9.95 19.79 8.95
CA ARG B 82 -9.20 19.91 10.18
C ARG B 82 -8.80 21.35 10.40
CA MET A 1 15.82 7.09 18.96
C MET A 1 15.27 5.68 19.16
N ARG A 2 15.07 5.28 20.42
CA ARG A 2 14.60 3.93 20.72
C ARG A 2 13.16 3.72 20.27
N ASN A 3 12.35 4.76 20.40
CA ASN A 3 10.96 4.68 20.00
C ASN A 3 10.57 5.91 19.19
N ARG A 4 9.56 5.77 18.35
CA ARG A 4 9.05 6.86 17.55
C ARG A 4 7.53 6.88 17.65
N VAL A 5 6.91 5.83 17.14
CA VAL A 5 5.47 5.66 17.19
C VAL A 5 5.08 4.31 16.56
N SER A 6 5.27 4.21 15.25
CA SER A 6 4.92 3.02 14.48
C SER A 6 5.47 3.18 13.06
N THR A 7 5.68 2.05 12.38
CA THR A 7 6.09 2.05 10.97
C THR A 7 7.55 2.52 10.79
N VAL A 8 7.81 3.78 11.06
CA VAL A 8 9.16 4.33 10.94
C VAL A 8 10.10 3.62 11.90
N GLN A 9 9.57 3.26 13.06
CA GLN A 9 10.33 2.57 14.08
C GLN A 9 10.65 1.15 13.59
N GLN A 10 9.71 0.58 12.85
CA GLN A 10 9.91 -0.70 12.19
C GLN A 10 10.99 -0.59 11.12
N LEU A 11 10.90 0.48 10.34
CA LEU A 11 11.88 0.76 9.28
C LEU A 11 13.26 1.00 9.89
N THR A 12 13.25 1.50 11.13
CA THR A 12 14.49 1.71 11.86
C THR A 12 15.06 0.38 12.39
N LYS A 13 14.23 -0.38 13.09
CA LYS A 13 14.68 -1.61 13.75
C LYS A 13 14.99 -2.72 12.75
N ARG A 14 14.39 -2.67 11.56
CA ARG A 14 14.67 -3.68 10.54
C ARG A 14 16.13 -3.64 10.12
N PHE A 15 16.70 -2.43 10.11
CA PHE A 15 18.09 -2.24 9.70
C PHE A 15 18.50 -0.79 9.97
N SER A 16 19.54 -0.61 10.77
CA SER A 16 20.04 0.70 11.11
C SER A 16 20.74 1.33 9.91
N LEU A 17 20.46 2.60 9.65
CA LEU A 17 21.00 3.32 8.51
C LEU A 17 20.61 2.62 7.21
N GLY A 18 19.30 2.53 6.97
CA GLY A 18 18.80 1.89 5.79
C GLY A 18 18.69 2.85 4.61
N MET A 19 17.89 2.47 3.62
CA MET A 19 17.70 3.30 2.44
C MET A 19 16.59 4.31 2.68
N LEU A 20 16.82 5.22 3.61
CA LEU A 20 15.85 6.24 3.96
C LEU A 20 16.00 7.44 3.04
N GLN A 21 15.46 7.32 1.84
CA GLN A 21 15.55 8.37 0.84
C GLN A 21 14.53 9.47 1.13
N GLY A 22 13.47 9.10 1.82
CA GLY A 22 12.42 10.05 2.12
C GLY A 22 11.27 9.95 1.14
N ARG A 23 11.25 8.86 0.38
CA ARG A 23 10.23 8.61 -0.64
C ARG A 23 10.33 9.65 -1.75
N GLY A 24 11.12 9.33 -2.76
CA GLY A 24 11.29 10.20 -3.91
C GLY A 24 9.96 10.50 -4.61
N PRO A 25 9.28 9.48 -5.14
CA PRO A 25 7.97 9.65 -5.75
C PRO A 25 6.87 9.83 -4.71
N LEU A 26 6.00 10.81 -4.94
CA LEU A 26 4.89 11.09 -4.04
C LEU A 26 3.92 9.91 -4.08
N LYS A 27 3.87 9.23 -5.22
CA LYS A 27 3.07 8.02 -5.36
C LYS A 27 3.52 6.97 -4.37
N LEU A 28 4.84 6.81 -4.24
CA LEU A 28 5.41 5.85 -3.30
C LEU A 28 5.04 6.25 -1.87
N PHE A 29 5.17 7.53 -1.58
CA PHE A 29 4.85 8.05 -0.26
C PHE A 29 3.40 7.75 0.07
N MET A 30 2.50 8.15 -0.82
CA MET A 30 1.08 7.97 -0.62
C MET A 30 0.71 6.49 -0.61
N ALA A 31 1.38 5.70 -1.44
CA ALA A 31 1.15 4.27 -1.48
C ALA A 31 1.45 3.67 -0.11
N LEU A 32 2.58 4.07 0.47
CA LEU A 32 2.96 3.62 1.80
C LEU A 32 1.93 4.11 2.83
N VAL A 33 1.59 5.40 2.75
CA VAL A 33 0.61 5.99 3.64
C VAL A 33 -0.71 5.23 3.58
N ALA A 34 -1.21 5.02 2.38
CA ALA A 34 -2.47 4.32 2.16
C ALA A 34 -2.37 2.88 2.63
N PHE A 35 -1.24 2.23 2.36
CA PHE A 35 -0.97 0.88 2.83
C PHE A 35 -1.15 0.80 4.35
N LEU A 36 -0.58 1.77 5.05
CA LEU A 36 -0.70 1.84 6.51
C LEU A 36 -2.13 2.23 6.94
N ARG A 37 -2.68 3.24 6.29
CA ARG A 37 -3.99 3.77 6.67
C ARG A 37 -5.09 2.73 6.49
N PHE A 38 -5.08 2.05 5.36
CA PHE A 38 -6.11 1.07 5.05
C PHE A 38 -6.02 -0.12 5.99
N LEU A 39 -4.81 -0.43 6.42
CA LEU A 39 -4.59 -1.56 7.30
C LEU A 39 -4.74 -1.12 8.77
N THR A 40 -5.39 0.03 8.96
CA THR A 40 -5.72 0.59 10.27
C THR A 40 -4.53 0.59 11.24
N ILE A 41 -3.34 0.81 10.69
CA ILE A 41 -2.13 0.85 11.49
C ILE A 41 -1.44 2.22 11.32
N PRO A 42 -1.13 2.89 12.43
CA PRO A 42 -0.47 4.21 12.42
C PRO A 42 0.88 4.19 11.71
N PRO A 43 1.10 5.11 10.76
CA PRO A 43 2.39 5.31 10.12
C PRO A 43 3.30 6.20 10.96
N THR A 44 4.27 6.82 10.31
CA THR A 44 5.17 7.75 10.96
C THR A 44 4.38 8.95 11.51
N ALA A 45 4.82 9.49 12.65
CA ALA A 45 4.13 10.59 13.29
C ALA A 45 4.11 11.82 12.40
N GLY A 46 5.19 12.02 11.65
CA GLY A 46 5.25 13.12 10.72
C GLY A 46 4.18 13.02 9.65
N ILE A 47 3.79 11.79 9.33
CA ILE A 47 2.74 11.55 8.36
C ILE A 47 1.38 11.90 8.97
N LEU A 48 1.15 11.46 10.20
CA LEU A 48 -0.10 11.75 10.87
C LEU A 48 -0.22 13.23 11.21
N LYS A 49 0.91 13.86 11.48
CA LYS A 49 0.94 15.26 11.88
C LYS A 49 0.93 16.17 10.67
N ARG A 50 1.88 16.00 9.76
CA ARG A 50 2.05 16.91 8.64
C ARG A 50 1.97 16.19 7.30
N TRP A 51 1.61 14.91 7.33
CA TRP A 51 1.57 14.08 6.13
C TRP A 51 2.93 14.03 5.45
N GLY A 52 3.98 14.15 6.26
CA GLY A 52 5.34 14.08 5.76
C GLY A 52 5.69 15.21 4.82
N THR A 53 5.42 15.01 3.54
CA THR A 53 5.74 15.99 2.52
C THR A 53 4.58 16.12 1.53
N ILE A 54 3.43 15.63 1.93
CA ILE A 54 2.25 15.64 1.09
C ILE A 54 1.71 17.04 0.89
N LYS A 55 1.75 17.48 -0.36
CA LYS A 55 1.10 18.72 -0.76
C LYS A 55 -0.32 18.41 -1.20
N LYS A 56 -1.27 19.18 -0.71
CA LYS A 56 -2.69 18.90 -0.93
C LYS A 56 -3.14 19.32 -2.33
N SER A 57 -2.53 18.72 -3.33
CA SER A 57 -2.88 18.92 -4.72
C SER A 57 -2.35 17.76 -5.56
N LYS A 58 -1.03 17.61 -5.57
CA LYS A 58 -0.39 16.48 -6.22
C LYS A 58 -0.88 15.19 -5.58
N ALA A 59 -0.95 15.18 -4.26
CA ALA A 59 -1.43 14.02 -3.52
C ALA A 59 -2.89 13.76 -3.84
N ILE A 60 -3.65 14.81 -4.12
CA ILE A 60 -5.04 14.68 -4.54
C ILE A 60 -5.10 13.91 -5.85
N ASN A 61 -4.28 14.34 -6.80
CA ASN A 61 -4.18 13.65 -8.09
C ASN A 61 -3.71 12.22 -7.89
N VAL A 62 -2.74 12.04 -7.00
CA VAL A 62 -2.24 10.73 -6.65
C VAL A 62 -3.36 9.84 -6.13
N LEU A 63 -4.12 10.35 -5.17
CA LEU A 63 -5.25 9.62 -4.59
C LEU A 63 -6.32 9.33 -5.63
N ARG A 64 -6.56 10.30 -6.51
CA ARG A 64 -7.50 10.10 -7.62
C ARG A 64 -7.07 8.92 -8.48
N GLY A 65 -5.81 8.93 -8.89
CA GLY A 65 -5.29 7.83 -9.69
C GLY A 65 -5.28 6.52 -8.93
N PHE A 66 -4.99 6.62 -7.64
CA PHE A 66 -4.98 5.47 -6.76
C PHE A 66 -6.35 4.79 -6.73
N ARG A 67 -7.38 5.56 -6.38
CA ARG A 67 -8.73 5.02 -6.31
C ARG A 67 -9.23 4.64 -7.70
N LYS A 68 -8.71 5.31 -8.72
CA LYS A 68 -9.02 4.97 -10.09
C LYS A 68 -8.51 3.56 -10.43
N GLU A 69 -7.23 3.33 -10.16
CA GLU A 69 -6.62 2.04 -10.45
C GLU A 69 -7.22 0.95 -9.55
N ILE A 70 -7.51 1.30 -8.31
CA ILE A 70 -8.20 0.40 -7.41
C ILE A 70 -9.58 0.05 -7.97
N GLY A 71 -10.28 1.06 -8.45
CA GLY A 71 -11.57 0.84 -9.08
C GLY A 71 -11.45 -0.03 -10.30
N ARG A 72 -10.37 0.15 -11.05
CA ARG A 72 -10.13 -0.63 -12.25
C ARG A 72 -9.83 -2.09 -11.88
N MET A 73 -9.04 -2.29 -10.84
CA MET A 73 -8.75 -3.64 -10.36
C MET A 73 -10.01 -4.27 -9.78
N LEU A 74 -10.83 -3.44 -9.15
CA LEU A 74 -12.13 -3.88 -8.66
C LEU A 74 -12.95 -4.36 -9.85
N ASN A 75 -12.94 -3.58 -10.93
CA ASN A 75 -13.59 -3.96 -12.18
C ASN A 75 -13.02 -5.29 -12.69
N ILE A 76 -11.70 -5.42 -12.61
CA ILE A 76 -11.02 -6.65 -13.01
C ILE A 76 -11.57 -7.84 -12.23
N LEU A 77 -11.64 -7.70 -10.92
CA LEU A 77 -12.13 -8.77 -10.07
C LEU A 77 -13.65 -8.90 -10.18
N ASN A 78 -14.30 -7.83 -10.60
CA ASN A 78 -15.75 -7.82 -10.75
C ASN A 78 -16.19 -8.74 -11.87
N ARG A 79 -15.59 -8.59 -13.05
CA ARG A 79 -15.96 -9.44 -14.18
C ARG A 79 -14.86 -10.44 -14.53
N ARG A 80 -13.61 -10.02 -14.42
CA ARG A 80 -12.46 -10.86 -14.76
C ARG A 80 -12.62 -11.46 -16.16
N ARG A 81 -12.55 -10.60 -17.17
CA ARG A 81 -12.67 -11.02 -18.56
C ARG A 81 -11.29 -11.42 -19.11
N ARG A 82 -10.29 -11.32 -18.26
CA ARG A 82 -8.92 -11.62 -18.65
C ARG A 82 -8.61 -13.07 -18.29
N MET B 1 14.32 -20.68 -6.82
CA MET B 1 14.79 -20.24 -5.49
C MET B 1 15.55 -18.91 -5.60
N ARG B 2 16.52 -18.85 -6.51
CA ARG B 2 17.35 -17.64 -6.66
C ARG B 2 16.53 -16.47 -7.20
N ASN B 3 15.61 -16.75 -8.10
CA ASN B 3 14.77 -15.72 -8.67
C ASN B 3 13.33 -16.16 -8.68
N ARG B 4 12.42 -15.19 -8.68
CA ARG B 4 10.99 -15.45 -8.73
C ARG B 4 10.35 -14.55 -9.77
N VAL B 5 10.41 -13.25 -9.51
CA VAL B 5 9.89 -12.24 -10.42
C VAL B 5 10.16 -10.84 -9.85
N SER B 6 9.46 -10.52 -8.75
CA SER B 6 9.55 -9.23 -8.10
C SER B 6 8.80 -9.29 -6.77
N THR B 7 9.16 -8.42 -5.83
CA THR B 7 8.45 -8.30 -4.55
C THR B 7 8.69 -9.49 -3.63
N VAL B 8 8.18 -10.66 -4.00
CA VAL B 8 8.38 -11.86 -3.20
C VAL B 8 9.87 -12.19 -3.10
N GLN B 9 10.59 -11.92 -4.18
CA GLN B 9 12.02 -12.16 -4.22
C GLN B 9 12.74 -11.20 -3.29
N GLN B 10 12.20 -10.00 -3.19
CA GLN B 10 12.67 -9.00 -2.23
C GLN B 10 12.39 -9.48 -0.81
N LEU B 11 11.18 -9.99 -0.59
CA LEU B 11 10.78 -10.51 0.71
C LEU B 11 11.63 -11.71 1.08
N THR B 12 12.12 -12.41 0.05
CA THR B 12 13.01 -13.55 0.26
C THR B 12 14.43 -13.07 0.60
N LYS B 13 14.98 -12.18 -0.22
CA LYS B 13 16.36 -11.76 -0.05
C LYS B 13 16.56 -10.87 1.17
N ARG B 14 15.49 -10.19 1.62
CA ARG B 14 15.60 -9.35 2.81
C ARG B 14 15.96 -10.19 4.03
N PHE B 15 15.45 -11.42 4.07
CA PHE B 15 15.70 -12.32 5.20
C PHE B 15 15.17 -13.71 4.86
N SER B 16 16.04 -14.70 4.91
CA SER B 16 15.66 -16.07 4.61
C SER B 16 14.82 -16.65 5.75
N LEU B 17 13.73 -17.32 5.39
CA LEU B 17 12.79 -17.87 6.37
C LEU B 17 12.21 -16.77 7.25
N GLY B 18 11.53 -15.83 6.61
CA GLY B 18 10.95 -14.71 7.33
C GLY B 18 9.55 -15.02 7.84
N MET B 19 8.79 -13.98 8.14
CA MET B 19 7.44 -14.14 8.64
C MET B 19 6.45 -14.26 7.48
N LEU B 20 6.59 -15.32 6.69
CA LEU B 20 5.74 -15.54 5.54
C LEU B 20 4.46 -16.27 5.96
N GLN B 21 3.53 -15.52 6.52
CA GLN B 21 2.28 -16.06 7.00
C GLN B 21 1.32 -16.31 5.84
N GLY B 22 1.52 -15.57 4.76
CA GLY B 22 0.64 -15.69 3.61
C GLY B 22 -0.43 -14.63 3.60
N ARG B 23 -0.24 -13.61 4.45
CA ARG B 23 -1.20 -12.52 4.61
C ARG B 23 -2.52 -13.04 5.17
N GLY B 24 -2.61 -13.01 6.50
CA GLY B 24 -3.81 -13.44 7.18
C GLY B 24 -5.04 -12.66 6.76
N PRO B 25 -5.06 -11.33 6.99
CA PRO B 25 -6.15 -10.47 6.55
C PRO B 25 -6.08 -10.21 5.05
N LEU B 26 -7.23 -10.30 4.39
CA LEU B 26 -7.33 -10.05 2.96
C LEU B 26 -7.06 -8.58 2.69
N LYS B 27 -7.38 -7.74 3.67
CA LYS B 27 -7.09 -6.32 3.60
C LYS B 27 -5.58 -6.09 3.47
N LEU B 28 -4.81 -6.84 4.25
CA LEU B 28 -3.36 -6.76 4.21
C LEU B 28 -2.86 -7.19 2.83
N PHE B 29 -3.41 -8.30 2.36
CA PHE B 29 -3.03 -8.84 1.07
C PHE B 29 -3.30 -7.81 -0.03
N MET B 30 -4.52 -7.30 -0.06
CA MET B 30 -4.91 -6.33 -1.07
C MET B 30 -4.15 -5.02 -0.89
N ALA B 31 -3.89 -4.64 0.35
CA ALA B 31 -3.12 -3.43 0.62
C ALA B 31 -1.74 -3.54 0.00
N LEU B 32 -1.10 -4.70 0.18
CA LEU B 32 0.20 -4.97 -0.41
C LEU B 32 0.09 -4.98 -1.93
N VAL B 33 -0.93 -5.68 -2.45
CA VAL B 33 -1.17 -5.75 -3.88
C VAL B 33 -1.31 -4.34 -4.46
N ALA B 34 -2.19 -3.55 -3.85
CA ALA B 34 -2.45 -2.19 -4.31
C ALA B 34 -1.20 -1.33 -4.20
N PHE B 35 -0.47 -1.50 -3.10
CA PHE B 35 0.79 -0.80 -2.89
C PHE B 35 1.74 -1.05 -4.06
N LEU B 36 1.84 -2.31 -4.48
CA LEU B 36 2.68 -2.67 -5.62
C LEU B 36 2.06 -2.18 -6.94
N ARG B 37 0.77 -2.39 -7.12
CA ARG B 37 0.09 -2.07 -8.37
C ARG B 37 0.12 -0.58 -8.66
N PHE B 38 -0.17 0.23 -7.64
CA PHE B 38 -0.22 1.67 -7.81
C PHE B 38 1.17 2.23 -8.09
N LEU B 39 2.18 1.59 -7.55
CA LEU B 39 3.55 2.03 -7.73
C LEU B 39 4.14 1.40 -8.99
N THR B 40 3.25 0.92 -9.86
CA THR B 40 3.60 0.35 -11.18
C THR B 40 4.76 -0.65 -11.11
N ILE B 41 4.81 -1.41 -10.02
CA ILE B 41 5.83 -2.41 -9.83
C ILE B 41 5.17 -3.79 -9.65
N PRO B 42 5.61 -4.78 -10.45
CA PRO B 42 5.07 -6.16 -10.38
C PRO B 42 5.25 -6.80 -9.00
N PRO B 43 4.16 -7.35 -8.44
CA PRO B 43 4.22 -8.12 -7.21
C PRO B 43 4.60 -9.58 -7.47
N THR B 44 4.24 -10.46 -6.56
CA THR B 44 4.47 -11.88 -6.72
C THR B 44 3.72 -12.41 -7.95
N ALA B 45 4.31 -13.39 -8.64
CA ALA B 45 3.74 -13.94 -9.85
C ALA B 45 2.38 -14.58 -9.56
N GLY B 46 2.27 -15.20 -8.39
CA GLY B 46 1.01 -15.79 -7.99
C GLY B 46 -0.10 -14.75 -7.86
N ILE B 47 0.29 -13.52 -7.54
CA ILE B 47 -0.65 -12.42 -7.46
C ILE B 47 -1.09 -11.99 -8.86
N LEU B 48 -0.14 -11.87 -9.76
CA LEU B 48 -0.45 -11.48 -11.13
C LEU B 48 -1.21 -12.58 -11.86
N LYS B 49 -0.91 -13.83 -11.51
CA LYS B 49 -1.51 -14.97 -12.17
C LYS B 49 -2.88 -15.32 -11.55
N ARG B 50 -2.91 -15.52 -10.24
CA ARG B 50 -4.13 -15.99 -9.59
C ARG B 50 -4.57 -15.05 -8.47
N TRP B 51 -3.91 -13.90 -8.36
CA TRP B 51 -4.18 -12.93 -7.31
C TRP B 51 -3.97 -13.56 -5.94
N GLY B 52 -3.06 -14.53 -5.88
CA GLY B 52 -2.72 -15.19 -4.63
C GLY B 52 -3.86 -15.99 -4.04
N THR B 53 -4.69 -15.32 -3.25
CA THR B 53 -5.81 -15.96 -2.58
C THR B 53 -7.04 -15.07 -2.64
N ILE B 54 -6.99 -14.08 -3.53
CA ILE B 54 -8.07 -13.13 -3.67
C ILE B 54 -9.32 -13.76 -4.26
N LYS B 55 -10.37 -13.77 -3.46
CA LYS B 55 -11.69 -14.16 -3.93
C LYS B 55 -12.41 -12.93 -4.43
N LYS B 56 -13.01 -13.03 -5.61
CA LYS B 56 -13.62 -11.88 -6.28
C LYS B 56 -14.97 -11.52 -5.68
N SER B 57 -14.96 -11.20 -4.40
CA SER B 57 -16.14 -10.74 -3.69
C SER B 57 -15.71 -9.99 -2.43
N LYS B 58 -15.04 -10.71 -1.54
CA LYS B 58 -14.46 -10.10 -0.35
C LYS B 58 -13.47 -9.03 -0.75
N ALA B 59 -12.65 -9.34 -1.74
CA ALA B 59 -11.68 -8.39 -2.27
C ALA B 59 -12.37 -7.19 -2.90
N ILE B 60 -13.54 -7.42 -3.47
CA ILE B 60 -14.35 -6.34 -4.02
C ILE B 60 -14.74 -5.38 -2.90
N ASN B 61 -15.24 -5.95 -1.81
CA ASN B 61 -15.59 -5.16 -0.64
C ASN B 61 -14.36 -4.45 -0.07
N VAL B 62 -13.25 -5.18 -0.05
CA VAL B 62 -11.97 -4.62 0.39
C VAL B 62 -11.60 -3.40 -0.46
N LEU B 63 -11.65 -3.57 -1.78
CA LEU B 63 -11.33 -2.49 -2.70
C LEU B 63 -12.30 -1.33 -2.56
N ARG B 64 -13.57 -1.64 -2.34
CA ARG B 64 -14.58 -0.61 -2.09
C ARG B 64 -14.20 0.23 -0.88
N GLY B 65 -13.91 -0.45 0.22
CA GLY B 65 -13.49 0.23 1.43
C GLY B 65 -12.19 0.98 1.24
N PHE B 66 -11.29 0.37 0.48
CA PHE B 66 -10.00 0.96 0.18
C PHE B 66 -10.18 2.31 -0.53
N ARG B 67 -10.90 2.29 -1.64
CA ARG B 67 -11.12 3.52 -2.42
C ARG B 67 -12.00 4.48 -1.63
N LYS B 68 -12.84 3.95 -0.75
CA LYS B 68 -13.65 4.77 0.14
C LYS B 68 -12.75 5.57 1.09
N GLU B 69 -11.85 4.87 1.77
CA GLU B 69 -10.96 5.51 2.74
C GLU B 69 -9.98 6.43 2.02
N ILE B 70 -9.54 6.01 0.84
CA ILE B 70 -8.70 6.87 0.00
C ILE B 70 -9.47 8.14 -0.38
N GLY B 71 -10.72 7.96 -0.76
CA GLY B 71 -11.57 9.10 -1.07
C GLY B 71 -11.75 10.00 0.13
N ARG B 72 -11.86 9.40 1.31
CA ARG B 72 -12.03 10.15 2.53
C ARG B 72 -10.76 10.92 2.86
N MET B 73 -9.61 10.29 2.67
CA MET B 73 -8.33 10.97 2.89
C MET B 73 -8.12 12.05 1.84
N LEU B 74 -8.60 11.80 0.64
CA LEU B 74 -8.61 12.80 -0.41
C LEU B 74 -9.44 13.99 0.04
N ASN B 75 -10.60 13.69 0.62
CA ASN B 75 -11.46 14.72 1.21
C ASN B 75 -10.71 15.47 2.30
N ILE B 76 -9.99 14.73 3.13
CA ILE B 76 -9.17 15.31 4.18
C ILE B 76 -8.17 16.30 3.60
N LEU B 77 -7.45 15.88 2.57
CA LEU B 77 -6.46 16.74 1.95
C LEU B 77 -7.13 17.82 1.09
N ASN B 78 -8.37 17.56 0.70
CA ASN B 78 -9.12 18.50 -0.13
C ASN B 78 -9.48 19.76 0.65
N ARG B 79 -10.04 19.60 1.85
CA ARG B 79 -10.40 20.76 2.65
C ARG B 79 -9.51 20.91 3.89
N ARG B 80 -9.13 19.78 4.48
CA ARG B 80 -8.32 19.78 5.70
C ARG B 80 -8.91 20.69 6.77
N ARG B 81 -10.05 20.28 7.29
CA ARG B 81 -10.74 21.04 8.33
C ARG B 81 -10.22 20.63 9.71
N ARG B 82 -9.28 19.69 9.72
CA ARG B 82 -8.73 19.17 10.95
C ARG B 82 -7.47 19.94 11.31
CA MET A 1 6.44 -3.69 20.04
C MET A 1 6.85 -2.28 20.44
N ARG A 2 8.14 -1.98 20.26
CA ARG A 2 8.67 -0.67 20.61
C ARG A 2 9.34 -0.04 19.41
N ASN A 3 9.23 1.27 19.27
CA ASN A 3 9.87 1.99 18.18
C ASN A 3 9.78 3.49 18.43
N ARG A 4 10.36 4.28 17.51
CA ARG A 4 10.36 5.73 17.62
C ARG A 4 8.96 6.27 17.88
N VAL A 5 8.01 5.83 17.08
CA VAL A 5 6.62 6.23 17.22
C VAL A 5 5.72 5.30 16.43
N SER A 6 6.01 5.17 15.14
CA SER A 6 5.26 4.32 14.24
C SER A 6 5.83 4.38 12.83
N THR A 7 5.95 3.22 12.20
CA THR A 7 6.35 3.10 10.79
C THR A 7 7.85 3.39 10.56
N VAL A 8 8.29 4.58 10.97
CA VAL A 8 9.63 5.08 10.66
C VAL A 8 10.75 4.08 11.00
N GLN A 9 10.69 3.50 12.20
CA GLN A 9 11.76 2.62 12.64
C GLN A 9 11.73 1.30 11.87
N GLN A 10 10.54 0.91 11.44
CA GLN A 10 10.39 -0.28 10.61
C GLN A 10 11.12 -0.05 9.29
N LEU A 11 10.95 1.15 8.74
CA LEU A 11 11.63 1.55 7.53
C LEU A 11 13.13 1.61 7.77
N THR A 12 13.49 2.15 8.94
CA THR A 12 14.88 2.27 9.34
C THR A 12 15.54 0.89 9.51
N LYS A 13 14.75 -0.09 9.94
CA LYS A 13 15.25 -1.44 10.07
C LYS A 13 15.33 -2.12 8.71
N ARG A 14 14.39 -1.81 7.83
CA ARG A 14 14.40 -2.37 6.48
C ARG A 14 15.58 -1.84 5.66
N PHE A 15 15.70 -0.52 5.59
CA PHE A 15 16.78 0.11 4.82
C PHE A 15 17.54 1.07 5.71
N SER A 16 18.81 1.29 5.38
CA SER A 16 19.68 2.13 6.18
C SER A 16 19.32 3.61 6.04
N LEU A 17 19.94 4.44 6.87
CA LEU A 17 19.71 5.88 6.91
C LEU A 17 18.39 6.23 7.60
N GLY A 18 17.35 5.47 7.32
CA GLY A 18 16.06 5.72 7.95
C GLY A 18 15.25 6.76 7.22
N MET A 19 15.88 7.92 6.98
CA MET A 19 15.28 9.03 6.23
C MET A 19 14.23 9.79 7.05
N LEU A 20 13.49 9.05 7.90
CA LEU A 20 12.48 9.62 8.78
C LEU A 20 11.27 10.09 7.99
N GLN A 21 11.44 11.20 7.29
CA GLN A 21 10.39 11.78 6.47
C GLN A 21 10.95 12.02 5.07
N GLY A 22 11.21 10.93 4.37
CA GLY A 22 11.75 11.00 3.05
C GLY A 22 11.48 9.75 2.25
N ARG A 23 10.54 9.83 1.32
CA ARG A 23 10.19 8.69 0.50
C ARG A 23 10.40 8.99 -0.98
N GLY A 24 10.59 10.26 -1.29
CA GLY A 24 10.80 10.66 -2.67
C GLY A 24 9.50 10.94 -3.40
N PRO A 25 9.10 10.07 -4.34
CA PRO A 25 7.84 10.20 -5.07
C PRO A 25 6.64 10.18 -4.14
N LEU A 26 5.73 11.12 -4.37
CA LEU A 26 4.50 11.23 -3.59
C LEU A 26 3.66 9.96 -3.77
N LYS A 27 3.79 9.36 -4.94
CA LYS A 27 3.17 8.07 -5.22
C LYS A 27 3.59 7.04 -4.18
N LEU A 28 4.89 6.95 -3.95
CA LEU A 28 5.46 5.97 -3.03
C LEU A 28 5.10 6.34 -1.60
N PHE A 29 5.17 7.62 -1.32
CA PHE A 29 4.83 8.13 0.01
C PHE A 29 3.39 7.76 0.36
N MET A 30 2.46 8.12 -0.53
CA MET A 30 1.05 7.85 -0.30
C MET A 30 0.79 6.34 -0.31
N ALA A 31 1.49 5.62 -1.17
CA ALA A 31 1.39 4.16 -1.19
C ALA A 31 1.75 3.60 0.18
N LEU A 32 2.82 4.12 0.76
CA LEU A 32 3.27 3.73 2.09
C LEU A 32 2.21 4.09 3.13
N VAL A 33 1.75 5.35 3.09
CA VAL A 33 0.71 5.82 4.00
C VAL A 33 -0.51 4.91 3.95
N ALA A 34 -0.98 4.67 2.73
CA ALA A 34 -2.13 3.81 2.50
C ALA A 34 -1.87 2.40 3.05
N PHE A 35 -0.76 1.81 2.63
CA PHE A 35 -0.38 0.47 3.06
C PHE A 35 -0.38 0.34 4.58
N LEU A 36 0.07 1.40 5.26
CA LEU A 36 0.07 1.43 6.71
C LEU A 36 -1.33 1.56 7.29
N ARG A 37 -2.01 2.67 6.99
CA ARG A 37 -3.27 2.98 7.65
C ARG A 37 -4.43 2.12 7.18
N PHE A 38 -4.27 1.46 6.04
CA PHE A 38 -5.33 0.62 5.50
C PHE A 38 -5.57 -0.58 6.40
N LEU A 39 -4.53 -1.00 7.10
CA LEU A 39 -4.65 -2.11 8.03
C LEU A 39 -5.14 -1.61 9.38
N THR A 40 -4.25 -0.93 10.11
CA THR A 40 -4.58 -0.45 11.45
C THR A 40 -3.35 0.23 12.09
N ILE A 41 -2.16 -0.23 11.71
CA ILE A 41 -0.93 0.34 12.24
C ILE A 41 -0.77 1.80 11.82
N PRO A 42 -0.55 2.69 12.80
CA PRO A 42 -0.38 4.12 12.56
C PRO A 42 0.86 4.45 11.74
N PRO A 43 0.71 5.28 10.70
CA PRO A 43 1.85 5.84 9.95
C PRO A 43 2.72 6.73 10.83
N THR A 44 3.86 7.17 10.29
CA THR A 44 4.81 7.99 11.03
C THR A 44 4.16 9.28 11.53
N ALA A 45 4.67 9.81 12.65
CA ALA A 45 4.12 11.01 13.28
C ALA A 45 3.95 12.15 12.27
N GLY A 46 5.02 12.46 11.55
CA GLY A 46 4.99 13.53 10.57
C GLY A 46 3.91 13.35 9.52
N ILE A 47 3.58 12.10 9.23
CA ILE A 47 2.52 11.79 8.28
C ILE A 47 1.16 12.17 8.87
N LEU A 48 0.93 11.78 10.11
CA LEU A 48 -0.33 12.09 10.76
C LEU A 48 -0.43 13.56 11.13
N LYS A 49 0.72 14.20 11.31
CA LYS A 49 0.78 15.60 11.69
C LYS A 49 0.64 16.51 10.47
N ARG A 50 1.50 16.32 9.48
CA ARG A 50 1.60 17.24 8.35
C ARG A 50 1.47 16.49 7.02
N TRP A 51 1.23 15.18 7.11
CA TRP A 51 1.21 14.31 5.93
C TRP A 51 2.59 14.30 5.28
N GLY A 52 3.62 14.39 6.12
CA GLY A 52 4.98 14.37 5.65
C GLY A 52 5.34 15.58 4.82
N THR A 53 5.34 15.40 3.51
CA THR A 53 5.69 16.46 2.59
C THR A 53 4.58 16.66 1.57
N ILE A 54 3.42 16.10 1.89
CA ILE A 54 2.29 16.13 0.99
C ILE A 54 1.75 17.54 0.78
N LYS A 55 1.68 17.93 -0.49
CA LYS A 55 0.96 19.11 -0.89
C LYS A 55 -0.44 18.69 -1.31
N LYS A 56 -1.45 19.39 -0.81
CA LYS A 56 -2.85 18.96 -0.95
C LYS A 56 -3.39 19.23 -2.36
N SER A 57 -2.72 18.67 -3.35
CA SER A 57 -3.15 18.74 -4.74
C SER A 57 -2.52 17.60 -5.53
N LYS A 58 -1.20 17.50 -5.48
CA LYS A 58 -0.50 16.38 -6.09
C LYS A 58 -0.96 15.08 -5.45
N ALA A 59 -1.14 15.11 -4.13
CA ALA A 59 -1.64 13.97 -3.39
C ALA A 59 -3.07 13.65 -3.80
N ILE A 60 -3.84 14.70 -4.10
CA ILE A 60 -5.19 14.52 -4.61
C ILE A 60 -5.15 13.73 -5.91
N ASN A 61 -4.26 14.17 -6.80
CA ASN A 61 -4.03 13.47 -8.07
C ASN A 61 -3.64 12.02 -7.81
N VAL A 62 -2.71 11.83 -6.87
CA VAL A 62 -2.25 10.50 -6.50
C VAL A 62 -3.41 9.64 -5.99
N LEU A 63 -4.21 10.20 -5.10
CA LEU A 63 -5.35 9.49 -4.52
C LEU A 63 -6.39 9.16 -5.58
N ARG A 64 -6.65 10.12 -6.48
CA ARG A 64 -7.59 9.89 -7.56
C ARG A 64 -7.09 8.77 -8.46
N GLY A 65 -5.81 8.82 -8.81
CA GLY A 65 -5.22 7.76 -9.62
C GLY A 65 -5.21 6.44 -8.89
N PHE A 66 -5.00 6.50 -7.58
CA PHE A 66 -4.98 5.32 -6.73
C PHE A 66 -6.35 4.64 -6.76
N ARG A 67 -7.39 5.40 -6.44
CA ARG A 67 -8.73 4.85 -6.42
C ARG A 67 -9.19 4.53 -7.84
N LYS A 68 -8.57 5.18 -8.83
CA LYS A 68 -8.79 4.85 -10.22
C LYS A 68 -8.30 3.43 -10.51
N GLU A 69 -7.04 3.16 -10.17
CA GLU A 69 -6.45 1.84 -10.40
C GLU A 69 -7.15 0.79 -9.56
N ILE A 70 -7.50 1.16 -8.33
CA ILE A 70 -8.27 0.30 -7.46
C ILE A 70 -9.64 -0.01 -8.07
N GLY A 71 -10.31 1.03 -8.56
CA GLY A 71 -11.58 0.85 -9.22
C GLY A 71 -11.44 -0.04 -10.44
N ARG A 72 -10.35 0.13 -11.17
CA ARG A 72 -10.07 -0.70 -12.33
C ARG A 72 -9.88 -2.15 -11.92
N MET A 73 -9.11 -2.38 -10.86
CA MET A 73 -8.91 -3.73 -10.34
C MET A 73 -10.24 -4.32 -9.87
N LEU A 74 -11.06 -3.46 -9.27
CA LEU A 74 -12.38 -3.86 -8.84
C LEU A 74 -13.21 -4.28 -10.05
N ASN A 75 -13.10 -3.50 -11.13
CA ASN A 75 -13.77 -3.84 -12.37
C ASN A 75 -13.24 -5.15 -12.92
N ILE A 76 -11.94 -5.37 -12.77
CA ILE A 76 -11.31 -6.62 -13.18
C ILE A 76 -11.91 -7.79 -12.42
N LEU A 77 -11.95 -7.68 -11.10
CA LEU A 77 -12.43 -8.76 -10.26
C LEU A 77 -13.94 -8.95 -10.40
N ASN A 78 -14.66 -7.85 -10.54
CA ASN A 78 -16.12 -7.89 -10.62
C ASN A 78 -16.59 -8.34 -12.00
N ARG A 79 -16.12 -7.65 -13.03
CA ARG A 79 -16.59 -7.89 -14.38
C ARG A 79 -15.71 -8.90 -15.10
N ARG A 80 -14.43 -8.90 -14.76
CA ARG A 80 -13.44 -9.79 -15.37
C ARG A 80 -13.44 -9.71 -16.89
N ARG A 81 -12.60 -8.83 -17.42
CA ARG A 81 -12.34 -8.78 -18.85
C ARG A 81 -11.13 -9.64 -19.19
N ARG A 82 -10.86 -10.61 -18.32
CA ARG A 82 -9.73 -11.51 -18.48
C ARG A 82 -10.22 -12.90 -18.86
N MET B 1 19.38 -6.57 -9.72
CA MET B 1 17.99 -6.82 -9.27
C MET B 1 17.54 -8.22 -9.67
N ARG B 2 17.83 -9.20 -8.82
CA ARG B 2 17.47 -10.58 -9.10
C ARG B 2 16.62 -11.12 -7.97
N ASN B 3 15.66 -11.96 -8.32
CA ASN B 3 14.79 -12.59 -7.32
C ASN B 3 13.98 -13.71 -7.96
N ARG B 4 13.17 -14.39 -7.16
CA ARG B 4 12.33 -15.50 -7.63
C ARG B 4 11.53 -15.09 -8.87
N VAL B 5 10.87 -13.95 -8.78
CA VAL B 5 10.07 -13.42 -9.87
C VAL B 5 9.74 -11.95 -9.61
N SER B 6 9.13 -11.69 -8.46
CA SER B 6 8.76 -10.35 -8.07
C SER B 6 8.07 -10.36 -6.70
N THR B 7 8.45 -9.41 -5.85
CA THR B 7 7.80 -9.20 -4.55
C THR B 7 8.16 -10.28 -3.52
N VAL B 8 7.86 -11.54 -3.86
CA VAL B 8 7.96 -12.65 -2.92
C VAL B 8 9.31 -12.72 -2.17
N GLN B 9 10.41 -12.58 -2.91
CA GLN B 9 11.72 -12.74 -2.30
C GLN B 9 12.03 -11.54 -1.40
N GLN B 10 11.48 -10.39 -1.75
CA GLN B 10 11.62 -9.20 -0.91
C GLN B 10 10.96 -9.46 0.44
N LEU B 11 9.78 -10.08 0.39
CA LEU B 11 9.07 -10.47 1.59
C LEU B 11 9.86 -11.52 2.35
N THR B 12 10.43 -12.45 1.60
CA THR B 12 11.24 -13.52 2.17
C THR B 12 12.50 -12.96 2.83
N LYS B 13 13.04 -11.88 2.29
CA LYS B 13 14.19 -11.24 2.90
C LYS B 13 13.78 -10.43 4.12
N ARG B 14 12.60 -9.81 4.06
CA ARG B 14 12.09 -9.04 5.19
C ARG B 14 11.76 -9.95 6.38
N PHE B 15 10.95 -10.97 6.15
CA PHE B 15 10.56 -11.88 7.20
C PHE B 15 10.86 -13.32 6.79
N SER B 16 11.09 -14.17 7.78
CA SER B 16 11.47 -15.55 7.53
C SER B 16 10.30 -16.37 7.00
N LEU B 17 10.59 -17.59 6.55
CA LEU B 17 9.60 -18.52 5.99
C LEU B 17 9.23 -18.14 4.56
N GLY B 18 9.06 -16.85 4.30
CA GLY B 18 8.73 -16.38 2.96
C GLY B 18 7.25 -16.45 2.67
N MET B 19 6.65 -17.63 2.93
CA MET B 19 5.21 -17.86 2.78
C MET B 19 4.79 -17.98 1.31
N LEU B 20 5.46 -17.21 0.44
CA LEU B 20 5.21 -17.23 -1.01
C LEU B 20 3.86 -16.61 -1.34
N GLN B 21 2.80 -17.34 -1.02
CA GLN B 21 1.45 -16.88 -1.26
C GLN B 21 0.67 -17.02 0.04
N GLY B 22 1.01 -16.19 1.00
CA GLY B 22 0.35 -16.23 2.29
C GLY B 22 0.51 -14.91 3.02
N ARG B 23 -0.55 -14.13 3.07
CA ARG B 23 -0.54 -12.85 3.76
C ARG B 23 -1.57 -12.80 4.86
N GLY B 24 -2.48 -13.77 4.86
CA GLY B 24 -3.50 -13.81 5.88
C GLY B 24 -4.72 -13.00 5.50
N PRO B 25 -4.96 -11.86 6.16
CA PRO B 25 -6.08 -10.97 5.85
C PRO B 25 -6.01 -10.45 4.41
N LEU B 26 -7.16 -10.50 3.74
CA LEU B 26 -7.29 -10.04 2.37
C LEU B 26 -6.98 -8.54 2.30
N LYS B 27 -7.30 -7.85 3.40
CA LYS B 27 -6.95 -6.45 3.56
C LYS B 27 -5.45 -6.24 3.37
N LEU B 28 -4.67 -7.06 4.05
CA LEU B 28 -3.22 -6.94 4.03
C LEU B 28 -2.68 -7.38 2.67
N PHE B 29 -3.28 -8.45 2.15
CA PHE B 29 -2.91 -8.97 0.84
C PHE B 29 -3.09 -7.89 -0.23
N MET B 30 -4.30 -7.33 -0.29
CA MET B 30 -4.61 -6.31 -1.27
C MET B 30 -3.81 -5.04 -1.02
N ALA B 31 -3.59 -4.72 0.26
CA ALA B 31 -2.73 -3.59 0.60
C ALA B 31 -1.35 -3.77 0.00
N LEU B 32 -0.83 -4.99 0.13
CA LEU B 32 0.47 -5.35 -0.43
C LEU B 32 0.43 -5.23 -1.96
N VAL B 33 -0.59 -5.85 -2.57
CA VAL B 33 -0.76 -5.80 -4.01
C VAL B 33 -0.78 -4.35 -4.50
N ALA B 34 -1.61 -3.55 -3.87
CA ALA B 34 -1.74 -2.14 -4.20
C ALA B 34 -0.40 -1.43 -4.04
N PHE B 35 0.20 -1.57 -2.87
CA PHE B 35 1.49 -0.94 -2.56
C PHE B 35 2.53 -1.27 -3.63
N LEU B 36 2.51 -2.50 -4.11
CA LEU B 36 3.42 -2.93 -5.16
C LEU B 36 3.08 -2.31 -6.52
N ARG B 37 1.89 -2.61 -7.03
CA ARG B 37 1.55 -2.24 -8.40
C ARG B 37 1.27 -0.75 -8.56
N PHE B 38 1.01 -0.05 -7.46
CA PHE B 38 0.71 1.37 -7.52
C PHE B 38 1.94 2.15 -7.98
N LEU B 39 3.11 1.62 -7.71
CA LEU B 39 4.35 2.25 -8.15
C LEU B 39 4.69 1.82 -9.57
N THR B 40 5.12 0.57 -9.71
CA THR B 40 5.53 0.04 -11.01
C THR B 40 6.05 -1.38 -10.88
N ILE B 41 6.64 -1.69 -9.73
CA ILE B 41 7.18 -3.02 -9.48
C ILE B 41 6.07 -4.08 -9.48
N PRO B 42 6.25 -5.14 -10.29
CA PRO B 42 5.26 -6.22 -10.40
C PRO B 42 5.10 -7.02 -9.11
N PRO B 43 3.85 -7.24 -8.69
CA PRO B 43 3.53 -8.16 -7.59
C PRO B 43 3.94 -9.59 -7.90
N THR B 44 3.83 -10.47 -6.91
CA THR B 44 4.21 -11.86 -7.06
C THR B 44 3.44 -12.56 -8.19
N ALA B 45 4.06 -13.56 -8.81
CA ALA B 45 3.45 -14.26 -9.94
C ALA B 45 2.03 -14.70 -9.64
N GLY B 46 1.85 -15.41 -8.52
CA GLY B 46 0.54 -15.91 -8.13
C GLY B 46 -0.50 -14.81 -8.03
N ILE B 47 -0.05 -13.61 -7.68
CA ILE B 47 -0.94 -12.46 -7.59
C ILE B 47 -1.43 -12.06 -8.99
N LEU B 48 -0.50 -11.97 -9.92
CA LEU B 48 -0.83 -11.58 -11.29
C LEU B 48 -1.56 -12.70 -12.01
N LYS B 49 -1.33 -13.93 -11.57
CA LYS B 49 -1.93 -15.09 -12.19
C LYS B 49 -3.35 -15.35 -11.66
N ARG B 50 -3.46 -15.46 -10.35
CA ARG B 50 -4.72 -15.89 -9.72
C ARG B 50 -5.16 -14.89 -8.65
N TRP B 51 -4.39 -13.81 -8.50
CA TRP B 51 -4.61 -12.85 -7.42
C TRP B 51 -4.40 -13.52 -6.08
N GLY B 52 -3.46 -14.45 -6.05
CA GLY B 52 -3.12 -15.16 -4.84
C GLY B 52 -4.25 -16.04 -4.35
N THR B 53 -4.98 -15.56 -3.35
CA THR B 53 -6.07 -16.31 -2.76
C THR B 53 -7.34 -15.47 -2.78
N ILE B 54 -7.32 -14.43 -3.61
CA ILE B 54 -8.42 -13.48 -3.69
C ILE B 54 -9.68 -14.12 -4.27
N LYS B 55 -10.76 -14.01 -3.51
CA LYS B 55 -12.08 -14.32 -4.01
C LYS B 55 -12.71 -13.02 -4.48
N LYS B 56 -13.28 -13.04 -5.68
CA LYS B 56 -13.73 -11.82 -6.34
C LYS B 56 -15.04 -11.29 -5.75
N SER B 57 -15.02 -11.03 -4.46
CA SER B 57 -16.14 -10.44 -3.76
C SER B 57 -15.65 -9.77 -2.48
N LYS B 58 -14.97 -10.54 -1.64
CA LYS B 58 -14.35 -9.99 -0.45
C LYS B 58 -13.33 -8.92 -0.84
N ALA B 59 -12.59 -9.20 -1.92
CA ALA B 59 -11.62 -8.26 -2.45
C ALA B 59 -12.33 -7.02 -2.98
N ILE B 60 -13.52 -7.21 -3.54
CA ILE B 60 -14.34 -6.10 -3.99
C ILE B 60 -14.67 -5.20 -2.81
N ASN B 61 -15.10 -5.83 -1.71
CA ASN B 61 -15.38 -5.12 -0.47
C ASN B 61 -14.13 -4.37 -0.01
N VAL B 62 -13.00 -5.07 -0.03
CA VAL B 62 -11.72 -4.48 0.36
C VAL B 62 -11.38 -3.26 -0.52
N LEU B 63 -11.53 -3.43 -1.82
CA LEU B 63 -11.23 -2.36 -2.78
C LEU B 63 -12.17 -1.18 -2.58
N ARG B 64 -13.45 -1.46 -2.36
CA ARG B 64 -14.42 -0.41 -2.12
C ARG B 64 -14.07 0.35 -0.85
N GLY B 65 -13.75 -0.39 0.21
CA GLY B 65 -13.34 0.23 1.45
C GLY B 65 -12.04 0.99 1.32
N PHE B 66 -11.15 0.45 0.48
CA PHE B 66 -9.87 1.08 0.21
C PHE B 66 -10.07 2.42 -0.46
N ARG B 67 -10.82 2.44 -1.56
CA ARG B 67 -11.07 3.68 -2.28
C ARG B 67 -11.98 4.59 -1.46
N LYS B 68 -12.72 3.99 -0.54
CA LYS B 68 -13.51 4.75 0.42
C LYS B 68 -12.58 5.56 1.33
N GLU B 69 -11.64 4.87 1.97
CA GLU B 69 -10.70 5.53 2.86
C GLU B 69 -9.82 6.51 2.10
N ILE B 70 -9.43 6.13 0.89
CA ILE B 70 -8.67 7.00 0.01
C ILE B 70 -9.49 8.24 -0.33
N GLY B 71 -10.75 8.03 -0.69
CA GLY B 71 -11.64 9.14 -0.97
C GLY B 71 -11.79 10.04 0.23
N ARG B 72 -11.88 9.43 1.41
CA ARG B 72 -11.97 10.17 2.65
C ARG B 72 -10.72 11.01 2.88
N MET B 73 -9.56 10.41 2.67
CA MET B 73 -8.29 11.13 2.80
C MET B 73 -8.22 12.26 1.77
N LEU B 74 -8.74 11.99 0.58
CA LEU B 74 -8.81 12.99 -0.47
C LEU B 74 -9.69 14.14 -0.01
N ASN B 75 -10.81 13.80 0.62
CA ASN B 75 -11.70 14.81 1.19
C ASN B 75 -10.99 15.59 2.29
N ILE B 76 -10.17 14.89 3.06
CA ILE B 76 -9.38 15.52 4.10
C ILE B 76 -8.43 16.55 3.48
N LEU B 77 -7.67 16.13 2.49
CA LEU B 77 -6.68 16.99 1.88
C LEU B 77 -7.32 18.11 1.06
N ASN B 78 -8.43 17.79 0.40
CA ASN B 78 -9.12 18.75 -0.46
C ASN B 78 -9.93 19.76 0.36
N ARG B 79 -10.80 19.24 1.21
CA ARG B 79 -11.73 20.08 1.94
C ARG B 79 -11.16 20.46 3.31
N ARG B 80 -10.37 19.57 3.88
CA ARG B 80 -9.75 19.77 5.20
C ARG B 80 -10.77 20.13 6.27
N ARG B 81 -11.28 19.10 6.94
CA ARG B 81 -12.10 19.30 8.12
C ARG B 81 -11.24 19.25 9.37
N ARG B 82 -9.97 19.56 9.19
CA ARG B 82 -9.00 19.55 10.27
C ARG B 82 -8.58 20.98 10.61
CA MET A 1 4.34 0.83 24.29
C MET A 1 5.82 1.08 24.10
N ARG A 2 6.49 0.21 23.36
CA ARG A 2 7.91 0.40 23.06
C ARG A 2 8.08 1.16 21.76
N ASN A 3 7.40 2.29 21.67
CA ASN A 3 7.37 3.09 20.45
C ASN A 3 6.69 4.42 20.73
N ARG A 4 7.27 5.49 20.16
CA ARG A 4 6.74 6.84 20.32
C ARG A 4 5.36 6.93 19.71
N VAL A 5 5.19 6.23 18.61
CA VAL A 5 3.93 6.15 17.91
C VAL A 5 3.93 4.87 17.08
N SER A 6 2.76 4.42 16.66
CA SER A 6 2.65 3.21 15.89
C SER A 6 3.43 3.29 14.58
N THR A 7 3.95 2.14 14.14
CA THR A 7 4.62 2.02 12.84
C THR A 7 6.07 2.51 12.86
N VAL A 8 6.32 3.66 13.48
CA VAL A 8 7.65 4.28 13.41
C VAL A 8 8.74 3.33 13.92
N GLN A 9 8.47 2.64 15.01
CA GLN A 9 9.45 1.73 15.58
C GLN A 9 9.66 0.54 14.67
N GLN A 10 8.56 0.08 14.08
CA GLN A 10 8.59 -1.03 13.13
C GLN A 10 9.47 -0.69 11.94
N LEU A 11 9.39 0.56 11.49
CA LEU A 11 10.21 1.03 10.38
C LEU A 11 11.64 1.24 10.83
N THR A 12 11.79 1.70 12.07
CA THR A 12 13.11 1.98 12.63
C THR A 12 13.94 0.70 12.79
N LYS A 13 13.29 -0.40 13.14
CA LYS A 13 14.01 -1.67 13.30
C LYS A 13 13.87 -2.56 12.06
N ARG A 14 12.69 -2.53 11.44
CA ARG A 14 12.35 -3.42 10.33
C ARG A 14 12.47 -4.88 10.75
N PHE A 15 13.64 -5.47 10.58
CA PHE A 15 13.94 -6.80 11.11
C PHE A 15 15.11 -6.71 12.07
N SER A 16 16.24 -6.27 11.54
CA SER A 16 17.42 -6.01 12.35
C SER A 16 18.21 -4.86 11.73
N LEU A 17 17.50 -4.08 10.94
CA LEU A 17 18.09 -2.98 10.18
C LEU A 17 16.99 -2.14 9.55
N GLY A 18 16.66 -1.04 10.19
CA GLY A 18 15.56 -0.21 9.73
C GLY A 18 15.99 0.82 8.71
N MET A 19 16.10 0.39 7.46
CA MET A 19 16.43 1.28 6.38
C MET A 19 15.16 1.66 5.61
N LEU A 20 14.78 2.93 5.70
CA LEU A 20 13.64 3.43 4.96
C LEU A 20 14.04 3.72 3.53
N GLN A 21 13.10 3.57 2.61
CA GLN A 21 13.37 3.72 1.18
C GLN A 21 13.37 5.19 0.76
N GLY A 22 13.77 6.06 1.67
CA GLY A 22 13.89 7.48 1.34
C GLY A 22 12.58 8.22 1.37
N ARG A 23 11.55 7.62 0.78
CA ARG A 23 10.25 8.26 0.61
C ARG A 23 10.37 9.48 -0.30
N GLY A 24 11.21 9.36 -1.32
CA GLY A 24 11.41 10.43 -2.27
C GLY A 24 10.14 10.72 -3.06
N PRO A 25 9.71 9.79 -3.93
CA PRO A 25 8.43 9.91 -4.62
C PRO A 25 7.26 9.89 -3.64
N LEU A 26 6.31 10.79 -3.88
CA LEU A 26 5.15 10.91 -3.02
C LEU A 26 4.30 9.65 -3.13
N LYS A 27 4.34 9.03 -4.30
CA LYS A 27 3.67 7.76 -4.52
C LYS A 27 4.16 6.71 -3.52
N LEU A 28 5.47 6.72 -3.28
CA LEU A 28 6.09 5.79 -2.34
C LEU A 28 5.59 6.07 -0.92
N PHE A 29 5.66 7.35 -0.55
CA PHE A 29 5.21 7.78 0.76
C PHE A 29 3.76 7.39 0.99
N MET A 30 2.90 7.76 0.04
CA MET A 30 1.48 7.52 0.17
C MET A 30 1.16 6.04 0.05
N ALA A 31 2.00 5.31 -0.67
CA ALA A 31 1.87 3.86 -0.74
C ALA A 31 2.16 3.23 0.61
N LEU A 32 3.18 3.76 1.28
CA LEU A 32 3.52 3.31 2.61
C LEU A 32 2.37 3.64 3.56
N VAL A 33 1.89 4.88 3.49
CA VAL A 33 0.74 5.32 4.28
C VAL A 33 -0.46 4.42 4.03
N ALA A 34 -0.74 4.18 2.76
CA ALA A 34 -1.83 3.31 2.35
C ALA A 34 -1.63 1.91 2.92
N PHE A 35 -0.46 1.35 2.71
CA PHE A 35 -0.13 0.02 3.20
C PHE A 35 -0.41 -0.09 4.70
N LEU A 36 -0.02 0.94 5.44
CA LEU A 36 -0.25 0.98 6.88
C LEU A 36 -1.74 0.94 7.21
N ARG A 37 -2.45 2.00 6.79
CA ARG A 37 -3.85 2.17 7.18
C ARG A 37 -4.75 1.09 6.58
N PHE A 38 -4.38 0.61 5.40
CA PHE A 38 -5.18 -0.37 4.70
C PHE A 38 -5.01 -1.75 5.33
N LEU A 39 -3.88 -1.95 5.99
CA LEU A 39 -3.65 -3.20 6.69
C LEU A 39 -4.38 -3.20 8.02
N THR A 40 -4.00 -2.27 8.91
CA THR A 40 -4.62 -2.16 10.23
C THR A 40 -3.80 -1.25 11.15
N ILE A 41 -2.50 -1.20 10.90
CA ILE A 41 -1.58 -0.45 11.76
C ILE A 41 -1.71 1.06 11.50
N PRO A 42 -2.00 1.83 12.56
CA PRO A 42 -2.14 3.29 12.46
C PRO A 42 -0.86 3.96 11.95
N PRO A 43 -0.98 4.78 10.89
CA PRO A 43 0.13 5.54 10.33
C PRO A 43 0.86 6.39 11.37
N THR A 44 2.12 6.67 11.08
CA THR A 44 2.99 7.42 11.98
C THR A 44 2.43 8.83 12.24
N ALA A 45 2.73 9.37 13.42
CA ALA A 45 2.19 10.66 13.84
C ALA A 45 2.41 11.73 12.77
N GLY A 46 3.66 11.88 12.34
CA GLY A 46 4.00 12.89 11.36
C GLY A 46 3.22 12.74 10.06
N ILE A 47 2.79 11.52 9.77
CA ILE A 47 1.99 11.25 8.59
C ILE A 47 0.60 11.85 8.75
N LEU A 48 -0.08 11.49 9.82
CA LEU A 48 -1.46 11.94 10.04
C LEU A 48 -1.49 13.42 10.41
N LYS A 49 -0.43 13.89 11.05
CA LYS A 49 -0.37 15.27 11.51
C LYS A 49 0.18 16.20 10.43
N ARG A 50 1.30 15.83 9.82
CA ARG A 50 1.98 16.73 8.90
C ARG A 50 1.94 16.20 7.47
N TRP A 51 1.54 14.93 7.32
CA TRP A 51 1.50 14.27 6.02
C TRP A 51 2.88 14.19 5.39
N GLY A 52 3.90 14.17 6.25
CA GLY A 52 5.27 14.07 5.79
C GLY A 52 5.71 15.30 5.01
N THR A 53 5.48 15.26 3.70
CA THR A 53 5.87 16.34 2.81
C THR A 53 5.03 16.28 1.54
N ILE A 54 3.75 16.01 1.74
CA ILE A 54 2.82 15.83 0.63
C ILE A 54 2.38 17.17 0.04
N LYS A 55 2.17 17.19 -1.26
CA LYS A 55 1.59 18.35 -1.92
C LYS A 55 0.16 18.04 -2.33
N LYS A 56 -0.78 18.80 -1.80
CA LYS A 56 -2.20 18.52 -1.98
C LYS A 56 -2.69 18.96 -3.37
N SER A 57 -2.05 18.42 -4.39
CA SER A 57 -2.40 18.71 -5.77
C SER A 57 -2.08 17.51 -6.65
N LYS A 58 -0.79 17.27 -6.88
CA LYS A 58 -0.38 16.11 -7.65
C LYS A 58 -0.72 14.84 -6.87
N ALA A 59 -0.73 14.95 -5.55
CA ALA A 59 -1.15 13.85 -4.70
C ALA A 59 -2.62 13.54 -4.92
N ILE A 60 -3.39 14.59 -5.25
CA ILE A 60 -4.79 14.41 -5.59
C ILE A 60 -4.88 13.60 -6.87
N ASN A 61 -4.10 13.99 -7.86
CA ASN A 61 -4.02 13.23 -9.11
C ASN A 61 -3.60 11.80 -8.84
N VAL A 62 -2.57 11.65 -8.02
CA VAL A 62 -2.05 10.35 -7.63
C VAL A 62 -3.13 9.49 -6.97
N LEU A 63 -3.84 10.07 -6.01
CA LEU A 63 -4.90 9.36 -5.31
C LEU A 63 -6.06 9.01 -6.24
N ARG A 64 -6.39 9.92 -7.15
CA ARG A 64 -7.43 9.66 -8.11
C ARG A 64 -7.03 8.50 -9.02
N GLY A 65 -5.79 8.50 -9.46
CA GLY A 65 -5.27 7.41 -10.25
C GLY A 65 -5.26 6.11 -9.46
N PHE A 66 -4.92 6.22 -8.18
CA PHE A 66 -4.87 5.07 -7.28
C PHE A 66 -6.27 4.47 -7.09
N ARG A 67 -7.24 5.32 -6.79
CA ARG A 67 -8.61 4.85 -6.60
C ARG A 67 -9.19 4.37 -7.93
N LYS A 68 -8.70 4.94 -9.02
CA LYS A 68 -9.05 4.48 -10.35
C LYS A 68 -8.53 3.06 -10.55
N GLU A 69 -7.27 2.83 -10.18
CA GLU A 69 -6.67 1.50 -10.22
C GLU A 69 -7.50 0.54 -9.39
N ILE A 70 -7.87 0.97 -8.18
CA ILE A 70 -8.70 0.17 -7.31
C ILE A 70 -10.03 -0.14 -7.97
N GLY A 71 -10.62 0.87 -8.59
CA GLY A 71 -11.84 0.67 -9.33
C GLY A 71 -11.69 -0.39 -10.40
N ARG A 72 -10.57 -0.35 -11.11
CA ARG A 72 -10.27 -1.34 -12.14
C ARG A 72 -10.12 -2.73 -11.53
N MET A 73 -9.32 -2.83 -10.48
CA MET A 73 -9.08 -4.11 -9.82
C MET A 73 -10.38 -4.67 -9.25
N LEU A 74 -11.16 -3.78 -8.65
CA LEU A 74 -12.47 -4.14 -8.12
C LEU A 74 -13.37 -4.59 -9.27
N ASN A 75 -13.26 -3.90 -10.39
CA ASN A 75 -13.98 -4.28 -11.60
C ASN A 75 -13.56 -5.66 -12.07
N ILE A 76 -12.28 -5.95 -11.95
CA ILE A 76 -11.75 -7.25 -12.31
C ILE A 76 -12.28 -8.32 -11.36
N LEU A 77 -12.27 -8.03 -10.08
CA LEU A 77 -12.73 -8.99 -9.09
C LEU A 77 -14.25 -9.19 -9.17
N ASN A 78 -14.97 -8.10 -9.39
CA ASN A 78 -16.43 -8.16 -9.39
C ASN A 78 -16.97 -8.60 -10.74
N ARG A 79 -16.45 -8.02 -11.80
CA ARG A 79 -17.00 -8.24 -13.14
C ARG A 79 -16.08 -9.12 -13.99
N ARG A 80 -14.88 -9.39 -13.46
CA ARG A 80 -13.87 -10.23 -14.13
C ARG A 80 -13.18 -9.47 -15.27
N ARG A 81 -13.94 -8.63 -15.97
CA ARG A 81 -13.42 -7.77 -17.04
C ARG A 81 -13.09 -8.59 -18.29
N ARG A 82 -12.06 -9.43 -18.17
CA ARG A 82 -11.57 -10.24 -19.29
C ARG A 82 -11.12 -9.36 -20.45
N MET B 1 17.86 -10.01 -16.07
CA MET B 1 16.97 -9.93 -14.88
C MET B 1 17.35 -11.00 -13.87
N ARG B 2 17.73 -10.58 -12.68
CA ARG B 2 18.07 -11.52 -11.61
C ARG B 2 16.83 -11.82 -10.77
N ASN B 3 15.76 -12.21 -11.46
CA ASN B 3 14.47 -12.44 -10.83
C ASN B 3 13.51 -13.06 -11.83
N ARG B 4 12.74 -14.05 -11.36
CA ARG B 4 11.76 -14.75 -12.18
C ARG B 4 10.69 -13.79 -12.66
N VAL B 5 10.36 -12.86 -11.77
CA VAL B 5 9.39 -11.83 -12.06
C VAL B 5 9.66 -10.66 -11.10
N SER B 6 9.14 -9.50 -11.41
CA SER B 6 9.36 -8.32 -10.58
C SER B 6 8.81 -8.52 -9.17
N THR B 7 9.48 -7.89 -8.20
CA THR B 7 9.02 -7.87 -6.81
C THR B 7 9.39 -9.14 -6.04
N VAL B 8 9.18 -10.31 -6.65
CA VAL B 8 9.35 -11.57 -5.93
C VAL B 8 10.74 -11.70 -5.32
N GLN B 9 11.76 -11.32 -6.09
CA GLN B 9 13.14 -11.43 -5.63
C GLN B 9 13.38 -10.45 -4.49
N GLN B 10 12.79 -9.26 -4.64
CA GLN B 10 12.89 -8.21 -3.64
C GLN B 10 12.30 -8.69 -2.32
N LEU B 11 11.22 -9.44 -2.40
CA LEU B 11 10.58 -9.98 -1.21
C LEU B 11 11.38 -11.16 -0.68
N THR B 12 11.95 -11.94 -1.60
CA THR B 12 12.72 -13.11 -1.24
C THR B 12 14.00 -12.74 -0.48
N LYS B 13 14.61 -11.62 -0.83
CA LYS B 13 15.82 -11.19 -0.13
C LYS B 13 15.54 -10.12 0.92
N ARG B 14 14.58 -9.23 0.61
CA ARG B 14 14.27 -8.07 1.44
C ARG B 14 15.52 -7.19 1.62
N PHE B 15 16.28 -7.45 2.66
CA PHE B 15 17.58 -6.81 2.84
C PHE B 15 18.67 -7.87 2.86
N SER B 16 18.57 -8.77 3.84
CA SER B 16 19.46 -9.92 3.94
C SER B 16 18.70 -11.08 4.57
N LEU B 17 17.37 -11.00 4.47
CA LEU B 17 16.47 -11.96 5.09
C LEU B 17 15.05 -11.71 4.60
N GLY B 18 14.63 -12.48 3.61
CA GLY B 18 13.33 -12.27 3.01
C GLY B 18 12.22 -13.01 3.73
N MET B 19 11.75 -12.42 4.82
CA MET B 19 10.63 -12.99 5.56
C MET B 19 9.35 -12.26 5.20
N LEU B 20 8.45 -12.97 4.53
CA LEU B 20 7.14 -12.42 4.20
C LEU B 20 6.22 -12.49 5.40
N GLN B 21 5.31 -11.54 5.50
CA GLN B 21 4.43 -11.43 6.66
C GLN B 21 3.23 -12.39 6.55
N GLY B 22 3.45 -13.54 5.92
CA GLY B 22 2.42 -14.56 5.83
C GLY B 22 1.38 -14.28 4.76
N ARG B 23 0.91 -13.04 4.70
CA ARG B 23 -0.19 -12.64 3.80
C ARG B 23 -1.46 -13.37 4.19
N GLY B 24 -1.66 -13.52 5.49
CA GLY B 24 -2.86 -14.16 6.01
C GLY B 24 -4.11 -13.38 5.68
N PRO B 25 -4.28 -12.19 6.28
CA PRO B 25 -5.38 -11.28 5.94
C PRO B 25 -5.26 -10.81 4.50
N LEU B 26 -6.39 -10.79 3.80
CA LEU B 26 -6.44 -10.38 2.42
C LEU B 26 -6.10 -8.90 2.32
N LYS B 27 -6.45 -8.15 3.36
CA LYS B 27 -6.10 -6.75 3.44
C LYS B 27 -4.59 -6.57 3.33
N LEU B 28 -3.84 -7.46 3.99
CA LEU B 28 -2.38 -7.42 3.97
C LEU B 28 -1.89 -7.70 2.56
N PHE B 29 -2.41 -8.77 1.98
CA PHE B 29 -2.04 -9.17 0.62
C PHE B 29 -2.31 -8.03 -0.36
N MET B 30 -3.52 -7.51 -0.32
CA MET B 30 -3.93 -6.48 -1.26
C MET B 30 -3.22 -5.17 -0.95
N ALA B 31 -2.85 -4.96 0.30
CA ALA B 31 -2.05 -3.80 0.68
C ALA B 31 -0.67 -3.89 0.07
N LEU B 32 -0.11 -5.09 0.09
CA LEU B 32 1.17 -5.35 -0.52
C LEU B 32 1.07 -5.12 -2.04
N VAL B 33 0.03 -5.71 -2.64
CA VAL B 33 -0.25 -5.52 -4.06
C VAL B 33 -0.38 -4.03 -4.39
N ALA B 34 -1.18 -3.35 -3.58
CA ALA B 34 -1.39 -1.92 -3.74
C ALA B 34 -0.07 -1.17 -3.65
N PHE B 35 0.67 -1.44 -2.58
CA PHE B 35 1.98 -0.82 -2.35
C PHE B 35 2.87 -0.97 -3.58
N LEU B 36 2.88 -2.16 -4.15
CA LEU B 36 3.68 -2.43 -5.35
C LEU B 36 3.25 -1.57 -6.52
N ARG B 37 2.00 -1.78 -6.97
CA ARG B 37 1.52 -1.13 -8.18
C ARG B 37 1.40 0.38 -8.03
N PHE B 38 1.10 0.83 -6.81
CA PHE B 38 0.91 2.25 -6.54
C PHE B 38 2.24 2.96 -6.49
N LEU B 39 3.31 2.23 -6.19
CA LEU B 39 4.63 2.79 -6.19
C LEU B 39 5.17 2.89 -7.62
N THR B 40 5.32 1.74 -8.27
CA THR B 40 5.81 1.69 -9.65
C THR B 40 6.20 0.26 -10.04
N ILE B 41 6.60 -0.53 -9.04
CA ILE B 41 7.09 -1.88 -9.28
C ILE B 41 5.94 -2.83 -9.61
N PRO B 42 6.00 -3.51 -10.77
CA PRO B 42 4.97 -4.46 -11.20
C PRO B 42 4.79 -5.61 -10.21
N PRO B 43 3.55 -5.85 -9.76
CA PRO B 43 3.21 -6.94 -8.85
C PRO B 43 3.67 -8.31 -9.38
N THR B 44 3.89 -9.22 -8.44
CA THR B 44 4.38 -10.55 -8.75
C THR B 44 3.42 -11.30 -9.68
N ALA B 45 3.97 -12.21 -10.49
CA ALA B 45 3.20 -12.93 -11.49
C ALA B 45 1.95 -13.55 -10.89
N GLY B 46 2.14 -14.33 -9.82
CA GLY B 46 1.02 -15.01 -9.18
C GLY B 46 -0.06 -14.05 -8.71
N ILE B 47 0.32 -12.82 -8.44
CA ILE B 47 -0.63 -11.80 -8.03
C ILE B 47 -1.52 -11.41 -9.20
N LEU B 48 -0.92 -11.01 -10.30
CA LEU B 48 -1.67 -10.55 -11.45
C LEU B 48 -2.37 -11.70 -12.16
N LYS B 49 -1.78 -12.88 -12.08
CA LYS B 49 -2.32 -14.04 -12.75
C LYS B 49 -3.34 -14.78 -11.90
N ARG B 50 -3.01 -15.04 -10.63
CA ARG B 50 -3.85 -15.88 -9.79
C ARG B 50 -4.45 -15.08 -8.63
N TRP B 51 -3.95 -13.86 -8.43
CA TRP B 51 -4.38 -13.00 -7.34
C TRP B 51 -4.11 -13.65 -5.98
N GLY B 52 -3.08 -14.49 -5.95
CA GLY B 52 -2.71 -15.17 -4.72
C GLY B 52 -3.78 -16.12 -4.22
N THR B 53 -4.70 -15.59 -3.41
CA THR B 53 -5.77 -16.38 -2.82
C THR B 53 -6.92 -15.47 -2.44
N ILE B 54 -7.21 -14.51 -3.32
CA ILE B 54 -8.21 -13.50 -3.06
C ILE B 54 -9.62 -14.05 -3.30
N LYS B 55 -10.57 -13.57 -2.51
CA LYS B 55 -11.97 -13.89 -2.72
C LYS B 55 -12.68 -12.65 -3.24
N LYS B 56 -13.25 -12.76 -4.44
CA LYS B 56 -13.82 -11.61 -5.14
C LYS B 56 -15.19 -11.25 -4.58
N SER B 57 -15.23 -10.97 -3.29
CA SER B 57 -16.45 -10.59 -2.60
C SER B 57 -16.13 -9.68 -1.42
N LYS B 58 -15.54 -10.25 -0.38
CA LYS B 58 -15.13 -9.44 0.76
C LYS B 58 -14.00 -8.52 0.36
N ALA B 59 -13.21 -8.96 -0.63
CA ALA B 59 -12.17 -8.13 -1.21
C ALA B 59 -12.78 -6.91 -1.90
N ILE B 60 -13.98 -7.10 -2.44
CA ILE B 60 -14.73 -6.00 -3.04
C ILE B 60 -15.08 -5.00 -1.95
N ASN B 61 -15.61 -5.51 -0.85
CA ASN B 61 -15.91 -4.68 0.32
C ASN B 61 -14.65 -3.96 0.79
N VAL B 62 -13.56 -4.72 0.88
CA VAL B 62 -12.27 -4.21 1.30
C VAL B 62 -11.80 -3.08 0.39
N LEU B 63 -11.86 -3.33 -0.92
CA LEU B 63 -11.45 -2.32 -1.91
C LEU B 63 -12.34 -1.10 -1.87
N ARG B 64 -13.63 -1.31 -1.69
CA ARG B 64 -14.56 -0.19 -1.59
C ARG B 64 -14.24 0.65 -0.36
N GLY B 65 -13.97 -0.02 0.76
CA GLY B 65 -13.56 0.68 1.96
C GLY B 65 -12.23 1.40 1.76
N PHE B 66 -11.33 0.75 1.03
CA PHE B 66 -10.02 1.32 0.73
C PHE B 66 -10.15 2.59 -0.11
N ARG B 67 -10.93 2.50 -1.19
CA ARG B 67 -11.12 3.64 -2.07
C ARG B 67 -11.93 4.72 -1.36
N LYS B 68 -12.77 4.29 -0.42
CA LYS B 68 -13.49 5.20 0.46
C LYS B 68 -12.50 5.98 1.33
N GLU B 69 -11.56 5.25 1.92
CA GLU B 69 -10.49 5.86 2.70
C GLU B 69 -9.72 6.85 1.84
N ILE B 70 -9.39 6.44 0.63
CA ILE B 70 -8.69 7.30 -0.30
C ILE B 70 -9.52 8.55 -0.59
N GLY B 71 -10.81 8.35 -0.80
CA GLY B 71 -11.71 9.46 -0.99
C GLY B 71 -11.67 10.43 0.17
N ARG B 72 -11.65 9.89 1.37
CA ARG B 72 -11.56 10.71 2.58
C ARG B 72 -10.24 11.46 2.64
N MET B 73 -9.14 10.74 2.41
CA MET B 73 -7.81 11.36 2.45
C MET B 73 -7.68 12.42 1.37
N LEU B 74 -8.20 12.11 0.20
CA LEU B 74 -8.22 13.04 -0.91
C LEU B 74 -9.08 14.24 -0.54
N ASN B 75 -10.18 13.97 0.15
CA ASN B 75 -11.05 15.03 0.66
C ASN B 75 -10.29 15.90 1.65
N ILE B 76 -9.46 15.27 2.47
CA ILE B 76 -8.63 15.99 3.43
C ILE B 76 -7.60 16.85 2.71
N LEU B 77 -6.95 16.29 1.71
CA LEU B 77 -5.93 17.01 0.98
C LEU B 77 -6.53 18.12 0.12
N ASN B 78 -7.68 17.85 -0.47
CA ASN B 78 -8.30 18.80 -1.39
C ASN B 78 -9.14 19.83 -0.65
N ARG B 79 -9.95 19.37 0.29
CA ARG B 79 -10.91 20.23 0.97
C ARG B 79 -10.49 20.53 2.40
N ARG B 80 -9.44 19.84 2.87
CA ARG B 80 -8.90 19.99 4.22
C ARG B 80 -9.79 19.31 5.27
N ARG B 81 -11.11 19.36 5.05
CA ARG B 81 -12.09 18.70 5.91
C ARG B 81 -12.22 19.43 7.24
N ARG B 82 -11.17 19.37 8.06
CA ARG B 82 -11.16 19.96 9.39
C ARG B 82 -12.26 19.34 10.25
CA MET A 1 13.34 -0.24 22.21
C MET A 1 13.39 1.26 21.88
N ARG A 2 13.83 1.57 20.67
CA ARG A 2 13.93 2.96 20.22
C ARG A 2 12.87 3.24 19.17
N ASN A 3 11.71 3.67 19.60
CA ASN A 3 10.62 3.96 18.69
C ASN A 3 10.09 5.38 18.92
N ARG A 4 10.09 6.16 17.85
CA ARG A 4 9.67 7.55 17.92
C ARG A 4 8.14 7.65 17.99
N VAL A 5 7.47 6.67 17.40
CA VAL A 5 6.00 6.64 17.39
C VAL A 5 5.47 5.31 16.85
N SER A 6 5.62 5.08 15.55
CA SER A 6 5.12 3.86 14.92
C SER A 6 5.69 3.74 13.51
N THR A 7 6.10 2.54 13.12
CA THR A 7 6.60 2.25 11.77
C THR A 7 8.00 2.82 11.52
N VAL A 8 8.21 4.06 11.96
CA VAL A 8 9.48 4.76 11.78
C VAL A 8 10.66 3.93 12.28
N GLN A 9 10.45 3.18 13.35
CA GLN A 9 11.50 2.33 13.90
C GLN A 9 11.96 1.30 12.87
N GLN A 10 11.00 0.70 12.19
CA GLN A 10 11.29 -0.28 11.16
C GLN A 10 12.00 0.39 9.99
N LEU A 11 11.50 1.57 9.62
CA LEU A 11 12.12 2.36 8.55
C LEU A 11 13.54 2.75 8.92
N THR A 12 13.78 2.85 10.22
CA THR A 12 15.11 3.14 10.72
C THR A 12 16.00 1.90 10.67
N LYS A 13 15.58 0.83 11.33
CA LYS A 13 16.42 -0.35 11.48
C LYS A 13 16.09 -1.45 10.46
N ARG A 14 15.50 -1.07 9.33
CA ARG A 14 15.26 -2.01 8.23
C ARG A 14 16.58 -2.62 7.73
N PHE A 15 16.47 -3.55 6.79
CA PHE A 15 17.64 -4.25 6.25
C PHE A 15 18.48 -3.32 5.37
N SER A 16 19.66 -3.77 5.00
CA SER A 16 20.57 -2.99 4.18
C SER A 16 20.02 -2.81 2.76
N LEU A 17 20.57 -1.83 2.04
CA LEU A 17 20.14 -1.50 0.68
C LEU A 17 18.70 -0.98 0.71
N GLY A 18 18.55 0.29 1.03
CA GLY A 18 17.25 0.90 1.08
C GLY A 18 17.25 2.14 1.96
N MET A 19 17.83 3.21 1.45
CA MET A 19 17.88 4.48 2.17
C MET A 19 16.57 5.24 1.98
N LEU A 20 15.47 4.58 2.30
CA LEU A 20 14.15 5.14 2.10
C LEU A 20 13.51 5.46 3.44
N GLN A 21 12.78 6.58 3.49
CA GLN A 21 12.08 6.99 4.70
C GLN A 21 10.60 6.66 4.57
N GLY A 22 10.23 6.04 3.46
CA GLY A 22 8.84 5.81 3.16
C GLY A 22 8.18 7.06 2.61
N ARG A 23 9.03 7.96 2.12
CA ARG A 23 8.59 9.25 1.63
C ARG A 23 9.29 9.58 0.32
N GLY A 24 9.35 10.87 -0.02
CA GLY A 24 9.98 11.28 -1.25
C GLY A 24 8.96 11.41 -2.37
N PRO A 25 8.91 10.46 -3.30
CA PRO A 25 7.87 10.42 -4.32
C PRO A 25 6.50 10.30 -3.68
N LEU A 26 5.57 11.13 -4.15
CA LEU A 26 4.22 11.17 -3.60
C LEU A 26 3.55 9.81 -3.74
N LYS A 27 3.85 9.13 -4.83
CA LYS A 27 3.33 7.80 -5.06
C LYS A 27 3.85 6.83 -4.01
N LEU A 28 5.14 6.90 -3.75
CA LEU A 28 5.78 6.02 -2.78
C LEU A 28 5.24 6.34 -1.39
N PHE A 29 5.19 7.64 -1.09
CA PHE A 29 4.68 8.10 0.20
C PHE A 29 3.27 7.58 0.42
N MET A 30 2.37 7.88 -0.52
CA MET A 30 0.99 7.46 -0.39
C MET A 30 0.86 5.94 -0.37
N ALA A 31 1.67 5.26 -1.17
CA ALA A 31 1.66 3.80 -1.18
C ALA A 31 2.01 3.27 0.21
N LEU A 32 3.04 3.85 0.81
CA LEU A 32 3.48 3.47 2.15
C LEU A 32 2.40 3.79 3.18
N VAL A 33 1.88 5.01 3.12
CA VAL A 33 0.83 5.44 4.04
C VAL A 33 -0.39 4.53 3.93
N ALA A 34 -0.80 4.26 2.70
CA ALA A 34 -1.92 3.38 2.43
C ALA A 34 -1.65 1.98 2.97
N PHE A 35 -0.48 1.45 2.64
CA PHE A 35 -0.07 0.12 3.10
C PHE A 35 -0.21 0.02 4.61
N LEU A 36 0.26 1.04 5.32
CA LEU A 36 0.19 1.05 6.78
C LEU A 36 -1.25 1.19 7.27
N ARG A 37 -1.88 2.31 6.90
CA ARG A 37 -3.19 2.67 7.43
C ARG A 37 -4.27 1.67 7.05
N PHE A 38 -4.23 1.18 5.82
CA PHE A 38 -5.25 0.27 5.34
C PHE A 38 -5.17 -1.06 6.06
N LEU A 39 -3.96 -1.47 6.41
CA LEU A 39 -3.76 -2.73 7.11
C LEU A 39 -4.19 -2.60 8.57
N THR A 40 -3.46 -1.79 9.34
CA THR A 40 -3.78 -1.58 10.75
C THR A 40 -2.69 -0.78 11.46
N ILE A 41 -1.44 -0.98 11.03
CA ILE A 41 -0.29 -0.32 11.66
C ILE A 41 -0.33 1.20 11.42
N PRO A 42 -0.35 1.99 12.51
CA PRO A 42 -0.34 3.45 12.42
C PRO A 42 0.92 3.99 11.76
N PRO A 43 0.76 4.87 10.75
CA PRO A 43 1.88 5.53 10.09
C PRO A 43 2.64 6.47 11.02
N THR A 44 3.81 6.91 10.57
CA THR A 44 4.64 7.81 11.33
C THR A 44 3.92 9.13 11.62
N ALA A 45 4.15 9.70 12.80
CA ALA A 45 3.42 10.87 13.27
C ALA A 45 3.37 11.97 12.21
N GLY A 46 4.54 12.33 11.69
CA GLY A 46 4.63 13.40 10.69
C GLY A 46 3.75 13.17 9.49
N ILE A 47 3.44 11.91 9.21
CA ILE A 47 2.55 11.57 8.12
C ILE A 47 1.15 12.07 8.39
N LEU A 48 0.65 11.84 9.60
CA LEU A 48 -0.70 12.23 9.95
C LEU A 48 -0.75 13.69 10.38
N LYS A 49 0.38 14.20 10.85
CA LYS A 49 0.47 15.57 11.32
C LYS A 49 0.68 16.54 10.17
N ARG A 50 1.59 16.20 9.26
CA ARG A 50 1.97 17.12 8.19
C ARG A 50 1.87 16.47 6.82
N TRP A 51 1.54 15.17 6.80
CA TRP A 51 1.43 14.40 5.56
C TRP A 51 2.75 14.41 4.80
N GLY A 52 3.84 14.46 5.54
CA GLY A 52 5.16 14.45 4.94
C GLY A 52 5.40 15.60 3.99
N THR A 53 5.27 15.33 2.70
CA THR A 53 5.53 16.32 1.68
C THR A 53 4.31 16.47 0.76
N ILE A 54 3.16 16.05 1.26
CA ILE A 54 1.92 16.11 0.51
C ILE A 54 1.43 17.54 0.31
N LYS A 55 1.13 17.86 -0.94
CA LYS A 55 0.49 19.13 -1.27
C LYS A 55 -0.91 18.85 -1.79
N LYS A 56 -1.84 19.77 -1.50
CA LYS A 56 -3.26 19.55 -1.79
C LYS A 56 -3.57 19.74 -3.29
N SER A 57 -2.85 19.03 -4.13
CA SER A 57 -3.10 19.04 -5.55
C SER A 57 -2.50 17.78 -6.18
N LYS A 58 -1.17 17.67 -6.12
CA LYS A 58 -0.49 16.48 -6.60
C LYS A 58 -1.00 15.25 -5.86
N ALA A 59 -1.08 15.36 -4.54
CA ALA A 59 -1.54 14.27 -3.71
C ALA A 59 -2.97 13.92 -4.04
N ILE A 60 -3.79 14.95 -4.28
CA ILE A 60 -5.18 14.75 -4.67
C ILE A 60 -5.25 13.92 -5.93
N ASN A 61 -4.45 14.29 -6.92
CA ASN A 61 -4.42 13.55 -8.18
C ASN A 61 -3.85 12.15 -7.99
N VAL A 62 -2.87 12.03 -7.11
CA VAL A 62 -2.31 10.73 -6.75
C VAL A 62 -3.40 9.85 -6.14
N LEU A 63 -4.18 10.42 -5.24
CA LEU A 63 -5.29 9.72 -4.60
C LEU A 63 -6.35 9.35 -5.63
N ARG A 64 -6.64 10.28 -6.53
CA ARG A 64 -7.57 10.03 -7.63
C ARG A 64 -7.10 8.83 -8.44
N GLY A 65 -5.84 8.86 -8.85
CA GLY A 65 -5.28 7.78 -9.64
C GLY A 65 -5.27 6.48 -8.88
N PHE A 66 -4.92 6.54 -7.59
CA PHE A 66 -4.88 5.36 -6.75
C PHE A 66 -6.25 4.71 -6.68
N ARG A 67 -7.27 5.48 -6.32
CA ARG A 67 -8.62 4.96 -6.20
C ARG A 67 -9.15 4.54 -7.57
N LYS A 68 -8.65 5.20 -8.62
CA LYS A 68 -8.99 4.82 -9.98
C LYS A 68 -8.42 3.44 -10.31
N GLU A 69 -7.15 3.22 -9.98
CA GLU A 69 -6.50 1.95 -10.24
C GLU A 69 -7.14 0.84 -9.42
N ILE A 70 -7.46 1.16 -8.17
CA ILE A 70 -8.19 0.22 -7.32
C ILE A 70 -9.55 -0.11 -7.92
N GLY A 71 -10.26 0.92 -8.37
CA GLY A 71 -11.52 0.72 -9.05
C GLY A 71 -11.35 -0.10 -10.31
N ARG A 72 -10.24 0.09 -10.99
CA ARG A 72 -9.92 -0.68 -12.17
C ARG A 72 -9.71 -2.15 -11.81
N MET A 73 -8.95 -2.39 -10.75
CA MET A 73 -8.73 -3.75 -10.25
C MET A 73 -10.05 -4.38 -9.83
N LEU A 74 -10.89 -3.58 -9.20
CA LEU A 74 -12.23 -4.00 -8.81
C LEU A 74 -13.00 -4.41 -10.06
N ASN A 75 -12.90 -3.59 -11.09
CA ASN A 75 -13.51 -3.90 -12.38
C ASN A 75 -12.94 -5.16 -12.98
N ILE A 76 -11.63 -5.35 -12.83
CA ILE A 76 -10.97 -6.56 -13.31
C ILE A 76 -11.59 -7.79 -12.66
N LEU A 77 -11.67 -7.78 -11.34
CA LEU A 77 -12.21 -8.90 -10.59
C LEU A 77 -13.70 -9.07 -10.86
N ASN A 78 -14.43 -7.97 -10.83
CA ASN A 78 -15.88 -7.99 -10.95
C ASN A 78 -16.32 -8.38 -12.34
N ARG A 79 -15.71 -7.77 -13.36
CA ARG A 79 -16.10 -8.01 -14.74
C ARG A 79 -15.31 -9.17 -15.32
N ARG A 80 -14.00 -9.13 -15.14
CA ARG A 80 -13.09 -10.14 -15.69
C ARG A 80 -13.25 -10.29 -17.21
N ARG A 81 -12.41 -9.58 -17.95
CA ARG A 81 -12.45 -9.66 -19.41
C ARG A 81 -11.80 -10.95 -19.89
N ARG A 82 -11.20 -11.68 -18.96
CA ARG A 82 -10.56 -12.94 -19.30
C ARG A 82 -11.40 -14.11 -18.82
N MET B 1 21.58 -14.87 -7.33
CA MET B 1 20.28 -14.21 -7.55
C MET B 1 19.16 -15.23 -7.68
N ARG B 2 18.42 -15.42 -6.61
CA ARG B 2 17.30 -16.37 -6.61
C ARG B 2 15.98 -15.63 -6.59
N ASN B 3 15.45 -15.35 -7.76
CA ASN B 3 14.19 -14.62 -7.88
C ASN B 3 13.22 -15.39 -8.76
N ARG B 4 12.05 -15.67 -8.20
CA ARG B 4 11.04 -16.44 -8.90
C ARG B 4 10.33 -15.59 -9.95
N VAL B 5 10.26 -14.28 -9.68
CA VAL B 5 9.59 -13.36 -10.60
C VAL B 5 9.85 -11.89 -10.18
N SER B 6 9.23 -11.45 -9.09
CA SER B 6 9.36 -10.08 -8.62
C SER B 6 8.81 -9.98 -7.20
N THR B 7 9.50 -9.23 -6.34
CA THR B 7 9.05 -8.96 -4.97
C THR B 7 9.16 -10.19 -4.05
N VAL B 8 8.77 -11.34 -4.58
CA VAL B 8 8.80 -12.60 -3.83
C VAL B 8 10.17 -12.87 -3.21
N GLN B 9 11.23 -12.48 -3.91
CA GLN B 9 12.58 -12.67 -3.41
C GLN B 9 12.77 -11.92 -2.10
N GLN B 10 12.29 -10.68 -2.06
CA GLN B 10 12.37 -9.87 -0.85
C GLN B 10 11.53 -10.50 0.25
N LEU B 11 10.33 -10.94 -0.10
CA LEU B 11 9.44 -11.60 0.84
C LEU B 11 10.08 -12.87 1.37
N THR B 12 10.95 -13.46 0.56
CA THR B 12 11.70 -14.64 0.96
C THR B 12 12.85 -14.27 1.90
N LYS B 13 13.73 -13.40 1.45
CA LYS B 13 14.96 -13.10 2.20
C LYS B 13 14.84 -11.82 3.03
N ARG B 14 13.62 -11.42 3.37
CA ARG B 14 13.41 -10.28 4.26
C ARG B 14 14.07 -10.51 5.63
N PHE B 15 14.00 -9.50 6.49
CA PHE B 15 14.62 -9.57 7.80
C PHE B 15 13.85 -10.53 8.72
N SER B 16 14.45 -10.84 9.88
CA SER B 16 13.84 -11.75 10.83
C SER B 16 12.59 -11.16 11.46
N LEU B 17 11.77 -12.02 12.05
CA LEU B 17 10.50 -11.62 12.67
C LEU B 17 9.55 -11.10 11.59
N GLY B 18 8.89 -12.04 10.92
CA GLY B 18 7.95 -11.68 9.88
C GLY B 18 7.73 -12.84 8.92
N MET B 19 7.01 -13.85 9.37
CA MET B 19 6.69 -15.00 8.54
C MET B 19 5.49 -14.69 7.65
N LEU B 20 5.61 -13.61 6.89
CA LEU B 20 4.53 -13.14 6.04
C LEU B 20 4.88 -13.33 4.57
N GLN B 21 3.89 -13.72 3.78
CA GLN B 21 4.09 -13.92 2.35
C GLN B 21 3.53 -12.72 1.58
N GLY B 22 3.05 -11.73 2.33
CA GLY B 22 2.38 -10.60 1.72
C GLY B 22 0.95 -10.97 1.36
N ARG B 23 0.46 -12.02 2.00
CA ARG B 23 -0.86 -12.55 1.72
C ARG B 23 -1.58 -12.86 3.02
N GLY B 24 -2.56 -13.75 2.97
CA GLY B 24 -3.32 -14.10 4.15
C GLY B 24 -4.58 -13.27 4.26
N PRO B 25 -4.60 -12.29 5.17
CA PRO B 25 -5.70 -11.33 5.25
C PRO B 25 -5.84 -10.56 3.95
N LEU B 26 -7.08 -10.45 3.48
CA LEU B 26 -7.36 -9.81 2.21
C LEU B 26 -6.91 -8.35 2.24
N LYS B 27 -7.04 -7.74 3.41
CA LYS B 27 -6.60 -6.37 3.60
C LYS B 27 -5.08 -6.27 3.44
N LEU B 28 -4.37 -7.21 4.06
CA LEU B 28 -2.91 -7.24 4.00
C LEU B 28 -2.47 -7.51 2.57
N PHE B 29 -3.11 -8.51 1.96
CA PHE B 29 -2.82 -8.88 0.59
C PHE B 29 -3.00 -7.69 -0.33
N MET B 30 -4.19 -7.08 -0.30
CA MET B 30 -4.48 -5.94 -1.17
C MET B 30 -3.57 -4.76 -0.84
N ALA B 31 -3.29 -4.55 0.44
CA ALA B 31 -2.38 -3.47 0.83
C ALA B 31 -1.01 -3.67 0.19
N LEU B 32 -0.53 -4.91 0.26
CA LEU B 32 0.76 -5.27 -0.32
C LEU B 32 0.73 -5.12 -1.84
N VAL B 33 -0.32 -5.67 -2.47
CA VAL B 33 -0.49 -5.58 -3.92
C VAL B 33 -0.54 -4.13 -4.36
N ALA B 34 -1.33 -3.34 -3.65
CA ALA B 34 -1.46 -1.92 -3.95
C ALA B 34 -0.13 -1.22 -3.79
N PHE B 35 0.54 -1.46 -2.65
CA PHE B 35 1.83 -0.87 -2.37
C PHE B 35 2.80 -1.12 -3.52
N LEU B 36 2.82 -2.35 -4.01
CA LEU B 36 3.71 -2.72 -5.11
C LEU B 36 3.27 -2.06 -6.42
N ARG B 37 2.06 -2.38 -6.86
CA ARG B 37 1.58 -1.98 -8.17
C ARG B 37 1.47 -0.46 -8.32
N PHE B 38 1.01 0.20 -7.26
CA PHE B 38 0.81 1.64 -7.32
C PHE B 38 2.15 2.36 -7.44
N LEU B 39 3.17 1.82 -6.79
CA LEU B 39 4.49 2.41 -6.84
C LEU B 39 5.13 2.18 -8.20
N THR B 40 5.46 0.93 -8.51
CA THR B 40 6.07 0.59 -9.79
C THR B 40 6.51 -0.88 -9.82
N ILE B 41 6.93 -1.39 -8.67
CA ILE B 41 7.44 -2.76 -8.58
C ILE B 41 6.33 -3.78 -8.84
N PRO B 42 6.51 -4.64 -9.85
CA PRO B 42 5.56 -5.70 -10.18
C PRO B 42 5.37 -6.70 -9.04
N PRO B 43 4.11 -6.96 -8.65
CA PRO B 43 3.78 -7.96 -7.65
C PRO B 43 4.14 -9.38 -8.09
N THR B 44 4.10 -10.31 -7.14
CA THR B 44 4.41 -11.71 -7.39
C THR B 44 3.44 -12.29 -8.43
N ALA B 45 3.94 -13.17 -9.29
CA ALA B 45 3.17 -13.70 -10.41
C ALA B 45 1.79 -14.20 -9.98
N GLY B 46 1.76 -15.03 -8.95
CA GLY B 46 0.51 -15.60 -8.47
C GLY B 46 -0.52 -14.56 -8.09
N ILE B 47 -0.05 -13.37 -7.75
CA ILE B 47 -0.94 -12.26 -7.43
C ILE B 47 -1.71 -11.83 -8.66
N LEU B 48 -1.02 -11.69 -9.78
CA LEU B 48 -1.67 -11.22 -11.00
C LEU B 48 -2.34 -12.38 -11.73
N LYS B 49 -1.83 -13.57 -11.50
CA LYS B 49 -2.35 -14.76 -12.16
C LYS B 49 -3.59 -15.30 -11.45
N ARG B 50 -3.54 -15.38 -10.13
CA ARG B 50 -4.62 -15.99 -9.37
C ARG B 50 -5.13 -15.06 -8.25
N TRP B 51 -4.48 -13.91 -8.10
CA TRP B 51 -4.84 -12.95 -7.06
C TRP B 51 -4.74 -13.56 -5.67
N GLY B 52 -3.79 -14.48 -5.53
CA GLY B 52 -3.56 -15.13 -4.25
C GLY B 52 -4.78 -15.87 -3.73
N THR B 53 -5.49 -15.23 -2.81
CA THR B 53 -6.64 -15.84 -2.16
C THR B 53 -7.86 -14.93 -2.32
N ILE B 54 -7.81 -14.05 -3.30
CA ILE B 54 -8.89 -13.10 -3.56
C ILE B 54 -10.13 -13.79 -4.12
N LYS B 55 -11.26 -13.49 -3.50
CA LYS B 55 -12.56 -13.93 -4.00
C LYS B 55 -13.35 -12.71 -4.45
N LYS B 56 -14.16 -12.89 -5.49
CA LYS B 56 -14.86 -11.76 -6.12
C LYS B 56 -16.07 -11.31 -5.30
N SER B 57 -15.83 -11.00 -4.04
CA SER B 57 -16.85 -10.47 -3.16
C SER B 57 -16.18 -9.74 -1.99
N LYS B 58 -15.48 -10.50 -1.16
CA LYS B 58 -14.73 -9.92 -0.06
C LYS B 58 -13.72 -8.92 -0.58
N ALA B 59 -12.98 -9.31 -1.62
CA ALA B 59 -11.98 -8.44 -2.22
C ALA B 59 -12.63 -7.20 -2.80
N ILE B 60 -13.79 -7.39 -3.42
CA ILE B 60 -14.54 -6.28 -3.97
C ILE B 60 -14.86 -5.27 -2.88
N ASN B 61 -15.36 -5.76 -1.75
CA ASN B 61 -15.69 -4.91 -0.63
C ASN B 61 -14.44 -4.28 -0.02
N VAL B 62 -13.35 -5.05 0.00
CA VAL B 62 -12.06 -4.54 0.44
C VAL B 62 -11.62 -3.38 -0.44
N LEU B 63 -11.75 -3.57 -1.75
CA LEU B 63 -11.41 -2.53 -2.73
C LEU B 63 -12.32 -1.32 -2.56
N ARG B 64 -13.60 -1.57 -2.34
CA ARG B 64 -14.57 -0.51 -2.07
C ARG B 64 -14.12 0.31 -0.86
N GLY B 65 -13.83 -0.40 0.23
CA GLY B 65 -13.40 0.26 1.44
C GLY B 65 -12.09 1.00 1.26
N PHE B 66 -11.17 0.38 0.54
CA PHE B 66 -9.87 0.99 0.27
C PHE B 66 -10.04 2.30 -0.48
N ARG B 67 -10.77 2.27 -1.58
CA ARG B 67 -10.97 3.47 -2.39
C ARG B 67 -11.82 4.48 -1.63
N LYS B 68 -12.67 3.98 -0.74
CA LYS B 68 -13.46 4.84 0.14
C LYS B 68 -12.55 5.59 1.10
N GLU B 69 -11.63 4.86 1.74
CA GLU B 69 -10.70 5.46 2.69
C GLU B 69 -9.77 6.44 1.99
N ILE B 70 -9.33 6.07 0.79
CA ILE B 70 -8.53 6.97 -0.04
C ILE B 70 -9.32 8.23 -0.37
N GLY B 71 -10.57 8.03 -0.77
CA GLY B 71 -11.45 9.16 -1.04
C GLY B 71 -11.66 10.00 0.21
N ARG B 72 -11.71 9.35 1.36
CA ARG B 72 -11.83 10.04 2.63
C ARG B 72 -10.58 10.88 2.90
N MET B 73 -9.41 10.30 2.68
CA MET B 73 -8.15 11.01 2.82
C MET B 73 -8.09 12.19 1.85
N LEU B 74 -8.57 11.95 0.64
CA LEU B 74 -8.66 12.99 -0.38
C LEU B 74 -9.56 14.11 0.14
N ASN B 75 -10.68 13.73 0.74
CA ASN B 75 -11.59 14.70 1.35
C ASN B 75 -10.91 15.42 2.50
N ILE B 76 -10.10 14.71 3.27
CA ILE B 76 -9.36 15.32 4.37
C ILE B 76 -8.46 16.42 3.85
N LEU B 77 -7.67 16.10 2.83
CA LEU B 77 -6.73 17.05 2.24
C LEU B 77 -7.47 18.18 1.53
N ASN B 78 -8.47 17.82 0.76
CA ASN B 78 -9.20 18.77 -0.07
C ASN B 78 -10.04 19.72 0.77
N ARG B 79 -10.79 19.17 1.71
CA ARG B 79 -11.69 19.97 2.53
C ARG B 79 -10.97 20.48 3.77
N ARG B 80 -10.29 19.58 4.47
CA ARG B 80 -9.59 19.92 5.71
C ARG B 80 -10.53 20.54 6.74
N ARG B 81 -11.08 19.70 7.62
CA ARG B 81 -11.97 20.18 8.67
C ARG B 81 -11.17 20.85 9.79
N ARG B 82 -9.85 20.76 9.69
CA ARG B 82 -8.97 21.37 10.69
C ARG B 82 -8.33 22.62 10.10
CA MET A 1 15.64 1.26 22.69
C MET A 1 14.54 0.55 21.93
N ARG A 2 13.69 1.32 21.27
CA ARG A 2 12.57 0.78 20.51
C ARG A 2 12.18 1.75 19.40
N ASN A 3 11.02 1.53 18.81
CA ASN A 3 10.49 2.43 17.79
C ASN A 3 10.39 3.85 18.33
N ARG A 4 11.01 4.79 17.61
CA ARG A 4 10.88 6.21 17.95
C ARG A 4 9.42 6.61 17.79
N VAL A 5 8.84 6.09 16.73
CA VAL A 5 7.43 6.20 16.44
C VAL A 5 7.10 5.13 15.41
N SER A 6 5.84 4.84 15.20
CA SER A 6 5.42 3.80 14.27
C SER A 6 6.01 4.03 12.87
N THR A 7 6.52 2.94 12.28
CA THR A 7 6.95 2.91 10.88
C THR A 7 8.32 3.57 10.66
N VAL A 8 8.70 4.53 11.50
CA VAL A 8 9.92 5.31 11.24
C VAL A 8 11.18 4.46 11.34
N GLN A 9 11.21 3.52 12.27
CA GLN A 9 12.40 2.71 12.48
C GLN A 9 12.57 1.74 11.31
N GLN A 10 11.45 1.21 10.86
CA GLN A 10 11.43 0.29 9.73
C GLN A 10 11.95 0.99 8.48
N LEU A 11 11.53 2.24 8.31
CA LEU A 11 11.95 3.03 7.16
C LEU A 11 13.37 3.53 7.33
N THR A 12 13.78 3.79 8.57
CA THR A 12 15.11 4.29 8.84
C THR A 12 16.16 3.20 8.61
N LYS A 13 15.80 1.95 8.87
CA LYS A 13 16.70 0.84 8.57
C LYS A 13 16.41 0.27 7.18
N ARG A 14 15.21 0.56 6.67
CA ARG A 14 14.79 0.21 5.32
C ARG A 14 14.56 -1.30 5.17
N PHE A 15 15.64 -2.05 4.95
CA PHE A 15 15.53 -3.48 4.69
C PHE A 15 16.94 -4.06 4.48
N SER A 16 17.57 -3.65 3.38
CA SER A 16 18.92 -4.07 3.07
C SER A 16 19.61 -3.02 2.22
N LEU A 17 19.04 -2.72 1.05
CA LEU A 17 19.57 -1.70 0.17
C LEU A 17 18.56 -0.57 0.03
N GLY A 18 19.04 0.60 -0.35
CA GLY A 18 18.16 1.74 -0.53
C GLY A 18 18.16 2.66 0.67
N MET A 19 18.78 3.82 0.52
CA MET A 19 18.79 4.80 1.59
C MET A 19 17.57 5.72 1.48
N LEU A 20 16.43 5.19 1.89
CA LEU A 20 15.17 5.92 1.80
C LEU A 20 15.01 6.87 2.99
N GLN A 21 15.83 7.91 3.03
CA GLN A 21 15.69 8.95 4.03
C GLN A 21 14.40 9.72 3.78
N GLY A 22 14.08 9.86 2.51
CA GLY A 22 12.83 10.46 2.12
C GLY A 22 12.01 9.51 1.29
N ARG A 23 10.72 9.74 1.21
CA ARG A 23 9.84 8.85 0.46
C ARG A 23 9.93 9.16 -1.03
N GLY A 24 10.31 10.39 -1.34
CA GLY A 24 10.52 10.78 -2.72
C GLY A 24 9.22 11.10 -3.43
N PRO A 25 8.85 10.31 -4.45
CA PRO A 25 7.60 10.48 -5.17
C PRO A 25 6.39 10.46 -4.25
N LEU A 26 5.46 11.39 -4.49
CA LEU A 26 4.26 11.50 -3.70
C LEU A 26 3.44 10.22 -3.85
N LYS A 27 3.57 9.59 -5.01
CA LYS A 27 2.92 8.32 -5.27
C LYS A 27 3.38 7.27 -4.27
N LEU A 28 4.69 7.19 -4.08
CA LEU A 28 5.28 6.23 -3.15
C LEU A 28 4.87 6.57 -1.72
N PHE A 29 5.01 7.85 -1.39
CA PHE A 29 4.64 8.36 -0.07
C PHE A 29 3.20 8.00 0.25
N MET A 30 2.29 8.43 -0.63
CA MET A 30 0.87 8.26 -0.40
C MET A 30 0.50 6.79 -0.44
N ALA A 31 1.16 6.02 -1.30
CA ALA A 31 0.92 4.59 -1.36
C ALA A 31 1.27 3.93 -0.03
N LEU A 32 2.42 4.30 0.52
CA LEU A 32 2.87 3.77 1.81
C LEU A 32 1.89 4.18 2.90
N VAL A 33 1.53 5.47 2.92
CA VAL A 33 0.59 6.00 3.90
C VAL A 33 -0.75 5.27 3.79
N ALA A 34 -1.25 5.16 2.57
CA ALA A 34 -2.53 4.52 2.32
C ALA A 34 -2.49 3.04 2.70
N PHE A 35 -1.39 2.38 2.36
CA PHE A 35 -1.17 0.98 2.73
C PHE A 35 -1.33 0.81 4.24
N LEU A 36 -0.61 1.61 5.00
CA LEU A 36 -0.64 1.54 6.45
C LEU A 36 -2.02 1.92 7.00
N ARG A 37 -2.59 2.99 6.46
CA ARG A 37 -3.88 3.48 6.94
C ARG A 37 -5.00 2.52 6.63
N PHE A 38 -4.90 1.82 5.51
CA PHE A 38 -5.92 0.86 5.12
C PHE A 38 -5.90 -0.35 6.03
N LEU A 39 -4.70 -0.75 6.45
CA LEU A 39 -4.56 -1.83 7.41
C LEU A 39 -5.23 -1.43 8.73
N THR A 40 -4.67 -0.39 9.36
CA THR A 40 -5.21 0.16 10.61
C THR A 40 -4.15 0.98 11.34
N ILE A 41 -2.89 0.62 11.14
CA ILE A 41 -1.78 1.19 11.89
C ILE A 41 -1.50 2.64 11.46
N PRO A 42 -1.34 3.54 12.44
CA PRO A 42 -0.89 4.91 12.19
C PRO A 42 0.59 4.96 11.77
N PRO A 43 0.90 5.58 10.62
CA PRO A 43 2.27 5.69 10.10
C PRO A 43 3.16 6.63 10.93
N THR A 44 4.23 7.09 10.30
CA THR A 44 5.20 7.96 10.94
C THR A 44 4.56 9.25 11.46
N ALA A 45 5.10 9.80 12.54
CA ALA A 45 4.55 11.01 13.15
C ALA A 45 4.43 12.13 12.14
N GLY A 46 5.55 12.46 11.49
CA GLY A 46 5.58 13.54 10.53
C GLY A 46 4.56 13.37 9.41
N ILE A 47 4.19 12.13 9.13
CA ILE A 47 3.18 11.84 8.14
C ILE A 47 1.81 12.30 8.61
N LEU A 48 1.42 11.88 9.82
CA LEU A 48 0.11 12.23 10.35
C LEU A 48 0.06 13.67 10.85
N LYS A 49 1.22 14.22 11.17
CA LYS A 49 1.29 15.59 11.69
C LYS A 49 1.43 16.59 10.54
N ARG A 50 2.32 16.32 9.61
CA ARG A 50 2.64 17.29 8.56
C ARG A 50 2.28 16.77 7.18
N TRP A 51 2.05 15.46 7.08
CA TRP A 51 1.77 14.81 5.81
C TRP A 51 2.94 14.96 4.83
N GLY A 52 4.14 15.10 5.41
CA GLY A 52 5.34 15.21 4.61
C GLY A 52 5.36 16.43 3.70
N THR A 53 5.06 16.20 2.43
CA THR A 53 5.10 17.26 1.43
C THR A 53 3.75 17.39 0.73
N ILE A 54 2.71 16.87 1.37
CA ILE A 54 1.37 16.95 0.81
C ILE A 54 0.85 18.39 0.84
N LYS A 55 0.82 19.00 -0.34
CA LYS A 55 0.34 20.37 -0.49
C LYS A 55 -1.14 20.40 -0.90
N LYS A 56 -1.86 19.35 -0.51
CA LYS A 56 -3.31 19.26 -0.69
C LYS A 56 -3.72 19.35 -2.17
N SER A 57 -2.84 18.93 -3.06
CA SER A 57 -3.13 18.98 -4.49
C SER A 57 -2.57 17.75 -5.20
N LYS A 58 -1.25 17.66 -5.29
CA LYS A 58 -0.61 16.50 -5.91
C LYS A 58 -1.03 15.22 -5.20
N ALA A 59 -1.17 15.30 -3.88
CA ALA A 59 -1.62 14.18 -3.07
C ALA A 59 -3.04 13.79 -3.44
N ILE A 60 -3.89 14.80 -3.64
CA ILE A 60 -5.26 14.56 -4.04
C ILE A 60 -5.30 13.82 -5.37
N ASN A 61 -4.48 14.30 -6.31
CA ASN A 61 -4.37 13.67 -7.61
C ASN A 61 -3.84 12.25 -7.48
N VAL A 62 -2.87 12.06 -6.59
CA VAL A 62 -2.31 10.74 -6.34
C VAL A 62 -3.37 9.80 -5.75
N LEU A 63 -4.11 10.29 -4.76
CA LEU A 63 -5.21 9.53 -4.17
C LEU A 63 -6.26 9.18 -5.21
N ARG A 64 -6.58 10.15 -6.05
CA ARG A 64 -7.52 9.94 -7.15
C ARG A 64 -7.00 8.85 -8.08
N GLY A 65 -5.73 8.96 -8.46
CA GLY A 65 -5.13 7.97 -9.33
C GLY A 65 -5.08 6.60 -8.67
N PHE A 66 -4.80 6.59 -7.37
CA PHE A 66 -4.75 5.37 -6.60
C PHE A 66 -6.10 4.67 -6.62
N ARG A 67 -7.15 5.40 -6.24
CA ARG A 67 -8.48 4.82 -6.21
C ARG A 67 -8.94 4.48 -7.62
N LYS A 68 -8.44 5.23 -8.61
CA LYS A 68 -8.73 4.93 -10.00
C LYS A 68 -8.16 3.58 -10.40
N GLU A 69 -6.89 3.36 -10.08
CA GLU A 69 -6.23 2.10 -10.42
C GLU A 69 -6.75 0.97 -9.54
N ILE A 70 -7.21 1.32 -8.34
CA ILE A 70 -7.92 0.37 -7.50
C ILE A 70 -9.23 -0.05 -8.18
N GLY A 71 -9.96 0.94 -8.67
CA GLY A 71 -11.16 0.66 -9.43
C GLY A 71 -10.85 -0.12 -10.69
N ARG A 72 -9.67 0.12 -11.24
CA ARG A 72 -9.18 -0.61 -12.40
C ARG A 72 -8.93 -2.07 -12.05
N MET A 73 -8.27 -2.31 -10.93
CA MET A 73 -8.02 -3.67 -10.45
C MET A 73 -9.33 -4.35 -10.08
N LEU A 74 -10.24 -3.57 -9.51
CA LEU A 74 -11.59 -4.04 -9.20
C LEU A 74 -12.25 -4.48 -10.50
N ASN A 75 -12.12 -3.64 -11.52
CA ASN A 75 -12.61 -3.96 -12.86
C ASN A 75 -11.90 -5.20 -13.41
N ILE A 76 -10.62 -5.35 -13.09
CA ILE A 76 -9.87 -6.53 -13.47
C ILE A 76 -10.47 -7.78 -12.86
N LEU A 77 -10.71 -7.74 -11.56
CA LEU A 77 -11.25 -8.88 -10.83
C LEU A 77 -12.69 -9.16 -11.23
N ASN A 78 -13.45 -8.10 -11.42
CA ASN A 78 -14.87 -8.22 -11.73
C ASN A 78 -15.09 -8.64 -13.18
N ARG A 79 -14.45 -7.94 -14.11
CA ARG A 79 -14.68 -8.17 -15.53
C ARG A 79 -13.75 -9.23 -16.08
N ARG A 80 -12.65 -9.48 -15.36
CA ARG A 80 -11.67 -10.50 -15.72
C ARG A 80 -11.01 -10.23 -17.06
N ARG A 81 -10.73 -8.97 -17.33
CA ARG A 81 -10.07 -8.57 -18.57
C ARG A 81 -8.55 -8.80 -18.47
N ARG A 82 -8.12 -9.26 -17.32
CA ARG A 82 -6.70 -9.55 -17.08
C ARG A 82 -6.58 -10.69 -16.07
N MET B 1 20.01 -17.72 -7.68
CA MET B 1 20.74 -16.92 -6.67
C MET B 1 20.21 -15.49 -6.62
N ARG B 2 18.92 -15.35 -6.91
CA ARG B 2 18.27 -14.05 -6.92
C ARG B 2 16.78 -14.21 -6.65
N ASN B 3 16.02 -13.16 -6.90
CA ASN B 3 14.57 -13.20 -6.74
C ASN B 3 13.98 -14.33 -7.59
N ARG B 4 13.20 -15.21 -6.95
CA ARG B 4 12.48 -16.26 -7.67
C ARG B 4 11.48 -15.59 -8.59
N VAL B 5 10.86 -14.56 -8.05
CA VAL B 5 9.98 -13.68 -8.78
C VAL B 5 9.84 -12.41 -7.94
N SER B 6 9.30 -11.35 -8.53
CA SER B 6 9.18 -10.08 -7.83
C SER B 6 8.41 -10.22 -6.51
N THR B 7 8.94 -9.59 -5.47
CA THR B 7 8.26 -9.46 -4.18
C THR B 7 8.32 -10.73 -3.32
N VAL B 8 8.43 -11.90 -3.95
CA VAL B 8 8.32 -13.16 -3.21
C VAL B 8 9.48 -13.36 -2.23
N GLN B 9 10.68 -12.94 -2.62
CA GLN B 9 11.86 -13.15 -1.79
C GLN B 9 11.80 -12.24 -0.58
N GLN B 10 11.33 -11.02 -0.82
CA GLN B 10 11.18 -10.04 0.24
C GLN B 10 10.17 -10.53 1.26
N LEU B 11 9.09 -11.13 0.78
CA LEU B 11 8.06 -11.64 1.66
C LEU B 11 8.50 -12.95 2.30
N THR B 12 9.30 -13.73 1.59
CA THR B 12 9.76 -15.01 2.11
C THR B 12 10.76 -14.82 3.25
N LYS B 13 11.55 -13.74 3.18
CA LYS B 13 12.45 -13.41 4.28
C LYS B 13 11.78 -12.45 5.25
N ARG B 14 10.74 -11.76 4.77
CA ARG B 14 9.91 -10.87 5.58
C ARG B 14 10.66 -9.58 5.95
N PHE B 15 11.47 -9.65 7.00
CA PHE B 15 12.15 -8.47 7.53
C PHE B 15 13.00 -8.87 8.73
N SER B 16 12.33 -9.27 9.80
CA SER B 16 13.01 -9.71 11.01
C SER B 16 12.12 -10.69 11.78
N LEU B 17 10.93 -10.23 12.15
CA LEU B 17 9.97 -11.07 12.84
C LEU B 17 8.71 -11.22 11.99
N GLY B 18 7.95 -12.27 12.24
CA GLY B 18 6.73 -12.49 11.50
C GLY B 18 6.90 -13.49 10.38
N MET B 19 6.39 -14.69 10.56
CA MET B 19 6.46 -15.71 9.53
C MET B 19 5.28 -15.58 8.58
N LEU B 20 5.35 -14.59 7.70
CA LEU B 20 4.28 -14.32 6.76
C LEU B 20 4.37 -15.23 5.54
N GLN B 21 4.11 -16.51 5.75
CA GLN B 21 4.04 -17.46 4.65
C GLN B 21 2.82 -17.15 3.79
N GLY B 22 1.77 -16.71 4.46
CA GLY B 22 0.59 -16.27 3.78
C GLY B 22 0.29 -14.82 4.11
N ARG B 23 -0.49 -14.16 3.28
CA ARG B 23 -0.81 -12.75 3.51
C ARG B 23 -1.91 -12.63 4.56
N GLY B 24 -2.70 -13.69 4.68
CA GLY B 24 -3.74 -13.72 5.69
C GLY B 24 -4.98 -12.96 5.29
N PRO B 25 -5.31 -11.87 6.00
CA PRO B 25 -6.45 -11.01 5.69
C PRO B 25 -6.38 -10.49 4.26
N LEU B 26 -7.53 -10.53 3.59
CA LEU B 26 -7.63 -10.05 2.21
C LEU B 26 -7.30 -8.57 2.15
N LYS B 27 -7.59 -7.87 3.24
CA LYS B 27 -7.25 -6.47 3.36
C LYS B 27 -5.74 -6.27 3.23
N LEU B 28 -4.98 -7.08 3.95
CA LEU B 28 -3.52 -6.99 3.93
C LEU B 28 -3.01 -7.38 2.55
N PHE B 29 -3.54 -8.50 2.04
CA PHE B 29 -3.19 -9.00 0.72
C PHE B 29 -3.40 -7.92 -0.33
N MET B 30 -4.63 -7.43 -0.40
CA MET B 30 -5.02 -6.48 -1.42
C MET B 30 -4.30 -5.15 -1.22
N ALA B 31 -4.06 -4.78 0.03
CA ALA B 31 -3.32 -3.56 0.32
C ALA B 31 -1.90 -3.66 -0.24
N LEU B 32 -1.26 -4.80 0.00
CA LEU B 32 0.09 -5.05 -0.49
C LEU B 32 0.08 -5.03 -2.03
N VAL B 33 -0.85 -5.76 -2.61
CA VAL B 33 -0.98 -5.82 -4.06
C VAL B 33 -1.20 -4.42 -4.64
N ALA B 34 -2.14 -3.69 -4.05
CA ALA B 34 -2.47 -2.35 -4.51
C ALA B 34 -1.29 -1.40 -4.35
N PHE B 35 -0.60 -1.52 -3.22
CA PHE B 35 0.60 -0.74 -2.96
C PHE B 35 1.60 -0.92 -4.09
N LEU B 36 1.92 -2.18 -4.40
CA LEU B 36 2.88 -2.49 -5.44
C LEU B 36 2.37 -2.06 -6.82
N ARG B 37 1.09 -2.34 -7.10
CA ARG B 37 0.52 -2.02 -8.40
C ARG B 37 0.41 -0.52 -8.62
N PHE B 38 0.18 0.23 -7.56
CA PHE B 38 0.07 1.67 -7.67
C PHE B 38 1.42 2.28 -7.97
N LEU B 39 2.48 1.72 -7.40
CA LEU B 39 3.83 2.17 -7.71
C LEU B 39 4.11 1.92 -9.19
N THR B 40 4.13 0.64 -9.57
CA THR B 40 4.34 0.24 -10.98
C THR B 40 4.77 -1.23 -11.05
N ILE B 41 5.43 -1.70 -9.99
CA ILE B 41 6.05 -3.01 -9.99
C ILE B 41 5.00 -4.13 -9.90
N PRO B 42 5.14 -5.16 -10.76
CA PRO B 42 4.33 -6.38 -10.66
C PRO B 42 4.70 -7.21 -9.45
N PRO B 43 3.70 -7.55 -8.60
CA PRO B 43 3.92 -8.34 -7.38
C PRO B 43 4.26 -9.81 -7.67
N THR B 44 4.06 -10.65 -6.66
CA THR B 44 4.36 -12.07 -6.74
C THR B 44 3.60 -12.75 -7.87
N ALA B 45 4.20 -13.79 -8.46
CA ALA B 45 3.59 -14.49 -9.58
C ALA B 45 2.18 -14.97 -9.24
N GLY B 46 2.06 -15.73 -8.16
CA GLY B 46 0.78 -16.26 -7.74
C GLY B 46 -0.28 -15.20 -7.55
N ILE B 47 0.16 -13.98 -7.23
CA ILE B 47 -0.76 -12.87 -7.08
C ILE B 47 -1.36 -12.48 -8.43
N LEU B 48 -0.51 -12.27 -9.42
CA LEU B 48 -0.97 -11.83 -10.73
C LEU B 48 -1.57 -13.00 -11.52
N LYS B 49 -1.19 -14.21 -11.18
CA LYS B 49 -1.68 -15.39 -11.87
C LYS B 49 -2.98 -15.90 -11.25
N ARG B 50 -3.01 -16.01 -9.93
CA ARG B 50 -4.14 -16.62 -9.24
C ARG B 50 -4.86 -15.65 -8.34
N TRP B 51 -4.21 -14.52 -8.05
CA TRP B 51 -4.74 -13.52 -7.13
C TRP B 51 -4.92 -14.10 -5.72
N GLY B 52 -4.12 -15.11 -5.41
CA GLY B 52 -4.15 -15.72 -4.10
C GLY B 52 -5.49 -16.37 -3.78
N THR B 53 -6.30 -15.67 -2.99
CA THR B 53 -7.57 -16.19 -2.53
C THR B 53 -8.71 -15.25 -2.93
N ILE B 54 -8.45 -14.40 -3.91
CA ILE B 54 -9.45 -13.47 -4.40
C ILE B 54 -10.56 -14.20 -5.14
N LYS B 55 -11.72 -14.30 -4.49
CA LYS B 55 -12.88 -14.96 -5.06
C LYS B 55 -13.82 -13.95 -5.70
N LYS B 56 -13.24 -12.83 -6.15
CA LYS B 56 -13.96 -11.81 -6.92
C LYS B 56 -15.15 -11.23 -6.16
N SER B 57 -15.05 -11.23 -4.83
CA SER B 57 -16.12 -10.69 -4.01
C SER B 57 -15.55 -9.94 -2.80
N LYS B 58 -14.96 -10.68 -1.86
CA LYS B 58 -14.35 -10.07 -0.69
C LYS B 58 -13.28 -9.06 -1.12
N ALA B 59 -12.56 -9.39 -2.18
CA ALA B 59 -11.54 -8.51 -2.73
C ALA B 59 -12.17 -7.24 -3.27
N ILE B 60 -13.30 -7.38 -3.94
CA ILE B 60 -14.04 -6.25 -4.47
C ILE B 60 -14.44 -5.32 -3.32
N ASN B 61 -14.97 -5.92 -2.26
CA ASN B 61 -15.36 -5.18 -1.08
C ASN B 61 -14.15 -4.51 -0.44
N VAL B 62 -13.04 -5.22 -0.40
CA VAL B 62 -11.79 -4.67 0.13
C VAL B 62 -11.32 -3.48 -0.71
N LEU B 63 -11.32 -3.65 -2.03
CA LEU B 63 -10.95 -2.56 -2.94
C LEU B 63 -11.88 -1.37 -2.76
N ARG B 64 -13.17 -1.65 -2.64
CA ARG B 64 -14.16 -0.61 -2.38
C ARG B 64 -13.84 0.12 -1.08
N GLY B 65 -13.58 -0.64 -0.03
CA GLY B 65 -13.24 -0.06 1.25
C GLY B 65 -11.95 0.72 1.19
N PHE B 66 -10.99 0.20 0.43
CA PHE B 66 -9.70 0.85 0.26
C PHE B 66 -9.89 2.21 -0.41
N ARG B 67 -10.57 2.23 -1.55
CA ARG B 67 -10.80 3.49 -2.26
C ARG B 67 -11.70 4.41 -1.45
N LYS B 68 -12.56 3.82 -0.63
CA LYS B 68 -13.40 4.59 0.27
C LYS B 68 -12.55 5.33 1.29
N GLU B 69 -11.64 4.61 1.95
CA GLU B 69 -10.78 5.21 2.96
C GLU B 69 -9.74 6.12 2.31
N ILE B 70 -9.39 5.83 1.05
CA ILE B 70 -8.58 6.74 0.26
C ILE B 70 -9.34 8.04 0.03
N GLY B 71 -10.60 7.91 -0.35
CA GLY B 71 -11.46 9.07 -0.50
C GLY B 71 -11.63 9.80 0.83
N ARG B 72 -11.61 9.03 1.91
CA ARG B 72 -11.68 9.58 3.25
C ARG B 72 -10.43 10.39 3.56
N MET B 73 -9.26 9.84 3.25
CA MET B 73 -7.99 10.56 3.43
C MET B 73 -7.93 11.78 2.52
N LEU B 74 -8.46 11.61 1.31
CA LEU B 74 -8.57 12.71 0.37
C LEU B 74 -9.43 13.81 1.00
N ASN B 75 -10.54 13.39 1.59
CA ASN B 75 -11.41 14.29 2.33
C ASN B 75 -10.68 14.91 3.51
N ILE B 76 -9.81 14.12 4.14
CA ILE B 76 -8.98 14.62 5.22
C ILE B 76 -8.07 15.75 4.74
N LEU B 77 -7.37 15.51 3.65
CA LEU B 77 -6.43 16.48 3.10
C LEU B 77 -7.17 17.69 2.54
N ASN B 78 -8.29 17.45 1.90
CA ASN B 78 -9.05 18.52 1.26
C ASN B 78 -9.82 19.36 2.27
N ARG B 79 -10.55 18.69 3.16
CA ARG B 79 -11.42 19.39 4.09
C ARG B 79 -10.69 19.74 5.39
N ARG B 80 -9.58 19.03 5.63
CA ARG B 80 -8.74 19.26 6.79
C ARG B 80 -9.47 19.03 8.11
N ARG B 81 -10.31 18.00 8.11
CA ARG B 81 -11.04 17.63 9.33
C ARG B 81 -10.16 16.82 10.28
N ARG B 82 -8.92 16.58 9.86
CA ARG B 82 -7.97 15.84 10.67
C ARG B 82 -6.56 16.31 10.35
CA MET A 1 13.96 2.27 25.23
C MET A 1 12.81 3.11 24.67
N ARG A 2 13.00 4.42 24.65
CA ARG A 2 11.96 5.33 24.18
C ARG A 2 11.97 5.39 22.65
N ASN A 3 11.08 4.62 22.04
CA ASN A 3 10.95 4.62 20.59
C ASN A 3 10.32 5.94 20.12
N ARG A 4 10.46 6.22 18.84
CA ARG A 4 9.92 7.46 18.29
C ARG A 4 8.40 7.41 18.27
N VAL A 5 7.87 6.62 17.35
CA VAL A 5 6.45 6.54 17.12
C VAL A 5 6.16 5.37 16.18
N SER A 6 4.88 5.03 16.02
CA SER A 6 4.47 3.92 15.19
C SER A 6 4.92 4.07 13.74
N THR A 7 5.07 2.92 13.07
CA THR A 7 5.44 2.85 11.66
C THR A 7 6.93 3.13 11.42
N VAL A 8 7.43 4.26 11.90
CA VAL A 8 8.82 4.64 11.65
C VAL A 8 9.78 3.65 12.33
N GLN A 9 9.37 3.11 13.47
CA GLN A 9 10.19 2.14 14.17
C GLN A 9 10.32 0.87 13.34
N GLN A 10 9.22 0.46 12.74
CA GLN A 10 9.22 -0.70 11.85
C GLN A 10 10.11 -0.44 10.64
N LEU A 11 10.02 0.77 10.10
CA LEU A 11 10.84 1.16 8.96
C LEU A 11 12.31 1.18 9.37
N THR A 12 12.57 1.58 10.60
CA THR A 12 13.92 1.58 11.15
C THR A 12 14.41 0.14 11.35
N LYS A 13 13.51 -0.75 11.75
CA LYS A 13 13.83 -2.17 11.88
C LYS A 13 14.10 -2.78 10.51
N ARG A 14 13.46 -2.22 9.48
CA ARG A 14 13.74 -2.62 8.11
C ARG A 14 15.09 -2.09 7.66
N PHE A 15 15.23 -0.76 7.67
CA PHE A 15 16.48 -0.11 7.28
C PHE A 15 16.85 0.98 8.27
N SER A 16 17.74 0.68 9.20
CA SER A 16 18.15 1.63 10.22
C SER A 16 18.96 2.77 9.61
N LEU A 17 19.57 2.49 8.46
CA LEU A 17 20.35 3.49 7.74
C LEU A 17 19.74 3.72 6.36
N GLY A 18 18.45 3.45 6.24
CA GLY A 18 17.77 3.59 4.97
C GLY A 18 17.26 4.99 4.74
N MET A 19 16.28 5.12 3.85
CA MET A 19 15.69 6.41 3.53
C MET A 19 14.66 6.80 4.58
N LEU A 20 15.10 6.82 5.83
CA LEU A 20 14.24 7.18 6.94
C LEU A 20 13.97 8.67 6.93
N GLN A 21 12.69 9.03 6.90
CA GLN A 21 12.25 10.42 6.84
C GLN A 21 12.64 11.05 5.50
N GLY A 22 12.91 10.21 4.52
CA GLY A 22 13.33 10.71 3.23
C GLY A 22 12.62 10.03 2.08
N ARG A 23 11.37 10.39 1.86
CA ARG A 23 10.60 9.84 0.74
C ARG A 23 10.63 10.81 -0.43
N GLY A 24 11.03 10.29 -1.58
CA GLY A 24 11.09 11.10 -2.78
C GLY A 24 9.76 11.15 -3.51
N PRO A 25 9.29 10.01 -4.04
CA PRO A 25 8.01 9.95 -4.74
C PRO A 25 6.82 10.03 -3.79
N LEU A 26 5.94 10.99 -4.05
CA LEU A 26 4.73 11.16 -3.24
C LEU A 26 3.82 9.95 -3.39
N LYS A 27 3.90 9.32 -4.55
CA LYS A 27 3.17 8.08 -4.77
C LYS A 27 3.59 7.03 -3.75
N LEU A 28 4.89 6.87 -3.58
CA LEU A 28 5.44 5.89 -2.65
C LEU A 28 5.02 6.24 -1.23
N PHE A 29 5.23 7.50 -0.87
CA PHE A 29 4.88 7.99 0.45
C PHE A 29 3.41 7.74 0.76
N MET A 30 2.54 8.24 -0.10
CA MET A 30 1.12 8.17 0.16
C MET A 30 0.60 6.74 0.00
N ALA A 31 1.24 5.95 -0.84
CA ALA A 31 0.89 4.53 -0.96
C ALA A 31 1.24 3.80 0.33
N LEU A 32 2.37 4.17 0.92
CA LEU A 32 2.78 3.59 2.19
C LEU A 32 1.80 4.03 3.28
N VAL A 33 1.47 5.33 3.28
CA VAL A 33 0.48 5.87 4.21
C VAL A 33 -0.86 5.15 4.06
N ALA A 34 -1.30 5.01 2.82
CA ALA A 34 -2.54 4.31 2.52
C ALA A 34 -2.47 2.86 2.97
N PHE A 35 -1.34 2.22 2.69
CA PHE A 35 -1.11 0.84 3.09
C PHE A 35 -1.24 0.70 4.61
N LEU A 36 -0.51 1.52 5.35
CA LEU A 36 -0.49 1.42 6.81
C LEU A 36 -1.86 1.79 7.39
N ARG A 37 -2.52 2.77 6.79
CA ARG A 37 -3.83 3.21 7.25
C ARG A 37 -4.90 2.17 6.98
N PHE A 38 -4.80 1.53 5.82
CA PHE A 38 -5.78 0.53 5.41
C PHE A 38 -5.72 -0.69 6.33
N LEU A 39 -4.52 -1.02 6.78
CA LEU A 39 -4.36 -2.15 7.68
C LEU A 39 -4.88 -1.81 9.07
N THR A 40 -4.15 -0.96 9.80
CA THR A 40 -4.55 -0.56 11.16
C THR A 40 -3.42 0.17 11.89
N ILE A 41 -2.17 -0.10 11.50
CA ILE A 41 -1.02 0.45 12.21
C ILE A 41 -1.00 1.99 12.12
N PRO A 42 -0.93 2.67 13.28
CA PRO A 42 -0.92 4.14 13.34
C PRO A 42 0.22 4.77 12.54
N PRO A 43 -0.10 5.82 11.75
CA PRO A 43 0.90 6.55 10.96
C PRO A 43 1.93 7.25 11.84
N THR A 44 3.07 7.55 11.24
CA THR A 44 4.14 8.24 11.92
C THR A 44 3.77 9.70 12.20
N ALA A 45 4.25 10.24 13.32
CA ALA A 45 3.89 11.58 13.76
C ALA A 45 3.99 12.61 12.64
N GLY A 46 5.16 12.64 11.99
CA GLY A 46 5.39 13.60 10.92
C GLY A 46 4.35 13.50 9.81
N ILE A 47 3.80 12.31 9.62
CA ILE A 47 2.76 12.09 8.63
C ILE A 47 1.46 12.76 9.09
N LEU A 48 1.05 12.46 10.31
CA LEU A 48 -0.19 13.01 10.86
C LEU A 48 -0.09 14.52 11.06
N LYS A 49 1.11 15.01 11.33
CA LYS A 49 1.31 16.42 11.59
C LYS A 49 1.56 17.21 10.31
N ARG A 50 2.54 16.79 9.52
CA ARG A 50 2.95 17.58 8.36
C ARG A 50 2.72 16.83 7.05
N TRP A 51 2.23 15.60 7.16
CA TRP A 51 2.01 14.74 6.00
C TRP A 51 3.28 14.58 5.17
N GLY A 52 4.43 14.63 5.85
CA GLY A 52 5.70 14.50 5.18
C GLY A 52 6.00 15.70 4.28
N THR A 53 5.48 15.66 3.07
CA THR A 53 5.67 16.73 2.10
C THR A 53 4.47 16.80 1.16
N ILE A 54 3.33 16.33 1.65
CA ILE A 54 2.12 16.29 0.86
C ILE A 54 1.52 17.68 0.63
N LYS A 55 1.55 18.10 -0.62
CA LYS A 55 0.84 19.29 -1.04
C LYS A 55 -0.59 18.89 -1.39
N LYS A 56 -1.55 19.66 -0.93
CA LYS A 56 -2.96 19.26 -1.00
C LYS A 56 -3.53 19.50 -2.39
N SER A 57 -2.92 18.88 -3.38
CA SER A 57 -3.37 18.95 -4.76
C SER A 57 -2.78 17.78 -5.54
N LYS A 58 -1.45 17.69 -5.55
CA LYS A 58 -0.77 16.60 -6.23
C LYS A 58 -1.08 15.28 -5.56
N ALA A 59 -1.06 15.27 -4.23
CA ALA A 59 -1.40 14.09 -3.46
C ALA A 59 -2.87 13.72 -3.70
N ILE A 60 -3.69 14.73 -3.93
CA ILE A 60 -5.08 14.52 -4.27
C ILE A 60 -5.16 13.77 -5.59
N ASN A 61 -4.37 14.22 -6.56
CA ASN A 61 -4.27 13.54 -7.85
C ASN A 61 -3.74 12.13 -7.67
N VAL A 62 -2.78 11.99 -6.76
CA VAL A 62 -2.23 10.69 -6.41
C VAL A 62 -3.33 9.75 -5.92
N LEU A 63 -4.13 10.24 -4.97
CA LEU A 63 -5.23 9.46 -4.42
C LEU A 63 -6.30 9.18 -5.47
N ARG A 64 -6.56 10.16 -6.34
CA ARG A 64 -7.49 9.97 -7.45
C ARG A 64 -7.01 8.85 -8.36
N GLY A 65 -5.74 8.91 -8.72
CA GLY A 65 -5.16 7.87 -9.56
C GLY A 65 -5.15 6.53 -8.88
N PHE A 66 -4.82 6.55 -7.58
CA PHE A 66 -4.78 5.33 -6.78
C PHE A 66 -6.15 4.67 -6.75
N ARG A 67 -7.18 5.43 -6.36
CA ARG A 67 -8.53 4.87 -6.29
C ARG A 67 -9.02 4.49 -7.68
N LYS A 68 -8.56 5.22 -8.69
CA LYS A 68 -8.88 4.91 -10.07
C LYS A 68 -8.33 3.54 -10.44
N GLU A 69 -7.04 3.33 -10.19
CA GLU A 69 -6.40 2.06 -10.50
C GLU A 69 -6.98 0.93 -9.65
N ILE A 70 -7.31 1.25 -8.41
CA ILE A 70 -8.02 0.31 -7.54
C ILE A 70 -9.35 -0.07 -8.17
N GLY A 71 -10.05 0.91 -8.70
CA GLY A 71 -11.28 0.65 -9.43
C GLY A 71 -11.04 -0.24 -10.63
N ARG A 72 -9.95 -0.02 -11.34
CA ARG A 72 -9.57 -0.87 -12.46
C ARG A 72 -9.34 -2.30 -11.99
N MET A 73 -8.59 -2.45 -10.92
CA MET A 73 -8.33 -3.78 -10.33
C MET A 73 -9.64 -4.42 -9.90
N LEU A 74 -10.52 -3.59 -9.33
CA LEU A 74 -11.84 -4.03 -8.90
C LEU A 74 -12.62 -4.58 -10.10
N ASN A 75 -12.59 -3.84 -11.20
CA ASN A 75 -13.22 -4.27 -12.43
C ASN A 75 -12.57 -5.54 -12.96
N ILE A 76 -11.25 -5.63 -12.82
CA ILE A 76 -10.52 -6.83 -13.22
C ILE A 76 -11.00 -8.04 -12.42
N LEU A 77 -11.09 -7.88 -11.12
CA LEU A 77 -11.50 -8.98 -10.24
C LEU A 77 -12.97 -9.31 -10.46
N ASN A 78 -13.80 -8.29 -10.57
CA ASN A 78 -15.24 -8.48 -10.66
C ASN A 78 -15.65 -9.02 -12.03
N ARG A 79 -15.11 -8.44 -13.08
CA ARG A 79 -15.52 -8.80 -14.43
C ARG A 79 -14.60 -9.87 -15.03
N ARG A 80 -13.33 -9.82 -14.64
CA ARG A 80 -12.30 -10.74 -15.15
C ARG A 80 -12.15 -10.64 -16.66
N ARG A 81 -12.55 -9.48 -17.20
CA ARG A 81 -12.57 -9.25 -18.64
C ARG A 81 -13.49 -10.25 -19.35
N ARG A 82 -12.90 -11.35 -19.81
CA ARG A 82 -13.65 -12.40 -20.50
C ARG A 82 -12.71 -13.54 -20.85
N MET B 1 20.90 -17.90 -8.47
CA MET B 1 20.99 -17.30 -9.82
C MET B 1 19.60 -17.05 -10.39
N ARG B 2 18.85 -18.12 -10.61
CA ARG B 2 17.51 -18.02 -11.18
C ARG B 2 16.51 -17.64 -10.10
N ASN B 3 16.19 -16.35 -10.01
CA ASN B 3 15.20 -15.89 -9.05
C ASN B 3 13.81 -16.32 -9.48
N ARG B 4 12.86 -16.26 -8.55
CA ARG B 4 11.51 -16.67 -8.84
C ARG B 4 10.83 -15.69 -9.78
N VAL B 5 10.50 -14.53 -9.24
CA VAL B 5 9.75 -13.53 -9.96
C VAL B 5 9.75 -12.22 -9.16
N SER B 6 9.29 -11.16 -9.76
CA SER B 6 9.27 -9.84 -9.13
C SER B 6 8.44 -9.83 -7.83
N THR B 7 8.81 -8.90 -6.94
CA THR B 7 8.12 -8.68 -5.68
C THR B 7 8.47 -9.75 -4.63
N VAL B 8 8.30 -11.02 -4.97
CA VAL B 8 8.53 -12.10 -4.00
C VAL B 8 10.00 -12.15 -3.60
N GLN B 9 10.88 -11.82 -4.53
CA GLN B 9 12.31 -11.81 -4.26
C GLN B 9 12.63 -10.74 -3.22
N GLN B 10 12.00 -9.58 -3.38
CA GLN B 10 12.16 -8.49 -2.43
C GLN B 10 11.63 -8.91 -1.06
N LEU B 11 10.48 -9.57 -1.06
CA LEU B 11 9.88 -10.07 0.17
C LEU B 11 10.80 -11.10 0.82
N THR B 12 11.46 -11.90 -0.02
CA THR B 12 12.41 -12.88 0.46
C THR B 12 13.66 -12.19 1.03
N LYS B 13 14.07 -11.09 0.40
CA LYS B 13 15.17 -10.29 0.90
C LYS B 13 14.79 -9.62 2.22
N ARG B 14 13.51 -9.36 2.39
CA ARG B 14 13.00 -8.86 3.67
C ARG B 14 12.99 -9.97 4.71
N PHE B 15 12.23 -11.03 4.44
CA PHE B 15 12.14 -12.16 5.34
C PHE B 15 12.25 -13.48 4.56
N SER B 16 13.44 -14.06 4.56
CA SER B 16 13.68 -15.29 3.82
C SER B 16 12.96 -16.48 4.47
N LEU B 17 12.66 -16.33 5.76
CA LEU B 17 11.93 -17.35 6.50
C LEU B 17 10.63 -16.77 7.04
N GLY B 18 10.15 -15.73 6.37
CA GLY B 18 8.95 -15.05 6.82
C GLY B 18 7.69 -15.69 6.26
N MET B 19 6.61 -14.93 6.25
CA MET B 19 5.34 -15.43 5.74
C MET B 19 5.29 -15.37 4.22
N LEU B 20 6.28 -15.99 3.60
CA LEU B 20 6.38 -16.03 2.15
C LEU B 20 5.33 -16.96 1.58
N GLN B 21 4.50 -16.41 0.69
CA GLN B 21 3.39 -17.13 0.07
C GLN B 21 2.32 -17.48 1.10
N GLY B 22 2.34 -16.77 2.22
CA GLY B 22 1.39 -17.03 3.29
C GLY B 22 0.77 -15.77 3.84
N ARG B 23 -0.17 -15.20 3.10
CA ARG B 23 -0.89 -14.01 3.55
C ARG B 23 -2.22 -14.42 4.15
N GLY B 24 -2.45 -13.98 5.38
CA GLY B 24 -3.70 -14.27 6.06
C GLY B 24 -4.79 -13.28 5.70
N PRO B 25 -4.63 -12.01 6.09
CA PRO B 25 -5.61 -10.97 5.80
C PRO B 25 -5.60 -10.56 4.32
N LEU B 26 -6.76 -10.64 3.70
CA LEU B 26 -6.90 -10.24 2.30
C LEU B 26 -6.65 -8.75 2.15
N LYS B 27 -6.96 -8.00 3.21
CA LYS B 27 -6.66 -6.58 3.24
C LYS B 27 -5.17 -6.36 3.05
N LEU B 28 -4.37 -7.10 3.82
CA LEU B 28 -2.92 -6.97 3.76
C LEU B 28 -2.42 -7.36 2.38
N PHE B 29 -2.89 -8.51 1.91
CA PHE B 29 -2.51 -9.02 0.60
C PHE B 29 -2.80 -8.01 -0.48
N MET B 30 -4.06 -7.59 -0.57
CA MET B 30 -4.49 -6.72 -1.65
C MET B 30 -3.94 -5.31 -1.48
N ALA B 31 -3.69 -4.90 -0.24
CA ALA B 31 -3.05 -3.61 0.01
C ALA B 31 -1.61 -3.65 -0.49
N LEU B 32 -0.95 -4.78 -0.29
CA LEU B 32 0.41 -4.97 -0.79
C LEU B 32 0.39 -4.98 -2.31
N VAL B 33 -0.57 -5.72 -2.88
CA VAL B 33 -0.75 -5.77 -4.33
C VAL B 33 -1.01 -4.37 -4.88
N ALA B 34 -1.92 -3.64 -4.23
CA ALA B 34 -2.23 -2.27 -4.63
C ALA B 34 -1.00 -1.39 -4.52
N PHE B 35 -0.28 -1.53 -3.42
CA PHE B 35 0.94 -0.78 -3.18
C PHE B 35 1.94 -1.02 -4.30
N LEU B 36 2.24 -2.28 -4.60
CA LEU B 36 3.23 -2.61 -5.61
C LEU B 36 2.76 -2.19 -7.00
N ARG B 37 1.47 -2.33 -7.26
CA ARG B 37 0.90 -1.96 -8.56
C ARG B 37 0.88 -0.46 -8.76
N PHE B 38 0.59 0.27 -7.68
CA PHE B 38 0.51 1.72 -7.74
C PHE B 38 1.87 2.32 -8.04
N LEU B 39 2.92 1.70 -7.50
CA LEU B 39 4.28 2.18 -7.74
C LEU B 39 4.72 1.86 -9.17
N THR B 40 4.98 0.58 -9.44
CA THR B 40 5.41 0.16 -10.78
C THR B 40 5.94 -1.28 -10.78
N ILE B 41 6.42 -1.75 -9.64
CA ILE B 41 7.05 -3.06 -9.55
C ILE B 41 6.04 -4.17 -9.90
N PRO B 42 6.39 -5.03 -10.87
CA PRO B 42 5.52 -6.14 -11.31
C PRO B 42 5.12 -7.09 -10.18
N PRO B 43 3.83 -7.45 -10.11
CA PRO B 43 3.32 -8.39 -9.10
C PRO B 43 3.90 -9.78 -9.26
N THR B 44 3.86 -10.54 -8.19
CA THR B 44 4.34 -11.91 -8.17
C THR B 44 3.44 -12.82 -9.01
N ALA B 45 4.04 -13.82 -9.65
CA ALA B 45 3.33 -14.70 -10.57
C ALA B 45 2.02 -15.21 -9.97
N GLY B 46 2.10 -15.78 -8.77
CA GLY B 46 0.92 -16.33 -8.12
C GLY B 46 -0.19 -15.31 -7.95
N ILE B 47 0.18 -14.04 -7.85
CA ILE B 47 -0.80 -12.97 -7.75
C ILE B 47 -1.49 -12.78 -9.09
N LEU B 48 -0.71 -12.64 -10.15
CA LEU B 48 -1.26 -12.42 -11.48
C LEU B 48 -2.04 -13.64 -11.98
N LYS B 49 -1.62 -14.80 -11.53
CA LYS B 49 -2.24 -16.05 -11.98
C LYS B 49 -3.44 -16.44 -11.12
N ARG B 50 -3.25 -16.51 -9.81
CA ARG B 50 -4.29 -17.02 -8.93
C ARG B 50 -4.76 -15.97 -7.94
N TRP B 51 -4.15 -14.79 -7.97
CA TRP B 51 -4.46 -13.71 -7.05
C TRP B 51 -4.31 -14.16 -5.61
N GLY B 52 -3.39 -15.09 -5.37
CA GLY B 52 -3.17 -15.61 -4.04
C GLY B 52 -4.34 -16.43 -3.53
N THR B 53 -5.34 -15.74 -2.99
CA THR B 53 -6.53 -16.38 -2.47
C THR B 53 -7.72 -15.42 -2.57
N ILE B 54 -7.63 -14.51 -3.52
CA ILE B 54 -8.65 -13.50 -3.73
C ILE B 54 -9.94 -14.07 -4.31
N LYS B 55 -10.98 -14.06 -3.51
CA LYS B 55 -12.31 -14.38 -3.99
C LYS B 55 -12.93 -13.09 -4.54
N LYS B 56 -13.55 -13.18 -5.71
CA LYS B 56 -13.98 -12.00 -6.45
C LYS B 56 -15.29 -11.44 -5.88
N SER B 57 -15.24 -11.09 -4.61
CA SER B 57 -16.37 -10.49 -3.92
C SER B 57 -15.88 -9.78 -2.66
N LYS B 58 -15.22 -10.54 -1.78
CA LYS B 58 -14.68 -9.97 -0.56
C LYS B 58 -13.57 -8.99 -0.88
N ALA B 59 -12.71 -9.38 -1.82
CA ALA B 59 -11.64 -8.50 -2.28
C ALA B 59 -12.21 -7.26 -2.94
N ILE B 60 -13.36 -7.43 -3.58
CA ILE B 60 -14.08 -6.30 -4.16
C ILE B 60 -14.49 -5.34 -3.06
N ASN B 61 -15.04 -5.90 -1.99
CA ASN B 61 -15.40 -5.11 -0.81
C ASN B 61 -14.16 -4.45 -0.20
N VAL B 62 -13.05 -5.20 -0.21
CA VAL B 62 -11.77 -4.68 0.24
C VAL B 62 -11.38 -3.44 -0.57
N LEU B 63 -11.44 -3.56 -1.89
CA LEU B 63 -11.09 -2.46 -2.78
C LEU B 63 -12.06 -1.30 -2.62
N ARG B 64 -13.35 -1.62 -2.44
CA ARG B 64 -14.36 -0.61 -2.19
C ARG B 64 -14.04 0.17 -0.91
N GLY B 65 -13.72 -0.56 0.15
CA GLY B 65 -13.36 0.07 1.40
C GLY B 65 -12.07 0.86 1.28
N PHE B 66 -11.12 0.29 0.56
CA PHE B 66 -9.83 0.93 0.34
C PHE B 66 -10.01 2.27 -0.38
N ARG B 67 -10.69 2.24 -1.52
CA ARG B 67 -10.92 3.46 -2.29
C ARG B 67 -11.78 4.44 -1.50
N LYS B 68 -12.68 3.89 -0.67
CA LYS B 68 -13.51 4.70 0.20
C LYS B 68 -12.65 5.47 1.20
N GLU B 69 -11.78 4.75 1.89
CA GLU B 69 -10.89 5.36 2.86
C GLU B 69 -9.91 6.31 2.18
N ILE B 70 -9.45 5.95 0.99
CA ILE B 70 -8.65 6.84 0.18
C ILE B 70 -9.41 8.12 -0.11
N GLY B 71 -10.69 7.97 -0.44
CA GLY B 71 -11.55 9.12 -0.65
C GLY B 71 -11.64 9.98 0.61
N ARG B 72 -11.74 9.31 1.76
CA ARG B 72 -11.75 10.02 3.04
C ARG B 72 -10.46 10.80 3.24
N MET B 73 -9.32 10.15 2.99
CA MET B 73 -8.02 10.80 3.10
C MET B 73 -7.93 11.95 2.12
N LEU B 74 -8.49 11.75 0.94
CA LEU B 74 -8.52 12.77 -0.10
C LEU B 74 -9.30 13.98 0.41
N ASN B 75 -10.46 13.72 1.02
CA ASN B 75 -11.26 14.78 1.62
C ASN B 75 -10.51 15.44 2.76
N ILE B 76 -9.77 14.65 3.52
CA ILE B 76 -8.95 15.19 4.61
C ILE B 76 -7.91 16.15 4.07
N LEU B 77 -7.20 15.73 3.02
CA LEU B 77 -6.16 16.56 2.44
C LEU B 77 -6.74 17.78 1.73
N ASN B 78 -7.82 17.57 1.01
CA ASN B 78 -8.41 18.64 0.19
C ASN B 78 -9.15 19.66 1.06
N ARG B 79 -9.94 19.18 2.02
CA ARG B 79 -10.75 20.07 2.82
C ARG B 79 -10.06 20.45 4.13
N ARG B 80 -9.26 19.51 4.65
CA ARG B 80 -8.55 19.69 5.92
C ARG B 80 -9.52 19.95 7.07
N ARG B 81 -10.77 19.49 6.89
CA ARG B 81 -11.84 19.73 7.85
C ARG B 81 -12.08 21.22 8.05
N ARG B 82 -11.42 21.80 9.06
CA ARG B 82 -11.55 23.22 9.35
C ARG B 82 -10.63 23.57 10.52
CA MET A 1 14.29 1.23 23.29
C MET A 1 14.78 1.67 21.91
N ARG A 2 13.87 1.67 20.94
CA ARG A 2 14.16 2.18 19.59
C ARG A 2 12.89 2.77 19.01
N ASN A 3 12.14 3.44 19.87
CA ASN A 3 10.80 3.91 19.52
C ASN A 3 10.82 5.37 19.14
N ARG A 4 10.02 5.71 18.15
CA ARG A 4 9.83 7.08 17.72
C ARG A 4 8.36 7.39 17.66
N VAL A 5 7.64 6.58 16.90
CA VAL A 5 6.21 6.69 16.75
C VAL A 5 5.73 5.54 15.86
N SER A 6 4.42 5.32 15.81
CA SER A 6 3.85 4.20 15.08
C SER A 6 4.34 4.12 13.63
N THR A 7 4.49 2.88 13.14
CA THR A 7 4.92 2.58 11.79
C THR A 7 6.43 2.79 11.60
N VAL A 8 6.92 3.97 11.95
CA VAL A 8 8.32 4.30 11.69
C VAL A 8 9.26 3.51 12.59
N GLN A 9 8.74 3.02 13.72
CA GLN A 9 9.54 2.22 14.63
C GLN A 9 10.07 0.99 13.91
N GLN A 10 9.23 0.41 13.06
CA GLN A 10 9.63 -0.72 12.23
C GLN A 10 10.78 -0.32 11.33
N LEU A 11 10.62 0.83 10.67
CA LEU A 11 11.61 1.34 9.74
C LEU A 11 12.88 1.77 10.48
N THR A 12 12.72 2.05 11.77
CA THR A 12 13.84 2.43 12.60
C THR A 12 14.61 1.20 13.08
N LYS A 13 13.88 0.16 13.52
CA LYS A 13 14.52 -1.02 14.06
C LYS A 13 15.15 -1.87 12.96
N ARG A 14 14.57 -1.84 11.75
CA ARG A 14 15.18 -2.53 10.62
C ARG A 14 16.37 -1.72 10.11
N PHE A 15 17.31 -2.41 9.46
CA PHE A 15 18.50 -1.77 8.94
C PHE A 15 18.51 -1.86 7.42
N SER A 16 19.46 -1.16 6.80
CA SER A 16 19.66 -1.20 5.35
C SER A 16 18.49 -0.55 4.61
N LEU A 17 18.23 0.72 4.92
CA LEU A 17 17.22 1.49 4.22
C LEU A 17 17.56 2.98 4.24
N GLY A 18 17.94 3.50 3.09
CA GLY A 18 18.22 4.92 2.97
C GLY A 18 17.31 5.58 1.96
N MET A 19 16.01 5.43 2.15
CA MET A 19 15.04 5.94 1.22
C MET A 19 14.06 6.87 1.89
N LEU A 20 14.58 7.98 2.42
CA LEU A 20 13.75 9.05 2.99
C LEU A 20 12.74 8.53 4.02
N GLN A 21 13.24 8.19 5.20
CA GLN A 21 12.41 7.72 6.30
C GLN A 21 11.67 6.43 5.93
N GLY A 22 12.32 5.61 5.11
CA GLY A 22 11.76 4.31 4.76
C GLY A 22 10.70 4.40 3.68
N ARG A 23 10.56 5.56 3.06
CA ARG A 23 9.57 5.73 2.00
C ARG A 23 10.27 5.96 0.65
N GLY A 24 10.57 7.22 0.36
CA GLY A 24 11.19 7.56 -0.90
C GLY A 24 10.50 8.73 -1.57
N PRO A 25 10.04 8.55 -2.81
CA PRO A 25 9.29 9.59 -3.52
C PRO A 25 7.85 9.71 -3.01
N LEU A 26 7.12 10.71 -3.50
CA LEU A 26 5.78 10.99 -3.04
C LEU A 26 4.89 9.74 -3.17
N LYS A 27 4.93 9.12 -4.35
CA LYS A 27 4.14 7.93 -4.61
C LYS A 27 4.41 6.83 -3.60
N LEU A 28 5.68 6.55 -3.34
CA LEU A 28 6.05 5.48 -2.42
C LEU A 28 5.69 5.89 -1.00
N PHE A 29 5.84 7.17 -0.70
CA PHE A 29 5.46 7.71 0.60
C PHE A 29 3.99 7.44 0.85
N MET A 30 3.13 7.90 -0.06
CA MET A 30 1.70 7.74 0.10
C MET A 30 1.31 6.28 -0.07
N ALA A 31 2.12 5.52 -0.80
CA ALA A 31 1.93 4.08 -0.91
C ALA A 31 2.08 3.44 0.46
N LEU A 32 3.12 3.85 1.17
CA LEU A 32 3.37 3.37 2.51
C LEU A 32 2.25 3.83 3.45
N VAL A 33 1.85 5.10 3.30
CA VAL A 33 0.75 5.66 4.08
C VAL A 33 -0.53 4.85 3.85
N ALA A 34 -0.84 4.63 2.58
CA ALA A 34 -2.02 3.85 2.20
C ALA A 34 -1.91 2.44 2.74
N PHE A 35 -0.73 1.83 2.57
CA PHE A 35 -0.46 0.50 3.06
C PHE A 35 -0.75 0.39 4.56
N LEU A 36 -0.20 1.33 5.33
CA LEU A 36 -0.35 1.29 6.78
C LEU A 36 -1.79 1.60 7.21
N ARG A 37 -2.42 2.55 6.52
CA ARG A 37 -3.80 2.93 6.85
C ARG A 37 -4.78 1.84 6.45
N PHE A 38 -4.51 1.20 5.33
CA PHE A 38 -5.37 0.15 4.81
C PHE A 38 -5.29 -1.09 5.70
N LEU A 39 -4.14 -1.28 6.33
CA LEU A 39 -3.94 -2.44 7.18
C LEU A 39 -4.62 -2.23 8.53
N THR A 40 -4.08 -1.33 9.36
CA THR A 40 -4.65 -1.09 10.70
C THR A 40 -3.74 -0.17 11.54
N ILE A 41 -2.43 -0.24 11.28
CA ILE A 41 -1.45 0.45 12.12
C ILE A 41 -1.58 1.97 11.98
N PRO A 42 -1.55 2.70 13.11
CA PRO A 42 -1.57 4.17 13.12
C PRO A 42 -0.41 4.77 12.33
N PRO A 43 -0.66 5.89 11.61
CA PRO A 43 0.35 6.57 10.81
C PRO A 43 1.47 7.18 11.65
N THR A 44 2.53 7.58 10.95
CA THR A 44 3.70 8.18 11.58
C THR A 44 3.43 9.63 11.95
N ALA A 45 4.14 10.14 12.95
CA ALA A 45 3.94 11.49 13.47
C ALA A 45 3.89 12.53 12.35
N GLY A 46 4.94 12.56 11.52
CA GLY A 46 5.01 13.53 10.45
C GLY A 46 3.84 13.42 9.50
N ILE A 47 3.34 12.21 9.30
CA ILE A 47 2.18 11.97 8.45
C ILE A 47 0.95 12.59 9.08
N LEU A 48 0.74 12.32 10.36
CA LEU A 48 -0.40 12.85 11.09
C LEU A 48 -0.31 14.36 11.22
N LYS A 49 0.91 14.87 11.30
CA LYS A 49 1.14 16.30 11.48
C LYS A 49 0.98 17.06 10.17
N ARG A 50 1.80 16.73 9.17
CA ARG A 50 1.80 17.48 7.91
C ARG A 50 1.77 16.55 6.71
N TRP A 51 1.40 15.29 6.94
CA TRP A 51 1.42 14.27 5.89
C TRP A 51 2.83 14.13 5.31
N GLY A 52 3.82 14.31 6.18
CA GLY A 52 5.21 14.21 5.78
C GLY A 52 5.61 15.29 4.80
N THR A 53 5.51 14.97 3.52
CA THR A 53 5.87 15.90 2.46
C THR A 53 4.79 15.92 1.39
N ILE A 54 3.61 15.42 1.74
CA ILE A 54 2.48 15.37 0.83
C ILE A 54 1.90 16.76 0.60
N LYS A 55 1.87 17.16 -0.67
CA LYS A 55 1.25 18.41 -1.06
C LYS A 55 -0.17 18.14 -1.53
N LYS A 56 -1.11 18.93 -1.02
CA LYS A 56 -2.53 18.70 -1.23
C LYS A 56 -2.99 19.17 -2.60
N SER A 57 -2.39 18.57 -3.63
CA SER A 57 -2.80 18.79 -5.01
C SER A 57 -2.25 17.65 -5.87
N LYS A 58 -0.93 17.53 -5.90
CA LYS A 58 -0.28 16.41 -6.57
C LYS A 58 -0.78 15.10 -5.98
N ALA A 59 -0.85 15.06 -4.65
CA ALA A 59 -1.33 13.89 -3.95
C ALA A 59 -2.80 13.64 -4.22
N ILE A 60 -3.55 14.72 -4.47
CA ILE A 60 -4.95 14.61 -4.86
C ILE A 60 -5.05 13.86 -6.17
N ASN A 61 -4.29 14.31 -7.15
CA ASN A 61 -4.23 13.65 -8.45
C ASN A 61 -3.75 12.22 -8.30
N VAL A 62 -2.74 12.05 -7.47
CA VAL A 62 -2.18 10.73 -7.17
C VAL A 62 -3.26 9.80 -6.58
N LEU A 63 -4.00 10.29 -5.60
CA LEU A 63 -5.06 9.51 -4.96
C LEU A 63 -6.19 9.23 -5.94
N ARG A 64 -6.51 10.20 -6.77
CA ARG A 64 -7.51 10.01 -7.81
C ARG A 64 -7.10 8.86 -8.72
N GLY A 65 -5.86 8.91 -9.20
CA GLY A 65 -5.36 7.85 -10.06
C GLY A 65 -5.29 6.53 -9.34
N PHE A 66 -4.88 6.56 -8.07
CA PHE A 66 -4.78 5.37 -7.26
C PHE A 66 -6.14 4.70 -7.10
N ARG A 67 -7.15 5.46 -6.68
CA ARG A 67 -8.47 4.90 -6.49
C ARG A 67 -9.08 4.50 -7.82
N LYS A 68 -8.69 5.20 -8.89
CA LYS A 68 -9.10 4.83 -10.23
C LYS A 68 -8.53 3.45 -10.60
N GLU A 69 -7.24 3.25 -10.34
CA GLU A 69 -6.61 1.97 -10.62
C GLU A 69 -7.18 0.89 -9.72
N ILE A 70 -7.47 1.23 -8.47
CA ILE A 70 -8.16 0.32 -7.57
C ILE A 70 -9.52 -0.05 -8.15
N GLY A 71 -10.20 0.95 -8.70
CA GLY A 71 -11.43 0.71 -9.40
C GLY A 71 -11.24 -0.24 -10.56
N ARG A 72 -10.15 -0.08 -11.29
CA ARG A 72 -9.78 -1.00 -12.37
C ARG A 72 -9.64 -2.41 -11.82
N MET A 73 -8.84 -2.56 -10.77
CA MET A 73 -8.59 -3.87 -10.16
C MET A 73 -9.91 -4.48 -9.68
N LEU A 74 -10.74 -3.64 -9.07
CA LEU A 74 -12.05 -4.07 -8.60
C LEU A 74 -12.90 -4.54 -9.78
N ASN A 75 -12.86 -3.77 -10.87
CA ASN A 75 -13.55 -4.14 -12.09
C ASN A 75 -13.04 -5.45 -12.64
N ILE A 76 -11.73 -5.67 -12.53
CA ILE A 76 -11.11 -6.91 -12.96
C ILE A 76 -11.59 -8.07 -12.12
N LEU A 77 -11.66 -7.87 -10.82
CA LEU A 77 -12.16 -8.90 -9.91
C LEU A 77 -13.65 -9.15 -10.13
N ASN A 78 -14.37 -8.06 -10.40
CA ASN A 78 -15.82 -8.12 -10.52
C ASN A 78 -16.24 -8.76 -11.85
N ARG A 79 -15.56 -8.40 -12.92
CA ARG A 79 -15.92 -8.88 -14.25
C ARG A 79 -15.08 -10.09 -14.67
N ARG A 80 -13.80 -10.06 -14.29
CA ARG A 80 -12.80 -11.06 -14.71
C ARG A 80 -12.94 -11.44 -16.19
N ARG A 81 -12.25 -10.67 -17.03
CA ARG A 81 -12.26 -10.92 -18.46
C ARG A 81 -11.51 -12.21 -18.78
N ARG A 82 -10.72 -12.66 -17.82
CA ARG A 82 -9.99 -13.91 -17.94
C ARG A 82 -10.64 -14.99 -17.08
N MET B 1 19.95 -16.81 -9.18
CA MET B 1 20.53 -16.20 -7.95
C MET B 1 19.59 -16.46 -6.77
N ARG B 2 18.55 -15.62 -6.65
CA ARG B 2 17.51 -15.81 -5.64
C ARG B 2 16.20 -15.28 -6.20
N ASN B 3 15.99 -15.54 -7.48
CA ASN B 3 14.89 -14.95 -8.21
C ASN B 3 13.73 -15.93 -8.33
N ARG B 4 12.52 -15.39 -8.23
CA ARG B 4 11.31 -16.17 -8.41
C ARG B 4 10.40 -15.46 -9.39
N VAL B 5 10.12 -14.21 -9.09
CA VAL B 5 9.31 -13.36 -9.92
C VAL B 5 9.24 -11.98 -9.27
N SER B 6 8.75 -10.98 -9.99
CA SER B 6 8.73 -9.61 -9.53
C SER B 6 8.08 -9.46 -8.15
N THR B 7 8.61 -8.51 -7.37
CA THR B 7 8.13 -8.18 -6.03
C THR B 7 8.55 -9.23 -4.99
N VAL B 8 8.26 -10.49 -5.26
CA VAL B 8 8.51 -11.53 -4.27
C VAL B 8 10.00 -11.80 -4.11
N GLN B 9 10.79 -11.43 -5.11
CA GLN B 9 12.24 -11.59 -5.03
C GLN B 9 12.79 -10.83 -3.84
N GLN B 10 12.24 -9.65 -3.60
CA GLN B 10 12.58 -8.84 -2.44
C GLN B 10 12.27 -9.62 -1.16
N LEU B 11 11.08 -10.16 -1.11
CA LEU B 11 10.60 -10.91 0.05
C LEU B 11 11.37 -12.22 0.21
N THR B 12 11.95 -12.67 -0.89
CA THR B 12 12.75 -13.88 -0.89
C THR B 12 14.17 -13.59 -0.40
N LYS B 13 14.76 -12.51 -0.89
CA LYS B 13 16.14 -12.17 -0.55
C LYS B 13 16.24 -11.65 0.88
N ARG B 14 15.19 -10.99 1.37
CA ARG B 14 15.18 -10.55 2.76
C ARG B 14 14.89 -11.74 3.67
N PHE B 15 15.32 -11.66 4.91
CA PHE B 15 15.12 -12.72 5.87
C PHE B 15 14.21 -12.25 7.00
N SER B 16 13.81 -13.18 7.86
CA SER B 16 13.00 -12.89 9.03
C SER B 16 11.58 -12.43 8.64
N LEU B 17 10.89 -13.28 7.90
CA LEU B 17 9.49 -13.02 7.55
C LEU B 17 8.74 -14.32 7.33
N GLY B 18 7.84 -14.63 8.26
CA GLY B 18 7.01 -15.80 8.13
C GLY B 18 5.54 -15.44 8.10
N MET B 19 5.19 -14.57 7.17
CA MET B 19 3.82 -14.08 7.09
C MET B 19 3.23 -14.34 5.71
N LEU B 20 3.12 -15.61 5.35
CA LEU B 20 2.43 -16.03 4.13
C LEU B 20 2.96 -15.30 2.89
N GLN B 21 4.15 -15.69 2.45
CA GLN B 21 4.78 -15.13 1.25
C GLN B 21 5.00 -13.62 1.42
N GLY B 22 5.29 -13.21 2.64
CA GLY B 22 5.63 -11.81 2.91
C GLY B 22 4.41 -10.91 2.98
N ARG B 23 3.22 -11.50 3.01
CA ARG B 23 2.00 -10.72 3.11
C ARG B 23 1.30 -10.95 4.45
N GLY B 24 0.47 -11.98 4.50
CA GLY B 24 -0.27 -12.28 5.71
C GLY B 24 -1.73 -12.52 5.42
N PRO B 25 -2.64 -11.76 6.06
CA PRO B 25 -4.07 -11.85 5.81
C PRO B 25 -4.48 -11.18 4.50
N LEU B 26 -5.74 -11.32 4.11
CA LEU B 26 -6.22 -10.81 2.84
C LEU B 26 -5.92 -9.32 2.71
N LYS B 27 -6.26 -8.56 3.75
CA LYS B 27 -6.04 -7.12 3.77
C LYS B 27 -4.59 -6.77 3.53
N LEU B 28 -3.68 -7.44 4.23
CA LEU B 28 -2.26 -7.14 4.10
C LEU B 28 -1.77 -7.60 2.73
N PHE B 29 -2.32 -8.70 2.26
CA PHE B 29 -1.99 -9.21 0.94
C PHE B 29 -2.32 -8.17 -0.12
N MET B 30 -3.57 -7.72 -0.13
CA MET B 30 -4.01 -6.75 -1.11
C MET B 30 -3.39 -5.39 -0.83
N ALA B 31 -3.02 -5.14 0.42
CA ALA B 31 -2.28 -3.94 0.77
C ALA B 31 -0.94 -3.94 0.07
N LEU B 32 -0.27 -5.09 0.10
CA LEU B 32 1.01 -5.25 -0.58
C LEU B 32 0.81 -5.15 -2.10
N VAL B 33 -0.26 -5.79 -2.59
CA VAL B 33 -0.59 -5.72 -4.00
C VAL B 33 -0.82 -4.27 -4.43
N ALA B 34 -1.63 -3.56 -3.66
CA ALA B 34 -1.92 -2.16 -3.92
C ALA B 34 -0.64 -1.34 -3.85
N PHE B 35 0.15 -1.59 -2.81
CA PHE B 35 1.43 -0.92 -2.62
C PHE B 35 2.32 -1.07 -3.85
N LEU B 36 2.48 -2.31 -4.31
CA LEU B 36 3.36 -2.58 -5.44
C LEU B 36 2.79 -2.03 -6.75
N ARG B 37 1.47 -2.12 -6.92
CA ARG B 37 0.83 -1.64 -8.14
C ARG B 37 0.82 -0.12 -8.19
N PHE B 38 0.62 0.49 -7.03
CA PHE B 38 0.56 1.94 -6.91
C PHE B 38 1.93 2.55 -7.15
N LEU B 39 2.97 1.80 -6.82
CA LEU B 39 4.33 2.28 -6.99
C LEU B 39 4.76 2.19 -8.46
N THR B 40 4.97 0.97 -8.96
CA THR B 40 5.42 0.77 -10.34
C THR B 40 5.80 -0.69 -10.62
N ILE B 41 6.25 -1.39 -9.59
CA ILE B 41 6.79 -2.73 -9.74
C ILE B 41 5.70 -3.73 -10.15
N PRO B 42 5.98 -4.59 -11.15
CA PRO B 42 5.07 -5.65 -11.57
C PRO B 42 4.70 -6.61 -10.43
N PRO B 43 3.44 -7.06 -10.39
CA PRO B 43 2.96 -7.99 -9.35
C PRO B 43 3.62 -9.36 -9.40
N THR B 44 3.41 -10.11 -8.34
CA THR B 44 3.96 -11.45 -8.21
C THR B 44 3.16 -12.46 -9.05
N ALA B 45 3.80 -13.54 -9.46
CA ALA B 45 3.20 -14.55 -10.33
C ALA B 45 1.81 -14.97 -9.85
N GLY B 46 1.73 -15.43 -8.60
CA GLY B 46 0.48 -15.88 -8.04
C GLY B 46 -0.59 -14.80 -8.08
N ILE B 47 -0.18 -13.55 -7.92
CA ILE B 47 -1.10 -12.42 -7.98
C ILE B 47 -1.64 -12.28 -9.40
N LEU B 48 -0.74 -12.30 -10.37
CA LEU B 48 -1.13 -12.17 -11.78
C LEU B 48 -1.94 -13.37 -12.22
N LYS B 49 -1.66 -14.53 -11.64
CA LYS B 49 -2.32 -15.76 -12.02
C LYS B 49 -3.72 -15.87 -11.38
N ARG B 50 -3.79 -15.87 -10.06
CA ARG B 50 -5.06 -16.06 -9.36
C ARG B 50 -5.25 -15.04 -8.26
N TRP B 51 -4.48 -13.95 -8.31
CA TRP B 51 -4.51 -12.94 -7.26
C TRP B 51 -4.15 -13.55 -5.91
N GLY B 52 -3.27 -14.53 -5.96
CA GLY B 52 -2.85 -15.22 -4.76
C GLY B 52 -3.98 -15.99 -4.10
N THR B 53 -4.63 -15.35 -3.15
CA THR B 53 -5.72 -15.96 -2.41
C THR B 53 -6.91 -15.01 -2.34
N ILE B 54 -6.89 -14.01 -3.21
CA ILE B 54 -7.96 -13.01 -3.25
C ILE B 54 -9.24 -13.59 -3.84
N LYS B 55 -10.31 -13.53 -3.05
CA LYS B 55 -11.62 -13.95 -3.52
C LYS B 55 -12.39 -12.74 -4.01
N LYS B 56 -12.97 -12.87 -5.19
CA LYS B 56 -13.60 -11.75 -5.89
C LYS B 56 -14.97 -11.42 -5.32
N SER B 57 -15.00 -11.08 -4.04
CA SER B 57 -16.20 -10.61 -3.37
C SER B 57 -15.80 -9.89 -2.09
N LYS B 58 -15.13 -10.61 -1.18
CA LYS B 58 -14.58 -10.00 0.02
C LYS B 58 -13.61 -8.91 -0.37
N ALA B 59 -12.77 -9.20 -1.35
CA ALA B 59 -11.80 -8.24 -1.84
C ALA B 59 -12.49 -7.06 -2.52
N ILE B 60 -13.65 -7.32 -3.10
CA ILE B 60 -14.46 -6.26 -3.69
C ILE B 60 -14.88 -5.29 -2.61
N ASN B 61 -15.44 -5.82 -1.54
CA ASN B 61 -15.84 -5.02 -0.39
C ASN B 61 -14.63 -4.31 0.20
N VAL B 62 -13.53 -5.05 0.30
CA VAL B 62 -12.28 -4.52 0.80
C VAL B 62 -11.80 -3.32 -0.04
N LEU B 63 -11.81 -3.49 -1.37
CA LEU B 63 -11.39 -2.43 -2.27
C LEU B 63 -12.34 -1.25 -2.21
N ARG B 64 -13.63 -1.54 -2.09
CA ARG B 64 -14.64 -0.48 -1.93
C ARG B 64 -14.31 0.35 -0.70
N GLY B 65 -14.09 -0.32 0.42
CA GLY B 65 -13.75 0.37 1.65
C GLY B 65 -12.43 1.09 1.54
N PHE B 66 -11.46 0.47 0.89
CA PHE B 66 -10.15 1.06 0.70
C PHE B 66 -10.24 2.36 -0.09
N ARG B 67 -10.91 2.31 -1.25
CA ARG B 67 -11.03 3.50 -2.08
C ARG B 67 -11.91 4.54 -1.40
N LYS B 68 -12.84 4.07 -0.58
CA LYS B 68 -13.65 4.96 0.23
C LYS B 68 -12.78 5.72 1.24
N GLU B 69 -11.91 4.99 1.92
CA GLU B 69 -11.00 5.61 2.88
C GLU B 69 -10.00 6.51 2.18
N ILE B 70 -9.56 6.09 1.00
CA ILE B 70 -8.72 6.94 0.17
C ILE B 70 -9.47 8.21 -0.18
N GLY B 71 -10.75 8.06 -0.50
CA GLY B 71 -11.61 9.20 -0.71
C GLY B 71 -11.66 10.10 0.51
N ARG B 72 -11.74 9.48 1.68
CA ARG B 72 -11.69 10.23 2.94
C ARG B 72 -10.39 11.02 3.03
N MET B 73 -9.27 10.35 2.82
CA MET B 73 -7.95 10.98 2.91
C MET B 73 -7.85 12.11 1.89
N LEU B 74 -8.36 11.87 0.69
CA LEU B 74 -8.39 12.86 -0.36
C LEU B 74 -9.23 14.05 0.08
N ASN B 75 -10.38 13.77 0.67
CA ASN B 75 -11.25 14.81 1.21
C ASN B 75 -10.54 15.60 2.30
N ILE B 76 -9.76 14.90 3.11
CA ILE B 76 -8.98 15.53 4.17
C ILE B 76 -7.94 16.47 3.57
N LEU B 77 -7.26 16.01 2.54
CA LEU B 77 -6.26 16.83 1.85
C LEU B 77 -6.92 17.99 1.12
N ASN B 78 -8.09 17.73 0.55
CA ASN B 78 -8.79 18.71 -0.26
C ASN B 78 -9.43 19.80 0.60
N ARG B 79 -10.03 19.41 1.71
CA ARG B 79 -10.74 20.34 2.56
C ARG B 79 -9.88 20.82 3.74
N ARG B 80 -9.07 19.90 4.27
CA ARG B 80 -8.26 20.12 5.48
C ARG B 80 -9.04 20.87 6.57
N ARG B 81 -9.75 20.11 7.40
CA ARG B 81 -10.51 20.68 8.49
C ARG B 81 -9.56 21.25 9.56
N ARG B 82 -8.31 20.82 9.49
CA ARG B 82 -7.29 21.32 10.40
C ARG B 82 -6.36 22.27 9.65
CA MET A 1 12.31 -0.98 20.61
C MET A 1 12.02 0.33 19.89
N ARG A 2 12.58 1.42 20.42
CA ARG A 2 12.37 2.77 19.87
C ARG A 2 10.91 3.18 19.93
N ASN A 3 10.52 3.80 21.04
CA ASN A 3 9.15 4.30 21.19
C ASN A 3 9.03 5.67 20.55
N ARG A 4 8.16 5.78 19.55
CA ARG A 4 7.98 7.01 18.82
C ARG A 4 6.51 7.40 18.81
N VAL A 5 5.72 6.59 18.13
CA VAL A 5 4.30 6.83 18.00
C VAL A 5 3.63 5.65 17.28
N SER A 6 4.14 5.33 16.08
CA SER A 6 3.61 4.24 15.28
C SER A 6 4.36 4.16 13.96
N THR A 7 4.08 3.11 13.19
CA THR A 7 4.67 2.89 11.86
C THR A 7 6.16 2.57 11.94
N VAL A 8 6.98 3.57 12.24
CA VAL A 8 8.43 3.42 12.25
C VAL A 8 8.86 2.36 13.27
N GLN A 9 8.15 2.29 14.38
CA GLN A 9 8.45 1.32 15.41
C GLN A 9 8.21 -0.08 14.89
N GLN A 10 7.12 -0.28 14.15
CA GLN A 10 6.84 -1.57 13.53
C GLN A 10 8.00 -1.97 12.65
N LEU A 11 8.45 -1.03 11.83
CA LEU A 11 9.54 -1.25 10.89
C LEU A 11 10.80 -1.67 11.64
N THR A 12 11.09 -0.98 12.73
CA THR A 12 12.29 -1.26 13.50
C THR A 12 12.12 -2.50 14.38
N LYS A 13 10.88 -2.88 14.67
CA LYS A 13 10.62 -4.10 15.43
C LYS A 13 10.74 -5.33 14.54
N ARG A 14 10.43 -5.18 13.26
CA ARG A 14 10.57 -6.27 12.31
C ARG A 14 11.99 -6.84 12.32
N PHE A 15 12.92 -6.06 11.80
CA PHE A 15 14.33 -6.46 11.73
C PHE A 15 15.24 -5.26 11.92
N SER A 16 14.73 -4.25 12.63
CA SER A 16 15.43 -2.97 12.77
C SER A 16 15.73 -2.36 11.39
N LEU A 17 14.78 -2.51 10.47
CA LEU A 17 14.96 -2.06 9.11
C LEU A 17 13.74 -1.28 8.63
N GLY A 18 13.98 -0.06 8.18
CA GLY A 18 12.91 0.76 7.67
C GLY A 18 13.43 1.82 6.71
N MET A 19 13.45 1.48 5.43
CA MET A 19 13.96 2.39 4.40
C MET A 19 12.92 3.44 4.03
N LEU A 20 12.34 4.06 5.05
CA LEU A 20 11.34 5.10 4.86
C LEU A 20 11.81 6.38 5.55
N GLN A 21 13.01 6.81 5.20
CA GLN A 21 13.62 7.97 5.83
C GLN A 21 12.97 9.26 5.33
N GLY A 22 13.15 9.56 4.05
CA GLY A 22 12.64 10.78 3.48
C GLY A 22 11.46 10.57 2.56
N ARG A 23 11.43 9.40 1.92
CA ARG A 23 10.39 9.06 0.94
C ARG A 23 10.37 10.08 -0.19
N GLY A 24 11.27 9.90 -1.14
CA GLY A 24 11.38 10.80 -2.27
C GLY A 24 10.11 10.85 -3.10
N PRO A 25 9.75 9.75 -3.79
CA PRO A 25 8.54 9.69 -4.60
C PRO A 25 7.27 9.83 -3.76
N LEU A 26 6.39 10.71 -4.21
CA LEU A 26 5.12 10.95 -3.53
C LEU A 26 4.25 9.72 -3.57
N LYS A 27 4.35 8.99 -4.67
CA LYS A 27 3.62 7.74 -4.82
C LYS A 27 4.09 6.73 -3.78
N LEU A 28 5.41 6.66 -3.59
CA LEU A 28 6.00 5.76 -2.61
C LEU A 28 5.51 6.11 -1.22
N PHE A 29 5.60 7.39 -0.88
CA PHE A 29 5.17 7.88 0.41
C PHE A 29 3.70 7.55 0.65
N MET A 30 2.86 7.95 -0.29
CA MET A 30 1.43 7.80 -0.12
C MET A 30 1.01 6.34 -0.17
N ALA A 31 1.73 5.55 -0.95
CA ALA A 31 1.48 4.11 -1.00
C ALA A 31 1.85 3.47 0.32
N LEU A 32 2.95 3.93 0.92
CA LEU A 32 3.37 3.47 2.23
C LEU A 32 2.31 3.85 3.27
N VAL A 33 1.90 5.12 3.22
CA VAL A 33 0.85 5.61 4.11
C VAL A 33 -0.42 4.78 3.96
N ALA A 34 -0.80 4.53 2.71
CA ALA A 34 -1.96 3.71 2.42
C ALA A 34 -1.80 2.30 2.99
N PHE A 35 -0.68 1.67 2.65
CA PHE A 35 -0.38 0.32 3.12
C PHE A 35 -0.49 0.22 4.64
N LEU A 36 0.09 1.20 5.32
CA LEU A 36 0.06 1.26 6.78
C LEU A 36 -1.37 1.47 7.29
N ARG A 37 -1.98 2.59 6.92
CA ARG A 37 -3.24 3.02 7.50
C ARG A 37 -4.38 2.08 7.11
N PHE A 38 -4.30 1.48 5.93
CA PHE A 38 -5.36 0.62 5.44
C PHE A 38 -5.36 -0.70 6.18
N LEU A 39 -4.17 -1.19 6.52
CA LEU A 39 -4.05 -2.45 7.22
C LEU A 39 -4.74 -2.37 8.58
N THR A 40 -4.28 -1.44 9.42
CA THR A 40 -4.84 -1.24 10.76
C THR A 40 -3.97 -0.30 11.58
N ILE A 41 -2.68 -0.28 11.29
CA ILE A 41 -1.73 0.49 12.06
C ILE A 41 -1.69 1.95 11.59
N PRO A 42 -1.86 2.89 12.53
CA PRO A 42 -1.82 4.33 12.23
C PRO A 42 -0.45 4.78 11.73
N PRO A 43 -0.42 5.60 10.66
CA PRO A 43 0.81 6.24 10.17
C PRO A 43 1.49 7.08 11.25
N THR A 44 2.77 7.37 11.01
CA THR A 44 3.58 8.13 11.94
C THR A 44 2.99 9.52 12.20
N ALA A 45 3.31 10.10 13.35
CA ALA A 45 2.74 11.37 13.78
C ALA A 45 2.86 12.44 12.70
N GLY A 46 4.08 12.62 12.19
CA GLY A 46 4.33 13.63 11.19
C GLY A 46 3.51 13.41 9.92
N ILE A 47 3.16 12.17 9.66
CA ILE A 47 2.33 11.84 8.52
C ILE A 47 0.91 12.31 8.75
N LEU A 48 0.34 11.96 9.90
CA LEU A 48 -1.03 12.34 10.20
C LEU A 48 -1.13 13.84 10.52
N LYS A 49 0.00 14.44 10.86
CA LYS A 49 0.04 15.86 11.20
C LYS A 49 0.29 16.72 9.97
N ARG A 50 1.39 16.46 9.27
CA ARG A 50 1.81 17.30 8.15
C ARG A 50 1.86 16.50 6.84
N TRP A 51 1.63 15.19 6.96
CA TRP A 51 1.68 14.27 5.83
C TRP A 51 3.07 14.22 5.20
N GLY A 52 4.08 14.39 6.03
CA GLY A 52 5.45 14.26 5.58
C GLY A 52 5.84 15.27 4.50
N THR A 53 5.66 14.87 3.25
CA THR A 53 6.03 15.70 2.11
C THR A 53 4.83 15.89 1.17
N ILE A 54 3.67 15.45 1.61
CA ILE A 54 2.45 15.59 0.81
C ILE A 54 2.10 17.07 0.62
N LYS A 55 2.05 17.49 -0.65
CA LYS A 55 1.67 18.87 -0.99
C LYS A 55 0.17 18.95 -1.23
N LYS A 56 -0.50 17.85 -0.93
CA LYS A 56 -1.96 17.74 -0.94
C LYS A 56 -2.54 17.71 -2.35
N SER A 57 -2.37 18.76 -3.12
CA SER A 57 -3.04 18.89 -4.43
C SER A 57 -2.62 17.77 -5.40
N LYS A 58 -1.32 17.63 -5.63
CA LYS A 58 -0.83 16.58 -6.51
C LYS A 58 -1.06 15.21 -5.87
N ALA A 59 -1.14 15.21 -4.54
CA ALA A 59 -1.45 14.00 -3.80
C ALA A 59 -2.91 13.62 -4.02
N ILE A 60 -3.75 14.63 -4.21
CA ILE A 60 -5.14 14.42 -4.60
C ILE A 60 -5.15 13.67 -5.92
N ASN A 61 -4.36 14.16 -6.87
CA ASN A 61 -4.23 13.49 -8.16
C ASN A 61 -3.70 12.06 -7.98
N VAL A 62 -2.72 11.92 -7.09
CA VAL A 62 -2.18 10.61 -6.74
C VAL A 62 -3.29 9.69 -6.23
N LEU A 63 -4.07 10.17 -5.28
CA LEU A 63 -5.16 9.40 -4.69
C LEU A 63 -6.26 9.11 -5.72
N ARG A 64 -6.52 10.09 -6.58
CA ARG A 64 -7.50 9.91 -7.65
C ARG A 64 -7.08 8.76 -8.55
N GLY A 65 -5.83 8.79 -8.99
CA GLY A 65 -5.30 7.72 -9.81
C GLY A 65 -5.26 6.40 -9.04
N PHE A 66 -4.90 6.49 -7.78
CA PHE A 66 -4.84 5.32 -6.90
C PHE A 66 -6.20 4.64 -6.86
N ARG A 67 -7.25 5.39 -6.49
CA ARG A 67 -8.58 4.83 -6.38
C ARG A 67 -9.13 4.45 -7.75
N LYS A 68 -8.70 5.17 -8.78
CA LYS A 68 -9.08 4.84 -10.15
C LYS A 68 -8.59 3.45 -10.52
N GLU A 69 -7.29 3.22 -10.31
CA GLU A 69 -6.69 1.94 -10.64
C GLU A 69 -7.19 0.85 -9.70
N ILE A 70 -7.48 1.22 -8.47
CA ILE A 70 -8.14 0.30 -7.54
C ILE A 70 -9.51 -0.08 -8.09
N GLY A 71 -10.22 0.90 -8.61
CA GLY A 71 -11.48 0.64 -9.27
C GLY A 71 -11.32 -0.27 -10.46
N ARG A 72 -10.24 -0.08 -11.20
CA ARG A 72 -9.94 -0.96 -12.33
C ARG A 72 -9.70 -2.39 -11.84
N MET A 73 -8.91 -2.55 -10.79
CA MET A 73 -8.65 -3.86 -10.20
C MET A 73 -9.96 -4.45 -9.68
N LEU A 74 -10.79 -3.58 -9.12
CA LEU A 74 -12.10 -3.98 -8.63
C LEU A 74 -12.93 -4.50 -9.80
N ASN A 75 -12.92 -3.78 -10.90
CA ASN A 75 -13.60 -4.20 -12.12
C ASN A 75 -13.02 -5.51 -12.62
N ILE A 76 -11.72 -5.68 -12.47
CA ILE A 76 -11.07 -6.93 -12.83
C ILE A 76 -11.61 -8.08 -11.99
N LEU A 77 -11.63 -7.90 -10.68
CA LEU A 77 -12.06 -8.95 -9.77
C LEU A 77 -13.57 -9.18 -9.84
N ASN A 78 -14.31 -8.12 -10.15
CA ASN A 78 -15.76 -8.18 -10.19
C ASN A 78 -16.28 -8.72 -11.51
N ARG A 79 -15.67 -8.28 -12.61
CA ARG A 79 -16.15 -8.62 -13.94
C ARG A 79 -15.29 -9.70 -14.59
N ARG A 80 -13.99 -9.67 -14.33
CA ARG A 80 -13.03 -10.57 -14.99
C ARG A 80 -13.06 -10.36 -16.51
N ARG A 81 -12.29 -9.39 -16.98
CA ARG A 81 -12.23 -9.09 -18.39
C ARG A 81 -11.46 -10.17 -19.13
N ARG A 82 -10.56 -10.84 -18.39
CA ARG A 82 -9.75 -11.92 -18.93
C ARG A 82 -8.86 -11.42 -20.07
N MET B 1 19.22 -11.26 -6.24
CA MET B 1 19.28 -12.69 -6.60
C MET B 1 17.86 -13.26 -6.65
N ARG B 2 17.77 -14.54 -6.99
CA ARG B 2 16.48 -15.25 -7.10
C ARG B 2 15.61 -14.65 -8.20
N ASN B 3 15.76 -15.16 -9.41
CA ASN B 3 14.95 -14.70 -10.53
C ASN B 3 13.61 -15.45 -10.54
N ARG B 4 12.53 -14.71 -10.40
CA ARG B 4 11.21 -15.30 -10.34
C ARG B 4 10.30 -14.66 -11.38
N VAL B 5 10.02 -13.38 -11.17
CA VAL B 5 9.16 -12.62 -12.06
C VAL B 5 9.13 -11.15 -11.63
N SER B 6 8.78 -10.91 -10.37
CA SER B 6 8.72 -9.56 -9.82
C SER B 6 8.25 -9.61 -8.36
N THR B 7 8.29 -8.45 -7.69
CA THR B 7 7.84 -8.30 -6.31
C THR B 7 8.76 -9.03 -5.32
N VAL B 8 8.70 -10.36 -5.30
CA VAL B 8 9.44 -11.15 -4.33
C VAL B 8 10.95 -10.93 -4.50
N GLN B 9 11.38 -10.74 -5.73
CA GLN B 9 12.79 -10.51 -6.01
C GLN B 9 13.23 -9.19 -5.38
N GLN B 10 12.39 -8.16 -5.51
CA GLN B 10 12.68 -6.88 -4.88
C GLN B 10 12.87 -7.07 -3.38
N LEU B 11 11.95 -7.82 -2.78
CA LEU B 11 11.99 -8.07 -1.35
C LEU B 11 13.29 -8.76 -0.96
N THR B 12 13.68 -9.76 -1.75
CA THR B 12 14.88 -10.52 -1.46
C THR B 12 16.15 -9.74 -1.84
N LYS B 13 16.02 -8.76 -2.75
CA LYS B 13 17.16 -7.92 -3.12
C LYS B 13 17.41 -6.86 -2.06
N ARG B 14 16.34 -6.43 -1.38
CA ARG B 14 16.48 -5.45 -0.29
C ARG B 14 17.48 -5.94 0.75
N PHE B 15 17.08 -6.95 1.51
CA PHE B 15 17.92 -7.52 2.56
C PHE B 15 17.68 -9.03 2.68
N SER B 16 17.28 -9.63 1.57
CA SER B 16 16.88 -11.04 1.54
C SER B 16 15.75 -11.29 2.54
N LEU B 17 14.84 -10.33 2.65
CA LEU B 17 13.76 -10.40 3.62
C LEU B 17 12.43 -10.07 2.96
N GLY B 18 11.48 -10.98 3.09
CA GLY B 18 10.16 -10.78 2.55
C GLY B 18 9.12 -11.60 3.28
N MET B 19 8.52 -11.03 4.31
CA MET B 19 7.52 -11.72 5.11
C MET B 19 6.16 -11.74 4.40
N LEU B 20 6.17 -12.11 3.14
CA LEU B 20 4.95 -12.19 2.35
C LEU B 20 4.80 -13.59 1.79
N GLN B 21 4.84 -14.57 2.69
CA GLN B 21 4.79 -15.98 2.30
C GLN B 21 3.37 -16.37 1.89
N GLY B 22 2.45 -16.33 2.84
CA GLY B 22 1.10 -16.77 2.57
C GLY B 22 0.11 -15.61 2.54
N ARG B 23 0.42 -14.57 3.31
CA ARG B 23 -0.45 -13.40 3.44
C ARG B 23 -1.83 -13.83 3.95
N GLY B 24 -1.92 -13.99 5.26
CA GLY B 24 -3.17 -14.41 5.89
C GLY B 24 -4.29 -13.42 5.65
N PRO B 25 -4.21 -12.20 6.22
CA PRO B 25 -5.23 -11.18 6.06
C PRO B 25 -5.35 -10.71 4.61
N LEU B 26 -6.58 -10.68 4.12
CA LEU B 26 -6.86 -10.25 2.75
C LEU B 26 -6.50 -8.79 2.57
N LYS B 27 -6.71 -8.02 3.63
CA LYS B 27 -6.34 -6.61 3.62
C LYS B 27 -4.84 -6.46 3.47
N LEU B 28 -4.10 -7.28 4.18
CA LEU B 28 -2.63 -7.27 4.11
C LEU B 28 -2.18 -7.59 2.70
N PHE B 29 -2.72 -8.68 2.16
CA PHE B 29 -2.39 -9.11 0.82
C PHE B 29 -2.68 -8.03 -0.19
N MET B 30 -3.92 -7.53 -0.18
CA MET B 30 -4.35 -6.57 -1.18
C MET B 30 -3.66 -5.23 -0.99
N ALA B 31 -3.34 -4.88 0.26
CA ALA B 31 -2.59 -3.67 0.54
C ALA B 31 -1.17 -3.80 -0.01
N LEU B 32 -0.59 -4.99 0.15
CA LEU B 32 0.73 -5.28 -0.40
C LEU B 32 0.69 -5.18 -1.92
N VAL B 33 -0.33 -5.82 -2.51
CA VAL B 33 -0.53 -5.77 -3.95
C VAL B 33 -0.66 -4.32 -4.42
N ALA B 34 -1.47 -3.56 -3.70
CA ALA B 34 -1.68 -2.15 -4.00
C ALA B 34 -0.36 -1.39 -3.92
N PHE B 35 0.32 -1.53 -2.78
CA PHE B 35 1.60 -0.86 -2.55
C PHE B 35 2.58 -1.14 -3.68
N LEU B 36 2.67 -2.40 -4.07
CA LEU B 36 3.54 -2.83 -5.15
C LEU B 36 3.11 -2.23 -6.49
N ARG B 37 1.90 -2.57 -6.92
CA ARG B 37 1.45 -2.24 -8.26
C ARG B 37 1.27 -0.74 -8.45
N PHE B 38 0.93 -0.04 -7.38
CA PHE B 38 0.68 1.40 -7.48
C PHE B 38 1.98 2.15 -7.64
N LEU B 39 3.03 1.68 -6.98
CA LEU B 39 4.32 2.33 -7.05
C LEU B 39 4.83 2.33 -8.49
N THR B 40 5.00 1.13 -9.06
CA THR B 40 5.47 0.98 -10.43
C THR B 40 5.80 -0.48 -10.73
N ILE B 41 6.19 -1.22 -9.70
CA ILE B 41 6.62 -2.60 -9.86
C ILE B 41 5.44 -3.56 -9.91
N PRO B 42 5.36 -4.40 -10.96
CA PRO B 42 4.29 -5.39 -11.12
C PRO B 42 4.29 -6.44 -10.01
N PRO B 43 3.11 -6.76 -9.46
CA PRO B 43 2.95 -7.86 -8.50
C PRO B 43 3.42 -9.20 -9.07
N THR B 44 3.65 -10.14 -8.17
CA THR B 44 4.13 -11.47 -8.52
C THR B 44 3.17 -12.18 -9.48
N ALA B 45 3.69 -13.12 -10.27
CA ALA B 45 2.92 -13.80 -11.30
C ALA B 45 1.61 -14.36 -10.74
N GLY B 46 1.71 -15.12 -9.65
CA GLY B 46 0.55 -15.74 -9.05
C GLY B 46 -0.48 -14.72 -8.61
N ILE B 47 -0.04 -13.51 -8.29
CA ILE B 47 -0.94 -12.44 -7.91
C ILE B 47 -1.71 -11.96 -9.13
N LEU B 48 -1.02 -11.65 -10.20
CA LEU B 48 -1.67 -11.16 -11.41
C LEU B 48 -2.45 -12.27 -12.12
N LYS B 49 -2.09 -13.51 -11.81
CA LYS B 49 -2.74 -14.66 -12.42
C LYS B 49 -3.97 -15.12 -11.62
N ARG B 50 -3.76 -15.43 -10.35
CA ARG B 50 -4.83 -15.99 -9.52
C ARG B 50 -5.12 -15.08 -8.32
N TRP B 51 -4.33 -14.02 -8.18
CA TRP B 51 -4.47 -13.07 -7.09
C TRP B 51 -4.22 -13.73 -5.73
N GLY B 52 -3.35 -14.72 -5.72
CA GLY B 52 -2.93 -15.37 -4.49
C GLY B 52 -4.08 -16.04 -3.74
N THR B 53 -4.72 -15.30 -2.85
CA THR B 53 -5.81 -15.83 -2.04
C THR B 53 -7.06 -14.96 -2.17
N ILE B 54 -7.02 -14.02 -3.12
CA ILE B 54 -8.16 -13.14 -3.37
C ILE B 54 -9.37 -13.94 -3.85
N LYS B 55 -10.46 -13.87 -3.10
CA LYS B 55 -11.70 -14.55 -3.48
C LYS B 55 -12.58 -13.60 -4.30
N LYS B 56 -12.00 -12.45 -4.63
CA LYS B 56 -12.60 -11.46 -5.53
C LYS B 56 -13.74 -10.68 -4.88
N SER B 57 -14.83 -11.35 -4.51
CA SER B 57 -16.03 -10.66 -4.04
C SER B 57 -15.77 -9.85 -2.76
N LYS B 58 -15.25 -10.50 -1.72
CA LYS B 58 -14.94 -9.78 -0.49
C LYS B 58 -13.78 -8.83 -0.71
N ALA B 59 -12.97 -9.14 -1.71
CA ALA B 59 -11.87 -8.27 -2.10
C ALA B 59 -12.42 -7.02 -2.78
N ILE B 60 -13.55 -7.18 -3.46
CA ILE B 60 -14.29 -6.04 -3.99
C ILE B 60 -14.66 -5.12 -2.84
N ASN B 61 -15.22 -5.72 -1.80
CA ASN B 61 -15.57 -4.95 -0.60
C ASN B 61 -14.33 -4.30 0.01
N VAL B 62 -13.24 -5.05 0.03
CA VAL B 62 -11.95 -4.53 0.49
C VAL B 62 -11.55 -3.31 -0.32
N LEU B 63 -11.59 -3.44 -1.64
CA LEU B 63 -11.21 -2.34 -2.54
C LEU B 63 -12.18 -1.17 -2.42
N ARG B 64 -13.46 -1.47 -2.26
CA ARG B 64 -14.48 -0.44 -2.05
C ARG B 64 -14.14 0.39 -0.82
N GLY B 65 -13.89 -0.30 0.30
CA GLY B 65 -13.50 0.37 1.51
C GLY B 65 -12.18 1.10 1.35
N PHE B 66 -11.25 0.46 0.66
CA PHE B 66 -9.94 1.03 0.39
C PHE B 66 -10.09 2.39 -0.32
N ARG B 67 -10.79 2.38 -1.46
CA ARG B 67 -10.96 3.60 -2.24
C ARG B 67 -11.85 4.60 -1.49
N LYS B 68 -12.78 4.08 -0.68
CA LYS B 68 -13.61 4.93 0.15
C LYS B 68 -12.76 5.73 1.11
N GLU B 69 -11.91 5.04 1.85
CA GLU B 69 -11.05 5.67 2.84
C GLU B 69 -9.98 6.53 2.15
N ILE B 70 -9.55 6.11 0.97
CA ILE B 70 -8.69 6.93 0.14
C ILE B 70 -9.40 8.23 -0.22
N GLY B 71 -10.68 8.09 -0.58
CA GLY B 71 -11.50 9.25 -0.85
C GLY B 71 -11.62 10.15 0.36
N ARG B 72 -11.73 9.54 1.53
CA ARG B 72 -11.77 10.29 2.79
C ARG B 72 -10.46 11.06 2.99
N MET B 73 -9.34 10.38 2.78
CA MET B 73 -8.02 11.03 2.90
C MET B 73 -7.89 12.12 1.85
N LEU B 74 -8.44 11.86 0.67
CA LEU B 74 -8.47 12.84 -0.40
C LEU B 74 -9.26 14.06 0.05
N ASN B 75 -10.42 13.82 0.65
CA ASN B 75 -11.24 14.90 1.20
C ASN B 75 -10.47 15.64 2.30
N ILE B 76 -9.69 14.90 3.07
CA ILE B 76 -8.86 15.50 4.10
C ILE B 76 -7.84 16.45 3.48
N LEU B 77 -7.12 15.97 2.48
CA LEU B 77 -6.07 16.75 1.83
C LEU B 77 -6.65 17.88 0.99
N ASN B 78 -7.84 17.66 0.44
CA ASN B 78 -8.48 18.63 -0.44
C ASN B 78 -9.22 19.71 0.33
N ARG B 79 -9.93 19.30 1.37
CA ARG B 79 -10.79 20.22 2.12
C ARG B 79 -10.14 20.65 3.43
N ARG B 80 -9.41 19.73 4.07
CA ARG B 80 -8.85 19.96 5.42
C ARG B 80 -9.96 20.26 6.42
N ARG B 81 -10.51 19.20 6.99
CA ARG B 81 -11.60 19.32 7.95
C ARG B 81 -11.05 19.83 9.28
N ARG B 82 -9.77 19.54 9.51
CA ARG B 82 -9.07 19.97 10.71
C ARG B 82 -9.71 19.37 11.96
CA MET A 1 11.70 0.81 25.62
C MET A 1 11.72 2.29 25.34
N ARG A 2 12.41 2.68 24.27
CA ARG A 2 12.47 4.07 23.86
C ARG A 2 11.18 4.45 23.15
N ASN A 3 10.89 3.72 22.07
CA ASN A 3 9.67 3.93 21.28
C ASN A 3 9.72 5.26 20.54
N ARG A 4 9.03 5.32 19.42
CA ARG A 4 8.97 6.53 18.61
C ARG A 4 7.56 7.06 18.56
N VAL A 5 6.69 6.34 17.85
CA VAL A 5 5.29 6.71 17.74
C VAL A 5 4.51 5.65 16.96
N SER A 6 4.90 5.41 15.71
CA SER A 6 4.20 4.48 14.85
C SER A 6 4.93 4.37 13.51
N THR A 7 4.69 3.25 12.80
CA THR A 7 5.26 3.00 11.48
C THR A 7 6.76 2.71 11.56
N VAL A 8 7.56 3.73 11.84
CA VAL A 8 9.00 3.61 11.88
C VAL A 8 9.43 2.58 12.92
N GLN A 9 8.69 2.52 14.02
CA GLN A 9 9.00 1.60 15.10
C GLN A 9 8.66 0.17 14.68
N GLN A 10 7.60 0.02 13.91
CA GLN A 10 7.24 -1.26 13.32
C GLN A 10 8.37 -1.74 12.43
N LEU A 11 8.83 -0.85 11.56
CA LEU A 11 9.93 -1.14 10.66
C LEU A 11 11.18 -1.49 11.46
N THR A 12 11.39 -0.76 12.54
CA THR A 12 12.52 -0.99 13.42
C THR A 12 12.48 -2.39 14.04
N LYS A 13 11.34 -2.74 14.63
CA LYS A 13 11.22 -4.03 15.30
C LYS A 13 11.17 -5.17 14.28
N ARG A 14 10.75 -4.85 13.06
CA ARG A 14 10.74 -5.84 11.97
C ARG A 14 12.17 -6.19 11.55
N PHE A 15 12.96 -5.19 11.21
CA PHE A 15 14.31 -5.40 10.70
C PHE A 15 15.35 -5.22 11.80
N SER A 16 15.59 -3.96 12.16
CA SER A 16 16.58 -3.59 13.15
C SER A 16 16.54 -2.07 13.31
N LEU A 17 16.52 -1.40 12.18
CA LEU A 17 16.30 0.03 12.13
C LEU A 17 15.08 0.31 11.27
N GLY A 18 14.78 1.57 11.01
CA GLY A 18 13.68 1.89 10.12
C GLY A 18 13.91 1.36 8.73
N MET A 19 15.13 1.53 8.24
CA MET A 19 15.54 1.06 6.91
C MET A 19 14.68 1.71 5.84
N LEU A 20 14.81 3.02 5.71
CA LEU A 20 14.11 3.77 4.68
C LEU A 20 15.08 4.14 3.57
N GLN A 21 14.87 3.57 2.39
CA GLN A 21 15.73 3.86 1.24
C GLN A 21 15.48 5.28 0.74
N GLY A 22 14.30 5.80 1.03
CA GLY A 22 13.96 7.15 0.63
C GLY A 22 12.65 7.21 -0.11
N ARG A 23 11.76 8.07 0.35
CA ARG A 23 10.47 8.25 -0.32
C ARG A 23 10.59 9.34 -1.37
N GLY A 24 11.24 9.02 -2.48
CA GLY A 24 11.39 9.97 -3.56
C GLY A 24 10.06 10.33 -4.20
N PRO A 25 9.43 9.37 -4.92
CA PRO A 25 8.12 9.58 -5.52
C PRO A 25 7.04 9.75 -4.46
N LEU A 26 6.14 10.71 -4.71
CA LEU A 26 5.04 10.97 -3.79
C LEU A 26 4.08 9.79 -3.80
N LYS A 27 3.99 9.14 -4.94
CA LYS A 27 3.18 7.93 -5.06
C LYS A 27 3.69 6.86 -4.11
N LEU A 28 5.01 6.74 -3.98
CA LEU A 28 5.62 5.77 -3.09
C LEU A 28 5.24 6.11 -1.65
N PHE A 29 5.44 7.37 -1.31
CA PHE A 29 5.12 7.86 0.02
C PHE A 29 3.67 7.57 0.38
N MET A 30 2.76 8.04 -0.47
CA MET A 30 1.34 7.94 -0.17
C MET A 30 0.85 6.50 -0.31
N ALA A 31 1.48 5.72 -1.17
CA ALA A 31 1.14 4.30 -1.27
C ALA A 31 1.48 3.61 0.05
N LEU A 32 2.63 3.96 0.60
CA LEU A 32 3.06 3.43 1.88
C LEU A 32 2.10 3.90 2.98
N VAL A 33 1.79 5.20 2.98
CA VAL A 33 0.86 5.78 3.94
C VAL A 33 -0.51 5.10 3.85
N ALA A 34 -0.99 4.93 2.63
CA ALA A 34 -2.28 4.27 2.40
C ALA A 34 -2.23 2.83 2.89
N PHE A 35 -1.15 2.13 2.55
CA PHE A 35 -0.92 0.77 3.02
C PHE A 35 -1.04 0.71 4.54
N LEU A 36 -0.37 1.64 5.21
CA LEU A 36 -0.41 1.73 6.67
C LEU A 36 -1.83 1.94 7.16
N ARG A 37 -2.44 3.05 6.73
CA ARG A 37 -3.74 3.47 7.24
C ARG A 37 -4.81 2.42 6.98
N PHE A 38 -4.84 1.91 5.75
CA PHE A 38 -5.88 0.97 5.35
C PHE A 38 -5.78 -0.33 6.15
N LEU A 39 -4.56 -0.74 6.44
CA LEU A 39 -4.34 -2.00 7.13
C LEU A 39 -4.73 -1.88 8.61
N THR A 40 -3.96 -1.10 9.37
CA THR A 40 -4.20 -0.98 10.81
C THR A 40 -3.10 -0.17 11.51
N ILE A 41 -1.92 -0.16 10.92
CA ILE A 41 -0.78 0.51 11.53
C ILE A 41 -0.82 2.02 11.26
N PRO A 42 -0.93 2.82 12.32
CA PRO A 42 -0.93 4.28 12.21
C PRO A 42 0.36 4.83 11.62
N PRO A 43 0.25 5.74 10.64
CA PRO A 43 1.41 6.44 10.06
C PRO A 43 2.19 7.22 11.10
N THR A 44 3.43 7.55 10.76
CA THR A 44 4.30 8.30 11.64
C THR A 44 3.71 9.68 11.95
N ALA A 45 4.11 10.25 13.09
CA ALA A 45 3.56 11.52 13.56
C ALA A 45 3.53 12.58 12.47
N GLY A 46 4.67 12.79 11.83
CA GLY A 46 4.77 13.82 10.81
C GLY A 46 3.80 13.62 9.66
N ILE A 47 3.46 12.36 9.40
CA ILE A 47 2.52 12.03 8.35
C ILE A 47 1.10 12.43 8.77
N LEU A 48 0.75 12.11 10.00
CA LEU A 48 -0.57 12.43 10.51
C LEU A 48 -0.73 13.93 10.71
N LYS A 49 0.35 14.59 11.10
CA LYS A 49 0.32 16.03 11.34
C LYS A 49 0.41 16.83 10.04
N ARG A 50 1.47 16.62 9.27
CA ARG A 50 1.70 17.44 8.08
C ARG A 50 1.80 16.58 6.82
N TRP A 51 1.46 15.30 6.94
CA TRP A 51 1.49 14.36 5.83
C TRP A 51 2.89 14.27 5.22
N GLY A 52 3.90 14.46 6.07
CA GLY A 52 5.28 14.34 5.64
C GLY A 52 5.66 15.29 4.52
N THR A 53 5.66 14.79 3.30
CA THR A 53 6.10 15.55 2.14
C THR A 53 4.94 15.74 1.15
N ILE A 54 3.73 15.48 1.63
CA ILE A 54 2.54 15.59 0.80
C ILE A 54 2.13 17.04 0.59
N LYS A 55 1.91 17.38 -0.67
CA LYS A 55 1.31 18.65 -1.03
C LYS A 55 -0.14 18.40 -1.43
N LYS A 56 -1.05 19.20 -0.92
CA LYS A 56 -2.49 18.96 -1.08
C LYS A 56 -2.95 19.36 -2.49
N SER A 57 -2.42 18.66 -3.47
CA SER A 57 -2.79 18.83 -4.86
C SER A 57 -2.28 17.62 -5.66
N LYS A 58 -0.96 17.43 -5.64
CA LYS A 58 -0.37 16.28 -6.30
C LYS A 58 -0.77 15.01 -5.60
N ALA A 59 -0.90 15.07 -4.28
CA ALA A 59 -1.36 13.95 -3.49
C ALA A 59 -2.82 13.64 -3.81
N ILE A 60 -3.58 14.70 -4.07
CA ILE A 60 -4.97 14.54 -4.52
C ILE A 60 -4.98 13.75 -5.81
N ASN A 61 -4.14 14.17 -6.75
CA ASN A 61 -3.99 13.48 -8.02
C ASN A 61 -3.56 12.04 -7.81
N VAL A 62 -2.62 11.84 -6.89
CA VAL A 62 -2.13 10.52 -6.53
C VAL A 62 -3.27 9.64 -6.02
N LEU A 63 -4.05 10.17 -5.10
CA LEU A 63 -5.18 9.43 -4.53
C LEU A 63 -6.25 9.17 -5.58
N ARG A 64 -6.46 10.13 -6.46
CA ARG A 64 -7.37 9.95 -7.59
C ARG A 64 -6.92 8.75 -8.43
N GLY A 65 -5.66 8.78 -8.85
CA GLY A 65 -5.12 7.69 -9.65
C GLY A 65 -5.09 6.38 -8.89
N PHE A 66 -4.87 6.46 -7.58
CA PHE A 66 -4.83 5.29 -6.73
C PHE A 66 -6.20 4.62 -6.71
N ARG A 67 -7.25 5.38 -6.37
CA ARG A 67 -8.59 4.83 -6.32
C ARG A 67 -9.07 4.46 -7.72
N LYS A 68 -8.52 5.14 -8.72
CA LYS A 68 -8.76 4.79 -10.11
C LYS A 68 -8.27 3.37 -10.39
N GLU A 69 -6.99 3.12 -10.10
CA GLU A 69 -6.42 1.80 -10.34
C GLU A 69 -7.07 0.75 -9.47
N ILE A 70 -7.36 1.11 -8.23
CA ILE A 70 -8.08 0.21 -7.34
C ILE A 70 -9.45 -0.13 -7.93
N GLY A 71 -10.14 0.89 -8.42
CA GLY A 71 -11.41 0.66 -9.09
C GLY A 71 -11.24 -0.23 -10.31
N ARG A 72 -10.12 -0.07 -10.99
CA ARG A 72 -9.82 -0.91 -12.14
C ARG A 72 -9.54 -2.34 -11.71
N MET A 73 -8.82 -2.51 -10.61
CA MET A 73 -8.57 -3.85 -10.06
C MET A 73 -9.87 -4.50 -9.67
N LEU A 74 -10.75 -3.71 -9.06
CA LEU A 74 -12.08 -4.15 -8.70
C LEU A 74 -12.83 -4.56 -9.96
N ASN A 75 -12.68 -3.75 -11.00
CA ASN A 75 -13.26 -4.05 -12.31
C ASN A 75 -12.71 -5.37 -12.84
N ILE A 76 -11.41 -5.58 -12.66
CA ILE A 76 -10.75 -6.80 -13.11
C ILE A 76 -11.30 -8.00 -12.35
N LEU A 77 -11.47 -7.87 -11.05
CA LEU A 77 -12.00 -8.94 -10.22
C LEU A 77 -13.48 -9.19 -10.52
N ASN A 78 -14.21 -8.12 -10.76
CA ASN A 78 -15.65 -8.20 -10.99
C ASN A 78 -15.94 -8.74 -12.39
N ARG A 79 -15.37 -8.10 -13.40
CA ARG A 79 -15.62 -8.49 -14.78
C ARG A 79 -14.75 -9.67 -15.18
N ARG A 80 -13.53 -9.70 -14.67
CA ARG A 80 -12.56 -10.73 -15.00
C ARG A 80 -12.36 -10.80 -16.51
N ARG A 81 -12.04 -9.66 -17.11
CA ARG A 81 -11.81 -9.58 -18.55
C ARG A 81 -10.32 -9.74 -18.86
N ARG A 82 -9.50 -9.69 -17.79
CA ARG A 82 -8.05 -9.80 -17.91
C ARG A 82 -7.46 -8.62 -18.67
N MET B 1 20.55 -13.55 -10.87
CA MET B 1 21.13 -14.89 -11.14
C MET B 1 20.03 -15.92 -11.34
N ARG B 2 19.41 -16.34 -10.25
CA ARG B 2 18.31 -17.29 -10.30
C ARG B 2 17.04 -16.56 -10.72
N ASN B 3 16.68 -15.55 -9.93
CA ASN B 3 15.49 -14.73 -10.19
C ASN B 3 14.21 -15.52 -10.00
N ARG B 4 13.14 -14.83 -9.65
CA ARG B 4 11.86 -15.47 -9.45
C ARG B 4 10.85 -14.94 -10.46
N VAL B 5 10.47 -13.69 -10.30
CA VAL B 5 9.53 -13.05 -11.21
C VAL B 5 9.33 -11.58 -10.86
N SER B 6 8.86 -11.31 -9.65
CA SER B 6 8.57 -9.95 -9.21
C SER B 6 8.12 -9.95 -7.76
N THR B 7 8.25 -8.80 -7.10
CA THR B 7 7.83 -8.62 -5.71
C THR B 7 8.73 -9.37 -4.72
N VAL B 8 8.62 -10.69 -4.70
CA VAL B 8 9.38 -11.51 -3.77
C VAL B 8 10.88 -11.32 -3.96
N GLN B 9 11.29 -11.11 -5.20
CA GLN B 9 12.68 -10.92 -5.53
C GLN B 9 13.16 -9.56 -5.04
N GLN B 10 12.28 -8.57 -5.13
CA GLN B 10 12.54 -7.25 -4.58
C GLN B 10 12.77 -7.36 -3.08
N LEU B 11 11.88 -8.07 -2.41
CA LEU B 11 11.97 -8.30 -0.98
C LEU B 11 13.27 -9.04 -0.66
N THR B 12 13.60 -10.00 -1.50
CA THR B 12 14.81 -10.78 -1.35
C THR B 12 16.06 -9.90 -1.44
N LYS B 13 16.15 -9.09 -2.49
CA LYS B 13 17.33 -8.25 -2.68
C LYS B 13 17.36 -7.11 -1.66
N ARG B 14 16.20 -6.75 -1.13
CA ARG B 14 16.10 -5.73 -0.09
C ARG B 14 16.70 -6.24 1.22
N PHE B 15 16.20 -7.39 1.68
CA PHE B 15 16.61 -7.94 2.96
C PHE B 15 17.67 -9.02 2.78
N SER B 16 17.23 -10.19 2.34
CA SER B 16 18.08 -11.36 2.15
C SER B 16 17.23 -12.48 1.59
N LEU B 17 16.05 -12.64 2.20
CA LEU B 17 15.04 -13.54 1.69
C LEU B 17 13.76 -12.74 1.47
N GLY B 18 12.68 -13.41 1.11
CA GLY B 18 11.42 -12.71 0.94
C GLY B 18 10.96 -12.08 2.24
N MET B 19 11.09 -12.85 3.33
CA MET B 19 10.71 -12.40 4.66
C MET B 19 9.23 -12.04 4.72
N LEU B 20 8.39 -13.05 4.53
CA LEU B 20 6.95 -12.87 4.62
C LEU B 20 6.44 -13.46 5.92
N GLN B 21 5.96 -12.58 6.80
CA GLN B 21 5.42 -13.01 8.08
C GLN B 21 4.11 -13.76 7.89
N GLY B 22 3.44 -13.47 6.78
CA GLY B 22 2.20 -14.14 6.47
C GLY B 22 1.09 -13.16 6.15
N ARG B 23 0.44 -13.35 5.02
CA ARG B 23 -0.67 -12.50 4.63
C ARG B 23 -1.97 -13.09 5.15
N GLY B 24 -2.18 -12.96 6.45
CA GLY B 24 -3.40 -13.46 7.06
C GLY B 24 -4.62 -12.71 6.58
N PRO B 25 -4.78 -11.42 6.95
CA PRO B 25 -5.88 -10.59 6.49
C PRO B 25 -5.80 -10.32 4.99
N LEU B 26 -6.95 -10.39 4.33
CA LEU B 26 -7.03 -10.15 2.90
C LEU B 26 -6.72 -8.68 2.62
N LYS B 27 -7.09 -7.83 3.58
CA LYS B 27 -6.77 -6.41 3.49
C LYS B 27 -5.27 -6.20 3.42
N LEU B 28 -4.53 -6.98 4.20
CA LEU B 28 -3.07 -6.90 4.22
C LEU B 28 -2.52 -7.29 2.85
N PHE B 29 -3.01 -8.43 2.37
CA PHE B 29 -2.60 -8.97 1.08
C PHE B 29 -2.85 -7.94 -0.02
N MET B 30 -4.09 -7.48 -0.11
CA MET B 30 -4.47 -6.59 -1.21
C MET B 30 -3.88 -5.20 -1.02
N ALA B 31 -3.67 -4.78 0.22
CA ALA B 31 -3.00 -3.51 0.47
C ALA B 31 -1.57 -3.57 -0.07
N LEU B 32 -0.92 -4.71 0.17
CA LEU B 32 0.43 -4.93 -0.34
C LEU B 32 0.40 -4.99 -1.86
N VAL B 33 -0.55 -5.74 -2.42
CA VAL B 33 -0.71 -5.84 -3.87
C VAL B 33 -0.95 -4.45 -4.49
N ALA B 34 -1.85 -3.69 -3.88
CA ALA B 34 -2.16 -2.34 -4.33
C ALA B 34 -0.93 -1.46 -4.26
N PHE B 35 -0.23 -1.53 -3.13
CA PHE B 35 1.02 -0.82 -2.94
C PHE B 35 1.99 -1.11 -4.09
N LEU B 36 2.12 -2.39 -4.41
CA LEU B 36 2.99 -2.82 -5.50
C LEU B 36 2.53 -2.22 -6.83
N ARG B 37 1.30 -2.53 -7.21
CA ARG B 37 0.78 -2.16 -8.52
C ARG B 37 0.77 -0.65 -8.72
N PHE B 38 0.30 0.07 -7.73
CA PHE B 38 0.16 1.52 -7.83
C PHE B 38 1.52 2.18 -7.98
N LEU B 39 2.52 1.64 -7.30
CA LEU B 39 3.84 2.23 -7.31
C LEU B 39 4.55 1.99 -8.64
N THR B 40 4.89 0.73 -8.93
CA THR B 40 5.63 0.40 -10.14
C THR B 40 6.05 -1.06 -10.16
N ILE B 41 6.21 -1.66 -8.99
CA ILE B 41 6.69 -3.02 -8.89
C ILE B 41 5.57 -4.03 -9.14
N PRO B 42 5.70 -4.84 -10.20
CA PRO B 42 4.71 -5.88 -10.53
C PRO B 42 4.58 -6.92 -9.43
N PRO B 43 3.33 -7.25 -9.05
CA PRO B 43 3.03 -8.33 -8.10
C PRO B 43 3.57 -9.67 -8.56
N THR B 44 3.70 -10.60 -7.62
CA THR B 44 4.18 -11.93 -7.90
C THR B 44 3.27 -12.65 -8.89
N ALA B 45 3.82 -13.62 -9.61
CA ALA B 45 3.09 -14.34 -10.65
C ALA B 45 1.71 -14.80 -10.19
N GLY B 46 1.68 -15.50 -9.06
CA GLY B 46 0.43 -16.03 -8.55
C GLY B 46 -0.61 -14.97 -8.29
N ILE B 47 -0.15 -13.77 -7.97
CA ILE B 47 -1.04 -12.64 -7.72
C ILE B 47 -1.65 -12.16 -9.03
N LEU B 48 -0.82 -12.04 -10.05
CA LEU B 48 -1.30 -11.58 -11.35
C LEU B 48 -2.18 -12.64 -12.01
N LYS B 49 -1.85 -13.90 -11.80
CA LYS B 49 -2.61 -15.00 -12.40
C LYS B 49 -3.90 -15.29 -11.63
N ARG B 50 -3.78 -15.59 -10.34
CA ARG B 50 -4.96 -15.99 -9.56
C ARG B 50 -5.18 -15.10 -8.35
N TRP B 51 -4.45 -13.98 -8.30
CA TRP B 51 -4.57 -13.02 -7.21
C TRP B 51 -4.28 -13.66 -5.86
N GLY B 52 -3.41 -14.66 -5.88
CA GLY B 52 -2.98 -15.32 -4.66
C GLY B 52 -4.12 -15.95 -3.89
N THR B 53 -4.58 -15.25 -2.87
CA THR B 53 -5.61 -15.77 -1.97
C THR B 53 -6.87 -14.91 -2.05
N ILE B 54 -6.95 -14.09 -3.08
CA ILE B 54 -8.09 -13.20 -3.27
C ILE B 54 -9.31 -13.95 -3.80
N LYS B 55 -10.43 -13.71 -3.13
CA LYS B 55 -11.72 -14.16 -3.60
C LYS B 55 -12.47 -12.96 -4.16
N LYS B 56 -13.04 -13.11 -5.35
CA LYS B 56 -13.65 -12.01 -6.07
C LYS B 56 -15.00 -11.62 -5.46
N SER B 57 -14.96 -11.17 -4.22
CA SER B 57 -16.12 -10.69 -3.51
C SER B 57 -15.66 -9.92 -2.28
N LYS B 58 -14.93 -10.59 -1.39
CA LYS B 58 -14.38 -9.95 -0.22
C LYS B 58 -13.30 -8.96 -0.63
N ALA B 59 -12.57 -9.30 -1.68
CA ALA B 59 -11.56 -8.39 -2.23
C ALA B 59 -12.22 -7.17 -2.83
N ILE B 60 -13.40 -7.38 -3.44
CA ILE B 60 -14.21 -6.28 -3.95
C ILE B 60 -14.55 -5.34 -2.81
N ASN B 61 -15.03 -5.92 -1.72
CA ASN B 61 -15.35 -5.15 -0.52
C ASN B 61 -14.12 -4.44 0.02
N VAL B 62 -12.99 -5.14 0.00
CA VAL B 62 -11.71 -4.58 0.43
C VAL B 62 -11.35 -3.35 -0.43
N LEU B 63 -11.44 -3.50 -1.74
CA LEU B 63 -11.13 -2.42 -2.66
C LEU B 63 -12.11 -1.26 -2.50
N ARG B 64 -13.37 -1.60 -2.27
CA ARG B 64 -14.38 -0.58 -1.98
C ARG B 64 -13.98 0.24 -0.77
N GLY B 65 -13.69 -0.46 0.33
CA GLY B 65 -13.28 0.21 1.54
C GLY B 65 -11.97 0.95 1.39
N PHE B 66 -11.09 0.39 0.57
CA PHE B 66 -9.80 1.00 0.30
C PHE B 66 -9.97 2.34 -0.40
N ARG B 67 -10.70 2.33 -1.52
CA ARG B 67 -10.92 3.57 -2.25
C ARG B 67 -11.81 4.52 -1.45
N LYS B 68 -12.62 3.95 -0.58
CA LYS B 68 -13.41 4.73 0.37
C LYS B 68 -12.48 5.54 1.28
N GLU B 69 -11.57 4.84 1.96
CA GLU B 69 -10.65 5.51 2.87
C GLU B 69 -9.71 6.45 2.13
N ILE B 70 -9.28 6.04 0.94
CA ILE B 70 -8.47 6.89 0.09
C ILE B 70 -9.24 8.17 -0.27
N GLY B 71 -10.51 8.00 -0.62
CA GLY B 71 -11.37 9.13 -0.89
C GLY B 71 -11.52 10.01 0.33
N ARG B 72 -11.55 9.38 1.50
CA ARG B 72 -11.64 10.12 2.75
C ARG B 72 -10.34 10.88 3.01
N MET B 73 -9.20 10.25 2.72
CA MET B 73 -7.90 10.90 2.87
C MET B 73 -7.83 12.10 1.94
N LEU B 74 -8.32 11.90 0.72
CA LEU B 74 -8.42 12.97 -0.26
C LEU B 74 -9.31 14.07 0.29
N ASN B 75 -10.41 13.67 0.90
CA ASN B 75 -11.32 14.61 1.55
C ASN B 75 -10.60 15.37 2.65
N ILE B 76 -9.77 14.67 3.41
CA ILE B 76 -9.00 15.27 4.49
C ILE B 76 -8.01 16.28 3.93
N LEU B 77 -7.34 15.93 2.84
CA LEU B 77 -6.38 16.83 2.22
C LEU B 77 -7.07 18.02 1.56
N ASN B 78 -8.21 17.75 0.96
CA ASN B 78 -8.97 18.78 0.24
C ASN B 78 -9.66 19.74 1.20
N ARG B 79 -10.45 19.20 2.11
CA ARG B 79 -11.20 20.00 3.06
C ARG B 79 -10.32 20.43 4.23
N ARG B 80 -9.43 19.54 4.64
CA ARG B 80 -8.57 19.77 5.80
C ARG B 80 -9.40 20.12 7.03
N ARG B 81 -10.36 19.26 7.34
CA ARG B 81 -11.21 19.44 8.51
C ARG B 81 -10.64 18.72 9.71
N ARG B 82 -9.62 17.88 9.46
CA ARG B 82 -8.99 17.06 10.50
C ARG B 82 -9.96 16.05 11.08
CA MET A 1 13.92 -1.83 21.58
C MET A 1 14.04 -0.46 20.88
N ARG A 2 14.12 0.59 21.68
CA ARG A 2 14.22 1.97 21.17
C ARG A 2 13.04 2.29 20.27
N ASN A 3 11.88 2.47 20.88
CA ASN A 3 10.67 2.80 20.14
C ASN A 3 10.62 4.30 19.86
N ARG A 4 10.29 4.62 18.62
CA ARG A 4 10.18 6.01 18.20
C ARG A 4 8.72 6.40 18.05
N VAL A 5 8.06 5.72 17.13
CA VAL A 5 6.64 5.92 16.87
C VAL A 5 6.22 4.88 15.84
N SER A 6 4.93 4.69 15.66
CA SER A 6 4.41 3.68 14.76
C SER A 6 4.98 3.80 13.35
N THR A 7 5.33 2.66 12.77
CA THR A 7 5.77 2.55 11.38
C THR A 7 7.25 2.92 11.20
N VAL A 8 7.69 4.03 11.80
CA VAL A 8 9.05 4.49 11.58
C VAL A 8 10.06 3.51 12.16
N GLN A 9 9.69 2.84 13.24
CA GLN A 9 10.56 1.86 13.85
C GLN A 9 10.65 0.63 12.95
N GLN A 10 9.55 0.32 12.28
CA GLN A 10 9.54 -0.74 11.28
C GLN A 10 10.49 -0.37 10.15
N LEU A 11 10.51 0.90 9.80
CA LEU A 11 11.43 1.41 8.78
C LEU A 11 12.85 1.41 9.31
N THR A 12 12.98 1.52 10.63
CA THR A 12 14.28 1.43 11.29
C THR A 12 14.77 -0.02 11.29
N LYS A 13 13.83 -0.96 11.33
CA LYS A 13 14.15 -2.37 11.23
C LYS A 13 14.38 -2.79 9.78
N ARG A 14 13.59 -2.21 8.89
CA ARG A 14 13.59 -2.58 7.48
C ARG A 14 14.63 -1.78 6.71
N PHE A 15 15.78 -2.40 6.46
CA PHE A 15 16.78 -1.84 5.57
C PHE A 15 17.07 -2.80 4.43
N SER A 16 17.83 -3.86 4.75
CA SER A 16 18.18 -4.91 3.80
C SER A 16 19.18 -4.42 2.75
N LEU A 17 18.87 -3.30 2.12
CA LEU A 17 19.73 -2.71 1.11
C LEU A 17 19.65 -1.19 1.22
N GLY A 18 19.95 -0.49 0.15
CA GLY A 18 19.79 0.96 0.13
C GLY A 18 18.34 1.36 0.35
N MET A 19 18.00 1.67 1.59
CA MET A 19 16.65 2.07 1.96
C MET A 19 16.34 3.45 1.38
N LEU A 20 17.34 4.32 1.41
CA LEU A 20 17.26 5.66 0.82
C LEU A 20 16.01 6.39 1.30
N GLN A 21 16.00 6.71 2.59
CA GLN A 21 14.91 7.44 3.24
C GLN A 21 13.68 6.55 3.45
N GLY A 22 13.49 5.59 2.55
CA GLY A 22 12.33 4.72 2.62
C GLY A 22 11.17 5.29 1.82
N ARG A 23 11.19 6.59 1.63
CA ARG A 23 10.17 7.28 0.87
C ARG A 23 10.83 8.17 -0.18
N GLY A 24 10.03 8.69 -1.09
CA GLY A 24 10.55 9.55 -2.13
C GLY A 24 9.45 10.07 -3.03
N PRO A 25 9.02 9.26 -4.02
CA PRO A 25 7.87 9.60 -4.86
C PRO A 25 6.61 9.75 -4.03
N LEU A 26 5.80 10.74 -4.38
CA LEU A 26 4.56 11.03 -3.66
C LEU A 26 3.62 9.85 -3.77
N LYS A 27 3.64 9.17 -4.92
CA LYS A 27 2.88 7.96 -5.10
C LYS A 27 3.28 6.92 -4.07
N LEU A 28 4.58 6.70 -3.95
CA LEU A 28 5.10 5.70 -3.02
C LEU A 28 4.77 6.09 -1.60
N PHE A 29 5.02 7.36 -1.28
CA PHE A 29 4.77 7.89 0.04
C PHE A 29 3.31 7.68 0.42
N MET A 30 2.40 8.19 -0.41
CA MET A 30 0.99 8.17 -0.07
C MET A 30 0.42 6.76 -0.18
N ALA A 31 0.97 5.94 -1.06
CA ALA A 31 0.55 4.55 -1.16
C ALA A 31 0.95 3.81 0.12
N LEU A 32 2.13 4.13 0.63
CA LEU A 32 2.61 3.56 1.88
C LEU A 32 1.71 4.04 3.03
N VAL A 33 1.43 5.33 3.07
CA VAL A 33 0.55 5.91 4.07
C VAL A 33 -0.84 5.28 4.00
N ALA A 34 -1.35 5.17 2.78
CA ALA A 34 -2.64 4.54 2.55
C ALA A 34 -2.64 3.09 3.01
N PHE A 35 -1.57 2.37 2.65
CA PHE A 35 -1.39 0.99 3.09
C PHE A 35 -1.50 0.91 4.63
N LEU A 36 -0.74 1.76 5.30
CA LEU A 36 -0.75 1.79 6.77
C LEU A 36 -2.14 2.07 7.31
N ARG A 37 -2.72 3.19 6.88
CA ARG A 37 -3.96 3.68 7.45
C ARG A 37 -5.14 2.80 7.09
N PHE A 38 -5.06 2.13 5.94
CA PHE A 38 -6.12 1.22 5.51
C PHE A 38 -6.16 -0.01 6.40
N LEU A 39 -5.00 -0.50 6.80
CA LEU A 39 -4.92 -1.66 7.66
C LEU A 39 -5.40 -1.33 9.06
N THR A 40 -4.64 -0.48 9.75
CA THR A 40 -4.98 -0.09 11.13
C THR A 40 -3.80 0.64 11.77
N ILE A 41 -2.59 0.31 11.36
CA ILE A 41 -1.39 0.88 11.94
C ILE A 41 -1.28 2.38 11.59
N PRO A 42 -1.24 3.24 12.62
CA PRO A 42 -1.09 4.68 12.43
C PRO A 42 0.23 5.05 11.75
N PRO A 43 0.15 5.88 10.69
CA PRO A 43 1.33 6.43 10.03
C PRO A 43 2.26 7.16 11.01
N THR A 44 3.47 7.43 10.54
CA THR A 44 4.46 8.11 11.36
C THR A 44 3.98 9.48 11.80
N ALA A 45 4.47 9.95 12.94
CA ALA A 45 4.03 11.20 13.55
C ALA A 45 4.00 12.35 12.54
N GLY A 46 5.12 12.57 11.86
CA GLY A 46 5.23 13.66 10.90
C GLY A 46 4.21 13.54 9.77
N ILE A 47 3.77 12.33 9.50
CA ILE A 47 2.75 12.08 8.49
C ILE A 47 1.39 12.52 9.01
N LEU A 48 1.09 12.16 10.25
CA LEU A 48 -0.17 12.55 10.87
C LEU A 48 -0.18 14.04 11.19
N LYS A 49 1.00 14.60 11.34
CA LYS A 49 1.15 16.03 11.61
C LYS A 49 1.06 16.85 10.32
N ARG A 50 2.01 16.66 9.42
CA ARG A 50 2.10 17.48 8.22
C ARG A 50 2.08 16.62 6.95
N TRP A 51 1.74 15.35 7.10
CA TRP A 51 1.68 14.41 5.99
C TRP A 51 3.01 14.32 5.26
N GLY A 52 4.09 14.42 6.04
CA GLY A 52 5.43 14.28 5.50
C GLY A 52 5.79 15.36 4.50
N THR A 53 5.48 15.11 3.23
CA THR A 53 5.82 16.03 2.16
C THR A 53 4.64 16.20 1.20
N ILE A 54 3.46 15.83 1.67
CA ILE A 54 2.26 15.91 0.86
C ILE A 54 1.83 17.35 0.59
N LYS A 55 1.67 17.65 -0.69
CA LYS A 55 1.08 18.91 -1.12
C LYS A 55 -0.37 18.65 -1.53
N LYS A 56 -1.24 19.60 -1.23
CA LYS A 56 -2.69 19.40 -1.38
C LYS A 56 -3.12 19.57 -2.84
N SER A 57 -2.48 18.83 -3.71
CA SER A 57 -2.82 18.83 -5.12
C SER A 57 -2.29 17.54 -5.77
N LYS A 58 -0.97 17.38 -5.72
CA LYS A 58 -0.33 16.17 -6.25
C LYS A 58 -0.86 14.94 -5.52
N ALA A 59 -0.96 15.04 -4.20
CA ALA A 59 -1.46 13.94 -3.39
C ALA A 59 -2.92 13.65 -3.73
N ILE A 60 -3.67 14.70 -4.02
CA ILE A 60 -5.05 14.57 -4.43
C ILE A 60 -5.14 13.77 -5.71
N ASN A 61 -4.31 14.13 -6.68
CA ASN A 61 -4.24 13.43 -7.95
C ASN A 61 -3.74 12.00 -7.75
N VAL A 62 -2.80 11.84 -6.83
CA VAL A 62 -2.30 10.52 -6.45
C VAL A 62 -3.44 9.65 -5.93
N LEU A 63 -4.20 10.19 -4.99
CA LEU A 63 -5.34 9.47 -4.41
C LEU A 63 -6.39 9.17 -5.47
N ARG A 64 -6.67 10.15 -6.32
CA ARG A 64 -7.60 9.97 -7.42
C ARG A 64 -7.15 8.82 -8.33
N GLY A 65 -5.89 8.87 -8.75
CA GLY A 65 -5.36 7.83 -9.61
C GLY A 65 -5.30 6.49 -8.91
N PHE A 66 -4.94 6.52 -7.64
CA PHE A 66 -4.86 5.31 -6.82
C PHE A 66 -6.22 4.64 -6.75
N ARG A 67 -7.24 5.39 -6.35
CA ARG A 67 -8.58 4.83 -6.23
C ARG A 67 -9.13 4.44 -7.59
N LYS A 68 -8.69 5.15 -8.63
CA LYS A 68 -9.08 4.82 -9.99
C LYS A 68 -8.49 3.47 -10.40
N GLU A 69 -7.19 3.29 -10.14
CA GLU A 69 -6.53 2.04 -10.47
C GLU A 69 -7.03 0.91 -9.58
N ILE A 70 -7.39 1.24 -8.35
CA ILE A 70 -8.06 0.30 -7.47
C ILE A 70 -9.40 -0.12 -8.07
N GLY A 71 -10.15 0.87 -8.56
CA GLY A 71 -11.38 0.57 -9.25
C GLY A 71 -11.12 -0.26 -10.48
N ARG A 72 -10.00 -0.02 -11.14
CA ARG A 72 -9.58 -0.82 -12.28
C ARG A 72 -9.34 -2.26 -11.86
N MET A 73 -8.65 -2.44 -10.74
CA MET A 73 -8.41 -3.77 -10.18
C MET A 73 -9.74 -4.43 -9.84
N LEU A 74 -10.65 -3.65 -9.29
CA LEU A 74 -11.99 -4.11 -8.98
C LEU A 74 -12.68 -4.55 -10.27
N ASN A 75 -12.49 -3.77 -11.33
CA ASN A 75 -13.00 -4.12 -12.65
C ASN A 75 -12.39 -5.43 -13.12
N ILE A 76 -11.10 -5.60 -12.86
CA ILE A 76 -10.41 -6.83 -13.23
C ILE A 76 -10.98 -8.02 -12.47
N LEU A 77 -11.13 -7.87 -11.17
CA LEU A 77 -11.64 -8.96 -10.34
C LEU A 77 -13.09 -9.27 -10.66
N ASN A 78 -13.90 -8.24 -10.81
CA ASN A 78 -15.33 -8.40 -11.00
C ASN A 78 -15.67 -8.72 -12.46
N ARG A 79 -15.15 -7.91 -13.37
CA ARG A 79 -15.53 -8.01 -14.78
C ARG A 79 -14.52 -8.85 -15.57
N ARG A 80 -13.32 -9.03 -14.99
CA ARG A 80 -12.24 -9.82 -15.61
C ARG A 80 -11.58 -9.07 -16.77
N ARG A 81 -12.38 -8.67 -17.75
CA ARG A 81 -11.86 -8.00 -18.94
C ARG A 81 -10.82 -8.89 -19.62
N ARG A 82 -11.31 -9.95 -20.24
CA ARG A 82 -10.44 -10.92 -20.88
C ARG A 82 -11.18 -11.58 -22.05
N MET B 1 21.41 -13.00 -7.46
CA MET B 1 21.18 -13.27 -6.02
C MET B 1 19.95 -14.14 -5.82
N ARG B 2 19.83 -15.19 -6.64
CA ARG B 2 18.70 -16.11 -6.58
C ARG B 2 17.38 -15.36 -6.79
N ASN B 3 17.14 -14.94 -8.03
CA ASN B 3 15.92 -14.22 -8.36
C ASN B 3 14.79 -15.19 -8.60
N ARG B 4 13.64 -14.89 -8.02
CA ARG B 4 12.45 -15.73 -8.17
C ARG B 4 11.47 -15.05 -9.10
N VAL B 5 10.99 -13.90 -8.68
CA VAL B 5 10.09 -13.08 -9.46
C VAL B 5 9.88 -11.77 -8.70
N SER B 6 9.29 -10.78 -9.34
CA SER B 6 9.11 -9.47 -8.75
C SER B 6 8.39 -9.54 -7.40
N THR B 7 8.90 -8.75 -6.44
CA THR B 7 8.27 -8.57 -5.13
C THR B 7 8.57 -9.72 -4.16
N VAL B 8 8.48 -10.96 -4.62
CA VAL B 8 8.65 -12.10 -3.73
C VAL B 8 10.10 -12.18 -3.22
N GLN B 9 11.03 -11.74 -4.05
CA GLN B 9 12.43 -11.74 -3.66
C GLN B 9 12.66 -10.65 -2.61
N GLN B 10 11.93 -9.56 -2.74
CA GLN B 10 11.95 -8.51 -1.75
C GLN B 10 11.41 -9.05 -0.42
N LEU B 11 10.41 -9.91 -0.51
CA LEU B 11 9.84 -10.57 0.66
C LEU B 11 10.82 -11.60 1.19
N THR B 12 11.66 -12.14 0.30
CA THR B 12 12.71 -13.05 0.68
C THR B 12 13.84 -12.30 1.40
N LYS B 13 14.03 -11.04 1.03
CA LYS B 13 15.00 -10.19 1.70
C LYS B 13 14.43 -9.63 3.00
N ARG B 14 13.15 -9.30 2.97
CA ARG B 14 12.48 -8.65 4.08
C ARG B 14 11.94 -9.68 5.09
N PHE B 15 12.68 -9.87 6.17
CA PHE B 15 12.21 -10.67 7.28
C PHE B 15 12.22 -9.83 8.56
N SER B 16 13.42 -9.62 9.10
CA SER B 16 13.63 -8.81 10.32
C SER B 16 13.09 -9.52 11.56
N LEU B 17 11.85 -9.96 11.50
CA LEU B 17 11.21 -10.66 12.61
C LEU B 17 10.31 -11.75 12.06
N GLY B 18 9.30 -12.14 12.83
CA GLY B 18 8.33 -13.10 12.34
C GLY B 18 7.57 -12.55 11.13
N MET B 19 8.03 -12.92 9.94
CA MET B 19 7.40 -12.46 8.71
C MET B 19 6.04 -13.11 8.54
N LEU B 20 5.97 -14.39 8.90
CA LEU B 20 4.72 -15.14 8.91
C LEU B 20 4.01 -15.03 7.56
N GLN B 21 4.64 -15.61 6.53
CA GLN B 21 4.10 -15.64 5.17
C GLN B 21 4.23 -14.28 4.49
N GLY B 22 4.17 -13.21 5.28
CA GLY B 22 4.24 -11.87 4.73
C GLY B 22 2.87 -11.35 4.40
N ARG B 23 1.93 -12.26 4.20
CA ARG B 23 0.55 -11.91 3.90
C ARG B 23 -0.38 -12.68 4.82
N GLY B 24 -1.64 -12.32 4.81
CA GLY B 24 -2.62 -12.98 5.66
C GLY B 24 -4.00 -12.42 5.45
N PRO B 25 -4.33 -11.31 6.11
CA PRO B 25 -5.59 -10.60 5.90
C PRO B 25 -5.73 -10.15 4.45
N LEU B 26 -6.93 -10.26 3.91
CA LEU B 26 -7.21 -9.91 2.53
C LEU B 26 -6.95 -8.43 2.32
N LYS B 27 -7.25 -7.63 3.35
CA LYS B 27 -6.96 -6.21 3.33
C LYS B 27 -5.47 -5.98 3.13
N LEU B 28 -4.67 -6.67 3.93
CA LEU B 28 -3.22 -6.52 3.89
C LEU B 28 -2.71 -6.99 2.54
N PHE B 29 -3.17 -8.15 2.13
CA PHE B 29 -2.78 -8.75 0.86
C PHE B 29 -3.06 -7.80 -0.28
N MET B 30 -4.31 -7.37 -0.41
CA MET B 30 -4.71 -6.57 -1.54
C MET B 30 -4.15 -5.14 -1.43
N ALA B 31 -3.98 -4.65 -0.22
CA ALA B 31 -3.35 -3.35 -0.03
C ALA B 31 -1.89 -3.40 -0.48
N LEU B 32 -1.23 -4.52 -0.20
CA LEU B 32 0.14 -4.74 -0.63
C LEU B 32 0.18 -4.83 -2.16
N VAL B 33 -0.74 -5.63 -2.73
CA VAL B 33 -0.85 -5.77 -4.17
C VAL B 33 -1.12 -4.42 -4.83
N ALA B 34 -2.05 -3.67 -4.25
CA ALA B 34 -2.40 -2.35 -4.73
C ALA B 34 -1.20 -1.43 -4.66
N PHE B 35 -0.50 -1.46 -3.52
CA PHE B 35 0.73 -0.69 -3.33
C PHE B 35 1.70 -0.98 -4.47
N LEU B 36 1.95 -2.27 -4.71
CA LEU B 36 2.86 -2.69 -5.77
C LEU B 36 2.42 -2.16 -7.13
N ARG B 37 1.19 -2.50 -7.51
CA ARG B 37 0.69 -2.24 -8.85
C ARG B 37 0.48 -0.75 -9.09
N PHE B 38 0.20 -0.01 -8.03
CA PHE B 38 0.01 1.43 -8.15
C PHE B 38 1.33 2.12 -8.47
N LEU B 39 2.41 1.63 -7.87
CA LEU B 39 3.72 2.21 -8.12
C LEU B 39 4.20 1.88 -9.53
N THR B 40 4.46 0.60 -9.77
CA THR B 40 4.95 0.14 -11.08
C THR B 40 5.43 -1.30 -11.00
N ILE B 41 5.91 -1.70 -9.83
CA ILE B 41 6.46 -3.03 -9.64
C ILE B 41 5.36 -4.10 -9.74
N PRO B 42 5.49 -5.03 -10.68
CA PRO B 42 4.54 -6.13 -10.86
C PRO B 42 4.46 -7.03 -9.63
N PRO B 43 3.24 -7.30 -9.16
CA PRO B 43 3.00 -8.26 -8.08
C PRO B 43 3.59 -9.64 -8.39
N THR B 44 3.66 -10.48 -7.37
CA THR B 44 4.21 -11.81 -7.50
C THR B 44 3.42 -12.64 -8.52
N ALA B 45 4.08 -13.59 -9.15
CA ALA B 45 3.48 -14.39 -10.21
C ALA B 45 2.11 -14.94 -9.82
N GLY B 46 2.05 -15.62 -8.69
CA GLY B 46 0.80 -16.21 -8.23
C GLY B 46 -0.31 -15.19 -8.04
N ILE B 47 0.08 -13.95 -7.79
CA ILE B 47 -0.88 -12.87 -7.65
C ILE B 47 -1.42 -12.48 -9.01
N LEU B 48 -0.54 -12.36 -9.99
CA LEU B 48 -0.95 -12.02 -11.34
C LEU B 48 -1.68 -13.19 -11.99
N LYS B 49 -1.40 -14.39 -11.51
CA LYS B 49 -2.06 -15.59 -12.00
C LYS B 49 -3.43 -15.78 -11.37
N ARG B 50 -3.46 -15.99 -10.06
CA ARG B 50 -4.70 -16.32 -9.37
C ARG B 50 -5.00 -15.34 -8.24
N TRP B 51 -4.26 -14.24 -8.22
CA TRP B 51 -4.42 -13.21 -7.20
C TRP B 51 -4.22 -13.77 -5.79
N GLY B 52 -3.31 -14.74 -5.69
CA GLY B 52 -2.97 -15.32 -4.40
C GLY B 52 -4.12 -16.06 -3.75
N THR B 53 -4.92 -15.34 -2.98
CA THR B 53 -6.01 -15.93 -2.25
C THR B 53 -7.27 -15.06 -2.36
N ILE B 54 -7.27 -14.18 -3.36
CA ILE B 54 -8.38 -13.26 -3.56
C ILE B 54 -9.63 -13.97 -4.04
N LYS B 55 -10.72 -13.74 -3.31
CA LYS B 55 -12.03 -14.17 -3.73
C LYS B 55 -12.78 -12.97 -4.29
N LYS B 56 -13.59 -13.20 -5.33
CA LYS B 56 -14.21 -12.12 -6.09
C LYS B 56 -15.44 -11.56 -5.36
N SER B 57 -15.25 -11.17 -4.11
CA SER B 57 -16.31 -10.57 -3.31
C SER B 57 -15.68 -9.80 -2.16
N LYS B 58 -14.96 -10.51 -1.30
CA LYS B 58 -14.26 -9.89 -0.19
C LYS B 58 -13.26 -8.86 -0.71
N ALA B 59 -12.51 -9.23 -1.74
CA ALA B 59 -11.54 -8.33 -2.34
C ALA B 59 -12.23 -7.13 -2.94
N ILE B 60 -13.40 -7.35 -3.51
CA ILE B 60 -14.21 -6.27 -4.07
C ILE B 60 -14.56 -5.27 -2.96
N ASN B 61 -15.05 -5.80 -1.85
CA ASN B 61 -15.38 -4.97 -0.70
C ASN B 61 -14.14 -4.30 -0.13
N VAL B 62 -13.03 -5.03 -0.15
CA VAL B 62 -11.75 -4.48 0.27
C VAL B 62 -11.37 -3.27 -0.58
N LEU B 63 -11.46 -3.44 -1.89
CA LEU B 63 -11.14 -2.37 -2.83
C LEU B 63 -12.10 -1.20 -2.65
N ARG B 64 -13.38 -1.50 -2.50
CA ARG B 64 -14.39 -0.48 -2.26
C ARG B 64 -14.06 0.32 -1.00
N GLY B 65 -13.80 -0.39 0.08
CA GLY B 65 -13.47 0.25 1.33
C GLY B 65 -12.16 1.01 1.25
N PHE B 66 -11.19 0.42 0.55
CA PHE B 66 -9.89 1.03 0.37
C PHE B 66 -10.02 2.36 -0.37
N ARG B 67 -10.69 2.33 -1.52
CA ARG B 67 -10.87 3.54 -2.31
C ARG B 67 -11.73 4.55 -1.56
N LYS B 68 -12.65 4.03 -0.75
CA LYS B 68 -13.49 4.90 0.08
C LYS B 68 -12.65 5.62 1.12
N GLU B 69 -11.79 4.88 1.80
CA GLU B 69 -10.93 5.47 2.83
C GLU B 69 -9.87 6.36 2.19
N ILE B 70 -9.46 6.01 0.98
CA ILE B 70 -8.60 6.87 0.18
C ILE B 70 -9.32 8.18 -0.13
N GLY B 71 -10.58 8.07 -0.53
CA GLY B 71 -11.40 9.23 -0.74
C GLY B 71 -11.56 10.04 0.54
N ARG B 72 -11.62 9.33 1.66
CA ARG B 72 -11.67 9.96 2.97
C ARG B 72 -10.39 10.75 3.23
N MET B 73 -9.26 10.14 2.90
CA MET B 73 -7.96 10.80 3.02
C MET B 73 -7.92 12.03 2.12
N LEU B 74 -8.46 11.88 0.93
CA LEU B 74 -8.59 12.97 -0.02
C LEU B 74 -9.45 14.08 0.59
N ASN B 75 -10.52 13.67 1.24
CA ASN B 75 -11.38 14.61 1.97
C ASN B 75 -10.60 15.31 3.06
N ILE B 76 -9.74 14.57 3.74
CA ILE B 76 -8.91 15.12 4.79
C ILE B 76 -7.94 16.16 4.22
N LEU B 77 -7.26 15.78 3.14
CA LEU B 77 -6.27 16.66 2.53
C LEU B 77 -6.94 17.89 1.91
N ASN B 78 -8.04 17.68 1.22
CA ASN B 78 -8.71 18.75 0.49
C ASN B 78 -9.59 19.59 1.40
N ARG B 79 -10.45 18.92 2.17
CA ARG B 79 -11.46 19.61 2.97
C ARG B 79 -10.98 19.81 4.41
N ARG B 80 -9.97 19.03 4.81
CA ARG B 80 -9.40 19.11 6.16
C ARG B 80 -10.31 18.46 7.20
N ARG B 81 -11.54 18.94 7.29
CA ARG B 81 -12.49 18.45 8.29
C ARG B 81 -11.91 18.64 9.68
N ARG B 82 -11.86 19.89 10.12
CA ARG B 82 -11.27 20.23 11.40
C ARG B 82 -11.93 21.48 11.96
CA MET A 1 9.20 -0.77 24.28
C MET A 1 9.90 -0.04 23.15
N ARG A 2 10.70 0.97 23.50
CA ARG A 2 11.33 1.84 22.52
C ARG A 2 10.26 2.51 21.66
N ASN A 3 9.21 2.96 22.33
CA ASN A 3 8.04 3.49 21.66
C ASN A 3 8.31 4.90 21.14
N ARG A 4 7.99 5.11 19.87
CA ARG A 4 8.12 6.42 19.26
C ARG A 4 6.73 7.01 19.02
N VAL A 5 6.00 6.38 18.10
CA VAL A 5 4.63 6.76 17.83
C VAL A 5 3.97 5.73 16.89
N SER A 6 4.42 5.69 15.64
CA SER A 6 3.82 4.82 14.64
C SER A 6 4.73 4.76 13.41
N THR A 7 4.75 3.61 12.75
CA THR A 7 5.50 3.41 11.50
C THR A 7 7.00 3.34 11.73
N VAL A 8 7.59 4.47 12.16
CA VAL A 8 9.04 4.58 12.32
C VAL A 8 9.57 3.55 13.31
N GLN A 9 8.76 3.23 14.31
CA GLN A 9 9.14 2.25 15.31
C GLN A 9 9.24 0.88 14.66
N GLN A 10 8.27 0.57 13.82
CA GLN A 10 8.29 -0.66 13.04
C GLN A 10 9.52 -0.68 12.15
N LEU A 11 9.74 0.41 11.43
CA LEU A 11 10.84 0.52 10.49
C LEU A 11 12.19 0.39 11.20
N THR A 12 12.26 0.87 12.43
CA THR A 12 13.51 0.82 13.16
C THR A 12 13.72 -0.54 13.85
N LYS A 13 12.64 -1.19 14.29
CA LYS A 13 12.78 -2.46 14.97
C LYS A 13 12.83 -3.62 13.99
N ARG A 14 12.35 -3.42 12.77
CA ARG A 14 12.40 -4.45 11.74
C ARG A 14 13.81 -4.59 11.16
N PHE A 15 14.66 -3.60 11.47
CA PHE A 15 16.00 -3.51 10.88
C PHE A 15 15.88 -3.22 9.38
N SER A 16 16.96 -3.43 8.63
CA SER A 16 17.00 -3.10 7.21
C SER A 16 16.76 -1.61 7.00
N LEU A 17 17.85 -0.86 6.94
CA LEU A 17 17.84 0.60 6.89
C LEU A 17 16.81 1.14 5.89
N GLY A 18 15.67 1.59 6.42
CA GLY A 18 14.62 2.16 5.60
C GLY A 18 13.75 3.10 6.39
N MET A 19 14.38 3.88 7.25
CA MET A 19 13.66 4.81 8.12
C MET A 19 13.57 6.19 7.49
N LEU A 20 13.19 6.23 6.23
CA LEU A 20 13.05 7.49 5.51
C LEU A 20 11.75 8.18 5.94
N GLN A 21 11.87 9.24 6.73
CA GLN A 21 10.72 9.98 7.21
C GLN A 21 10.11 10.82 6.09
N GLY A 22 10.96 11.24 5.17
CA GLY A 22 10.48 11.99 4.02
C GLY A 22 10.01 11.06 2.91
N ARG A 23 10.44 9.80 3.01
CA ARG A 23 10.13 8.76 2.03
C ARG A 23 10.79 9.03 0.69
N GLY A 24 10.32 10.07 0.00
CA GLY A 24 10.86 10.42 -1.29
C GLY A 24 9.77 10.78 -2.26
N PRO A 25 9.44 9.88 -3.21
CA PRO A 25 8.36 10.09 -4.16
C PRO A 25 7.00 10.08 -3.47
N LEU A 26 6.10 10.92 -3.96
CA LEU A 26 4.75 11.03 -3.39
C LEU A 26 3.98 9.74 -3.59
N LYS A 27 4.30 9.03 -4.67
CA LYS A 27 3.71 7.73 -4.92
C LYS A 27 4.09 6.75 -3.81
N LEU A 28 5.38 6.73 -3.48
CA LEU A 28 5.89 5.85 -2.44
C LEU A 28 5.31 6.27 -1.09
N PHE A 29 5.32 7.57 -0.83
CA PHE A 29 4.79 8.12 0.41
C PHE A 29 3.33 7.72 0.58
N MET A 30 2.52 8.05 -0.44
CA MET A 30 1.09 7.78 -0.37
C MET A 30 0.82 6.29 -0.28
N ALA A 31 1.48 5.51 -1.13
CA ALA A 31 1.27 4.07 -1.14
C ALA A 31 1.64 3.48 0.22
N LEU A 32 2.72 3.98 0.80
CA LEU A 32 3.18 3.52 2.11
C LEU A 32 2.17 3.87 3.19
N VAL A 33 1.74 5.13 3.24
CA VAL A 33 0.80 5.56 4.27
C VAL A 33 -0.58 4.93 4.08
N ALA A 34 -0.93 4.67 2.83
CA ALA A 34 -2.18 3.99 2.52
C ALA A 34 -2.10 2.54 2.99
N PHE A 35 -0.98 1.90 2.66
CA PHE A 35 -0.69 0.55 3.11
C PHE A 35 -0.82 0.47 4.64
N LEU A 36 -0.20 1.44 5.32
CA LEU A 36 -0.28 1.51 6.77
C LEU A 36 -1.73 1.66 7.24
N ARG A 37 -2.36 2.73 6.78
CA ARG A 37 -3.71 3.09 7.22
C ARG A 37 -4.70 1.96 7.02
N PHE A 38 -4.73 1.40 5.83
CA PHE A 38 -5.74 0.39 5.52
C PHE A 38 -5.47 -0.89 6.28
N LEU A 39 -4.21 -1.21 6.50
CA LEU A 39 -3.84 -2.43 7.18
C LEU A 39 -4.25 -2.36 8.65
N THR A 40 -3.62 -1.48 9.41
CA THR A 40 -3.93 -1.32 10.84
C THR A 40 -2.90 -0.44 11.54
N ILE A 41 -1.66 -0.48 11.06
CA ILE A 41 -0.58 0.29 11.65
C ILE A 41 -0.70 1.76 11.29
N PRO A 42 -0.90 2.63 12.29
CA PRO A 42 -1.07 4.08 12.08
C PRO A 42 0.15 4.72 11.42
N PRO A 43 -0.09 5.70 10.53
CA PRO A 43 0.98 6.51 9.94
C PRO A 43 1.75 7.31 10.99
N THR A 44 2.94 7.74 10.61
CA THR A 44 3.84 8.44 11.52
C THR A 44 3.28 9.81 11.91
N ALA A 45 3.75 10.34 13.03
CA ALA A 45 3.23 11.59 13.58
C ALA A 45 3.22 12.70 12.55
N GLY A 46 4.39 12.95 11.95
CA GLY A 46 4.51 14.03 10.98
C GLY A 46 3.59 13.85 9.78
N ILE A 47 3.21 12.61 9.51
CA ILE A 47 2.30 12.30 8.42
C ILE A 47 0.88 12.71 8.81
N LEU A 48 0.47 12.33 10.00
CA LEU A 48 -0.87 12.65 10.47
C LEU A 48 -1.00 14.14 10.77
N LYS A 49 0.11 14.77 11.13
CA LYS A 49 0.13 16.19 11.42
C LYS A 49 0.22 17.02 10.14
N ARG A 50 1.25 16.79 9.34
CA ARG A 50 1.51 17.66 8.19
C ARG A 50 1.62 16.85 6.90
N TRP A 51 1.38 15.55 6.99
CA TRP A 51 1.44 14.64 5.84
C TRP A 51 2.80 14.67 5.18
N GLY A 52 3.84 14.84 5.99
CA GLY A 52 5.20 14.82 5.51
C GLY A 52 5.48 15.92 4.52
N THR A 53 5.43 15.58 3.23
CA THR A 53 5.75 16.53 2.17
C THR A 53 4.58 16.61 1.18
N ILE A 54 3.42 16.15 1.61
CA ILE A 54 2.23 16.15 0.77
C ILE A 54 1.68 17.56 0.55
N LYS A 55 1.72 17.99 -0.70
CA LYS A 55 0.98 19.16 -1.12
C LYS A 55 -0.40 18.70 -1.56
N LYS A 56 -1.43 19.35 -1.04
CA LYS A 56 -2.79 18.90 -1.20
C LYS A 56 -3.35 19.21 -2.59
N SER A 57 -2.66 18.70 -3.61
CA SER A 57 -3.10 18.81 -4.98
C SER A 57 -2.50 17.66 -5.79
N LYS A 58 -1.17 17.62 -5.87
CA LYS A 58 -0.50 16.50 -6.51
C LYS A 58 -0.82 15.21 -5.77
N ALA A 59 -0.88 15.29 -4.44
CA ALA A 59 -1.23 14.15 -3.62
C ALA A 59 -2.67 13.75 -3.88
N ILE A 60 -3.52 14.74 -4.14
CA ILE A 60 -4.91 14.48 -4.51
C ILE A 60 -4.95 13.64 -5.78
N ASN A 61 -4.16 14.05 -6.77
CA ASN A 61 -4.06 13.31 -8.02
C ASN A 61 -3.47 11.92 -7.79
N VAL A 62 -2.51 11.83 -6.87
CA VAL A 62 -1.95 10.54 -6.47
C VAL A 62 -3.03 9.64 -5.89
N LEU A 63 -3.79 10.18 -4.93
CA LEU A 63 -4.92 9.47 -4.34
C LEU A 63 -5.89 9.01 -5.42
N ARG A 64 -6.23 9.93 -6.31
CA ARG A 64 -7.11 9.64 -7.43
C ARG A 64 -6.56 8.50 -8.29
N GLY A 65 -5.27 8.57 -8.59
CA GLY A 65 -4.64 7.54 -9.39
C GLY A 65 -4.66 6.19 -8.70
N PHE A 66 -4.39 6.19 -7.40
CA PHE A 66 -4.38 4.96 -6.62
C PHE A 66 -5.76 4.33 -6.61
N ARG A 67 -6.79 5.13 -6.30
CA ARG A 67 -8.15 4.62 -6.25
C ARG A 67 -8.63 4.27 -7.65
N LYS A 68 -8.04 4.92 -8.66
CA LYS A 68 -8.31 4.58 -10.04
C LYS A 68 -7.80 3.17 -10.32
N GLU A 69 -6.59 2.88 -9.86
CA GLU A 69 -6.02 1.54 -9.98
C GLU A 69 -6.91 0.54 -9.26
N ILE A 70 -7.31 0.89 -8.05
CA ILE A 70 -8.22 0.05 -7.26
C ILE A 70 -9.50 -0.21 -8.02
N GLY A 71 -10.09 0.85 -8.56
CA GLY A 71 -11.32 0.73 -9.32
C GLY A 71 -11.13 -0.17 -10.53
N ARG A 72 -9.99 -0.03 -11.19
CA ARG A 72 -9.66 -0.87 -12.33
C ARG A 72 -9.56 -2.33 -11.92
N MET A 73 -8.88 -2.59 -10.82
CA MET A 73 -8.73 -3.95 -10.32
C MET A 73 -10.07 -4.50 -9.84
N LEU A 74 -10.87 -3.61 -9.27
CA LEU A 74 -12.20 -3.97 -8.83
C LEU A 74 -13.04 -4.39 -10.03
N ASN A 75 -12.96 -3.61 -11.11
CA ASN A 75 -13.63 -3.95 -12.35
C ASN A 75 -13.09 -5.26 -12.90
N ILE A 76 -11.77 -5.44 -12.77
CA ILE A 76 -11.12 -6.67 -13.18
C ILE A 76 -11.72 -7.88 -12.48
N LEU A 77 -11.80 -7.80 -11.16
CA LEU A 77 -12.32 -8.91 -10.36
C LEU A 77 -13.82 -9.06 -10.52
N ASN A 78 -14.52 -7.94 -10.61
CA ASN A 78 -15.98 -7.95 -10.69
C ASN A 78 -16.46 -8.50 -12.03
N ARG A 79 -15.81 -8.07 -13.10
CA ARG A 79 -16.21 -8.46 -14.45
C ARG A 79 -15.48 -9.73 -14.89
N ARG A 80 -14.27 -9.91 -14.38
CA ARG A 80 -13.40 -11.00 -14.79
C ARG A 80 -13.10 -10.89 -16.28
N ARG A 81 -12.42 -9.81 -16.63
CA ARG A 81 -12.01 -9.60 -18.02
C ARG A 81 -10.56 -10.04 -18.22
N ARG A 82 -10.14 -10.98 -17.38
CA ARG A 82 -8.80 -11.53 -17.44
C ARG A 82 -8.80 -12.79 -18.29
N MET B 1 19.52 -10.51 -11.78
CA MET B 1 20.10 -11.81 -11.39
C MET B 1 19.24 -12.48 -10.34
N ARG B 2 19.19 -13.81 -10.35
CA ARG B 2 18.31 -14.58 -9.49
C ARG B 2 16.87 -14.16 -9.73
N ASN B 3 16.53 -14.02 -11.00
CA ASN B 3 15.24 -13.49 -11.41
C ASN B 3 14.16 -14.54 -11.26
N ARG B 4 13.08 -14.15 -10.60
CA ARG B 4 11.92 -15.02 -10.43
C ARG B 4 10.79 -14.52 -11.30
N VAL B 5 10.25 -13.36 -10.95
CA VAL B 5 9.22 -12.70 -11.73
C VAL B 5 8.97 -11.29 -11.21
N SER B 6 8.40 -11.19 -10.01
CA SER B 6 8.03 -9.91 -9.42
C SER B 6 7.70 -10.10 -7.94
N THR B 7 8.01 -9.09 -7.14
CA THR B 7 7.66 -9.06 -5.71
C THR B 7 8.54 -10.02 -4.89
N VAL B 8 8.37 -11.32 -5.14
CA VAL B 8 9.05 -12.36 -4.36
C VAL B 8 10.57 -12.19 -4.44
N GLN B 9 11.04 -11.74 -5.60
CA GLN B 9 12.46 -11.53 -5.80
C GLN B 9 12.96 -10.41 -4.89
N GLN B 10 12.17 -9.35 -4.82
CA GLN B 10 12.45 -8.24 -3.91
C GLN B 10 12.45 -8.75 -2.47
N LEU B 11 11.41 -9.49 -2.13
CA LEU B 11 11.24 -10.01 -0.78
C LEU B 11 12.37 -10.95 -0.39
N THR B 12 12.90 -11.68 -1.36
CA THR B 12 13.96 -12.63 -1.07
C THR B 12 15.34 -11.96 -1.06
N LYS B 13 15.53 -10.92 -1.89
CA LYS B 13 16.83 -10.26 -1.95
C LYS B 13 16.95 -9.18 -0.88
N ARG B 14 15.83 -8.69 -0.37
CA ARG B 14 15.83 -7.68 0.68
C ARG B 14 16.20 -8.30 2.02
N PHE B 15 16.16 -9.64 2.09
CA PHE B 15 16.32 -10.38 3.34
C PHE B 15 15.13 -10.11 4.27
N SER B 16 15.28 -10.42 5.55
CA SER B 16 14.18 -10.29 6.51
C SER B 16 13.01 -11.18 6.10
N LEU B 17 13.00 -12.39 6.64
CA LEU B 17 12.04 -13.43 6.25
C LEU B 17 10.61 -12.91 6.17
N GLY B 18 10.15 -12.69 4.94
CA GLY B 18 8.80 -12.21 4.71
C GLY B 18 8.32 -12.58 3.32
N MET B 19 8.65 -13.78 2.89
CA MET B 19 8.32 -14.24 1.54
C MET B 19 7.01 -15.02 1.56
N LEU B 20 6.02 -14.47 2.22
CA LEU B 20 4.71 -15.12 2.29
C LEU B 20 3.96 -14.93 0.97
N GLN B 21 3.87 -16.00 0.20
CA GLN B 21 3.18 -15.95 -1.09
C GLN B 21 1.67 -15.89 -0.91
N GLY B 22 1.20 -16.47 0.19
CA GLY B 22 -0.21 -16.40 0.51
C GLY B 22 -0.55 -15.12 1.25
N ARG B 23 0.50 -14.50 1.81
CA ARG B 23 0.38 -13.28 2.59
C ARG B 23 -0.36 -13.51 3.90
N GLY B 24 -1.65 -13.80 3.81
CA GLY B 24 -2.44 -14.03 4.99
C GLY B 24 -3.79 -13.33 4.90
N PRO B 25 -3.97 -12.22 5.62
CA PRO B 25 -5.21 -11.43 5.56
C PRO B 25 -5.37 -10.76 4.20
N LEU B 26 -6.61 -10.70 3.73
CA LEU B 26 -6.93 -10.09 2.44
C LEU B 26 -6.60 -8.61 2.45
N LYS B 27 -6.70 -8.00 3.62
CA LYS B 27 -6.31 -6.60 3.77
C LYS B 27 -4.83 -6.44 3.49
N LEU B 28 -4.02 -7.31 4.07
CA LEU B 28 -2.58 -7.27 3.90
C LEU B 28 -2.23 -7.59 2.44
N PHE B 29 -2.88 -8.62 1.91
CA PHE B 29 -2.67 -9.02 0.53
C PHE B 29 -2.98 -7.87 -0.42
N MET B 30 -4.19 -7.32 -0.30
CA MET B 30 -4.63 -6.26 -1.18
C MET B 30 -3.76 -5.03 -1.00
N ALA B 31 -3.53 -4.62 0.24
CA ALA B 31 -2.71 -3.44 0.51
C ALA B 31 -1.32 -3.61 -0.08
N LEU B 32 -0.77 -4.81 0.05
CA LEU B 32 0.56 -5.11 -0.46
C LEU B 32 0.58 -5.04 -1.98
N VAL B 33 -0.38 -5.70 -2.64
CA VAL B 33 -0.41 -5.72 -4.09
C VAL B 33 -0.76 -4.36 -4.66
N ALA B 34 -1.56 -3.60 -3.92
CA ALA B 34 -1.89 -2.23 -4.31
C ALA B 34 -0.66 -1.35 -4.20
N PHE B 35 0.04 -1.49 -3.07
CA PHE B 35 1.30 -0.80 -2.84
C PHE B 35 2.26 -1.09 -3.99
N LEU B 36 2.38 -2.36 -4.35
CA LEU B 36 3.22 -2.77 -5.48
C LEU B 36 2.78 -2.11 -6.77
N ARG B 37 1.53 -2.37 -7.15
CA ARG B 37 0.97 -1.92 -8.41
C ARG B 37 1.11 -0.41 -8.59
N PHE B 38 0.68 0.35 -7.61
CA PHE B 38 0.66 1.79 -7.74
C PHE B 38 2.07 2.37 -7.78
N LEU B 39 2.98 1.75 -7.04
CA LEU B 39 4.34 2.22 -6.96
C LEU B 39 5.05 2.04 -8.30
N THR B 40 5.28 0.78 -8.69
CA THR B 40 5.94 0.47 -9.95
C THR B 40 6.30 -1.01 -10.04
N ILE B 41 6.59 -1.62 -8.89
CA ILE B 41 6.98 -3.02 -8.83
C ILE B 41 5.76 -3.93 -9.06
N PRO B 42 5.77 -4.71 -10.15
CA PRO B 42 4.66 -5.61 -10.50
C PRO B 42 4.38 -6.66 -9.41
N PRO B 43 3.10 -6.99 -9.20
CA PRO B 43 2.69 -8.08 -8.32
C PRO B 43 3.22 -9.43 -8.80
N THR B 44 3.24 -10.39 -7.89
CA THR B 44 3.79 -11.71 -8.15
C THR B 44 2.93 -12.47 -9.16
N ALA B 45 3.54 -13.46 -9.83
CA ALA B 45 2.87 -14.21 -10.89
C ALA B 45 1.51 -14.73 -10.46
N GLY B 46 1.50 -15.47 -9.36
CA GLY B 46 0.26 -16.06 -8.87
C GLY B 46 -0.80 -15.03 -8.55
N ILE B 47 -0.37 -13.82 -8.25
CA ILE B 47 -1.28 -12.73 -7.98
C ILE B 47 -1.93 -12.25 -9.27
N LEU B 48 -1.12 -12.04 -10.29
CA LEU B 48 -1.63 -11.57 -11.56
C LEU B 48 -2.43 -12.66 -12.27
N LYS B 49 -2.08 -13.92 -11.99
CA LYS B 49 -2.77 -15.05 -12.58
C LYS B 49 -4.07 -15.36 -11.84
N ARG B 50 -3.98 -15.61 -10.54
CA ARG B 50 -5.13 -16.09 -9.79
C ARG B 50 -5.41 -15.22 -8.55
N TRP B 51 -4.64 -14.14 -8.43
CA TRP B 51 -4.79 -13.20 -7.31
C TRP B 51 -4.61 -13.89 -5.97
N GLY B 52 -3.72 -14.88 -5.95
CA GLY B 52 -3.41 -15.58 -4.72
C GLY B 52 -4.61 -16.30 -4.13
N THR B 53 -5.23 -15.67 -3.14
CA THR B 53 -6.36 -16.25 -2.44
C THR B 53 -7.57 -15.32 -2.50
N ILE B 54 -7.53 -14.37 -3.42
CA ILE B 54 -8.60 -13.41 -3.56
C ILE B 54 -9.87 -14.02 -4.15
N LYS B 55 -10.92 -14.03 -3.34
CA LYS B 55 -12.26 -14.30 -3.83
C LYS B 55 -12.87 -12.99 -4.28
N LYS B 56 -13.41 -12.97 -5.48
CA LYS B 56 -13.85 -11.73 -6.11
C LYS B 56 -15.18 -11.24 -5.56
N SER B 57 -15.20 -11.02 -4.25
CA SER B 57 -16.35 -10.45 -3.56
C SER B 57 -15.87 -9.76 -2.28
N LYS B 58 -15.29 -10.54 -1.37
CA LYS B 58 -14.69 -9.96 -0.17
C LYS B 58 -13.57 -9.01 -0.56
N ALA B 59 -12.79 -9.41 -1.56
CA ALA B 59 -11.72 -8.58 -2.07
C ALA B 59 -12.28 -7.31 -2.70
N ILE B 60 -13.45 -7.43 -3.32
CA ILE B 60 -14.16 -6.28 -3.87
C ILE B 60 -14.46 -5.29 -2.76
N ASN B 61 -14.98 -5.81 -1.65
CA ASN B 61 -15.27 -4.99 -0.49
C ASN B 61 -14.00 -4.40 0.10
N VAL B 62 -12.92 -5.19 0.07
CA VAL B 62 -11.62 -4.71 0.51
C VAL B 62 -11.17 -3.52 -0.36
N LEU B 63 -11.24 -3.71 -1.67
CA LEU B 63 -10.91 -2.65 -2.62
C LEU B 63 -11.76 -1.41 -2.34
N ARG B 64 -13.05 -1.64 -2.16
CA ARG B 64 -13.99 -0.57 -1.84
C ARG B 64 -13.58 0.16 -0.58
N GLY B 65 -13.23 -0.60 0.46
CA GLY B 65 -12.81 -0.01 1.72
C GLY B 65 -11.54 0.78 1.58
N PHE B 66 -10.59 0.26 0.82
CA PHE B 66 -9.32 0.94 0.61
C PHE B 66 -9.55 2.26 -0.13
N ARG B 67 -10.30 2.22 -1.22
CA ARG B 67 -10.57 3.44 -1.98
C ARG B 67 -11.47 4.38 -1.18
N LYS B 68 -12.24 3.81 -0.26
CA LYS B 68 -13.04 4.60 0.66
C LYS B 68 -12.11 5.40 1.57
N GLU B 69 -11.09 4.73 2.10
CA GLU B 69 -10.07 5.39 2.91
C GLU B 69 -9.39 6.48 2.10
N ILE B 70 -9.01 6.14 0.87
CA ILE B 70 -8.40 7.10 -0.03
C ILE B 70 -9.31 8.30 -0.24
N GLY B 71 -10.58 8.03 -0.52
CA GLY B 71 -11.54 9.10 -0.72
C GLY B 71 -11.67 9.97 0.51
N ARG B 72 -11.67 9.34 1.68
CA ARG B 72 -11.72 10.07 2.94
C ARG B 72 -10.50 10.97 3.10
N MET B 73 -9.32 10.42 2.83
CA MET B 73 -8.08 11.18 2.93
C MET B 73 -8.05 12.29 1.89
N LEU B 74 -8.60 11.99 0.72
CA LEU B 74 -8.69 12.97 -0.36
C LEU B 74 -9.57 14.12 0.10
N ASN B 75 -10.71 13.79 0.70
CA ASN B 75 -11.59 14.80 1.26
C ASN B 75 -10.87 15.57 2.37
N ILE B 76 -10.09 14.84 3.16
CA ILE B 76 -9.29 15.45 4.21
C ILE B 76 -8.36 16.53 3.65
N LEU B 77 -7.61 16.15 2.63
CA LEU B 77 -6.64 17.06 2.03
C LEU B 77 -7.33 18.16 1.22
N ASN B 78 -8.39 17.79 0.54
CA ASN B 78 -9.10 18.73 -0.33
C ASN B 78 -9.83 19.81 0.48
N ARG B 79 -10.49 19.37 1.55
CA ARG B 79 -11.28 20.28 2.36
C ARG B 79 -10.45 20.87 3.50
N ARG B 80 -9.46 20.10 3.96
CA ARG B 80 -8.65 20.49 5.11
C ARG B 80 -9.53 20.62 6.34
N ARG B 81 -10.13 19.51 6.73
CA ARG B 81 -10.96 19.47 7.93
C ARG B 81 -10.16 18.96 9.12
N ARG B 82 -8.85 19.14 9.04
CA ARG B 82 -7.94 18.73 10.09
C ARG B 82 -7.70 19.88 11.06
CA MET A 1 10.21 -1.31 22.18
C MET A 1 9.10 -2.14 21.55
N ARG A 2 7.90 -1.59 21.50
CA ARG A 2 6.80 -2.24 20.81
C ARG A 2 6.98 -2.05 19.30
N ASN A 3 6.88 -0.80 18.87
CA ASN A 3 7.12 -0.43 17.50
C ASN A 3 7.20 1.08 17.39
N ARG A 4 8.30 1.56 16.83
CA ARG A 4 8.49 2.98 16.61
C ARG A 4 7.47 3.48 15.61
N VAL A 5 6.85 4.62 15.94
CA VAL A 5 5.84 5.21 15.08
C VAL A 5 6.47 5.67 13.76
N SER A 6 7.80 5.72 13.76
CA SER A 6 8.56 5.97 12.55
C SER A 6 8.19 4.97 11.45
N THR A 7 7.73 3.79 11.86
CA THR A 7 7.27 2.74 10.94
C THR A 7 8.43 2.01 10.28
N VAL A 8 9.57 2.67 10.13
CA VAL A 8 10.73 2.10 9.48
C VAL A 8 11.17 0.81 10.17
N GLN A 9 10.92 0.73 11.48
CA GLN A 9 11.21 -0.47 12.25
C GLN A 9 10.52 -1.67 11.62
N GLN A 10 9.21 -1.51 11.41
CA GLN A 10 8.39 -2.55 10.81
C GLN A 10 8.96 -2.94 9.45
N LEU A 11 9.11 -1.95 8.59
CA LEU A 11 9.55 -2.14 7.22
C LEU A 11 10.90 -2.85 7.16
N THR A 12 11.78 -2.49 8.08
CA THR A 12 13.09 -3.12 8.15
C THR A 12 12.95 -4.59 8.53
N LYS A 13 12.34 -4.86 9.69
CA LYS A 13 12.15 -6.23 10.16
C LYS A 13 11.37 -6.27 11.47
N ARG A 14 10.47 -5.32 11.65
CA ARG A 14 9.67 -5.22 12.88
C ARG A 14 10.55 -5.15 14.13
N PHE A 15 11.75 -4.61 13.99
CA PHE A 15 12.66 -4.48 15.14
C PHE A 15 13.74 -3.43 14.87
N SER A 16 14.55 -3.67 13.85
CA SER A 16 15.65 -2.76 13.53
C SER A 16 15.13 -1.55 12.75
N LEU A 17 15.86 -0.44 12.86
CA LEU A 17 15.51 0.77 12.17
C LEU A 17 16.30 0.91 10.88
N GLY A 18 15.67 1.45 9.84
CA GLY A 18 16.33 1.61 8.56
C GLY A 18 16.59 3.06 8.22
N MET A 19 15.92 3.57 7.21
CA MET A 19 16.13 4.94 6.77
C MET A 19 14.87 5.52 6.11
N LEU A 20 14.13 6.33 6.86
CA LEU A 20 13.02 7.08 6.31
C LEU A 20 13.24 8.57 6.54
N GLN A 21 13.68 9.26 5.51
CA GLN A 21 14.00 10.68 5.63
C GLN A 21 12.84 11.56 5.17
N GLY A 22 11.69 10.96 5.01
CA GLY A 22 10.50 11.71 4.63
C GLY A 22 9.91 11.25 3.32
N ARG A 23 10.68 10.45 2.57
CA ARG A 23 10.24 9.87 1.30
C ARG A 23 10.15 10.94 0.21
N GLY A 24 10.88 10.70 -0.87
CA GLY A 24 10.88 11.60 -2.01
C GLY A 24 9.67 11.41 -2.89
N PRO A 25 9.55 10.25 -3.56
CA PRO A 25 8.42 9.96 -4.45
C PRO A 25 7.08 9.99 -3.72
N LEU A 26 6.17 10.82 -4.21
CA LEU A 26 4.86 10.99 -3.60
C LEU A 26 4.05 9.70 -3.74
N LYS A 27 4.25 9.00 -4.85
CA LYS A 27 3.59 7.73 -5.07
C LYS A 27 4.01 6.71 -4.03
N LEU A 28 5.33 6.63 -3.80
CA LEU A 28 5.86 5.69 -2.81
C LEU A 28 5.39 6.09 -1.42
N PHE A 29 5.44 7.39 -1.15
CA PHE A 29 4.97 7.92 0.11
C PHE A 29 3.52 7.53 0.36
N MET A 30 2.66 7.88 -0.59
CA MET A 30 1.23 7.61 -0.47
C MET A 30 0.96 6.11 -0.41
N ALA A 31 1.72 5.33 -1.20
CA ALA A 31 1.60 3.89 -1.18
C ALA A 31 1.90 3.35 0.21
N LEU A 32 2.95 3.89 0.83
CA LEU A 32 3.32 3.52 2.18
C LEU A 32 2.23 3.94 3.16
N VAL A 33 1.76 5.18 3.01
CA VAL A 33 0.68 5.70 3.84
C VAL A 33 -0.53 4.78 3.78
N ALA A 34 -0.94 4.45 2.56
CA ALA A 34 -2.06 3.56 2.34
C ALA A 34 -1.80 2.19 2.93
N PHE A 35 -0.65 1.61 2.60
CA PHE A 35 -0.26 0.28 3.06
C PHE A 35 -0.39 0.18 4.60
N LEU A 36 0.09 1.21 5.28
CA LEU A 36 0.02 1.24 6.74
C LEU A 36 -1.40 1.50 7.24
N ARG A 37 -1.99 2.62 6.81
CA ARG A 37 -3.27 3.07 7.35
C ARG A 37 -4.40 2.12 7.01
N PHE A 38 -4.34 1.50 5.84
CA PHE A 38 -5.40 0.60 5.40
C PHE A 38 -5.32 -0.71 6.16
N LEU A 39 -4.13 -1.08 6.59
CA LEU A 39 -3.94 -2.34 7.30
C LEU A 39 -4.52 -2.25 8.71
N THR A 40 -3.89 -1.44 9.56
CA THR A 40 -4.36 -1.25 10.94
C THR A 40 -3.38 -0.40 11.75
N ILE A 41 -2.09 -0.61 11.52
CA ILE A 41 -1.07 0.09 12.28
C ILE A 41 -0.77 1.46 11.70
N PRO A 42 -0.80 2.51 12.53
CA PRO A 42 -0.52 3.88 12.11
C PRO A 42 0.91 4.04 11.61
N PRO A 43 1.08 4.75 10.48
CA PRO A 43 2.38 5.01 9.88
C PRO A 43 3.14 6.11 10.61
N THR A 44 4.20 6.60 9.97
CA THR A 44 5.03 7.66 10.52
C THR A 44 4.19 8.83 11.01
N ALA A 45 4.49 9.29 12.22
CA ALA A 45 3.74 10.34 12.87
C ALA A 45 3.72 11.62 12.04
N GLY A 46 4.83 11.88 11.34
CA GLY A 46 4.89 13.02 10.46
C GLY A 46 3.82 12.98 9.39
N ILE A 47 3.39 11.78 9.04
CA ILE A 47 2.33 11.58 8.07
C ILE A 47 0.98 11.99 8.66
N LEU A 48 0.69 11.47 9.84
CA LEU A 48 -0.59 11.75 10.49
C LEU A 48 -0.67 13.21 10.93
N LYS A 49 0.47 13.78 11.28
CA LYS A 49 0.52 15.16 11.74
C LYS A 49 0.59 16.15 10.58
N ARG A 50 1.57 15.97 9.69
CA ARG A 50 1.82 16.95 8.64
C ARG A 50 1.75 16.34 7.25
N TRP A 51 1.30 15.08 7.17
CA TRP A 51 1.20 14.37 5.89
C TRP A 51 2.54 14.31 5.17
N GLY A 52 3.61 14.31 5.94
CA GLY A 52 4.95 14.22 5.38
C GLY A 52 5.27 15.35 4.41
N THR A 53 5.19 15.06 3.13
CA THR A 53 5.56 16.01 2.09
C THR A 53 4.41 16.18 1.09
N ILE A 54 3.19 15.95 1.57
CA ILE A 54 2.01 16.03 0.73
C ILE A 54 1.58 17.47 0.47
N LYS A 55 1.36 17.77 -0.80
CA LYS A 55 0.77 19.02 -1.22
C LYS A 55 -0.69 18.77 -1.60
N LYS A 56 -1.56 19.73 -1.33
CA LYS A 56 -3.00 19.55 -1.51
C LYS A 56 -3.39 19.66 -2.99
N SER A 57 -2.67 18.96 -3.85
CA SER A 57 -2.94 18.97 -5.28
C SER A 57 -2.41 17.68 -5.92
N LYS A 58 -1.09 17.54 -5.95
CA LYS A 58 -0.48 16.34 -6.53
C LYS A 58 -0.91 15.09 -5.78
N ALA A 59 -1.00 15.20 -4.46
CA ALA A 59 -1.44 14.08 -3.64
C ALA A 59 -2.89 13.73 -3.95
N ILE A 60 -3.68 14.77 -4.24
CA ILE A 60 -5.06 14.58 -4.66
C ILE A 60 -5.10 13.78 -5.96
N ASN A 61 -4.26 14.19 -6.91
CA ASN A 61 -4.14 13.50 -8.18
C ASN A 61 -3.69 12.06 -7.97
N VAL A 62 -2.72 11.89 -7.08
CA VAL A 62 -2.21 10.57 -6.71
C VAL A 62 -3.33 9.70 -6.15
N LEU A 63 -4.09 10.25 -5.20
CA LEU A 63 -5.21 9.54 -4.59
C LEU A 63 -6.28 9.20 -5.62
N ARG A 64 -6.57 10.15 -6.50
CA ARG A 64 -7.54 9.92 -7.57
C ARG A 64 -7.09 8.77 -8.46
N GLY A 65 -5.84 8.81 -8.89
CA GLY A 65 -5.31 7.75 -9.73
C GLY A 65 -5.28 6.42 -8.99
N PHE A 66 -4.90 6.48 -7.72
CA PHE A 66 -4.84 5.29 -6.88
C PHE A 66 -6.22 4.63 -6.81
N ARG A 67 -7.23 5.39 -6.41
CA ARG A 67 -8.57 4.84 -6.28
C ARG A 67 -9.13 4.45 -7.64
N LYS A 68 -8.66 5.13 -8.68
CA LYS A 68 -9.03 4.78 -10.05
C LYS A 68 -8.51 3.39 -10.39
N GLU A 69 -7.23 3.15 -10.12
CA GLU A 69 -6.61 1.86 -10.40
C GLU A 69 -7.22 0.77 -9.52
N ILE A 70 -7.52 1.13 -8.28
CA ILE A 70 -8.25 0.23 -7.38
C ILE A 70 -9.61 -0.10 -7.99
N GLY A 71 -10.28 0.92 -8.49
CA GLY A 71 -11.53 0.71 -9.19
C GLY A 71 -11.38 -0.19 -10.39
N ARG A 72 -10.27 -0.03 -11.10
CA ARG A 72 -9.94 -0.89 -12.22
C ARG A 72 -9.80 -2.34 -11.78
N MET A 73 -9.01 -2.57 -10.74
CA MET A 73 -8.82 -3.90 -10.19
C MET A 73 -10.14 -4.49 -9.74
N LEU A 74 -10.95 -3.64 -9.12
CA LEU A 74 -12.28 -4.03 -8.68
C LEU A 74 -13.12 -4.48 -9.87
N ASN A 75 -13.08 -3.68 -10.93
CA ASN A 75 -13.80 -4.01 -12.16
C ASN A 75 -13.27 -5.31 -12.74
N ILE A 76 -11.95 -5.50 -12.67
CA ILE A 76 -11.33 -6.72 -13.16
C ILE A 76 -11.87 -7.93 -12.38
N LEU A 77 -11.83 -7.84 -11.07
CA LEU A 77 -12.28 -8.94 -10.22
C LEU A 77 -13.78 -9.18 -10.36
N ASN A 78 -14.55 -8.11 -10.34
CA ASN A 78 -16.00 -8.20 -10.34
C ASN A 78 -16.52 -8.68 -11.70
N ARG A 79 -16.02 -8.08 -12.77
CA ARG A 79 -16.50 -8.40 -14.10
C ARG A 79 -15.83 -9.67 -14.62
N ARG A 80 -14.58 -9.87 -14.21
CA ARG A 80 -13.77 -11.05 -14.59
C ARG A 80 -14.03 -11.50 -16.03
N ARG A 81 -13.69 -10.64 -16.97
CA ARG A 81 -13.92 -10.91 -18.39
C ARG A 81 -13.03 -12.06 -18.87
N ARG A 82 -11.88 -12.23 -18.23
CA ARG A 82 -10.89 -13.21 -18.62
C ARG A 82 -10.48 -13.02 -20.09
N MET B 1 20.79 -11.67 -9.86
CA MET B 1 19.55 -11.45 -9.09
C MET B 1 19.15 -9.98 -9.10
N ARG B 2 18.24 -9.62 -9.99
CA ARG B 2 17.70 -8.27 -10.01
C ARG B 2 16.72 -8.11 -8.86
N ASN B 3 15.62 -8.84 -8.96
CA ASN B 3 14.61 -8.89 -7.93
C ASN B 3 13.63 -10.02 -8.21
N ARG B 4 13.48 -10.90 -7.25
CA ARG B 4 12.54 -12.00 -7.35
C ARG B 4 11.12 -11.46 -7.42
N VAL B 5 10.35 -11.99 -8.37
CA VAL B 5 8.97 -11.56 -8.56
C VAL B 5 8.14 -11.92 -7.34
N SER B 6 8.70 -12.79 -6.50
CA SER B 6 8.11 -13.12 -5.22
C SER B 6 7.87 -11.86 -4.38
N THR B 7 8.67 -10.82 -4.64
CA THR B 7 8.52 -9.51 -3.99
C THR B 7 9.08 -9.52 -2.57
N VAL B 8 9.07 -10.68 -1.93
CA VAL B 8 9.54 -10.80 -0.55
C VAL B 8 10.99 -10.33 -0.42
N GLN B 9 11.76 -10.46 -1.49
CA GLN B 9 13.13 -9.97 -1.53
C GLN B 9 13.17 -8.49 -1.19
N GLN B 10 12.34 -7.74 -1.91
CA GLN B 10 12.24 -6.30 -1.72
C GLN B 10 11.87 -5.99 -0.27
N LEU B 11 10.77 -6.59 0.16
CA LEU B 11 10.21 -6.34 1.49
C LEU B 11 11.22 -6.64 2.58
N THR B 12 11.99 -7.71 2.39
CA THR B 12 13.01 -8.08 3.34
C THR B 12 14.11 -7.04 3.39
N LYS B 13 14.74 -6.77 2.24
CA LYS B 13 15.80 -5.77 2.16
C LYS B 13 16.32 -5.62 0.74
N ARG B 14 15.43 -5.80 -0.24
CA ARG B 14 15.79 -5.70 -1.66
C ARG B 14 16.95 -6.65 -2.02
N PHE B 15 17.07 -7.76 -1.30
CA PHE B 15 18.13 -8.73 -1.58
C PHE B 15 17.79 -10.10 -0.98
N SER B 16 17.66 -10.16 0.33
CA SER B 16 17.37 -11.41 1.01
C SER B 16 15.89 -11.77 0.90
N LEU B 17 15.60 -13.06 0.99
CA LEU B 17 14.23 -13.55 0.93
C LEU B 17 13.69 -13.79 2.33
N GLY B 18 12.41 -13.51 2.52
CA GLY B 18 11.79 -13.68 3.82
C GLY B 18 10.79 -14.82 3.83
N MET B 19 9.51 -14.49 3.98
CA MET B 19 8.47 -15.51 4.05
C MET B 19 7.12 -14.98 3.56
N LEU B 20 6.77 -15.31 2.33
CA LEU B 20 5.44 -15.02 1.81
C LEU B 20 4.76 -16.30 1.37
N GLN B 21 3.87 -16.81 2.20
CA GLN B 21 3.21 -18.07 1.94
C GLN B 21 1.84 -17.86 1.29
N GLY B 22 1.59 -16.65 0.83
CA GLY B 22 0.34 -16.37 0.14
C GLY B 22 -0.47 -15.29 0.83
N ARG B 23 -0.10 -14.99 2.07
CA ARG B 23 -0.75 -13.95 2.87
C ARG B 23 -2.16 -14.38 3.31
N GLY B 24 -2.36 -14.36 4.62
CA GLY B 24 -3.65 -14.72 5.19
C GLY B 24 -4.66 -13.58 5.10
N PRO B 25 -4.40 -12.47 5.82
CA PRO B 25 -5.30 -11.31 5.81
C PRO B 25 -5.45 -10.69 4.43
N LEU B 26 -6.70 -10.59 3.98
CA LEU B 26 -7.00 -10.07 2.65
C LEU B 26 -6.65 -8.58 2.59
N LYS B 27 -6.83 -7.89 3.71
CA LYS B 27 -6.49 -6.49 3.80
C LYS B 27 -4.99 -6.29 3.61
N LEU B 28 -4.20 -7.12 4.29
CA LEU B 28 -2.75 -7.04 4.19
C LEU B 28 -2.32 -7.41 2.78
N PHE B 29 -2.93 -8.46 2.25
CA PHE B 29 -2.66 -8.91 0.90
C PHE B 29 -2.92 -7.79 -0.09
N MET B 30 -4.14 -7.24 -0.05
CA MET B 30 -4.52 -6.18 -0.97
C MET B 30 -3.68 -4.94 -0.77
N ALA B 31 -3.36 -4.63 0.48
CA ALA B 31 -2.51 -3.50 0.79
C ALA B 31 -1.14 -3.68 0.13
N LEU B 32 -0.61 -4.89 0.21
CA LEU B 32 0.66 -5.22 -0.43
C LEU B 32 0.53 -5.11 -1.94
N VAL B 33 -0.55 -5.70 -2.47
CA VAL B 33 -0.84 -5.63 -3.91
C VAL B 33 -0.85 -4.18 -4.38
N ALA B 34 -1.61 -3.35 -3.67
CA ALA B 34 -1.70 -1.94 -3.98
C ALA B 34 -0.35 -1.25 -3.86
N PHE B 35 0.32 -1.46 -2.73
CA PHE B 35 1.62 -0.86 -2.46
C PHE B 35 2.59 -1.12 -3.61
N LEU B 36 2.61 -2.36 -4.08
CA LEU B 36 3.50 -2.74 -5.18
C LEU B 36 3.01 -2.18 -6.52
N ARG B 37 1.77 -2.51 -6.89
CA ARG B 37 1.27 -2.19 -8.22
C ARG B 37 1.13 -0.69 -8.44
N PHE B 38 0.80 0.03 -7.39
CA PHE B 38 0.60 1.48 -7.50
C PHE B 38 1.94 2.19 -7.64
N LEU B 39 2.98 1.60 -7.08
CA LEU B 39 4.29 2.20 -7.12
C LEU B 39 4.88 2.11 -8.53
N THR B 40 5.21 0.89 -8.97
CA THR B 40 5.76 0.67 -10.31
C THR B 40 6.18 -0.78 -10.49
N ILE B 41 6.74 -1.38 -9.46
CA ILE B 41 7.27 -2.73 -9.54
C ILE B 41 6.17 -3.76 -9.31
N PRO B 42 6.05 -4.73 -10.22
CA PRO B 42 5.04 -5.81 -10.12
C PRO B 42 5.26 -6.67 -8.88
N PRO B 43 4.17 -6.99 -8.16
CA PRO B 43 4.22 -7.83 -6.98
C PRO B 43 4.34 -9.31 -7.31
N THR B 44 4.10 -10.15 -6.31
CA THR B 44 4.18 -11.59 -6.46
C THR B 44 3.37 -12.06 -7.69
N ALA B 45 4.00 -12.92 -8.49
CA ALA B 45 3.41 -13.39 -9.73
C ALA B 45 2.08 -14.10 -9.49
N GLY B 46 1.97 -14.77 -8.35
CA GLY B 46 0.73 -15.42 -7.99
C GLY B 46 -0.42 -14.43 -7.89
N ILE B 47 -0.09 -13.18 -7.59
CA ILE B 47 -1.06 -12.11 -7.51
C ILE B 47 -1.53 -11.73 -8.91
N LEU B 48 -0.59 -11.50 -9.81
CA LEU B 48 -0.92 -11.08 -11.17
C LEU B 48 -1.59 -12.21 -11.94
N LYS B 49 -1.21 -13.45 -11.61
CA LYS B 49 -1.75 -14.61 -12.29
C LYS B 49 -3.09 -15.06 -11.68
N ARG B 50 -3.10 -15.28 -10.38
CA ARG B 50 -4.27 -15.88 -9.73
C ARG B 50 -4.81 -15.00 -8.60
N TRP B 51 -4.28 -13.79 -8.48
CA TRP B 51 -4.69 -12.85 -7.44
C TRP B 51 -4.52 -13.44 -6.04
N GLY B 52 -3.54 -14.33 -5.92
CA GLY B 52 -3.24 -14.95 -4.64
C GLY B 52 -4.41 -15.71 -4.05
N THR B 53 -5.09 -15.09 -3.10
CA THR B 53 -6.17 -15.73 -2.38
C THR B 53 -7.44 -14.86 -2.43
N ILE B 54 -7.54 -14.07 -3.50
CA ILE B 54 -8.65 -13.16 -3.66
C ILE B 54 -9.92 -13.88 -4.15
N LYS B 55 -11.01 -13.61 -3.47
CA LYS B 55 -12.33 -14.04 -3.89
C LYS B 55 -13.08 -12.85 -4.46
N LYS B 56 -13.90 -13.09 -5.48
CA LYS B 56 -14.55 -12.00 -6.22
C LYS B 56 -15.74 -11.43 -5.43
N SER B 57 -15.53 -11.13 -4.17
CA SER B 57 -16.56 -10.59 -3.31
C SER B 57 -15.93 -9.79 -2.16
N LYS B 58 -15.26 -10.50 -1.26
CA LYS B 58 -14.62 -9.86 -0.12
C LYS B 58 -13.56 -8.88 -0.60
N ALA B 59 -12.82 -9.26 -1.63
CA ALA B 59 -11.80 -8.39 -2.19
C ALA B 59 -12.43 -7.15 -2.80
N ILE B 60 -13.62 -7.33 -3.37
CA ILE B 60 -14.39 -6.22 -3.90
C ILE B 60 -14.74 -5.26 -2.78
N ASN B 61 -15.22 -5.81 -1.68
CA ASN B 61 -15.55 -5.02 -0.50
C ASN B 61 -14.32 -4.32 0.03
N VAL B 62 -13.20 -5.05 0.07
CA VAL B 62 -11.92 -4.50 0.50
C VAL B 62 -11.52 -3.32 -0.38
N LEU B 63 -11.60 -3.51 -1.70
CA LEU B 63 -11.27 -2.45 -2.65
C LEU B 63 -12.20 -1.25 -2.50
N ARG B 64 -13.49 -1.52 -2.32
CA ARG B 64 -14.48 -0.46 -2.10
C ARG B 64 -14.13 0.34 -0.86
N GLY B 65 -13.86 -0.34 0.24
CA GLY B 65 -13.49 0.33 1.46
C GLY B 65 -12.18 1.07 1.33
N PHE B 66 -11.24 0.45 0.64
CA PHE B 66 -9.93 1.04 0.39
C PHE B 66 -10.08 2.37 -0.36
N ARG B 67 -10.76 2.34 -1.50
CA ARG B 67 -10.94 3.54 -2.30
C ARG B 67 -11.83 4.55 -1.56
N LYS B 68 -12.71 4.04 -0.70
CA LYS B 68 -13.52 4.92 0.13
C LYS B 68 -12.64 5.70 1.11
N GLU B 69 -11.74 4.99 1.79
CA GLU B 69 -10.84 5.63 2.74
C GLU B 69 -9.87 6.57 2.02
N ILE B 70 -9.43 6.15 0.84
CA ILE B 70 -8.63 7.03 -0.02
C ILE B 70 -9.42 8.28 -0.36
N GLY B 71 -10.69 8.09 -0.71
CA GLY B 71 -11.56 9.21 -0.96
C GLY B 71 -11.70 10.10 0.26
N ARG B 72 -11.75 9.48 1.43
CA ARG B 72 -11.79 10.22 2.69
C ARG B 72 -10.54 11.07 2.85
N MET B 73 -9.38 10.46 2.68
CA MET B 73 -8.10 11.17 2.78
C MET B 73 -8.05 12.31 1.77
N LEU B 74 -8.53 12.02 0.57
CA LEU B 74 -8.62 13.02 -0.49
C LEU B 74 -9.47 14.18 -0.04
N ASN B 75 -10.64 13.87 0.52
CA ASN B 75 -11.54 14.90 1.04
C ASN B 75 -10.86 15.68 2.15
N ILE B 76 -10.12 14.98 3.00
CA ILE B 76 -9.38 15.62 4.07
C ILE B 76 -8.38 16.62 3.52
N LEU B 77 -7.57 16.18 2.57
CA LEU B 77 -6.55 17.02 1.97
C LEU B 77 -7.16 18.17 1.18
N ASN B 78 -8.17 17.86 0.38
CA ASN B 78 -8.76 18.84 -0.51
C ASN B 78 -9.57 19.89 0.25
N ARG B 79 -10.40 19.43 1.18
CA ARG B 79 -11.26 20.33 1.92
C ARG B 79 -10.51 20.99 3.07
N ARG B 80 -9.55 20.23 3.64
CA ARG B 80 -8.70 20.69 4.74
C ARG B 80 -9.45 21.57 5.74
N ARG B 81 -10.44 20.98 6.40
CA ARG B 81 -11.27 21.72 7.34
C ARG B 81 -10.48 22.14 8.57
N ARG B 82 -9.44 21.37 8.88
CA ARG B 82 -8.63 21.58 10.09
C ARG B 82 -9.50 21.59 11.33
CA MET A 1 8.87 -1.86 23.66
C MET A 1 9.82 -0.69 23.40
N ARG A 2 9.46 0.48 23.93
CA ARG A 2 10.22 1.71 23.74
C ARG A 2 10.38 2.04 22.26
N ASN A 3 9.26 2.19 21.57
CA ASN A 3 9.27 2.53 20.16
C ASN A 3 9.07 4.03 19.98
N ARG A 4 9.35 4.53 18.80
CA ARG A 4 9.22 5.96 18.53
C ARG A 4 7.75 6.38 18.51
N VAL A 5 7.01 5.89 17.53
CA VAL A 5 5.61 6.23 17.40
C VAL A 5 4.82 5.13 16.68
N SER A 6 5.02 4.99 15.38
CA SER A 6 4.30 4.00 14.58
C SER A 6 4.99 3.81 13.22
N THR A 7 5.22 2.55 12.86
CA THR A 7 5.75 2.18 11.54
C THR A 7 7.25 2.48 11.39
N VAL A 8 7.66 3.69 11.77
CA VAL A 8 9.04 4.13 11.59
C VAL A 8 10.02 3.16 12.27
N GLN A 9 9.61 2.58 13.39
CA GLN A 9 10.45 1.65 14.12
C GLN A 9 10.68 0.39 13.30
N GLN A 10 9.61 -0.08 12.63
CA GLN A 10 9.72 -1.24 11.77
C GLN A 10 10.68 -0.94 10.61
N LEU A 11 10.55 0.24 10.05
CA LEU A 11 11.39 0.67 8.94
C LEU A 11 12.85 0.78 9.39
N THR A 12 13.04 1.19 10.64
CA THR A 12 14.35 1.29 11.22
C THR A 12 14.95 -0.08 11.51
N LYS A 13 14.13 -0.98 12.05
CA LYS A 13 14.56 -2.34 12.38
C LYS A 13 14.82 -3.13 11.09
N ARG A 14 14.07 -2.82 10.05
CA ARG A 14 14.27 -3.44 8.75
C ARG A 14 15.59 -2.99 8.15
N PHE A 15 16.56 -3.90 8.11
CA PHE A 15 17.86 -3.59 7.53
C PHE A 15 17.82 -3.76 6.02
N SER A 16 17.23 -2.78 5.36
CA SER A 16 17.19 -2.75 3.91
C SER A 16 17.70 -1.40 3.41
N LEU A 17 18.73 -1.44 2.57
CA LEU A 17 19.33 -0.22 2.06
C LEU A 17 18.49 0.37 0.93
N GLY A 18 17.34 0.91 1.29
CA GLY A 18 16.48 1.55 0.31
C GLY A 18 16.83 3.01 0.14
N MET A 19 17.26 3.63 1.24
CA MET A 19 17.63 5.04 1.26
C MET A 19 16.48 5.90 0.74
N LEU A 20 15.41 5.95 1.52
CA LEU A 20 14.24 6.73 1.15
C LEU A 20 14.17 8.00 1.97
N GLN A 21 14.76 7.95 3.16
CA GLN A 21 14.87 9.10 4.07
C GLN A 21 13.49 9.62 4.48
N GLY A 22 12.94 10.54 3.71
CA GLY A 22 11.64 11.11 4.01
C GLY A 22 10.66 10.86 2.89
N ARG A 23 11.11 10.13 1.88
CA ARG A 23 10.30 9.79 0.70
C ARG A 23 10.07 11.01 -0.19
N GLY A 24 10.51 10.90 -1.43
CA GLY A 24 10.35 11.98 -2.38
C GLY A 24 9.06 11.87 -3.18
N PRO A 25 8.92 10.83 -4.02
CA PRO A 25 7.72 10.63 -4.83
C PRO A 25 6.47 10.37 -3.99
N LEU A 26 5.41 11.10 -4.30
CA LEU A 26 4.17 11.01 -3.55
C LEU A 26 3.49 9.68 -3.77
N LYS A 27 3.75 9.05 -4.91
CA LYS A 27 3.21 7.73 -5.19
C LYS A 27 3.71 6.73 -4.15
N LEU A 28 5.02 6.68 -3.97
CA LEU A 28 5.63 5.77 -3.01
C LEU A 28 5.18 6.11 -1.60
N PHE A 29 5.29 7.39 -1.27
CA PHE A 29 4.93 7.87 0.05
C PHE A 29 3.49 7.52 0.38
N MET A 30 2.57 7.93 -0.48
CA MET A 30 1.15 7.77 -0.20
C MET A 30 0.72 6.32 -0.35
N ALA A 31 1.42 5.55 -1.18
CA ALA A 31 1.18 4.12 -1.26
C ALA A 31 1.51 3.48 0.08
N LEU A 32 2.63 3.92 0.67
CA LEU A 32 3.04 3.44 1.98
C LEU A 32 2.03 3.89 3.04
N VAL A 33 1.64 5.17 2.99
CA VAL A 33 0.66 5.73 3.92
C VAL A 33 -0.66 4.96 3.84
N ALA A 34 -1.12 4.75 2.61
CA ALA A 34 -2.35 4.01 2.36
C ALA A 34 -2.22 2.58 2.87
N PHE A 35 -1.08 1.95 2.56
CA PHE A 35 -0.79 0.61 3.04
C PHE A 35 -0.93 0.54 4.57
N LEU A 36 -0.37 1.52 5.26
CA LEU A 36 -0.46 1.58 6.71
C LEU A 36 -1.90 1.78 7.18
N ARG A 37 -2.48 2.89 6.76
CA ARG A 37 -3.78 3.33 7.25
C ARG A 37 -4.88 2.33 6.91
N PHE A 38 -4.81 1.74 5.73
CA PHE A 38 -5.83 0.78 5.31
C PHE A 38 -5.69 -0.53 6.07
N LEU A 39 -4.45 -0.90 6.38
CA LEU A 39 -4.19 -2.15 7.04
C LEU A 39 -4.69 -2.12 8.49
N THR A 40 -4.09 -1.27 9.31
CA THR A 40 -4.47 -1.16 10.72
C THR A 40 -3.50 -0.26 11.49
N ILE A 41 -2.24 -0.28 11.08
CA ILE A 41 -1.19 0.46 11.78
C ILE A 41 -1.26 1.95 11.44
N PRO A 42 -1.31 2.81 12.47
CA PRO A 42 -1.30 4.27 12.30
C PRO A 42 -0.01 4.74 11.62
N PRO A 43 -0.14 5.66 10.65
CA PRO A 43 0.99 6.32 10.00
C PRO A 43 1.93 7.00 11.00
N THR A 44 3.15 7.25 10.56
CA THR A 44 4.16 7.86 11.38
C THR A 44 3.79 9.30 11.74
N ALA A 45 4.37 9.82 12.81
CA ALA A 45 4.01 11.15 13.34
C ALA A 45 4.04 12.22 12.26
N GLY A 46 5.15 12.30 11.53
CA GLY A 46 5.28 13.31 10.49
C GLY A 46 4.21 13.21 9.43
N ILE A 47 3.69 12.01 9.23
CA ILE A 47 2.62 11.79 8.27
C ILE A 47 1.31 12.31 8.83
N LEU A 48 1.05 12.01 10.09
CA LEU A 48 -0.19 12.44 10.73
C LEU A 48 -0.18 13.94 11.01
N LYS A 49 1.00 14.51 11.15
CA LYS A 49 1.14 15.94 11.39
C LYS A 49 1.21 16.71 10.07
N ARG A 50 2.16 16.37 9.22
CA ARG A 50 2.42 17.16 8.03
C ARG A 50 2.10 16.40 6.75
N TRP A 51 1.66 15.15 6.90
CA TRP A 51 1.48 14.25 5.77
C TRP A 51 2.79 14.09 5.01
N GLY A 52 3.88 14.09 5.77
CA GLY A 52 5.20 13.95 5.19
C GLY A 52 5.56 15.10 4.27
N THR A 53 5.32 14.90 2.98
CA THR A 53 5.66 15.89 1.98
C THR A 53 4.47 16.16 1.06
N ILE A 54 3.30 15.72 1.51
CA ILE A 54 2.08 15.85 0.72
C ILE A 54 1.64 17.30 0.54
N LYS A 55 1.46 17.68 -0.71
CA LYS A 55 0.80 18.93 -1.05
C LYS A 55 -0.63 18.63 -1.44
N LYS A 56 -1.56 19.40 -0.90
CA LYS A 56 -2.98 19.13 -1.05
C LYS A 56 -3.50 19.53 -2.43
N SER A 57 -2.95 18.90 -3.45
CA SER A 57 -3.37 19.10 -4.82
C SER A 57 -2.87 17.94 -5.69
N LYS A 58 -1.55 17.86 -5.85
CA LYS A 58 -0.96 16.76 -6.60
C LYS A 58 -1.19 15.43 -5.88
N ALA A 59 -1.17 15.48 -4.54
CA ALA A 59 -1.46 14.31 -3.74
C ALA A 59 -2.93 13.91 -3.90
N ILE A 60 -3.78 14.91 -4.08
CA ILE A 60 -5.19 14.66 -4.39
C ILE A 60 -5.29 13.87 -5.69
N ASN A 61 -4.55 14.32 -6.70
CA ASN A 61 -4.50 13.63 -7.98
C ASN A 61 -3.88 12.24 -7.83
N VAL A 62 -2.89 12.13 -6.95
CA VAL A 62 -2.30 10.83 -6.63
C VAL A 62 -3.36 9.89 -6.07
N LEU A 63 -4.12 10.39 -5.11
CA LEU A 63 -5.21 9.63 -4.50
C LEU A 63 -6.29 9.28 -5.52
N ARG A 64 -6.61 10.24 -6.38
CA ARG A 64 -7.57 10.02 -7.45
C ARG A 64 -7.11 8.89 -8.36
N GLY A 65 -5.84 8.95 -8.77
CA GLY A 65 -5.29 7.91 -9.61
C GLY A 65 -5.21 6.59 -8.90
N PHE A 66 -4.85 6.64 -7.62
CA PHE A 66 -4.77 5.46 -6.78
C PHE A 66 -6.12 4.76 -6.71
N ARG A 67 -7.15 5.49 -6.32
CA ARG A 67 -8.48 4.91 -6.19
C ARG A 67 -9.02 4.53 -7.57
N LYS A 68 -8.57 5.24 -8.59
CA LYS A 68 -8.93 4.91 -9.97
C LYS A 68 -8.38 3.53 -10.33
N GLU A 69 -7.10 3.32 -10.05
CA GLU A 69 -6.45 2.04 -10.37
C GLU A 69 -6.98 0.92 -9.49
N ILE A 70 -7.30 1.25 -8.24
CA ILE A 70 -7.97 0.29 -7.36
C ILE A 70 -9.33 -0.07 -7.92
N GLY A 71 -10.06 0.94 -8.37
CA GLY A 71 -11.33 0.70 -9.04
C GLY A 71 -11.13 -0.12 -10.29
N ARG A 72 -10.01 0.10 -10.97
CA ARG A 72 -9.65 -0.68 -12.14
C ARG A 72 -9.43 -2.14 -11.76
N MET A 73 -8.71 -2.37 -10.66
CA MET A 73 -8.50 -3.73 -10.15
C MET A 73 -9.84 -4.37 -9.83
N LEU A 74 -10.70 -3.59 -9.19
CA LEU A 74 -12.05 -4.01 -8.87
C LEU A 74 -12.78 -4.39 -10.16
N ASN A 75 -12.64 -3.56 -11.17
CA ASN A 75 -13.24 -3.83 -12.48
C ASN A 75 -12.64 -5.08 -13.10
N ILE A 76 -11.36 -5.30 -12.87
CA ILE A 76 -10.69 -6.49 -13.37
C ILE A 76 -11.30 -7.73 -12.74
N LEU A 77 -11.45 -7.71 -11.42
CA LEU A 77 -12.01 -8.85 -10.69
C LEU A 77 -13.49 -9.03 -11.03
N ASN A 78 -14.19 -7.92 -11.16
CA ASN A 78 -15.64 -7.94 -11.41
C ASN A 78 -15.95 -8.35 -12.85
N ARG A 79 -15.26 -7.73 -13.79
CA ARG A 79 -15.54 -7.94 -15.21
C ARG A 79 -14.71 -9.09 -15.79
N ARG A 80 -13.46 -9.19 -15.35
CA ARG A 80 -12.52 -10.16 -15.92
C ARG A 80 -12.36 -9.97 -17.42
N ARG A 81 -11.51 -9.02 -17.80
CA ARG A 81 -11.30 -8.69 -19.20
C ARG A 81 -10.41 -9.73 -19.88
N ARG A 82 -9.92 -10.69 -19.12
CA ARG A 82 -9.11 -11.76 -19.66
C ARG A 82 -9.65 -13.12 -19.23
N MET B 1 19.05 -9.89 -11.09
CA MET B 1 20.21 -10.79 -10.95
C MET B 1 19.74 -12.16 -10.48
N ARG B 2 19.17 -12.94 -11.40
CA ARG B 2 18.62 -14.26 -11.11
C ARG B 2 17.56 -14.19 -10.03
N ASN B 3 16.51 -13.41 -10.28
CA ASN B 3 15.41 -13.28 -9.35
C ASN B 3 14.28 -14.19 -9.75
N ARG B 4 13.32 -14.40 -8.86
CA ARG B 4 12.20 -15.29 -9.12
C ARG B 4 11.26 -14.68 -10.15
N VAL B 5 10.61 -13.58 -9.79
CA VAL B 5 9.69 -12.92 -10.69
C VAL B 5 9.57 -11.43 -10.38
N SER B 6 8.91 -11.10 -9.26
CA SER B 6 8.70 -9.70 -8.88
C SER B 6 8.28 -9.61 -7.42
N THR B 7 8.95 -8.73 -6.67
CA THR B 7 8.60 -8.42 -5.28
C THR B 7 8.98 -9.53 -4.29
N VAL B 8 8.64 -10.78 -4.63
CA VAL B 8 8.88 -11.90 -3.74
C VAL B 8 10.36 -12.00 -3.34
N GLN B 9 11.24 -11.63 -4.26
CA GLN B 9 12.67 -11.68 -3.99
C GLN B 9 13.05 -10.66 -2.93
N GLN B 10 12.44 -9.48 -2.99
CA GLN B 10 12.67 -8.45 -1.99
C GLN B 10 12.19 -8.94 -0.63
N LEU B 11 11.02 -9.57 -0.62
CA LEU B 11 10.44 -10.09 0.61
C LEU B 11 11.31 -11.20 1.18
N THR B 12 11.93 -11.97 0.28
CA THR B 12 12.83 -13.04 0.69
C THR B 12 14.15 -12.48 1.22
N LYS B 13 14.68 -11.46 0.53
CA LYS B 13 15.93 -10.83 0.95
C LYS B 13 15.73 -10.06 2.25
N ARG B 14 14.54 -9.54 2.44
CA ARG B 14 14.20 -8.83 3.68
C ARG B 14 14.13 -9.82 4.84
N PHE B 15 15.11 -9.75 5.72
CA PHE B 15 15.15 -10.62 6.89
C PHE B 15 14.28 -10.06 8.00
N SER B 16 12.97 -10.21 7.84
CA SER B 16 12.01 -9.81 8.85
C SER B 16 11.09 -10.98 9.18
N LEU B 17 11.04 -11.35 10.45
CA LEU B 17 10.23 -12.48 10.88
C LEU B 17 8.76 -12.07 11.00
N GLY B 18 8.13 -11.84 9.86
CA GLY B 18 6.73 -11.50 9.85
C GLY B 18 5.86 -12.73 9.80
N MET B 19 6.36 -13.76 9.12
CA MET B 19 5.65 -15.03 8.96
C MET B 19 4.26 -14.79 8.37
N LEU B 20 4.24 -14.39 7.11
CA LEU B 20 2.99 -14.12 6.42
C LEU B 20 2.68 -15.23 5.43
N GLN B 21 3.74 -15.90 4.97
CA GLN B 21 3.63 -17.06 4.08
C GLN B 21 2.94 -16.69 2.76
N GLY B 22 1.62 -16.82 2.72
CA GLY B 22 0.88 -16.51 1.52
C GLY B 22 -0.12 -15.40 1.76
N ARG B 23 -0.11 -14.87 2.99
CA ARG B 23 -1.00 -13.78 3.41
C ARG B 23 -2.44 -14.28 3.57
N GLY B 24 -2.95 -14.12 4.77
CA GLY B 24 -4.31 -14.54 5.07
C GLY B 24 -5.33 -13.43 4.85
N PRO B 25 -5.27 -12.36 5.65
CA PRO B 25 -6.20 -11.24 5.53
C PRO B 25 -6.06 -10.52 4.19
N LEU B 26 -7.20 -10.30 3.53
CA LEU B 26 -7.23 -9.67 2.23
C LEU B 26 -6.84 -8.21 2.32
N LYS B 27 -7.06 -7.60 3.48
CA LYS B 27 -6.64 -6.22 3.69
C LYS B 27 -5.14 -6.10 3.51
N LEU B 28 -4.40 -6.93 4.23
CA LEU B 28 -2.94 -6.90 4.18
C LEU B 28 -2.46 -7.27 2.79
N PHE B 29 -3.01 -8.36 2.27
CA PHE B 29 -2.64 -8.85 0.96
C PHE B 29 -2.86 -7.79 -0.10
N MET B 30 -4.08 -7.28 -0.18
CA MET B 30 -4.44 -6.36 -1.24
C MET B 30 -3.82 -4.99 -1.02
N ALA B 31 -3.56 -4.64 0.24
CA ALA B 31 -2.81 -3.42 0.52
C ALA B 31 -1.41 -3.53 -0.07
N LEU B 32 -0.81 -4.70 0.11
CA LEU B 32 0.50 -4.98 -0.45
C LEU B 32 0.44 -4.98 -1.99
N VAL B 33 -0.57 -5.66 -2.53
CA VAL B 33 -0.77 -5.70 -3.98
C VAL B 33 -0.94 -4.29 -4.55
N ALA B 34 -1.80 -3.52 -3.91
CA ALA B 34 -2.04 -2.14 -4.32
C ALA B 34 -0.77 -1.32 -4.21
N PHE B 35 -0.06 -1.49 -3.10
CA PHE B 35 1.22 -0.83 -2.89
C PHE B 35 2.17 -1.10 -4.07
N LEU B 36 2.25 -2.36 -4.47
CA LEU B 36 3.09 -2.76 -5.59
C LEU B 36 2.61 -2.14 -6.90
N ARG B 37 1.38 -2.48 -7.26
CA ARG B 37 0.84 -2.12 -8.57
C ARG B 37 0.76 -0.61 -8.76
N PHE B 38 0.40 0.11 -7.71
CA PHE B 38 0.28 1.56 -7.80
C PHE B 38 1.65 2.23 -7.90
N LEU B 39 2.63 1.62 -7.24
CA LEU B 39 3.96 2.20 -7.22
C LEU B 39 4.64 2.08 -8.58
N THR B 40 4.89 0.85 -9.02
CA THR B 40 5.54 0.62 -10.32
C THR B 40 5.89 -0.85 -10.48
N ILE B 41 6.22 -1.52 -9.38
CA ILE B 41 6.67 -2.90 -9.42
C ILE B 41 5.49 -3.85 -9.62
N PRO B 42 5.58 -4.73 -10.63
CA PRO B 42 4.57 -5.77 -10.88
C PRO B 42 4.41 -6.72 -9.69
N PRO B 43 3.16 -7.03 -9.33
CA PRO B 43 2.86 -8.04 -8.31
C PRO B 43 3.48 -9.40 -8.62
N THR B 44 3.61 -10.22 -7.58
CA THR B 44 4.20 -11.54 -7.70
C THR B 44 3.35 -12.45 -8.58
N ALA B 45 3.96 -13.50 -9.14
CA ALA B 45 3.31 -14.38 -10.10
C ALA B 45 1.95 -14.88 -9.59
N GLY B 46 1.94 -15.43 -8.38
CA GLY B 46 0.72 -15.97 -7.81
C GLY B 46 -0.38 -14.92 -7.69
N ILE B 47 0.02 -13.67 -7.55
CA ILE B 47 -0.93 -12.57 -7.48
C ILE B 47 -1.50 -12.30 -8.87
N LEU B 48 -0.64 -12.27 -9.87
CA LEU B 48 -1.06 -11.99 -11.23
C LEU B 48 -1.83 -13.16 -11.83
N LYS B 49 -1.54 -14.36 -11.34
CA LYS B 49 -2.24 -15.56 -11.80
C LYS B 49 -3.52 -15.81 -11.02
N ARG B 50 -3.42 -15.90 -9.70
CA ARG B 50 -4.55 -16.31 -8.88
C ARG B 50 -5.03 -15.19 -7.97
N TRP B 51 -4.35 -14.05 -8.03
CA TRP B 51 -4.58 -12.96 -7.08
C TRP B 51 -4.37 -13.45 -5.66
N GLY B 52 -3.40 -14.35 -5.51
CA GLY B 52 -3.08 -14.89 -4.20
C GLY B 52 -4.22 -15.70 -3.62
N THR B 53 -5.03 -15.06 -2.79
CA THR B 53 -6.13 -15.72 -2.11
C THR B 53 -7.41 -14.91 -2.28
N ILE B 54 -7.39 -13.99 -3.24
CA ILE B 54 -8.51 -13.10 -3.48
C ILE B 54 -9.74 -13.84 -4.02
N LYS B 55 -10.85 -13.64 -3.34
CA LYS B 55 -12.15 -14.06 -3.85
C LYS B 55 -12.86 -12.84 -4.40
N LYS B 56 -13.42 -12.97 -5.58
CA LYS B 56 -13.98 -11.84 -6.31
C LYS B 56 -15.35 -11.42 -5.75
N SER B 57 -15.34 -11.02 -4.49
CA SER B 57 -16.54 -10.52 -3.83
C SER B 57 -16.13 -9.75 -2.57
N LYS B 58 -15.58 -10.46 -1.59
CA LYS B 58 -15.10 -9.82 -0.38
C LYS B 58 -13.92 -8.91 -0.70
N ALA B 59 -13.09 -9.33 -1.66
CA ALA B 59 -11.98 -8.51 -2.11
C ALA B 59 -12.49 -7.27 -2.81
N ILE B 60 -13.62 -7.41 -3.50
CA ILE B 60 -14.30 -6.27 -4.11
C ILE B 60 -14.67 -5.28 -3.02
N ASN B 61 -15.26 -5.78 -1.95
CA ASN B 61 -15.61 -4.95 -0.80
C ASN B 61 -14.36 -4.36 -0.15
N VAL B 62 -13.29 -5.14 -0.11
CA VAL B 62 -12.00 -4.66 0.38
C VAL B 62 -11.54 -3.46 -0.46
N LEU B 63 -11.60 -3.61 -1.77
CA LEU B 63 -11.21 -2.55 -2.70
C LEU B 63 -12.13 -1.34 -2.56
N ARG B 64 -13.42 -1.61 -2.39
CA ARG B 64 -14.40 -0.55 -2.18
C ARG B 64 -14.06 0.24 -0.92
N GLY B 65 -13.78 -0.46 0.16
CA GLY B 65 -13.42 0.19 1.40
C GLY B 65 -12.09 0.90 1.29
N PHE B 66 -11.16 0.28 0.58
CA PHE B 66 -9.83 0.86 0.35
C PHE B 66 -9.96 2.19 -0.37
N ARG B 67 -10.64 2.19 -1.51
CA ARG B 67 -10.80 3.40 -2.30
C ARG B 67 -11.68 4.41 -1.55
N LYS B 68 -12.57 3.90 -0.70
CA LYS B 68 -13.39 4.75 0.14
C LYS B 68 -12.52 5.51 1.13
N GLU B 69 -11.62 4.79 1.80
CA GLU B 69 -10.73 5.41 2.78
C GLU B 69 -9.72 6.31 2.10
N ILE B 70 -9.27 5.92 0.91
CA ILE B 70 -8.41 6.79 0.11
C ILE B 70 -9.16 8.07 -0.25
N GLY B 71 -10.41 7.90 -0.67
CA GLY B 71 -11.25 9.05 -0.93
C GLY B 71 -11.44 9.88 0.32
N ARG B 72 -11.51 9.21 1.46
CA ARG B 72 -11.59 9.88 2.75
C ARG B 72 -10.34 10.71 3.00
N MET B 73 -9.17 10.12 2.74
CA MET B 73 -7.90 10.84 2.86
C MET B 73 -7.91 12.05 1.94
N LEU B 74 -8.37 11.84 0.73
CA LEU B 74 -8.52 12.90 -0.26
C LEU B 74 -9.42 13.99 0.31
N ASN B 75 -10.52 13.58 0.92
CA ASN B 75 -11.46 14.51 1.54
C ASN B 75 -10.80 15.21 2.72
N ILE B 76 -9.93 14.52 3.43
CA ILE B 76 -9.19 15.12 4.54
C ILE B 76 -8.29 16.23 4.02
N LEU B 77 -7.54 15.94 2.97
CA LEU B 77 -6.62 16.91 2.39
C LEU B 77 -7.39 18.07 1.73
N ASN B 78 -8.49 17.73 1.08
CA ASN B 78 -9.28 18.71 0.34
C ASN B 78 -10.07 19.61 1.30
N ARG B 79 -10.75 18.99 2.26
CA ARG B 79 -11.64 19.72 3.16
C ARG B 79 -10.91 20.19 4.40
N ARG B 80 -10.01 19.37 4.92
CA ARG B 80 -9.33 19.65 6.19
C ARG B 80 -10.33 19.83 7.32
N ARG B 81 -10.78 18.71 7.89
CA ARG B 81 -11.78 18.73 8.94
C ARG B 81 -11.16 19.11 10.29
N ARG B 82 -9.84 19.31 10.30
CA ARG B 82 -9.15 19.74 11.50
C ARG B 82 -8.26 20.95 11.21
CA MET A 1 13.61 -0.88 23.56
C MET A 1 13.70 0.64 23.49
N ARG A 2 13.18 1.22 22.40
CA ARG A 2 13.15 2.66 22.24
C ARG A 2 11.79 3.08 21.71
N ASN A 3 11.48 2.65 20.49
CA ASN A 3 10.18 2.92 19.86
C ASN A 3 9.96 4.40 19.59
N ARG A 4 9.87 4.74 18.32
CA ARG A 4 9.72 6.13 17.89
C ARG A 4 8.26 6.56 17.97
N VAL A 5 7.42 5.92 17.16
CA VAL A 5 6.02 6.28 17.11
C VAL A 5 5.17 5.14 16.52
N SER A 6 5.14 5.01 15.20
CA SER A 6 4.29 4.04 14.53
C SER A 6 4.76 3.81 13.10
N THR A 7 4.78 2.54 12.67
CA THR A 7 5.12 2.14 11.30
C THR A 7 6.61 2.28 11.00
N VAL A 8 7.24 3.35 11.51
CA VAL A 8 8.65 3.61 11.23
C VAL A 8 9.54 2.47 11.70
N GLN A 9 9.15 1.82 12.80
CA GLN A 9 9.95 0.72 13.34
C GLN A 9 9.85 -0.49 12.44
N GLN A 10 8.68 -0.66 11.82
CA GLN A 10 8.49 -1.71 10.83
C GLN A 10 9.45 -1.51 9.68
N LEU A 11 9.54 -0.28 9.20
CA LEU A 11 10.46 0.08 8.14
C LEU A 11 11.89 -0.13 8.61
N THR A 12 12.15 0.23 9.86
CA THR A 12 13.45 0.04 10.47
C THR A 12 13.85 -1.44 10.46
N LYS A 13 12.92 -2.30 10.85
CA LYS A 13 13.17 -3.74 10.86
C LYS A 13 13.29 -4.28 9.44
N ARG A 14 12.54 -3.68 8.52
CA ARG A 14 12.56 -4.12 7.12
C ARG A 14 13.64 -3.40 6.32
N PHE A 15 14.85 -3.36 6.87
CA PHE A 15 16.03 -2.80 6.20
C PHE A 15 15.79 -1.35 5.80
N SER A 16 15.71 -0.48 6.79
CA SER A 16 15.55 0.95 6.55
C SER A 16 15.71 1.72 7.86
N LEU A 17 15.90 3.02 7.76
CA LEU A 17 15.95 3.88 8.94
C LEU A 17 14.69 4.71 8.99
N GLY A 18 13.70 4.30 8.21
CA GLY A 18 12.44 5.03 8.13
C GLY A 18 12.16 5.48 6.72
N MET A 19 12.03 6.77 6.53
CA MET A 19 11.83 7.36 5.21
C MET A 19 12.59 8.67 5.10
N LEU A 20 13.88 8.57 4.80
CA LEU A 20 14.76 9.73 4.75
C LEU A 20 14.61 10.47 3.43
N GLN A 21 15.31 11.60 3.34
CA GLN A 21 15.28 12.46 2.15
C GLN A 21 13.93 13.16 2.02
N GLY A 22 13.12 13.04 3.06
CA GLY A 22 11.80 13.63 3.05
C GLY A 22 10.82 12.85 2.19
N ARG A 23 11.28 11.72 1.66
CA ARG A 23 10.50 10.88 0.74
C ARG A 23 10.17 11.64 -0.55
N GLY A 24 10.84 11.25 -1.62
CA GLY A 24 10.67 11.91 -2.90
C GLY A 24 9.33 11.62 -3.54
N PRO A 25 9.10 10.39 -4.03
CA PRO A 25 7.86 10.02 -4.71
C PRO A 25 6.64 10.11 -3.80
N LEU A 26 5.69 10.95 -4.18
CA LEU A 26 4.47 11.14 -3.43
C LEU A 26 3.61 9.88 -3.54
N LYS A 27 3.67 9.25 -4.70
CA LYS A 27 2.95 8.00 -4.91
C LYS A 27 3.39 6.96 -3.90
N LEU A 28 4.70 6.77 -3.79
CA LEU A 28 5.26 5.80 -2.85
C LEU A 28 4.84 6.17 -1.43
N PHE A 29 4.98 7.45 -1.10
CA PHE A 29 4.62 7.95 0.22
C PHE A 29 3.18 7.64 0.55
N MET A 30 2.27 8.17 -0.27
CA MET A 30 0.85 8.09 0.04
C MET A 30 0.34 6.68 -0.13
N ALA A 31 0.95 5.90 -1.01
CA ALA A 31 0.59 4.50 -1.15
C ALA A 31 0.97 3.75 0.12
N LEU A 32 2.13 4.09 0.67
CA LEU A 32 2.56 3.51 1.94
C LEU A 32 1.61 3.94 3.06
N VAL A 33 1.29 5.24 3.08
CA VAL A 33 0.36 5.79 4.06
C VAL A 33 -0.99 5.09 3.97
N ALA A 34 -1.51 5.01 2.75
CA ALA A 34 -2.78 4.36 2.50
C ALA A 34 -2.72 2.90 2.90
N PHE A 35 -1.64 2.23 2.53
CA PHE A 35 -1.40 0.84 2.90
C PHE A 35 -1.48 0.66 4.42
N LEU A 36 -0.69 1.43 5.15
CA LEU A 36 -0.62 1.28 6.60
C LEU A 36 -1.95 1.66 7.27
N ARG A 37 -2.57 2.72 6.78
CA ARG A 37 -3.78 3.24 7.41
C ARG A 37 -4.99 2.39 7.09
N PHE A 38 -4.99 1.79 5.90
CA PHE A 38 -6.08 0.90 5.50
C PHE A 38 -6.05 -0.36 6.35
N LEU A 39 -4.86 -0.82 6.68
CA LEU A 39 -4.71 -2.03 7.48
C LEU A 39 -5.19 -1.81 8.91
N THR A 40 -4.41 -1.07 9.69
CA THR A 40 -4.75 -0.84 11.10
C THR A 40 -3.62 -0.12 11.85
N ILE A 41 -2.41 -0.21 11.33
CA ILE A 41 -1.26 0.38 12.01
C ILE A 41 -1.24 1.90 11.85
N PRO A 42 -1.09 2.64 12.97
CA PRO A 42 -1.08 4.11 12.96
C PRO A 42 0.02 4.70 12.09
N PRO A 43 -0.30 5.79 11.36
CA PRO A 43 0.69 6.53 10.56
C PRO A 43 1.80 7.12 11.41
N THR A 44 2.94 7.33 10.77
CA THR A 44 4.11 7.88 11.44
C THR A 44 3.88 9.34 11.84
N ALA A 45 4.68 9.83 12.79
CA ALA A 45 4.51 11.15 13.37
C ALA A 45 4.39 12.23 12.31
N GLY A 46 5.38 12.31 11.43
CA GLY A 46 5.40 13.34 10.41
C GLY A 46 4.18 13.30 9.51
N ILE A 47 3.63 12.11 9.32
CA ILE A 47 2.43 11.95 8.52
C ILE A 47 1.24 12.59 9.23
N LEU A 48 1.08 12.28 10.50
CA LEU A 48 -0.02 12.84 11.28
C LEU A 48 0.22 14.31 11.60
N LYS A 49 1.47 14.72 11.55
CA LYS A 49 1.84 16.09 11.84
C LYS A 49 1.60 16.99 10.62
N ARG A 50 2.26 16.68 9.51
CA ARG A 50 2.19 17.53 8.33
C ARG A 50 2.01 16.69 7.07
N TRP A 51 1.61 15.43 7.25
CA TRP A 51 1.45 14.50 6.13
C TRP A 51 2.76 14.33 5.36
N GLY A 52 3.87 14.40 6.08
CA GLY A 52 5.17 14.18 5.49
C GLY A 52 5.56 15.20 4.44
N THR A 53 5.17 14.94 3.21
CA THR A 53 5.54 15.76 2.08
C THR A 53 4.33 15.99 1.16
N ILE A 54 3.14 15.80 1.72
CA ILE A 54 1.91 15.90 0.95
C ILE A 54 1.51 17.35 0.69
N LYS A 55 1.70 17.75 -0.56
CA LYS A 55 1.14 18.99 -1.06
C LYS A 55 -0.29 18.73 -1.48
N LYS A 56 -1.19 19.64 -1.15
CA LYS A 56 -2.63 19.40 -1.31
C LYS A 56 -3.07 19.61 -2.77
N SER A 57 -2.40 18.91 -3.68
CA SER A 57 -2.74 18.95 -5.09
C SER A 57 -2.25 17.67 -5.77
N LYS A 58 -0.94 17.48 -5.81
CA LYS A 58 -0.38 16.28 -6.40
C LYS A 58 -0.81 15.05 -5.62
N ALA A 59 -0.89 15.18 -4.30
CA ALA A 59 -1.35 14.11 -3.45
C ALA A 59 -2.80 13.77 -3.74
N ILE A 60 -3.58 14.81 -4.01
CA ILE A 60 -4.98 14.64 -4.40
C ILE A 60 -5.05 13.82 -5.68
N ASN A 61 -4.22 14.18 -6.65
CA ASN A 61 -4.17 13.47 -7.92
C ASN A 61 -3.63 12.06 -7.73
N VAL A 62 -2.71 11.91 -6.78
CA VAL A 62 -2.19 10.59 -6.42
C VAL A 62 -3.33 9.71 -5.90
N LEU A 63 -4.11 10.26 -4.98
CA LEU A 63 -5.25 9.55 -4.42
C LEU A 63 -6.28 9.25 -5.50
N ARG A 64 -6.52 10.22 -6.37
CA ARG A 64 -7.41 10.03 -7.51
C ARG A 64 -6.95 8.85 -8.36
N GLY A 65 -5.69 8.90 -8.76
CA GLY A 65 -5.13 7.85 -9.58
C GLY A 65 -5.14 6.51 -8.87
N PHE A 66 -4.83 6.54 -7.59
CA PHE A 66 -4.80 5.33 -6.78
C PHE A 66 -6.17 4.68 -6.72
N ARG A 67 -7.19 5.46 -6.38
CA ARG A 67 -8.55 4.93 -6.28
C ARG A 67 -9.06 4.55 -7.67
N LYS A 68 -8.56 5.24 -8.69
CA LYS A 68 -8.86 4.89 -10.07
C LYS A 68 -8.30 3.51 -10.39
N GLU A 69 -7.03 3.30 -10.06
CA GLU A 69 -6.38 2.01 -10.28
C GLU A 69 -7.11 0.92 -9.51
N ILE A 70 -7.46 1.23 -8.26
CA ILE A 70 -8.23 0.32 -7.43
C ILE A 70 -9.57 0.00 -8.08
N GLY A 71 -10.23 1.03 -8.61
CA GLY A 71 -11.46 0.83 -9.33
C GLY A 71 -11.27 -0.09 -10.52
N ARG A 72 -10.14 0.09 -11.21
CA ARG A 72 -9.80 -0.78 -12.34
C ARG A 72 -9.54 -2.22 -11.87
N MET A 73 -8.88 -2.36 -10.72
CA MET A 73 -8.63 -3.68 -10.14
C MET A 73 -9.95 -4.34 -9.78
N LEU A 74 -10.83 -3.56 -9.19
CA LEU A 74 -12.16 -4.03 -8.83
C LEU A 74 -12.90 -4.45 -10.10
N ASN A 75 -12.80 -3.63 -11.12
CA ASN A 75 -13.35 -3.94 -12.43
C ASN A 75 -12.78 -5.27 -12.94
N ILE A 76 -11.48 -5.44 -12.78
CA ILE A 76 -10.81 -6.67 -13.19
C ILE A 76 -11.37 -7.87 -12.45
N LEU A 77 -11.40 -7.77 -11.13
CA LEU A 77 -11.84 -8.88 -10.29
C LEU A 77 -13.32 -9.19 -10.49
N ASN A 78 -14.12 -8.15 -10.66
CA ASN A 78 -15.56 -8.31 -10.78
C ASN A 78 -15.98 -8.72 -12.18
N ARG A 79 -15.51 -7.98 -13.18
CA ARG A 79 -15.92 -8.22 -14.56
C ARG A 79 -15.04 -9.28 -15.21
N ARG A 80 -13.83 -9.44 -14.70
CA ARG A 80 -12.85 -10.38 -15.23
C ARG A 80 -12.57 -10.11 -16.70
N ARG A 81 -12.00 -8.95 -16.96
CA ARG A 81 -11.58 -8.59 -18.31
C ARG A 81 -10.09 -8.81 -18.47
N ARG A 82 -9.55 -9.68 -17.63
CA ARG A 82 -8.14 -9.98 -17.60
C ARG A 82 -7.94 -11.46 -17.30
N MET B 1 20.99 -13.05 -7.94
CA MET B 1 21.71 -14.35 -8.02
C MET B 1 20.74 -15.49 -8.34
N ARG B 2 19.47 -15.28 -8.04
CA ARG B 2 18.44 -16.27 -8.35
C ARG B 2 17.23 -15.58 -8.96
N ASN B 3 16.58 -14.75 -8.15
CA ASN B 3 15.43 -13.95 -8.59
C ASN B 3 14.24 -14.83 -8.95
N ARG B 4 13.17 -14.67 -8.18
CA ARG B 4 11.98 -15.47 -8.35
C ARG B 4 11.09 -14.90 -9.45
N VAL B 5 10.59 -13.69 -9.24
CA VAL B 5 9.70 -13.06 -10.20
C VAL B 5 9.65 -11.53 -10.01
N SER B 6 8.88 -11.05 -9.03
CA SER B 6 8.68 -9.63 -8.83
C SER B 6 8.12 -9.36 -7.43
N THR B 7 8.65 -8.33 -6.77
CA THR B 7 8.18 -7.88 -5.46
C THR B 7 8.57 -8.83 -4.32
N VAL B 8 8.51 -10.13 -4.57
CA VAL B 8 8.80 -11.13 -3.56
C VAL B 8 10.23 -10.98 -3.01
N GLN B 9 11.16 -10.57 -3.86
CA GLN B 9 12.55 -10.41 -3.45
C GLN B 9 12.68 -9.21 -2.52
N GLN B 10 11.86 -8.19 -2.78
CA GLN B 10 11.80 -7.03 -1.89
C GLN B 10 11.38 -7.46 -0.50
N LEU B 11 10.33 -8.28 -0.46
CA LEU B 11 9.85 -8.84 0.79
C LEU B 11 10.93 -9.71 1.43
N THR B 12 11.62 -10.46 0.58
CA THR B 12 12.72 -11.31 1.03
C THR B 12 13.81 -10.48 1.71
N LYS B 13 14.18 -9.38 1.07
CA LYS B 13 15.20 -8.48 1.62
C LYS B 13 14.68 -7.77 2.87
N ARG B 14 13.39 -7.49 2.88
CA ARG B 14 12.78 -6.80 4.01
C ARG B 14 12.30 -7.77 5.09
N PHE B 15 13.18 -8.71 5.45
CA PHE B 15 12.94 -9.67 6.53
C PHE B 15 11.68 -10.49 6.28
N SER B 16 11.72 -11.34 5.26
CA SER B 16 10.61 -12.21 4.95
C SER B 16 11.04 -13.23 3.90
N LEU B 17 10.24 -14.28 3.73
CA LEU B 17 10.48 -15.25 2.69
C LEU B 17 9.41 -15.10 1.61
N GLY B 18 8.72 -13.96 1.66
CA GLY B 18 7.66 -13.68 0.72
C GLY B 18 6.35 -13.45 1.42
N MET B 19 5.36 -14.27 1.12
CA MET B 19 4.06 -14.20 1.78
C MET B 19 3.52 -15.62 1.99
N LEU B 20 3.96 -16.24 3.07
CA LEU B 20 3.61 -17.63 3.34
C LEU B 20 2.23 -17.73 3.98
N GLN B 21 1.77 -18.96 4.20
CA GLN B 21 0.47 -19.24 4.80
C GLN B 21 -0.65 -18.86 3.83
N GLY B 22 -0.29 -18.56 2.59
CA GLY B 22 -1.26 -18.16 1.59
C GLY B 22 -1.74 -16.74 1.80
N ARG B 23 -1.17 -16.06 2.80
CA ARG B 23 -1.60 -14.72 3.18
C ARG B 23 -3.03 -14.72 3.69
N GLY B 24 -3.17 -14.55 5.00
CA GLY B 24 -4.48 -14.57 5.63
C GLY B 24 -5.32 -13.34 5.31
N PRO B 25 -4.95 -12.17 5.86
CA PRO B 25 -5.72 -10.94 5.66
C PRO B 25 -5.74 -10.50 4.20
N LEU B 26 -6.95 -10.41 3.65
CA LEU B 26 -7.13 -9.99 2.27
C LEU B 26 -6.81 -8.51 2.14
N LYS B 27 -7.11 -7.75 3.19
CA LYS B 27 -6.80 -6.33 3.24
C LYS B 27 -5.30 -6.13 3.07
N LEU B 28 -4.52 -6.84 3.87
CA LEU B 28 -3.07 -6.75 3.81
C LEU B 28 -2.58 -7.14 2.43
N PHE B 29 -3.10 -8.25 1.93
CA PHE B 29 -2.74 -8.76 0.62
C PHE B 29 -2.99 -7.72 -0.47
N MET B 30 -4.24 -7.31 -0.60
CA MET B 30 -4.64 -6.46 -1.70
C MET B 30 -4.11 -5.04 -1.52
N ALA B 31 -3.90 -4.63 -0.29
CA ALA B 31 -3.27 -3.34 -0.03
C ALA B 31 -1.83 -3.37 -0.50
N LEU B 32 -1.16 -4.50 -0.26
CA LEU B 32 0.20 -4.70 -0.72
C LEU B 32 0.21 -4.73 -2.25
N VAL B 33 -0.72 -5.49 -2.83
CA VAL B 33 -0.86 -5.58 -4.28
C VAL B 33 -1.10 -4.19 -4.88
N ALA B 34 -2.06 -3.47 -4.31
CA ALA B 34 -2.38 -2.14 -4.76
C ALA B 34 -1.18 -1.22 -4.62
N PHE B 35 -0.51 -1.31 -3.47
CA PHE B 35 0.70 -0.54 -3.21
C PHE B 35 1.74 -0.77 -4.30
N LEU B 36 2.08 -2.03 -4.54
CA LEU B 36 3.13 -2.36 -5.49
C LEU B 36 2.73 -2.00 -6.92
N ARG B 37 1.47 -2.25 -7.26
CA ARG B 37 1.00 -2.05 -8.63
C ARG B 37 0.78 -0.58 -8.93
N PHE B 38 0.39 0.19 -7.91
CA PHE B 38 0.21 1.62 -8.07
C PHE B 38 1.55 2.31 -8.33
N LEU B 39 2.59 1.79 -7.68
CA LEU B 39 3.92 2.37 -7.82
C LEU B 39 4.48 2.11 -9.21
N THR B 40 4.87 0.86 -9.49
CA THR B 40 5.48 0.53 -10.78
C THR B 40 6.01 -0.91 -10.80
N ILE B 41 6.27 -1.47 -9.63
CA ILE B 41 6.87 -2.79 -9.55
C ILE B 41 5.81 -3.87 -9.84
N PRO B 42 6.12 -4.82 -10.74
CA PRO B 42 5.21 -5.90 -11.14
C PRO B 42 4.78 -6.78 -9.97
N PRO B 43 3.50 -7.17 -9.95
CA PRO B 43 2.96 -8.10 -8.94
C PRO B 43 3.64 -9.47 -9.01
N THR B 44 3.63 -10.16 -7.88
CA THR B 44 4.22 -11.48 -7.76
C THR B 44 3.47 -12.51 -8.60
N ALA B 45 4.13 -13.62 -8.91
CA ALA B 45 3.60 -14.64 -9.81
C ALA B 45 2.19 -15.07 -9.42
N GLY B 46 2.03 -15.50 -8.17
CA GLY B 46 0.74 -15.99 -7.70
C GLY B 46 -0.36 -14.95 -7.82
N ILE B 47 0.01 -13.68 -7.72
CA ILE B 47 -0.93 -12.59 -7.86
C ILE B 47 -1.42 -12.51 -9.30
N LEU B 48 -0.49 -12.55 -10.23
CA LEU B 48 -0.84 -12.48 -11.65
C LEU B 48 -1.45 -13.79 -12.12
N LYS B 49 -1.17 -14.86 -11.40
CA LYS B 49 -1.68 -16.17 -11.76
C LYS B 49 -3.12 -16.35 -11.28
N ARG B 50 -3.33 -16.22 -9.97
CA ARG B 50 -4.65 -16.47 -9.40
C ARG B 50 -5.01 -15.40 -8.37
N TRP B 51 -4.29 -14.28 -8.41
CA TRP B 51 -4.49 -13.20 -7.46
C TRP B 51 -4.29 -13.67 -6.02
N GLY B 52 -3.38 -14.62 -5.85
CA GLY B 52 -3.01 -15.11 -4.53
C GLY B 52 -4.16 -15.81 -3.82
N THR B 53 -4.96 -15.02 -3.11
CA THR B 53 -6.02 -15.55 -2.28
C THR B 53 -7.30 -14.72 -2.46
N ILE B 54 -7.35 -13.98 -3.56
CA ILE B 54 -8.46 -13.09 -3.82
C ILE B 54 -9.72 -13.81 -4.29
N LYS B 55 -10.68 -13.89 -3.38
CA LYS B 55 -12.02 -14.31 -3.72
C LYS B 55 -12.77 -13.10 -4.25
N LYS B 56 -13.54 -13.29 -5.32
CA LYS B 56 -14.15 -12.18 -6.04
C LYS B 56 -15.39 -11.67 -5.34
N SER B 57 -15.24 -11.32 -4.07
CA SER B 57 -16.31 -10.74 -3.28
C SER B 57 -15.73 -9.92 -2.12
N LYS B 58 -15.05 -10.59 -1.20
CA LYS B 58 -14.41 -9.90 -0.09
C LYS B 58 -13.35 -8.95 -0.59
N ALA B 59 -12.63 -9.37 -1.63
CA ALA B 59 -11.61 -8.53 -2.25
C ALA B 59 -12.25 -7.29 -2.87
N ILE B 60 -13.42 -7.49 -3.46
CA ILE B 60 -14.19 -6.39 -4.02
C ILE B 60 -14.53 -5.39 -2.93
N ASN B 61 -15.01 -5.91 -1.80
CA ASN B 61 -15.34 -5.07 -0.66
C ASN B 61 -14.09 -4.42 -0.06
N VAL B 62 -12.98 -5.15 -0.10
CA VAL B 62 -11.69 -4.61 0.32
C VAL B 62 -11.32 -3.40 -0.54
N LEU B 63 -11.43 -3.57 -1.85
CA LEU B 63 -11.14 -2.48 -2.78
C LEU B 63 -12.12 -1.32 -2.58
N ARG B 64 -13.39 -1.65 -2.37
CA ARG B 64 -14.40 -0.65 -2.06
C ARG B 64 -13.99 0.16 -0.83
N GLY B 65 -13.70 -0.54 0.25
CA GLY B 65 -13.31 0.11 1.48
C GLY B 65 -12.04 0.88 1.33
N PHE B 66 -11.10 0.32 0.59
CA PHE B 66 -9.80 0.96 0.36
C PHE B 66 -9.99 2.28 -0.38
N ARG B 67 -10.71 2.25 -1.50
CA ARG B 67 -10.93 3.46 -2.28
C ARG B 67 -11.81 4.44 -1.50
N LYS B 68 -12.67 3.90 -0.63
CA LYS B 68 -13.46 4.72 0.26
C LYS B 68 -12.55 5.47 1.22
N GLU B 69 -11.64 4.75 1.86
CA GLU B 69 -10.68 5.34 2.77
C GLU B 69 -9.83 6.38 2.06
N ILE B 70 -9.39 6.03 0.85
CA ILE B 70 -8.64 6.94 0.02
C ILE B 70 -9.46 8.20 -0.29
N GLY B 71 -10.73 8.00 -0.61
CA GLY B 71 -11.63 9.12 -0.82
C GLY B 71 -11.72 10.00 0.41
N ARG B 72 -11.77 9.37 1.57
CA ARG B 72 -11.79 10.08 2.84
C ARG B 72 -10.48 10.84 3.06
N MET B 73 -9.36 10.21 2.70
CA MET B 73 -8.06 10.86 2.81
C MET B 73 -8.00 12.08 1.89
N LEU B 74 -8.52 11.89 0.68
CA LEU B 74 -8.59 12.97 -0.30
C LEU B 74 -9.46 14.08 0.25
N ASN B 75 -10.58 13.69 0.83
CA ASN B 75 -11.47 14.63 1.52
C ASN B 75 -10.72 15.39 2.60
N ILE B 76 -9.91 14.66 3.38
CA ILE B 76 -9.12 15.26 4.43
C ILE B 76 -8.13 16.28 3.86
N LEU B 77 -7.38 15.87 2.86
CA LEU B 77 -6.35 16.72 2.29
C LEU B 77 -6.94 17.92 1.57
N ASN B 78 -8.07 17.71 0.90
CA ASN B 78 -8.70 18.76 0.11
C ASN B 78 -9.52 19.71 0.96
N ARG B 79 -10.40 19.15 1.79
CA ARG B 79 -11.32 19.96 2.58
C ARG B 79 -10.67 20.37 3.91
N ARG B 80 -9.70 19.58 4.34
CA ARG B 80 -9.01 19.81 5.61
C ARG B 80 -10.00 19.84 6.77
N ARG B 81 -10.63 18.71 7.01
CA ARG B 81 -11.52 18.55 8.15
C ARG B 81 -10.81 17.82 9.27
N ARG B 82 -9.48 17.90 9.25
CA ARG B 82 -8.65 17.21 10.21
C ARG B 82 -7.44 18.09 10.54
CA MET A 1 10.45 1.59 26.63
C MET A 1 10.63 2.65 25.56
N ARG A 2 10.24 2.32 24.34
CA ARG A 2 10.37 3.24 23.22
C ARG A 2 9.04 3.40 22.51
N ASN A 3 8.62 4.65 22.34
CA ASN A 3 7.39 4.96 21.61
C ASN A 3 7.37 6.41 21.19
N ARG A 4 7.24 6.63 19.89
CA ARG A 4 7.08 7.97 19.36
C ARG A 4 5.60 8.30 19.23
N VAL A 5 4.89 7.47 18.47
CA VAL A 5 3.46 7.66 18.29
C VAL A 5 2.82 6.40 17.67
N SER A 6 3.18 6.09 16.43
CA SER A 6 2.61 4.96 15.73
C SER A 6 3.25 4.81 14.35
N THR A 7 3.32 3.56 13.86
CA THR A 7 3.90 3.24 12.56
C THR A 7 5.43 3.39 12.56
N VAL A 8 5.91 4.61 12.80
CA VAL A 8 7.35 4.90 12.78
C VAL A 8 8.09 4.02 13.77
N GLN A 9 7.41 3.67 14.86
CA GLN A 9 8.03 2.86 15.90
C GLN A 9 8.36 1.48 15.37
N GLN A 10 7.47 0.94 14.55
CA GLN A 10 7.68 -0.36 13.95
C GLN A 10 8.80 -0.28 12.91
N LEU A 11 8.85 0.86 12.23
CA LEU A 11 9.83 1.08 11.17
C LEU A 11 11.19 1.45 11.74
N THR A 12 11.23 1.79 13.02
CA THR A 12 12.49 2.05 13.69
C THR A 12 12.95 0.84 14.50
N LYS A 13 11.99 0.07 15.03
CA LYS A 13 12.33 -1.12 15.80
C LYS A 13 12.66 -2.29 14.90
N ARG A 14 11.84 -2.51 13.88
CA ARG A 14 12.00 -3.66 13.00
C ARG A 14 12.46 -3.20 11.63
N PHE A 15 13.77 -3.32 11.38
CA PHE A 15 14.37 -2.82 10.14
C PHE A 15 14.20 -1.31 10.06
N SER A 16 14.42 -0.74 8.88
CA SER A 16 14.23 0.69 8.68
C SER A 16 13.77 0.98 7.25
N LEU A 17 13.47 -0.09 6.51
CA LEU A 17 13.03 -0.01 5.10
C LEU A 17 14.21 0.37 4.19
N GLY A 18 14.82 1.50 4.48
CA GLY A 18 15.93 1.98 3.68
C GLY A 18 16.53 3.22 4.30
N MET A 19 17.42 3.89 3.57
CA MET A 19 18.05 5.11 4.06
C MET A 19 17.16 6.32 3.74
N LEU A 20 15.87 6.17 3.95
CA LEU A 20 14.92 7.21 3.63
C LEU A 20 13.96 7.46 4.79
N GLN A 21 13.66 8.73 5.02
CA GLN A 21 12.72 9.11 6.06
C GLN A 21 11.60 9.95 5.45
N GLY A 22 11.97 10.88 4.59
CA GLY A 22 10.98 11.66 3.87
C GLY A 22 10.52 10.93 2.63
N ARG A 23 11.13 9.78 2.37
CA ARG A 23 10.81 8.91 1.24
C ARG A 23 11.27 9.50 -0.08
N GLY A 24 10.67 10.63 -0.46
CA GLY A 24 11.02 11.29 -1.69
C GLY A 24 9.84 11.37 -2.63
N PRO A 25 9.62 10.34 -3.46
CA PRO A 25 8.47 10.30 -4.38
C PRO A 25 7.16 10.22 -3.62
N LEU A 26 6.17 10.95 -4.12
CA LEU A 26 4.85 11.01 -3.49
C LEU A 26 4.20 9.64 -3.58
N LYS A 27 4.47 8.93 -4.68
CA LYS A 27 3.97 7.58 -4.86
C LYS A 27 4.53 6.66 -3.78
N LEU A 28 5.83 6.77 -3.52
CA LEU A 28 6.48 5.95 -2.50
C LEU A 28 5.94 6.29 -1.13
N PHE A 29 5.81 7.59 -0.86
CA PHE A 29 5.28 8.07 0.40
C PHE A 29 3.87 7.55 0.63
N MET A 30 2.99 7.78 -0.35
CA MET A 30 1.61 7.37 -0.25
C MET A 30 1.49 5.85 -0.20
N ALA A 31 2.35 5.16 -0.96
CA ALA A 31 2.36 3.71 -0.94
C ALA A 31 2.69 3.21 0.46
N LEU A 32 3.70 3.82 1.08
CA LEU A 32 4.09 3.47 2.44
C LEU A 32 2.94 3.77 3.41
N VAL A 33 2.43 5.00 3.35
CA VAL A 33 1.33 5.43 4.20
C VAL A 33 0.15 4.48 4.06
N ALA A 34 -0.21 4.19 2.82
CA ALA A 34 -1.30 3.28 2.52
C ALA A 34 -1.03 1.90 3.10
N PHE A 35 0.12 1.33 2.74
CA PHE A 35 0.51 -0.01 3.19
C PHE A 35 0.39 -0.14 4.71
N LEU A 36 0.84 0.87 5.42
CA LEU A 36 0.80 0.87 6.88
C LEU A 36 -0.61 1.06 7.41
N ARG A 37 -1.27 2.15 7.04
CA ARG A 37 -2.54 2.52 7.64
C ARG A 37 -3.69 1.62 7.17
N PHE A 38 -3.56 1.10 5.96
CA PHE A 38 -4.58 0.21 5.41
C PHE A 38 -4.48 -1.16 6.07
N LEU A 39 -3.29 -1.51 6.51
CA LEU A 39 -3.07 -2.81 7.14
C LEU A 39 -3.75 -2.87 8.50
N THR A 40 -3.37 -1.98 9.41
CA THR A 40 -3.94 -2.00 10.76
C THR A 40 -3.33 -0.94 11.67
N ILE A 41 -2.21 -0.36 11.28
CA ILE A 41 -1.49 0.55 12.15
C ILE A 41 -1.70 2.02 11.73
N PRO A 42 -2.17 2.86 12.66
CA PRO A 42 -2.34 4.29 12.41
C PRO A 42 -1.03 4.98 12.04
N PRO A 43 -1.05 5.86 11.02
CA PRO A 43 0.13 6.59 10.55
C PRO A 43 0.82 7.41 11.64
N THR A 44 2.02 7.87 11.31
CA THR A 44 2.84 8.65 12.22
C THR A 44 2.32 10.09 12.34
N ALA A 45 2.67 10.75 13.43
CA ALA A 45 2.18 12.10 13.72
C ALA A 45 2.37 13.04 12.54
N GLY A 46 3.60 13.12 12.03
CA GLY A 46 3.89 13.99 10.92
C GLY A 46 3.03 13.71 9.71
N ILE A 47 2.68 12.45 9.51
CA ILE A 47 1.82 12.04 8.42
C ILE A 47 0.39 12.52 8.65
N LEU A 48 -0.13 12.24 9.84
CA LEU A 48 -1.52 12.59 10.16
C LEU A 48 -1.70 14.10 10.27
N LYS A 49 -0.66 14.79 10.70
CA LYS A 49 -0.74 16.23 10.92
C LYS A 49 -0.32 17.01 9.68
N ARG A 50 0.80 16.65 9.08
CA ARG A 50 1.35 17.44 7.98
C ARG A 50 1.45 16.63 6.70
N TRP A 51 1.07 15.36 6.79
CA TRP A 51 1.12 14.44 5.64
C TRP A 51 2.52 14.39 5.04
N GLY A 52 3.52 14.48 5.91
CA GLY A 52 4.89 14.42 5.47
C GLY A 52 5.27 15.58 4.56
N THR A 53 5.26 15.32 3.27
CA THR A 53 5.64 16.32 2.28
C THR A 53 4.55 16.45 1.21
N ILE A 54 3.36 15.97 1.54
CA ILE A 54 2.25 15.99 0.60
C ILE A 54 1.81 17.41 0.25
N LYS A 55 1.72 17.66 -1.05
CA LYS A 55 1.13 18.89 -1.56
C LYS A 55 -0.28 18.60 -2.02
N LYS A 56 -1.21 19.48 -1.68
CA LYS A 56 -2.63 19.24 -1.90
C LYS A 56 -3.04 19.46 -3.36
N SER A 57 -2.30 18.83 -4.26
CA SER A 57 -2.60 18.89 -5.68
C SER A 57 -2.14 17.60 -6.36
N LYS A 58 -0.83 17.39 -6.41
CA LYS A 58 -0.30 16.16 -7.00
C LYS A 58 -0.72 14.95 -6.19
N ALA A 59 -0.78 15.12 -4.87
CA ALA A 59 -1.23 14.05 -3.99
C ALA A 59 -2.70 13.73 -4.28
N ILE A 60 -3.47 14.76 -4.58
CA ILE A 60 -4.86 14.59 -4.98
C ILE A 60 -4.92 13.75 -6.25
N ASN A 61 -4.09 14.10 -7.22
CA ASN A 61 -4.00 13.36 -8.47
C ASN A 61 -3.57 11.92 -8.23
N VAL A 62 -2.60 11.75 -7.34
CA VAL A 62 -2.14 10.42 -6.95
C VAL A 62 -3.27 9.62 -6.34
N LEU A 63 -3.97 10.21 -5.37
CA LEU A 63 -5.06 9.54 -4.68
C LEU A 63 -6.19 9.18 -5.63
N ARG A 64 -6.63 10.14 -6.44
CA ARG A 64 -7.72 9.88 -7.36
C ARG A 64 -7.33 8.82 -8.38
N GLY A 65 -6.10 8.89 -8.88
CA GLY A 65 -5.63 7.89 -9.82
C GLY A 65 -5.51 6.53 -9.18
N PHE A 66 -5.00 6.52 -7.95
CA PHE A 66 -4.83 5.29 -7.20
C PHE A 66 -6.17 4.62 -6.94
N ARG A 67 -7.15 5.40 -6.45
CA ARG A 67 -8.45 4.86 -6.16
C ARG A 67 -9.17 4.47 -7.45
N LYS A 68 -8.87 5.18 -8.53
CA LYS A 68 -9.39 4.82 -9.84
C LYS A 68 -8.84 3.46 -10.27
N GLU A 69 -7.54 3.27 -10.07
CA GLU A 69 -6.91 1.99 -10.38
C GLU A 69 -7.49 0.89 -9.52
N ILE A 70 -7.66 1.17 -8.23
CA ILE A 70 -8.28 0.24 -7.31
C ILE A 70 -9.70 -0.11 -7.76
N GLY A 71 -10.46 0.91 -8.13
CA GLY A 71 -11.79 0.70 -8.65
C GLY A 71 -11.76 -0.15 -9.90
N ARG A 72 -10.75 0.07 -10.73
CA ARG A 72 -10.56 -0.72 -11.93
C ARG A 72 -10.26 -2.17 -11.58
N MET A 73 -9.43 -2.37 -10.55
CA MET A 73 -9.11 -3.72 -10.09
C MET A 73 -10.37 -4.39 -9.54
N LEU A 74 -11.19 -3.59 -8.88
CA LEU A 74 -12.49 -4.06 -8.41
C LEU A 74 -13.33 -4.49 -9.61
N ASN A 75 -13.32 -3.65 -10.65
CA ASN A 75 -14.00 -3.97 -11.90
C ASN A 75 -13.45 -5.27 -12.49
N ILE A 76 -12.14 -5.44 -12.39
CA ILE A 76 -11.49 -6.65 -12.87
C ILE A 76 -11.96 -7.87 -12.10
N LEU A 77 -11.95 -7.78 -10.77
CA LEU A 77 -12.39 -8.88 -9.93
C LEU A 77 -13.87 -9.19 -10.14
N ASN A 78 -14.66 -8.15 -10.26
CA ASN A 78 -16.11 -8.31 -10.39
C ASN A 78 -16.49 -8.80 -11.78
N ARG A 79 -16.05 -8.09 -12.81
CA ARG A 79 -16.49 -8.35 -14.18
C ARG A 79 -15.59 -9.40 -14.85
N ARG A 80 -14.35 -9.50 -14.37
CA ARG A 80 -13.34 -10.43 -14.90
C ARG A 80 -12.81 -10.01 -16.26
N ARG A 81 -13.49 -9.03 -16.86
CA ARG A 81 -13.10 -8.40 -18.15
C ARG A 81 -12.73 -9.44 -19.22
N ARG A 82 -13.34 -10.60 -19.15
CA ARG A 82 -13.05 -11.67 -20.09
C ARG A 82 -14.15 -12.72 -20.05
N MET B 1 21.84 -15.36 -12.60
CA MET B 1 20.65 -14.89 -13.33
C MET B 1 19.39 -15.50 -12.73
N ARG B 2 18.64 -14.68 -12.00
CA ARG B 2 17.43 -15.13 -11.35
C ARG B 2 16.26 -14.24 -11.71
N ASN B 3 15.18 -14.84 -12.19
CA ASN B 3 13.97 -14.10 -12.51
C ASN B 3 12.78 -15.04 -12.60
N ARG B 4 11.76 -14.77 -11.80
CA ARG B 4 10.52 -15.50 -11.88
C ARG B 4 9.55 -14.77 -12.80
N VAL B 5 9.27 -13.52 -12.48
CA VAL B 5 8.38 -12.71 -13.29
C VAL B 5 8.48 -11.23 -12.91
N SER B 6 8.05 -10.90 -11.70
CA SER B 6 8.06 -9.51 -11.24
C SER B 6 7.59 -9.43 -9.79
N THR B 7 8.09 -8.43 -9.06
CA THR B 7 7.74 -8.20 -7.65
C THR B 7 8.34 -9.27 -6.74
N VAL B 8 7.95 -10.53 -6.93
CA VAL B 8 8.42 -11.62 -6.09
C VAL B 8 9.95 -11.71 -6.10
N GLN B 9 10.54 -11.33 -7.23
CA GLN B 9 11.97 -11.40 -7.40
C GLN B 9 12.65 -10.45 -6.41
N GLN B 10 12.07 -9.28 -6.24
CA GLN B 10 12.61 -8.31 -5.32
C GLN B 10 12.42 -8.78 -3.88
N LEU B 11 11.30 -9.46 -3.65
CA LEU B 11 10.94 -9.94 -2.32
C LEU B 11 11.70 -11.22 -1.98
N THR B 12 12.31 -11.84 -2.98
CA THR B 12 13.15 -13.01 -2.74
C THR B 12 14.63 -12.62 -2.73
N LYS B 13 15.00 -11.61 -3.51
CA LYS B 13 16.38 -11.15 -3.54
C LYS B 13 16.70 -10.25 -2.36
N ARG B 14 15.83 -9.30 -2.08
CA ARG B 14 16.07 -8.33 -1.03
C ARG B 14 15.12 -8.58 0.14
N PHE B 15 15.64 -9.24 1.18
CA PHE B 15 14.83 -9.64 2.33
C PHE B 15 13.75 -10.62 1.88
N SER B 16 12.76 -10.86 2.72
CA SER B 16 11.65 -11.73 2.36
C SER B 16 10.37 -11.28 3.05
N LEU B 17 10.41 -10.09 3.67
CA LEU B 17 9.29 -9.51 4.40
C LEU B 17 9.00 -10.26 5.70
N GLY B 18 8.77 -11.56 5.57
CA GLY B 18 8.48 -12.38 6.72
C GLY B 18 8.37 -13.84 6.33
N MET B 19 7.89 -14.67 7.23
CA MET B 19 7.73 -16.10 6.94
C MET B 19 6.37 -16.35 6.30
N LEU B 20 5.99 -15.48 5.38
CA LEU B 20 4.70 -15.57 4.73
C LEU B 20 4.84 -15.46 3.22
N GLN B 21 4.06 -16.27 2.51
CA GLN B 21 4.03 -16.24 1.06
C GLN B 21 2.61 -15.99 0.58
N GLY B 22 1.66 -16.68 1.18
CA GLY B 22 0.27 -16.43 0.89
C GLY B 22 -0.28 -15.26 1.68
N ARG B 23 0.57 -14.75 2.57
CA ARG B 23 0.25 -13.60 3.43
C ARG B 23 -0.75 -13.96 4.52
N GLY B 24 -1.95 -14.31 4.11
CA GLY B 24 -2.99 -14.68 5.06
C GLY B 24 -4.19 -13.75 4.97
N PRO B 25 -4.17 -12.62 5.72
CA PRO B 25 -5.24 -11.63 5.67
C PRO B 25 -5.31 -10.96 4.30
N LEU B 26 -6.54 -10.75 3.84
CA LEU B 26 -6.78 -10.13 2.55
C LEU B 26 -6.29 -8.69 2.57
N LYS B 27 -6.40 -8.06 3.73
CA LYS B 27 -5.91 -6.70 3.91
C LYS B 27 -4.39 -6.66 3.73
N LEU B 28 -3.70 -7.62 4.32
CA LEU B 28 -2.25 -7.71 4.21
C LEU B 28 -1.85 -8.00 2.77
N PHE B 29 -2.56 -8.94 2.15
CA PHE B 29 -2.30 -9.30 0.78
C PHE B 29 -2.49 -8.10 -0.14
N MET B 30 -3.65 -7.47 -0.04
CA MET B 30 -3.96 -6.33 -0.88
C MET B 30 -3.05 -5.15 -0.58
N ALA B 31 -2.69 -4.97 0.69
CA ALA B 31 -1.76 -3.92 1.08
C ALA B 31 -0.41 -4.14 0.40
N LEU B 32 0.05 -5.38 0.42
CA LEU B 32 1.31 -5.74 -0.23
C LEU B 32 1.20 -5.51 -1.73
N VAL B 33 0.16 -6.08 -2.33
CA VAL B 33 -0.07 -5.94 -3.77
C VAL B 33 -0.12 -4.47 -4.17
N ALA B 34 -0.88 -3.69 -3.41
CA ALA B 34 -1.00 -2.26 -3.65
C ALA B 34 0.35 -1.58 -3.51
N PHE B 35 1.01 -1.79 -2.38
CA PHE B 35 2.31 -1.16 -2.10
C PHE B 35 3.29 -1.40 -3.25
N LEU B 36 3.31 -2.62 -3.75
CA LEU B 36 4.22 -2.99 -4.84
C LEU B 36 3.79 -2.39 -6.17
N ARG B 37 2.56 -2.68 -6.60
CA ARG B 37 2.12 -2.31 -7.95
C ARG B 37 1.87 -0.81 -8.08
N PHE B 38 1.49 -0.18 -6.99
CA PHE B 38 1.23 1.26 -6.98
C PHE B 38 2.54 2.02 -7.03
N LEU B 39 3.60 1.41 -6.52
CA LEU B 39 4.89 2.05 -6.49
C LEU B 39 5.48 2.16 -7.88
N THR B 40 5.68 1.01 -8.56
CA THR B 40 6.27 1.03 -9.89
C THR B 40 6.47 -0.39 -10.45
N ILE B 41 6.36 -1.40 -9.61
CA ILE B 41 6.68 -2.76 -10.04
C ILE B 41 5.39 -3.58 -10.25
N PRO B 42 5.23 -4.16 -11.45
CA PRO B 42 4.10 -5.04 -11.77
C PRO B 42 4.05 -6.26 -10.85
N PRO B 43 2.85 -6.61 -10.37
CA PRO B 43 2.64 -7.76 -9.47
C PRO B 43 3.13 -9.08 -10.04
N THR B 44 3.18 -10.08 -9.17
CA THR B 44 3.65 -11.41 -9.53
C THR B 44 2.59 -12.17 -10.33
N ALA B 45 3.02 -13.18 -11.08
CA ALA B 45 2.13 -13.92 -11.96
C ALA B 45 0.88 -14.41 -11.23
N GLY B 46 1.08 -15.09 -10.11
CA GLY B 46 -0.04 -15.62 -9.36
C GLY B 46 -1.02 -14.55 -8.93
N ILE B 47 -0.49 -13.36 -8.68
CA ILE B 47 -1.33 -12.23 -8.31
C ILE B 47 -2.14 -11.75 -9.52
N LEU B 48 -1.47 -11.53 -10.63
CA LEU B 48 -2.12 -11.02 -11.83
C LEU B 48 -3.09 -12.04 -12.43
N LYS B 49 -2.76 -13.31 -12.28
CA LYS B 49 -3.57 -14.37 -12.87
C LYS B 49 -4.64 -14.87 -11.92
N ARG B 50 -4.27 -15.15 -10.68
CA ARG B 50 -5.20 -15.76 -9.74
C ARG B 50 -5.47 -14.89 -8.53
N TRP B 51 -4.79 -13.74 -8.48
CA TRP B 51 -4.91 -12.80 -7.38
C TRP B 51 -4.61 -13.46 -6.05
N GLY B 52 -3.66 -14.39 -6.07
CA GLY B 52 -3.27 -15.09 -4.87
C GLY B 52 -4.39 -15.92 -4.27
N THR B 53 -5.05 -15.37 -3.27
CA THR B 53 -6.12 -16.07 -2.59
C THR B 53 -7.37 -15.19 -2.52
N ILE B 54 -7.43 -14.19 -3.39
CA ILE B 54 -8.54 -13.27 -3.41
C ILE B 54 -9.84 -13.94 -3.81
N LYS B 55 -10.86 -13.71 -2.99
CA LYS B 55 -12.22 -14.11 -3.32
C LYS B 55 -12.98 -12.89 -3.79
N LYS B 56 -13.75 -13.04 -4.86
CA LYS B 56 -14.39 -11.92 -5.53
C LYS B 56 -15.63 -11.42 -4.79
N SER B 57 -15.47 -11.19 -3.50
CA SER B 57 -16.53 -10.65 -2.68
C SER B 57 -15.93 -9.81 -1.54
N LYS B 58 -15.24 -10.46 -0.61
CA LYS B 58 -14.60 -9.74 0.48
C LYS B 58 -13.52 -8.81 -0.06
N ALA B 59 -12.83 -9.25 -1.10
CA ALA B 59 -11.82 -8.42 -1.74
C ALA B 59 -12.47 -7.19 -2.36
N ILE B 60 -13.66 -7.39 -2.91
CA ILE B 60 -14.44 -6.29 -3.45
C ILE B 60 -14.75 -5.28 -2.34
N ASN B 61 -15.20 -5.81 -1.20
CA ASN B 61 -15.48 -4.98 -0.03
C ASN B 61 -14.22 -4.26 0.43
N VAL B 62 -13.11 -4.98 0.46
CA VAL B 62 -11.83 -4.41 0.82
C VAL B 62 -11.46 -3.27 -0.13
N LEU B 63 -11.54 -3.54 -1.43
CA LEU B 63 -11.18 -2.55 -2.44
C LEU B 63 -12.07 -1.31 -2.36
N ARG B 64 -13.39 -1.52 -2.30
CA ARG B 64 -14.32 -0.40 -2.25
C ARG B 64 -14.12 0.41 -0.99
N GLY B 65 -13.90 -0.28 0.13
CA GLY B 65 -13.65 0.41 1.38
C GLY B 65 -12.34 1.17 1.35
N PHE B 66 -11.32 0.52 0.79
CA PHE B 66 -9.99 1.11 0.69
C PHE B 66 -10.05 2.36 -0.19
N ARG B 67 -10.66 2.26 -1.36
CA ARG B 67 -10.75 3.41 -2.25
C ARG B 67 -11.65 4.49 -1.66
N LYS B 68 -12.63 4.07 -0.87
CA LYS B 68 -13.47 5.02 -0.15
C LYS B 68 -12.64 5.79 0.88
N GLU B 69 -11.80 5.06 1.61
CA GLU B 69 -10.89 5.69 2.57
C GLU B 69 -9.93 6.63 1.87
N ILE B 70 -9.38 6.17 0.75
CA ILE B 70 -8.49 7.00 -0.06
C ILE B 70 -9.22 8.26 -0.55
N GLY B 71 -10.44 8.08 -1.02
CA GLY B 71 -11.26 9.20 -1.42
C GLY B 71 -11.50 10.15 -0.27
N ARG B 72 -11.69 9.58 0.91
CA ARG B 72 -11.86 10.37 2.12
C ARG B 72 -10.59 11.15 2.44
N MET B 73 -9.43 10.50 2.27
CA MET B 73 -8.15 11.16 2.50
C MET B 73 -7.97 12.28 1.49
N LEU B 74 -8.43 12.05 0.27
CA LEU B 74 -8.45 13.06 -0.76
C LEU B 74 -9.32 14.23 -0.31
N ASN B 75 -10.48 13.90 0.24
CA ASN B 75 -11.39 14.90 0.80
C ASN B 75 -10.69 15.66 1.93
N ILE B 76 -9.91 14.94 2.73
CA ILE B 76 -9.17 15.55 3.82
C ILE B 76 -8.14 16.53 3.27
N LEU B 77 -7.36 16.10 2.29
CA LEU B 77 -6.33 16.94 1.71
C LEU B 77 -6.95 18.15 1.01
N ASN B 78 -8.06 17.92 0.31
CA ASN B 78 -8.69 18.97 -0.46
C ASN B 78 -9.44 19.96 0.44
N ARG B 79 -10.33 19.43 1.28
CA ARG B 79 -11.22 20.27 2.07
C ARG B 79 -10.59 20.65 3.40
N ARG B 80 -9.65 19.83 3.87
CA ARG B 80 -8.92 20.04 5.13
C ARG B 80 -9.81 19.74 6.36
N ARG B 81 -11.12 19.61 6.11
CA ARG B 81 -12.14 19.27 7.11
C ARG B 81 -12.00 20.08 8.40
N ARG B 82 -11.49 21.30 8.28
CA ARG B 82 -11.28 22.16 9.43
C ARG B 82 -11.10 23.60 8.97
#